data_5FV4
#
_entry.id   5FV4
#
_cell.length_a   92.860
_cell.length_b   188.020
_cell.length_c   109.500
_cell.angle_alpha   90.00
_cell.angle_beta   96.44
_cell.angle_gamma   90.00
#
_symmetry.space_group_name_H-M   'P 1 21 1'
#
loop_
_entity.id
_entity.type
_entity.pdbx_description
1 polymer 'CARBOXYLIC ESTER HYDROLASE'
2 water water
#
_entity_poly.entity_id   1
_entity_poly.type   'polypeptide(L)'
_entity_poly.pdbx_seq_one_letter_code
;GQPASPPVVDTAQGRVLGKYVSLEGLAQPVAVFLGVPFAKPPLGSLRFAPPQPAEPWSFVKNTTSYPPMCCQDPVAGQMT
SDLFTNRKERLIPEFSEDCLYLNIYTPADLTKRGRLPVMVWIHGGGLVVGGASTYDGLALAAHENVVVVAIQYRLGIWGF
FSTGDEHSRGNWGHLDQVAALHWVQENIANFGGDPGSVTIFGESAGGESVSVLVLSPLAKNLFHRAISESGVAFTAGLVR
KDMKAAAKQIAVLAGCKTTTSAVFVHCLRQKSEDELLDLTLKMKFFALDLHGDPRESHPFLTTVVDGVLLPKMPEEILAE
KDFNTVPYIVGINKQEFGWLLPTMMGFPLSEGKLDQKTATSLLWKSYPIANIPEELTPVATDKYLGGTDDPVKKKDLFLD
LMGDVVFGVPSVTVARQHRDAGAPTYMYEFQYRPSFSSDKKPKTVIGDHGDEIFSVFGAPFLRGDAPEEEVSLSKTVMKF
WANFARSGNPNGEGLPHWPMYDQEEGYLQIGVNTQAAKRLKGEEVAFWNDLLSKEAAKKPPKIK
;
_entity_poly.pdbx_strand_id   A,B,C,D,E,F
#
# COMPACT_ATOMS: atom_id res chain seq x y z
N SER A 5 7.51 25.27 -42.51
CA SER A 5 8.68 25.75 -43.31
C SER A 5 9.92 24.87 -43.00
N PRO A 6 9.98 23.66 -43.61
CA PRO A 6 10.95 22.63 -43.18
C PRO A 6 12.44 23.09 -43.16
N PRO A 7 13.20 22.66 -42.13
CA PRO A 7 14.58 23.07 -41.96
C PRO A 7 15.60 22.30 -42.85
N VAL A 8 16.48 23.08 -43.50
CA VAL A 8 17.51 22.58 -44.38
C VAL A 8 18.85 23.01 -43.82
N VAL A 9 19.74 22.05 -43.63
CA VAL A 9 20.98 22.27 -42.94
C VAL A 9 22.12 21.72 -43.79
N ASP A 10 23.23 22.43 -43.78
CA ASP A 10 24.40 22.05 -44.55
C ASP A 10 25.24 21.07 -43.76
N THR A 11 25.80 20.07 -44.43
CA THR A 11 26.80 19.18 -43.83
C THR A 11 27.96 19.17 -44.77
N ALA A 12 29.08 18.66 -44.32
CA ALA A 12 30.26 18.58 -45.18
C ALA A 12 30.02 17.82 -46.54
N GLN A 13 29.13 16.83 -46.51
CA GLN A 13 28.86 15.97 -47.65
C GLN A 13 27.64 16.45 -48.46
N GLY A 14 26.91 17.44 -47.97
CA GLY A 14 25.74 18.01 -48.64
C GLY A 14 24.58 18.38 -47.72
N ARG A 15 23.54 18.96 -48.31
CA ARG A 15 22.42 19.46 -47.57
C ARG A 15 21.42 18.36 -47.15
N VAL A 16 20.81 18.53 -45.97
CA VAL A 16 19.78 17.64 -45.49
C VAL A 16 18.50 18.41 -45.10
N LEU A 17 17.35 17.76 -45.36
CA LEU A 17 16.02 18.29 -45.06
C LEU A 17 15.41 17.46 -43.92
N GLY A 18 15.01 18.14 -42.85
CA GLY A 18 14.35 17.53 -41.70
C GLY A 18 12.90 17.98 -41.60
N LYS A 19 12.30 17.79 -40.41
CA LYS A 19 10.91 18.16 -40.14
C LYS A 19 10.89 18.80 -38.74
N TYR A 20 10.03 19.78 -38.56
CA TYR A 20 9.76 20.36 -37.22
C TYR A 20 8.68 19.51 -36.52
N VAL A 21 8.92 19.16 -35.26
CA VAL A 21 7.97 18.37 -34.47
C VAL A 21 7.78 19.10 -33.13
N SER A 22 6.53 19.21 -32.70
CA SER A 22 6.20 19.83 -31.40
C SER A 22 5.88 18.77 -30.35
N LEU A 23 6.26 19.07 -29.12
CA LEU A 23 5.96 18.22 -27.96
C LEU A 23 4.81 18.85 -27.19
N GLU A 24 3.68 18.12 -27.09
CA GLU A 24 2.52 18.58 -26.27
C GLU A 24 2.90 18.90 -24.84
N GLY A 25 2.69 20.16 -24.45
CA GLY A 25 3.13 20.66 -23.15
C GLY A 25 4.21 21.73 -23.24
N LEU A 26 5.01 21.71 -24.31
CA LEU A 26 6.08 22.70 -24.48
C LEU A 26 5.92 23.51 -25.76
N ALA A 27 6.24 24.80 -25.67
CA ALA A 27 6.21 25.70 -26.83
C ALA A 27 7.32 25.39 -27.84
N GLN A 28 8.48 25.01 -27.31
CA GLN A 28 9.71 24.70 -28.07
C GLN A 28 9.54 23.72 -29.27
N PRO A 29 9.67 24.20 -30.55
CA PRO A 29 9.68 23.24 -31.67
C PRO A 29 11.09 22.63 -31.86
N VAL A 30 11.13 21.35 -32.17
CA VAL A 30 12.37 20.59 -32.28
C VAL A 30 12.50 20.22 -33.74
N ALA A 31 13.67 20.47 -34.30
CA ALA A 31 13.99 20.02 -35.69
C ALA A 31 14.54 18.57 -35.66
N VAL A 32 13.91 17.70 -36.41
CA VAL A 32 14.23 16.27 -36.41
C VAL A 32 14.80 15.86 -37.77
N PHE A 33 15.96 15.21 -37.76
CA PHE A 33 16.61 14.73 -38.98
C PHE A 33 16.82 13.25 -38.77
N LEU A 34 16.24 12.44 -39.64
CA LEU A 34 16.29 11.00 -39.52
C LEU A 34 17.03 10.42 -40.68
N GLY A 35 17.99 9.56 -40.38
CA GLY A 35 18.67 8.80 -41.44
C GLY A 35 19.74 9.64 -42.09
N VAL A 36 20.48 10.40 -41.30
CA VAL A 36 21.63 11.14 -41.85
C VAL A 36 22.81 10.18 -41.98
N PRO A 37 23.32 9.96 -43.19
CA PRO A 37 24.49 9.09 -43.33
C PRO A 37 25.74 9.74 -42.75
N PHE A 38 26.53 8.97 -42.03
CA PHE A 38 27.85 9.38 -41.53
C PHE A 38 29.02 8.60 -42.09
N ALA A 39 28.76 7.66 -42.99
CA ALA A 39 29.81 6.80 -43.57
C ALA A 39 29.29 6.15 -44.82
N LYS A 40 30.21 5.60 -45.59
CA LYS A 40 29.86 4.92 -46.81
C LYS A 40 29.20 3.57 -46.44
N PRO A 41 28.17 3.14 -47.17
CA PRO A 41 27.58 1.85 -46.81
C PRO A 41 28.58 0.71 -46.87
N PRO A 42 28.74 -0.03 -45.77
CA PRO A 42 29.76 -1.04 -45.63
C PRO A 42 29.33 -2.35 -46.32
N LEU A 43 29.33 -2.30 -47.64
CA LEU A 43 28.84 -3.40 -48.45
C LEU A 43 30.02 -4.04 -49.17
N GLY A 44 29.86 -5.30 -49.55
CA GLY A 44 30.85 -6.00 -50.37
C GLY A 44 32.18 -6.14 -49.66
N SER A 45 33.20 -5.59 -50.24
CA SER A 45 34.54 -5.70 -49.68
C SER A 45 34.77 -4.72 -48.53
N LEU A 46 33.83 -3.82 -48.31
CA LEU A 46 33.83 -3.00 -47.11
C LEU A 46 33.28 -3.69 -45.90
N ARG A 47 32.75 -4.89 -46.05
CA ARG A 47 32.43 -5.67 -44.89
C ARG A 47 33.69 -6.07 -44.14
N PHE A 48 33.59 -6.12 -42.82
CA PHE A 48 34.71 -6.52 -41.97
C PHE A 48 35.90 -5.61 -42.28
N ALA A 49 35.63 -4.32 -42.44
CA ALA A 49 36.67 -3.32 -42.69
C ALA A 49 36.30 -2.01 -41.98
N PRO A 50 37.29 -1.13 -41.79
CA PRO A 50 36.99 0.15 -41.14
C PRO A 50 35.99 0.97 -41.95
N PRO A 51 35.15 1.78 -41.29
CA PRO A 51 34.16 2.55 -42.04
C PRO A 51 34.86 3.64 -42.84
N GLN A 52 34.37 3.94 -44.04
CA GLN A 52 34.88 5.03 -44.87
C GLN A 52 33.93 6.21 -44.85
N PRO A 53 34.42 7.40 -45.17
CA PRO A 53 33.47 8.53 -45.16
C PRO A 53 32.44 8.41 -46.29
N ALA A 54 31.26 8.98 -46.07
CA ALA A 54 30.21 9.02 -47.05
C ALA A 54 30.63 9.84 -48.22
N GLU A 55 30.24 9.37 -49.38
CA GLU A 55 30.46 10.13 -50.61
C GLU A 55 29.50 11.31 -50.63
N PRO A 56 29.97 12.45 -51.14
CA PRO A 56 29.09 13.63 -51.16
C PRO A 56 27.90 13.51 -52.11
N TRP A 57 26.78 14.16 -51.75
CA TRP A 57 25.57 14.17 -52.58
C TRP A 57 25.29 15.58 -53.09
N SER A 58 24.75 15.68 -54.30
CA SER A 58 24.24 16.94 -54.86
C SER A 58 22.84 17.20 -54.32
N PHE A 59 22.31 18.40 -54.45
CA PHE A 59 20.90 18.59 -54.01
C PHE A 59 20.66 18.35 -52.50
N VAL A 60 19.40 18.26 -52.09
CA VAL A 60 19.05 18.19 -50.69
C VAL A 60 18.60 16.77 -50.42
N LYS A 61 19.29 16.07 -49.53
CA LYS A 61 18.91 14.72 -49.15
C LYS A 61 17.77 14.80 -48.15
N ASN A 62 16.70 14.08 -48.45
CA ASN A 62 15.54 14.00 -47.60
C ASN A 62 15.86 13.14 -46.39
N THR A 63 15.87 13.72 -45.20
CA THR A 63 16.16 12.96 -43.97
C THR A 63 14.94 13.05 -43.05
N THR A 64 13.81 12.54 -43.53
CA THR A 64 12.57 12.56 -42.79
C THR A 64 11.96 11.19 -42.51
N SER A 65 12.63 10.10 -42.87
CA SER A 65 12.12 8.80 -42.49
C SER A 65 13.21 7.97 -41.80
N TYR A 66 12.77 7.06 -40.94
CA TYR A 66 13.68 6.27 -40.15
C TYR A 66 14.52 5.44 -41.07
N PRO A 67 15.83 5.41 -40.81
CA PRO A 67 16.69 4.53 -41.57
C PRO A 67 16.54 3.08 -41.14
N PRO A 68 17.03 2.16 -41.98
CA PRO A 68 17.11 0.78 -41.53
C PRO A 68 18.08 0.60 -40.35
N MET A 69 17.80 -0.40 -39.50
CA MET A 69 18.73 -0.83 -38.52
C MET A 69 19.69 -1.82 -39.15
N CYS A 70 20.84 -2.04 -38.52
CA CYS A 70 21.83 -2.99 -39.04
C CYS A 70 21.27 -4.39 -38.93
N CYS A 71 21.73 -5.28 -39.79
CA CYS A 71 21.19 -6.61 -39.82
C CYS A 71 21.35 -7.29 -38.51
N GLN A 72 20.32 -8.08 -38.23
CA GLN A 72 20.15 -8.74 -36.96
C GLN A 72 18.98 -9.66 -37.11
N ASP A 73 18.85 -10.54 -36.17
CA ASP A 73 17.64 -11.37 -36.05
C ASP A 73 16.42 -10.43 -36.02
N PRO A 74 15.54 -10.50 -37.05
CA PRO A 74 14.42 -9.55 -37.09
C PRO A 74 13.34 -9.76 -36.02
N VAL A 75 13.20 -10.98 -35.54
CA VAL A 75 12.24 -11.25 -34.47
C VAL A 75 12.75 -10.64 -33.19
N ALA A 76 13.98 -10.97 -32.80
CA ALA A 76 14.58 -10.33 -31.60
C ALA A 76 14.76 -8.82 -31.76
N GLY A 77 15.02 -8.33 -32.98
CA GLY A 77 15.11 -6.89 -33.22
C GLY A 77 13.82 -6.14 -32.97
N GLN A 78 12.72 -6.70 -33.46
CA GLN A 78 11.40 -6.12 -33.25
C GLN A 78 11.07 -6.12 -31.74
N MET A 79 11.32 -7.24 -31.05
CA MET A 79 11.06 -7.35 -29.61
C MET A 79 11.90 -6.35 -28.78
N THR A 80 13.18 -6.19 -29.11
CA THR A 80 14.02 -5.21 -28.45
C THR A 80 13.46 -3.80 -28.64
N SER A 81 13.11 -3.44 -29.87
CA SER A 81 12.55 -2.12 -30.11
C SER A 81 11.29 -1.88 -29.27
N ASP A 82 10.39 -2.86 -29.26
CA ASP A 82 9.14 -2.80 -28.48
C ASP A 82 9.36 -2.58 -26.96
N LEU A 83 10.36 -3.27 -26.43
CA LEU A 83 10.68 -3.24 -25.01
C LEU A 83 11.32 -1.97 -24.56
N PHE A 84 12.08 -1.33 -25.46
CA PHE A 84 12.91 -0.17 -25.09
C PHE A 84 12.43 1.20 -25.59
N THR A 85 11.43 1.23 -26.48
CA THR A 85 11.05 2.48 -27.12
C THR A 85 10.30 3.39 -26.15
N ASN A 86 10.48 4.69 -26.32
CA ASN A 86 9.89 5.65 -25.41
C ASN A 86 8.73 6.43 -26.00
N ARG A 87 8.35 6.15 -27.23
CA ARG A 87 7.28 6.91 -27.88
C ARG A 87 6.05 6.03 -28.02
N LYS A 88 4.96 6.66 -28.43
CA LYS A 88 3.65 6.00 -28.54
C LYS A 88 3.54 5.12 -29.78
N GLU A 89 3.87 5.74 -30.91
CA GLU A 89 3.76 5.13 -32.22
C GLU A 89 4.83 4.01 -32.24
N ARG A 90 4.36 2.79 -32.38
CA ARG A 90 5.22 1.62 -32.41
C ARG A 90 6.05 1.56 -33.73
N LEU A 91 7.36 1.48 -33.61
CA LEU A 91 8.24 1.39 -34.76
C LEU A 91 8.31 -0.07 -35.28
N ILE A 92 8.13 -0.24 -36.58
CA ILE A 92 8.35 -1.48 -37.28
C ILE A 92 9.64 -1.30 -38.08
N PRO A 93 10.79 -1.57 -37.46
CA PRO A 93 12.05 -1.34 -38.20
C PRO A 93 12.28 -2.25 -39.43
N GLU A 94 12.93 -1.68 -40.44
CA GLU A 94 13.57 -2.41 -41.52
C GLU A 94 15.04 -2.73 -41.14
N PHE A 95 15.66 -3.66 -41.88
CA PHE A 95 17.01 -4.11 -41.62
C PHE A 95 17.83 -4.14 -42.89
N SER A 96 19.10 -3.75 -42.80
CA SER A 96 19.97 -3.74 -43.94
C SER A 96 21.43 -3.63 -43.49
N GLU A 97 22.34 -4.11 -44.36
CA GLU A 97 23.77 -3.90 -44.18
C GLU A 97 24.09 -2.41 -44.33
N ASP A 98 23.28 -1.69 -45.09
CA ASP A 98 23.43 -0.26 -45.25
C ASP A 98 22.72 0.41 -44.08
N CYS A 99 23.47 0.63 -42.99
CA CYS A 99 22.86 1.06 -41.75
C CYS A 99 23.64 2.11 -40.94
N LEU A 100 24.66 2.70 -41.51
CA LEU A 100 25.47 3.64 -40.81
C LEU A 100 24.84 5.02 -40.95
N TYR A 101 23.79 5.23 -40.17
CA TYR A 101 23.01 6.46 -40.17
C TYR A 101 22.89 6.95 -38.73
N LEU A 102 22.55 8.21 -38.56
CA LEU A 102 22.22 8.75 -37.22
C LEU A 102 20.99 9.61 -37.33
N ASN A 103 20.29 9.75 -36.22
CA ASN A 103 19.16 10.61 -36.11
C ASN A 103 19.44 11.78 -35.17
N ILE A 104 18.97 12.97 -35.51
CA ILE A 104 19.28 14.19 -34.76
C ILE A 104 18.00 14.88 -34.32
N TYR A 105 17.96 15.22 -33.04
CA TYR A 105 16.89 16.02 -32.44
C TYR A 105 17.52 17.31 -31.87
N THR A 106 17.28 18.43 -32.52
CA THR A 106 17.83 19.71 -32.08
C THR A 106 16.72 20.75 -31.79
N PRO A 107 16.70 21.31 -30.58
CA PRO A 107 15.82 22.41 -30.25
C PRO A 107 16.44 23.80 -30.54
N ALA A 108 17.62 23.86 -31.14
CA ALA A 108 18.28 25.14 -31.41
C ALA A 108 17.54 25.93 -32.47
N ASP A 109 17.65 27.24 -32.34
CA ASP A 109 17.21 28.19 -33.38
C ASP A 109 18.24 28.10 -34.51
N LEU A 110 17.85 27.48 -35.61
CA LEU A 110 18.77 27.23 -36.75
C LEU A 110 19.13 28.44 -37.60
N THR A 111 18.43 29.55 -37.38
CA THR A 111 18.83 30.86 -37.99
C THR A 111 20.00 31.50 -37.22
N LYS A 112 20.14 31.16 -35.94
CA LYS A 112 21.27 31.55 -35.10
C LYS A 112 22.39 30.51 -35.20
N ARG A 113 23.47 30.75 -34.48
CA ARG A 113 24.60 29.84 -34.40
C ARG A 113 24.57 29.34 -32.97
N GLY A 114 23.69 28.37 -32.72
CA GLY A 114 23.58 27.74 -31.42
C GLY A 114 24.82 26.96 -30.99
N ARG A 115 24.94 26.81 -29.68
CA ARG A 115 26.03 26.14 -29.06
C ARG A 115 25.49 25.31 -27.85
N LEU A 116 24.51 24.48 -28.16
CA LEU A 116 23.90 23.62 -27.16
C LEU A 116 24.78 22.42 -26.88
N PRO A 117 24.79 21.95 -25.62
CA PRO A 117 25.38 20.61 -25.40
C PRO A 117 24.76 19.50 -26.32
N VAL A 118 25.60 18.54 -26.72
CA VAL A 118 25.24 17.48 -27.65
C VAL A 118 25.32 16.17 -26.87
N MET A 119 24.23 15.40 -26.88
CA MET A 119 24.21 14.13 -26.18
C MET A 119 24.06 13.03 -27.23
N VAL A 120 25.10 12.21 -27.36
CA VAL A 120 25.17 11.17 -28.41
C VAL A 120 24.82 9.78 -27.78
N TRP A 121 23.65 9.24 -28.17
CA TRP A 121 23.12 8.00 -27.59
C TRP A 121 23.59 6.77 -28.35
N ILE A 122 24.15 5.81 -27.63
CA ILE A 122 24.63 4.55 -28.19
C ILE A 122 23.76 3.43 -27.63
N HIS A 123 22.89 2.88 -28.45
CA HIS A 123 21.96 1.90 -27.98
C HIS A 123 22.64 0.58 -27.58
N GLY A 124 21.95 -0.16 -26.73
CA GLY A 124 22.34 -1.52 -26.41
C GLY A 124 21.67 -2.60 -27.22
N GLY A 125 21.74 -3.83 -26.71
CA GLY A 125 21.32 -5.05 -27.44
C GLY A 125 22.44 -6.06 -27.63
N GLY A 126 23.33 -6.18 -26.62
CA GLY A 126 24.39 -7.17 -26.62
C GLY A 126 25.32 -7.17 -27.80
N LEU A 127 25.42 -6.04 -28.49
CA LEU A 127 26.23 -5.93 -29.73
C LEU A 127 25.68 -6.83 -30.87
N VAL A 128 24.45 -7.28 -30.77
CA VAL A 128 23.86 -8.15 -31.75
C VAL A 128 22.51 -7.69 -32.28
N VAL A 129 21.75 -6.93 -31.47
CA VAL A 129 20.45 -6.39 -31.89
C VAL A 129 20.39 -4.90 -31.52
N GLY A 130 19.30 -4.25 -31.92
CA GLY A 130 19.09 -2.85 -31.59
C GLY A 130 19.25 -1.88 -32.77
N GLY A 131 18.83 -0.66 -32.54
CA GLY A 131 19.01 0.42 -33.46
C GLY A 131 18.60 1.75 -32.85
N ALA A 132 18.89 2.83 -33.58
CA ALA A 132 18.72 4.18 -33.08
C ALA A 132 17.29 4.63 -33.02
N SER A 133 16.51 4.25 -34.02
CA SER A 133 15.16 4.81 -34.23
C SER A 133 14.16 4.39 -33.20
N THR A 134 14.48 3.35 -32.40
CA THR A 134 13.74 3.01 -31.18
C THR A 134 13.62 4.18 -30.19
N TYR A 135 14.64 5.02 -30.16
CA TYR A 135 14.84 6.06 -29.11
C TYR A 135 14.51 7.42 -29.67
N ASP A 136 13.41 7.99 -29.20
CA ASP A 136 12.92 9.32 -29.61
C ASP A 136 13.59 10.35 -28.71
N GLY A 137 14.42 11.22 -29.27
CA GLY A 137 15.10 12.27 -28.53
C GLY A 137 14.27 13.53 -28.30
N LEU A 138 13.04 13.55 -28.76
CA LEU A 138 12.21 14.75 -28.71
C LEU A 138 12.02 15.34 -27.31
N ALA A 139 11.64 14.51 -26.33
CA ALA A 139 11.34 15.02 -25.01
C ALA A 139 12.60 15.54 -24.33
N LEU A 140 13.70 14.79 -24.43
CA LEU A 140 14.94 15.17 -23.74
C LEU A 140 15.45 16.47 -24.35
N ALA A 141 15.39 16.57 -25.67
CA ALA A 141 15.84 17.79 -26.33
C ALA A 141 15.01 18.99 -25.89
N ALA A 142 13.69 18.87 -25.94
CA ALA A 142 12.80 20.01 -25.69
C ALA A 142 12.82 20.42 -24.24
N HIS A 143 12.83 19.44 -23.33
CA HIS A 143 12.81 19.76 -21.87
C HIS A 143 14.14 20.32 -21.38
N GLU A 144 15.27 19.88 -21.92
CA GLU A 144 16.58 20.27 -21.38
C GLU A 144 17.46 21.10 -22.26
N ASN A 145 16.95 21.43 -23.45
CA ASN A 145 17.67 22.30 -24.38
C ASN A 145 19.07 21.75 -24.77
N VAL A 146 19.06 20.49 -25.21
CA VAL A 146 20.26 19.75 -25.66
C VAL A 146 19.96 19.14 -27.04
N VAL A 147 20.99 19.00 -27.85
CA VAL A 147 20.93 18.30 -29.15
C VAL A 147 21.13 16.80 -28.87
N VAL A 148 20.14 15.97 -29.21
CA VAL A 148 20.24 14.55 -28.99
C VAL A 148 20.53 13.91 -30.32
N VAL A 149 21.60 13.11 -30.37
CA VAL A 149 21.99 12.37 -31.58
C VAL A 149 22.01 10.86 -31.27
N ALA A 150 21.19 10.08 -31.98
CA ALA A 150 21.14 8.63 -31.78
C ALA A 150 21.82 7.96 -32.94
N ILE A 151 22.84 7.18 -32.66
CA ILE A 151 23.70 6.65 -33.72
C ILE A 151 23.49 5.16 -33.89
N GLN A 152 23.95 4.68 -35.02
CA GLN A 152 23.92 3.23 -35.30
C GLN A 152 25.32 2.77 -35.56
N TYR A 153 25.50 1.48 -35.44
CA TYR A 153 26.81 0.86 -35.61
C TYR A 153 26.57 -0.59 -36.00
N ARG A 154 27.52 -1.17 -36.73
CA ARG A 154 27.37 -2.54 -37.16
C ARG A 154 27.29 -3.51 -35.97
N LEU A 155 26.42 -4.47 -36.13
CA LEU A 155 26.16 -5.47 -35.09
C LEU A 155 26.55 -6.90 -35.49
N GLY A 156 26.78 -7.73 -34.49
CA GLY A 156 26.89 -9.17 -34.69
C GLY A 156 28.10 -9.48 -35.56
N ILE A 157 27.94 -10.43 -36.49
CA ILE A 157 29.02 -10.84 -37.34
C ILE A 157 29.57 -9.65 -38.11
N TRP A 158 28.68 -8.81 -38.65
CA TRP A 158 29.05 -7.67 -39.47
C TRP A 158 29.85 -6.66 -38.65
N GLY A 159 29.54 -6.59 -37.36
CA GLY A 159 30.16 -5.64 -36.46
C GLY A 159 31.43 -6.08 -35.76
N PHE A 160 31.56 -7.37 -35.52
CA PHE A 160 32.56 -7.89 -34.58
C PHE A 160 33.34 -9.12 -35.06
N PHE A 161 33.12 -9.61 -36.29
CA PHE A 161 33.91 -10.73 -36.73
C PHE A 161 35.39 -10.39 -36.70
N SER A 162 36.17 -11.21 -36.01
CA SER A 162 37.59 -11.07 -35.90
C SER A 162 38.35 -12.36 -36.16
N THR A 163 39.43 -12.29 -36.94
CA THR A 163 40.40 -13.39 -37.09
C THR A 163 41.55 -13.28 -36.09
N GLY A 164 41.53 -12.24 -35.24
CA GLY A 164 42.60 -12.00 -34.30
C GLY A 164 43.91 -11.51 -34.91
N ASP A 165 43.88 -11.00 -36.15
CA ASP A 165 45.07 -10.46 -36.81
C ASP A 165 44.69 -9.35 -37.83
N GLU A 166 45.62 -8.92 -38.66
CA GLU A 166 45.42 -7.77 -39.53
C GLU A 166 44.40 -7.95 -40.65
N HIS A 167 44.08 -9.17 -40.99
CA HIS A 167 43.10 -9.42 -42.07
C HIS A 167 41.67 -9.18 -41.68
N SER A 168 41.36 -9.32 -40.39
CA SER A 168 40.05 -8.88 -39.85
C SER A 168 40.20 -8.65 -38.35
N ARG A 169 40.70 -7.46 -37.99
CA ARG A 169 41.05 -7.14 -36.59
C ARG A 169 39.86 -7.28 -35.63
N GLY A 170 38.70 -6.77 -36.05
CA GLY A 170 37.48 -6.78 -35.29
C GLY A 170 37.07 -5.38 -34.96
N ASN A 171 36.10 -5.26 -34.08
CA ASN A 171 35.63 -3.99 -33.56
C ASN A 171 34.98 -3.04 -34.53
N TRP A 172 34.45 -3.58 -35.62
CA TRP A 172 33.91 -2.72 -36.67
C TRP A 172 32.81 -1.80 -36.15
N GLY A 173 31.97 -2.32 -35.28
CA GLY A 173 30.93 -1.48 -34.67
C GLY A 173 31.45 -0.34 -33.81
N HIS A 174 32.57 -0.55 -33.10
CA HIS A 174 33.16 0.48 -32.33
C HIS A 174 33.84 1.48 -33.27
N LEU A 175 34.49 1.03 -34.36
CA LEU A 175 35.03 1.99 -35.35
C LEU A 175 33.92 2.82 -35.97
N ASP A 176 32.71 2.26 -36.15
CA ASP A 176 31.57 3.04 -36.63
C ASP A 176 31.12 4.14 -35.61
N GLN A 177 31.14 3.80 -34.31
CA GLN A 177 30.83 4.71 -33.25
C GLN A 177 31.80 5.87 -33.26
N VAL A 178 33.07 5.54 -33.42
CA VAL A 178 34.12 6.54 -33.59
C VAL A 178 33.88 7.44 -34.84
N ALA A 179 33.58 6.82 -35.96
CA ALA A 179 33.27 7.61 -37.19
C ALA A 179 32.09 8.53 -36.99
N ALA A 180 31.10 8.09 -36.22
CA ALA A 180 29.95 8.95 -35.96
C ALA A 180 30.34 10.15 -35.11
N LEU A 181 31.23 9.93 -34.14
CA LEU A 181 31.75 10.99 -33.33
C LEU A 181 32.57 11.98 -34.12
N HIS A 182 33.39 11.51 -35.07
CA HIS A 182 34.10 12.43 -36.01
C HIS A 182 33.09 13.22 -36.82
N TRP A 183 32.00 12.57 -37.24
CA TRP A 183 30.99 13.29 -38.01
C TRP A 183 30.35 14.42 -37.20
N VAL A 184 30.05 14.15 -35.94
CA VAL A 184 29.54 15.15 -34.99
C VAL A 184 30.52 16.33 -34.82
N GLN A 185 31.83 16.07 -34.69
CA GLN A 185 32.81 17.17 -34.63
C GLN A 185 32.73 18.08 -35.84
N GLU A 186 32.77 17.48 -37.02
CA GLU A 186 32.80 18.23 -38.25
C GLU A 186 31.48 18.96 -38.50
N ASN A 187 30.36 18.42 -38.07
CA ASN A 187 29.05 18.91 -38.57
C ASN A 187 28.01 19.37 -37.56
N ILE A 188 28.15 19.10 -36.27
CA ILE A 188 27.03 19.35 -35.38
C ILE A 188 26.76 20.85 -35.15
N ALA A 189 27.76 21.71 -35.40
CA ALA A 189 27.60 23.17 -35.27
C ALA A 189 26.50 23.66 -36.21
N ASN A 190 26.34 23.07 -37.37
CA ASN A 190 25.24 23.48 -38.23
C ASN A 190 23.85 23.11 -37.72
N PHE A 191 23.78 22.21 -36.73
CA PHE A 191 22.53 21.83 -36.10
C PHE A 191 22.33 22.50 -34.74
N GLY A 192 23.14 23.53 -34.48
CA GLY A 192 23.09 24.26 -33.22
C GLY A 192 23.78 23.57 -32.05
N GLY A 193 24.62 22.57 -32.32
CA GLY A 193 25.35 21.87 -31.26
C GLY A 193 26.75 22.44 -31.09
N ASP A 194 27.25 22.37 -29.87
CA ASP A 194 28.61 22.73 -29.55
C ASP A 194 29.51 21.51 -29.68
N PRO A 195 30.37 21.46 -30.69
CA PRO A 195 31.28 20.28 -30.77
C PRO A 195 32.33 20.21 -29.63
N GLY A 196 32.60 21.32 -28.94
CA GLY A 196 33.39 21.28 -27.70
C GLY A 196 32.66 20.74 -26.46
N SER A 197 31.42 20.23 -26.62
CA SER A 197 30.63 19.76 -25.48
C SER A 197 29.67 18.60 -25.86
N VAL A 198 30.27 17.44 -25.92
CA VAL A 198 29.66 16.25 -26.46
C VAL A 198 29.70 15.26 -25.34
N THR A 199 28.55 14.80 -24.94
CA THR A 199 28.44 13.73 -23.98
C THR A 199 28.04 12.45 -24.74
N ILE A 200 28.78 11.37 -24.56
CA ILE A 200 28.35 10.08 -25.03
C ILE A 200 27.62 9.37 -23.89
N PHE A 201 26.49 8.78 -24.23
CA PHE A 201 25.75 8.01 -23.28
C PHE A 201 25.13 6.78 -23.94
N GLY A 202 24.98 5.71 -23.15
CA GLY A 202 24.45 4.48 -23.65
C GLY A 202 24.13 3.49 -22.57
N GLU A 203 23.34 2.49 -22.95
CA GLU A 203 22.79 1.54 -22.00
C GLU A 203 23.11 0.13 -22.44
N SER A 204 23.46 -0.71 -21.47
CA SER A 204 23.78 -2.11 -21.69
C SER A 204 25.02 -2.22 -22.60
N ALA A 205 24.94 -2.89 -23.74
CA ALA A 205 26.10 -2.93 -24.65
C ALA A 205 26.50 -1.54 -25.17
N GLY A 206 25.56 -0.60 -25.18
CA GLY A 206 25.87 0.78 -25.45
C GLY A 206 26.69 1.44 -24.32
N GLY A 207 26.41 1.04 -23.09
CA GLY A 207 27.21 1.43 -21.95
C GLY A 207 28.60 0.82 -22.00
N GLU A 208 28.68 -0.44 -22.37
CA GLU A 208 29.98 -1.08 -22.61
C GLU A 208 30.74 -0.32 -23.68
N SER A 209 30.03 0.08 -24.74
CA SER A 209 30.63 0.86 -25.84
C SER A 209 31.18 2.23 -25.38
N VAL A 210 30.39 2.96 -24.57
CA VAL A 210 30.84 4.18 -23.94
C VAL A 210 32.12 3.93 -23.12
N SER A 211 32.11 2.91 -22.32
CA SER A 211 33.29 2.52 -21.53
C SER A 211 34.49 2.22 -22.40
N VAL A 212 34.27 1.52 -23.51
CA VAL A 212 35.35 1.19 -24.44
C VAL A 212 35.91 2.46 -25.13
N LEU A 213 35.03 3.41 -25.43
CA LEU A 213 35.43 4.67 -26.03
C LEU A 213 36.20 5.55 -25.04
N VAL A 214 35.81 5.48 -23.77
CA VAL A 214 36.59 6.12 -22.71
C VAL A 214 38.03 5.59 -22.66
N LEU A 215 38.22 4.29 -22.86
CA LEU A 215 39.54 3.68 -22.85
C LEU A 215 40.33 3.84 -24.13
N SER A 216 39.68 4.20 -25.23
CA SER A 216 40.32 4.05 -26.54
C SER A 216 41.12 5.29 -26.95
N PRO A 217 42.38 5.12 -27.40
CA PRO A 217 43.08 6.33 -27.90
C PRO A 217 42.44 6.86 -29.20
N LEU A 218 41.70 6.05 -29.94
CA LEU A 218 41.01 6.55 -31.14
C LEU A 218 39.93 7.58 -30.86
N ALA A 219 39.38 7.60 -29.67
CA ALA A 219 38.25 8.48 -29.33
C ALA A 219 38.66 9.72 -28.59
N LYS A 220 39.96 9.92 -28.44
CA LYS A 220 40.50 11.12 -27.81
C LYS A 220 40.00 12.43 -28.42
N ASN A 221 39.56 13.35 -27.57
CA ASN A 221 38.98 14.66 -27.97
C ASN A 221 37.67 14.61 -28.79
N LEU A 222 36.99 13.47 -28.81
CA LEU A 222 35.73 13.32 -29.56
C LEU A 222 34.52 13.39 -28.67
N PHE A 223 34.75 13.39 -27.36
CA PHE A 223 33.70 13.67 -26.41
C PHE A 223 34.29 14.23 -25.10
N HIS A 224 33.45 14.84 -24.30
CA HIS A 224 33.87 15.56 -23.07
C HIS A 224 33.20 15.10 -21.78
N ARG A 225 32.18 14.25 -21.89
CA ARG A 225 31.54 13.60 -20.75
C ARG A 225 31.07 12.25 -21.20
N ALA A 226 30.93 11.32 -20.26
CA ALA A 226 30.46 9.98 -20.54
C ALA A 226 29.41 9.53 -19.54
N ILE A 227 28.45 8.72 -20.00
CA ILE A 227 27.47 8.07 -19.11
C ILE A 227 27.28 6.63 -19.55
N SER A 228 27.62 5.71 -18.68
CA SER A 228 27.36 4.27 -18.89
C SER A 228 26.24 3.80 -18.01
N GLU A 229 25.09 3.53 -18.62
CA GLU A 229 23.93 3.01 -17.94
C GLU A 229 23.94 1.47 -18.07
N SER A 230 24.09 0.77 -16.97
CA SER A 230 23.99 -0.70 -16.94
C SER A 230 24.98 -1.38 -17.90
N GLY A 231 26.20 -0.89 -17.94
CA GLY A 231 27.19 -1.56 -18.75
C GLY A 231 28.49 -0.80 -18.81
N VAL A 232 29.60 -1.50 -18.58
CA VAL A 232 30.96 -1.01 -18.78
C VAL A 232 31.82 -2.12 -19.47
N ALA A 233 33.13 -1.89 -19.63
CA ALA A 233 34.00 -2.81 -20.35
C ALA A 233 34.04 -4.22 -19.78
N PHE A 234 33.94 -4.35 -18.48
CA PHE A 234 33.96 -5.67 -17.86
C PHE A 234 32.62 -6.42 -17.86
N THR A 235 31.55 -5.78 -18.31
CA THR A 235 30.18 -6.32 -18.23
C THR A 235 30.00 -7.51 -19.16
N ALA A 236 29.52 -8.64 -18.62
CA ALA A 236 29.14 -9.84 -19.40
C ALA A 236 30.28 -10.45 -20.26
N GLY A 237 31.52 -10.24 -19.88
CA GLY A 237 32.64 -10.62 -20.73
C GLY A 237 32.50 -10.13 -22.18
N LEU A 238 31.91 -8.96 -22.39
CA LEU A 238 31.82 -8.34 -23.70
C LEU A 238 33.16 -7.80 -24.27
N VAL A 239 34.26 -7.82 -23.49
CA VAL A 239 35.62 -7.58 -23.99
C VAL A 239 36.53 -8.77 -23.76
N ARG A 240 37.14 -9.31 -24.81
CA ARG A 240 38.02 -10.49 -24.70
C ARG A 240 39.31 -10.27 -25.42
N LYS A 241 40.29 -11.08 -25.08
CA LYS A 241 41.61 -11.05 -25.73
C LYS A 241 41.52 -11.49 -27.20
N ASP A 242 40.66 -12.43 -27.49
CA ASP A 242 40.54 -13.03 -28.81
C ASP A 242 39.14 -13.66 -28.99
N MET A 243 38.92 -14.26 -30.15
CA MET A 243 37.66 -14.81 -30.55
C MET A 243 37.87 -16.12 -31.32
N LYS A 244 38.98 -16.79 -31.08
CA LYS A 244 39.36 -18.00 -31.86
C LYS A 244 38.23 -19.06 -31.98
N ALA A 245 37.59 -19.35 -30.89
CA ALA A 245 36.66 -20.46 -30.83
C ALA A 245 35.37 -20.10 -31.54
N ALA A 246 34.90 -18.89 -31.30
CA ALA A 246 33.68 -18.45 -31.96
C ALA A 246 33.88 -18.33 -33.46
N ALA A 247 35.05 -17.89 -33.87
CA ALA A 247 35.37 -17.80 -35.28
C ALA A 247 35.37 -19.15 -35.94
N LYS A 248 35.93 -20.16 -35.29
CA LYS A 248 35.86 -21.54 -35.80
C LYS A 248 34.40 -22.00 -36.05
N GLN A 249 33.51 -21.70 -35.12
CA GLN A 249 32.12 -22.07 -35.24
C GLN A 249 31.49 -21.38 -36.41
N ILE A 250 31.84 -20.12 -36.61
CA ILE A 250 31.34 -19.38 -37.75
C ILE A 250 31.79 -20.04 -39.03
N ALA A 251 33.06 -20.44 -39.09
CA ALA A 251 33.62 -21.05 -40.31
C ALA A 251 32.92 -22.36 -40.70
N VAL A 252 32.67 -23.20 -39.70
CA VAL A 252 31.92 -24.46 -39.90
C VAL A 252 30.47 -24.17 -40.37
N LEU A 253 29.75 -23.30 -39.70
CA LEU A 253 28.41 -22.92 -40.15
C LEU A 253 28.37 -22.30 -41.57
N ALA A 254 29.35 -21.50 -41.94
CA ALA A 254 29.38 -20.80 -43.21
C ALA A 254 29.93 -21.63 -44.34
N GLY A 255 30.54 -22.77 -44.04
CA GLY A 255 31.27 -23.54 -45.05
C GLY A 255 32.53 -22.85 -45.59
N CYS A 256 33.25 -22.10 -44.75
CA CYS A 256 34.48 -21.38 -45.14
C CYS A 256 35.74 -22.13 -44.71
N LYS A 257 36.71 -22.24 -45.58
CA LYS A 257 38.03 -22.76 -45.20
C LYS A 257 38.74 -21.76 -44.28
N THR A 258 39.44 -22.27 -43.27
CA THR A 258 40.24 -21.47 -42.39
C THR A 258 41.73 -21.73 -42.60
N THR A 259 42.13 -22.19 -43.76
CA THR A 259 43.56 -22.39 -44.07
C THR A 259 44.40 -21.16 -43.61
N THR A 260 43.95 -19.95 -43.93
CA THR A 260 44.54 -18.73 -43.43
C THR A 260 43.43 -17.79 -43.07
N SER A 261 43.75 -16.79 -42.27
CA SER A 261 42.81 -15.71 -42.02
C SER A 261 42.34 -14.92 -43.26
N ALA A 262 43.24 -14.59 -44.18
CA ALA A 262 42.82 -13.84 -45.37
C ALA A 262 41.79 -14.62 -46.16
N VAL A 263 42.03 -15.93 -46.30
CA VAL A 263 41.12 -16.77 -47.10
C VAL A 263 39.75 -16.85 -46.39
N PHE A 264 39.76 -16.99 -45.06
CA PHE A 264 38.55 -16.99 -44.29
C PHE A 264 37.75 -15.72 -44.45
N VAL A 265 38.37 -14.56 -44.21
CA VAL A 265 37.65 -13.31 -44.38
C VAL A 265 37.18 -13.03 -45.83
N HIS A 266 37.99 -13.36 -46.82
CA HIS A 266 37.58 -13.26 -48.18
C HIS A 266 36.33 -14.15 -48.53
N CYS A 267 36.25 -15.35 -47.97
CA CYS A 267 35.08 -16.21 -48.15
C CYS A 267 33.86 -15.55 -47.51
N LEU A 268 33.97 -15.06 -46.28
CA LEU A 268 32.82 -14.38 -45.68
C LEU A 268 32.37 -13.13 -46.42
N ARG A 269 33.30 -12.38 -47.03
CA ARG A 269 32.94 -11.22 -47.87
C ARG A 269 32.14 -11.53 -49.10
N GLN A 270 32.21 -12.78 -49.58
CA GLN A 270 31.49 -13.18 -50.75
C GLN A 270 30.05 -13.60 -50.42
N LYS A 271 29.74 -13.84 -49.14
CA LYS A 271 28.41 -14.24 -48.74
C LYS A 271 27.37 -13.13 -48.98
N SER A 272 26.13 -13.51 -49.28
CA SER A 272 25.04 -12.53 -49.39
C SER A 272 24.57 -12.13 -47.95
N GLU A 273 23.83 -11.02 -47.85
CA GLU A 273 23.22 -10.61 -46.59
C GLU A 273 22.37 -11.76 -46.01
N ASP A 274 21.51 -12.37 -46.82
CA ASP A 274 20.69 -13.51 -46.38
C ASP A 274 21.53 -14.65 -45.83
N GLU A 275 22.63 -15.02 -46.52
CA GLU A 275 23.50 -16.05 -45.98
C GLU A 275 24.08 -15.66 -44.61
N LEU A 276 24.47 -14.40 -44.41
CA LEU A 276 25.03 -13.97 -43.10
C LEU A 276 23.97 -13.88 -42.03
N LEU A 277 22.76 -13.52 -42.44
CA LEU A 277 21.63 -13.53 -41.53
C LEU A 277 21.32 -14.96 -41.04
N ASP A 278 21.27 -15.91 -41.96
CA ASP A 278 21.02 -17.29 -41.61
C ASP A 278 22.12 -17.81 -40.70
N LEU A 279 23.36 -17.49 -40.99
CA LEU A 279 24.46 -17.83 -40.10
C LEU A 279 24.26 -17.20 -38.70
N THR A 280 23.78 -15.95 -38.66
CA THR A 280 23.44 -15.28 -37.40
C THR A 280 22.40 -16.09 -36.58
N LEU A 281 21.30 -16.50 -37.19
CA LEU A 281 20.26 -17.28 -36.45
C LEU A 281 20.85 -18.55 -35.94
N LYS A 282 21.73 -19.21 -36.70
CA LYS A 282 22.37 -20.46 -36.26
C LYS A 282 23.36 -20.34 -35.10
N MET A 283 24.00 -19.18 -34.94
CA MET A 283 24.85 -18.91 -33.78
C MET A 283 24.06 -18.73 -32.50
N LYS A 284 22.76 -18.46 -32.61
CA LYS A 284 21.88 -18.33 -31.42
C LYS A 284 22.45 -17.32 -30.40
N PHE A 285 22.70 -16.12 -30.88
CA PHE A 285 23.16 -15.06 -30.02
C PHE A 285 22.08 -14.62 -29.00
N PHE A 286 22.55 -14.07 -27.88
CA PHE A 286 21.71 -13.50 -26.84
C PHE A 286 20.82 -14.57 -26.18
N ALA A 287 21.35 -15.80 -26.07
CA ALA A 287 20.58 -16.95 -25.58
C ALA A 287 21.48 -17.85 -24.75
N LEU A 288 20.92 -18.31 -23.62
CA LEU A 288 21.59 -19.26 -22.77
C LEU A 288 21.54 -20.65 -23.47
N ASP A 289 22.71 -21.24 -23.67
CA ASP A 289 22.83 -22.60 -24.18
C ASP A 289 22.58 -23.55 -22.98
N LEU A 290 21.45 -24.26 -23.00
CA LEU A 290 21.05 -25.19 -21.91
C LEU A 290 21.60 -26.60 -22.03
N HIS A 291 22.04 -26.97 -23.23
CA HIS A 291 22.37 -28.36 -23.57
C HIS A 291 23.88 -28.62 -23.84
N GLY A 292 24.53 -27.73 -24.61
CA GLY A 292 25.96 -27.81 -24.90
C GLY A 292 26.90 -27.48 -23.74
N ASP A 293 28.19 -27.59 -24.02
CA ASP A 293 29.26 -27.24 -23.08
C ASP A 293 29.24 -25.72 -22.86
N PRO A 294 29.10 -25.24 -21.59
CA PRO A 294 29.13 -23.77 -21.39
C PRO A 294 30.45 -23.09 -21.77
N ARG A 295 31.59 -23.79 -21.69
CA ARG A 295 32.87 -23.25 -22.13
C ARG A 295 32.95 -22.96 -23.64
N GLU A 296 32.08 -23.59 -24.40
CA GLU A 296 32.04 -23.42 -25.84
C GLU A 296 30.84 -22.58 -26.35
N SER A 297 30.12 -21.95 -25.44
CA SER A 297 28.97 -21.12 -25.81
C SER A 297 29.43 -19.63 -25.95
N HIS A 298 28.92 -18.96 -26.99
CA HIS A 298 29.35 -17.63 -27.39
C HIS A 298 28.15 -16.84 -27.79
N PRO A 299 27.31 -16.49 -26.82
CA PRO A 299 26.08 -15.77 -27.12
C PRO A 299 26.26 -14.32 -27.60
N PHE A 300 27.47 -13.80 -27.53
CA PHE A 300 27.82 -12.46 -28.09
C PHE A 300 29.13 -12.59 -28.82
N LEU A 301 29.28 -11.90 -29.93
CA LEU A 301 30.61 -11.68 -30.50
C LEU A 301 31.10 -10.39 -29.86
N THR A 302 32.31 -10.45 -29.34
CA THR A 302 32.75 -9.46 -28.41
C THR A 302 33.62 -8.35 -29.04
N THR A 303 33.70 -7.27 -28.31
CA THR A 303 34.82 -6.35 -28.42
C THR A 303 36.08 -7.18 -28.23
N VAL A 304 37.11 -6.92 -29.04
CA VAL A 304 38.43 -7.57 -28.85
C VAL A 304 39.60 -6.57 -28.75
N VAL A 305 40.72 -7.07 -28.22
CA VAL A 305 41.95 -6.37 -28.15
C VAL A 305 42.56 -6.51 -29.55
N ASP A 306 42.50 -5.45 -30.32
CA ASP A 306 42.93 -5.45 -31.72
C ASP A 306 44.22 -4.70 -31.96
N GLY A 307 44.70 -3.90 -31.00
CA GLY A 307 45.85 -3.03 -31.20
C GLY A 307 45.60 -1.68 -31.86
N VAL A 308 44.33 -1.32 -32.04
CA VAL A 308 43.94 -0.10 -32.73
C VAL A 308 42.89 0.63 -31.88
N LEU A 309 41.68 0.12 -31.79
CA LEU A 309 40.68 0.63 -30.82
C LEU A 309 41.14 0.42 -29.38
N LEU A 310 41.64 -0.77 -29.10
CA LEU A 310 42.18 -1.13 -27.80
C LEU A 310 43.60 -1.69 -27.95
N PRO A 311 44.63 -0.98 -27.48
CA PRO A 311 46.00 -1.52 -27.55
C PRO A 311 46.27 -2.69 -26.62
N LYS A 312 45.47 -2.79 -25.56
CA LYS A 312 45.60 -3.89 -24.59
C LYS A 312 44.30 -4.09 -23.83
N MET A 313 44.25 -5.08 -22.95
CA MET A 313 43.03 -5.39 -22.23
C MET A 313 42.59 -4.17 -21.38
N PRO A 314 41.28 -4.01 -21.16
CA PRO A 314 40.80 -2.89 -20.29
C PRO A 314 41.44 -2.75 -18.89
N GLU A 315 41.70 -3.87 -18.21
CA GLU A 315 42.38 -3.90 -16.88
C GLU A 315 43.67 -3.13 -16.93
N GLU A 316 44.46 -3.36 -17.99
CA GLU A 316 45.77 -2.75 -18.15
C GLU A 316 45.69 -1.28 -18.58
N ILE A 317 44.68 -0.91 -19.38
CA ILE A 317 44.50 0.51 -19.74
C ILE A 317 44.03 1.30 -18.51
N LEU A 318 43.11 0.74 -17.77
CA LEU A 318 42.62 1.34 -16.54
C LEU A 318 43.77 1.54 -15.52
N ALA A 319 44.56 0.50 -15.27
CA ALA A 319 45.65 0.55 -14.28
C ALA A 319 46.75 1.57 -14.63
N GLU A 320 47.02 1.76 -15.93
CA GLU A 320 48.03 2.72 -16.40
C GLU A 320 47.60 4.18 -16.53
N LYS A 321 46.30 4.45 -16.43
CA LYS A 321 45.74 5.82 -16.23
C LYS A 321 45.85 6.81 -17.39
N ASP A 322 46.23 6.33 -18.57
CA ASP A 322 46.32 7.12 -19.78
C ASP A 322 45.15 6.70 -20.69
N PHE A 323 44.08 7.47 -20.62
CA PHE A 323 42.87 7.24 -21.39
C PHE A 323 42.02 8.50 -21.33
N ASN A 324 40.83 8.51 -21.91
CA ASN A 324 39.99 9.73 -21.94
C ASN A 324 39.30 9.99 -20.56
N THR A 325 40.03 10.70 -19.69
CA THR A 325 39.72 10.85 -18.30
C THR A 325 38.67 11.97 -18.16
N VAL A 326 37.54 11.80 -18.80
CA VAL A 326 36.50 12.82 -18.77
C VAL A 326 35.56 12.54 -17.57
N PRO A 327 34.74 13.53 -17.20
CA PRO A 327 33.68 13.24 -16.22
C PRO A 327 32.77 12.10 -16.66
N TYR A 328 32.45 11.20 -15.73
CA TYR A 328 31.84 9.91 -16.06
C TYR A 328 30.79 9.52 -15.01
N ILE A 329 29.55 9.44 -15.44
CA ILE A 329 28.50 8.83 -14.62
C ILE A 329 28.48 7.34 -14.99
N VAL A 330 28.61 6.45 -14.01
CA VAL A 330 28.48 5.01 -14.19
C VAL A 330 27.36 4.54 -13.26
N GLY A 331 26.32 3.90 -13.79
CA GLY A 331 25.21 3.48 -12.98
C GLY A 331 24.66 2.12 -13.32
N ILE A 332 23.87 1.60 -12.38
CA ILE A 332 23.19 0.31 -12.51
C ILE A 332 21.75 0.44 -12.03
N ASN A 333 20.96 -0.57 -12.33
CA ASN A 333 19.63 -0.68 -11.76
C ASN A 333 19.60 -1.69 -10.60
N LYS A 334 18.58 -1.54 -9.78
CA LYS A 334 18.38 -2.36 -8.60
C LYS A 334 18.39 -3.85 -8.87
N GLN A 335 17.80 -4.23 -9.98
CA GLN A 335 17.58 -5.63 -10.33
C GLN A 335 17.85 -5.83 -11.79
N GLU A 336 19.12 -5.74 -12.16
CA GLU A 336 19.51 -5.85 -13.55
C GLU A 336 19.08 -7.17 -14.20
N PHE A 337 19.03 -8.24 -13.40
CA PHE A 337 18.58 -9.55 -13.92
C PHE A 337 17.17 -9.91 -13.48
N GLY A 338 16.37 -8.91 -13.20
CA GLY A 338 15.03 -9.10 -12.64
C GLY A 338 14.05 -9.88 -13.51
N TRP A 339 13.96 -9.51 -14.77
CA TRP A 339 12.98 -10.10 -15.66
C TRP A 339 13.40 -10.07 -17.14
N LEU A 340 13.67 -8.89 -17.67
CA LEU A 340 13.89 -8.70 -19.12
C LEU A 340 14.96 -9.65 -19.69
N LEU A 341 16.13 -9.70 -19.03
CA LEU A 341 17.28 -10.48 -19.50
C LEU A 341 17.13 -11.97 -19.35
N PRO A 342 16.76 -12.47 -18.16
CA PRO A 342 16.53 -13.89 -18.12
C PRO A 342 15.45 -14.36 -19.12
N THR A 343 14.37 -13.60 -19.28
CA THR A 343 13.33 -13.94 -20.22
C THR A 343 13.88 -13.95 -21.66
N MET A 344 14.48 -12.85 -22.09
CA MET A 344 15.05 -12.72 -23.43
C MET A 344 16.15 -13.75 -23.75
N MET A 345 16.97 -14.09 -22.75
CA MET A 345 17.99 -15.11 -22.92
C MET A 345 17.49 -16.57 -22.79
N GLY A 346 16.23 -16.77 -22.44
CA GLY A 346 15.66 -18.14 -22.28
C GLY A 346 16.10 -18.90 -21.06
N PHE A 347 16.26 -18.22 -19.94
CA PHE A 347 16.56 -18.88 -18.67
C PHE A 347 15.30 -19.64 -18.26
N PRO A 348 15.46 -20.89 -17.82
CA PRO A 348 14.25 -21.68 -17.40
C PRO A 348 13.80 -21.29 -15.98
N LEU A 349 13.21 -20.11 -15.88
CA LEU A 349 12.84 -19.48 -14.63
C LEU A 349 11.46 -18.89 -14.70
N SER A 350 10.56 -19.53 -15.44
CA SER A 350 9.17 -19.10 -15.40
C SER A 350 8.58 -19.58 -14.04
N GLU A 351 9.04 -20.74 -13.53
CA GLU A 351 8.42 -21.47 -12.37
C GLU A 351 7.96 -20.64 -11.18
N GLY A 352 8.62 -19.50 -10.95
CA GLY A 352 8.35 -18.67 -9.74
C GLY A 352 9.08 -19.18 -8.48
N LYS A 353 9.98 -20.15 -8.72
CA LYS A 353 10.46 -21.06 -7.73
C LYS A 353 11.77 -21.69 -8.20
N LEU A 354 12.77 -21.73 -7.33
CA LEU A 354 14.07 -22.27 -7.70
C LEU A 354 14.77 -22.88 -6.51
N ASP A 355 15.33 -24.07 -6.69
CA ASP A 355 16.12 -24.70 -5.62
C ASP A 355 17.60 -24.43 -5.86
N GLN A 356 18.41 -24.73 -4.87
CA GLN A 356 19.82 -24.38 -4.90
C GLN A 356 20.69 -25.23 -5.85
N LYS A 357 20.34 -26.50 -6.09
CA LYS A 357 21.06 -27.33 -7.10
C LYS A 357 20.92 -26.73 -8.50
N THR A 358 19.69 -26.32 -8.84
CA THR A 358 19.36 -25.73 -10.12
C THR A 358 20.01 -24.34 -10.30
N ALA A 359 20.04 -23.53 -9.23
CA ALA A 359 20.72 -22.21 -9.25
C ALA A 359 22.20 -22.34 -9.57
N THR A 360 22.84 -23.31 -8.91
CA THR A 360 24.24 -23.71 -9.16
C THR A 360 24.44 -24.17 -10.60
N SER A 361 23.55 -25.03 -11.09
CA SER A 361 23.55 -25.47 -12.49
C SER A 361 23.36 -24.31 -13.53
N LEU A 362 22.39 -23.43 -13.30
CA LEU A 362 22.21 -22.25 -14.16
C LEU A 362 23.36 -21.25 -14.14
N LEU A 363 24.04 -21.12 -12.99
CA LEU A 363 25.19 -20.22 -12.90
C LEU A 363 26.36 -20.78 -13.69
N TRP A 364 26.53 -22.09 -13.64
CA TRP A 364 27.55 -22.75 -14.49
C TRP A 364 27.27 -22.61 -16.01
N LYS A 365 26.01 -22.81 -16.40
CA LYS A 365 25.64 -22.57 -17.80
C LYS A 365 25.75 -21.12 -18.24
N SER A 366 25.62 -20.18 -17.31
CA SER A 366 25.89 -18.77 -17.58
C SER A 366 27.37 -18.38 -17.70
N TYR A 367 28.29 -19.36 -17.74
CA TYR A 367 29.74 -19.09 -17.87
C TYR A 367 30.16 -18.02 -18.88
N PRO A 368 29.58 -18.04 -20.08
CA PRO A 368 29.92 -16.97 -21.02
C PRO A 368 29.72 -15.51 -20.50
N ILE A 369 28.69 -15.26 -19.70
CA ILE A 369 28.44 -13.91 -19.15
C ILE A 369 28.90 -13.70 -17.72
N ALA A 370 28.99 -14.78 -16.94
CA ALA A 370 29.33 -14.74 -15.51
C ALA A 370 30.78 -15.06 -15.21
N ASN A 371 31.39 -15.91 -16.02
CA ASN A 371 32.80 -16.27 -15.92
C ASN A 371 33.20 -16.89 -14.61
N ILE A 372 32.33 -17.72 -14.05
CA ILE A 372 32.62 -18.42 -12.81
C ILE A 372 32.85 -19.90 -13.10
N PRO A 373 34.06 -20.44 -12.75
CA PRO A 373 34.40 -21.86 -13.07
C PRO A 373 33.47 -22.80 -12.35
N GLU A 374 33.31 -24.00 -12.90
CA GLU A 374 32.34 -24.97 -12.38
C GLU A 374 32.43 -25.24 -10.87
N GLU A 375 33.65 -25.39 -10.36
CA GLU A 375 33.90 -25.81 -8.95
C GLU A 375 33.59 -24.67 -7.96
N LEU A 376 33.70 -23.41 -8.38
CA LEU A 376 33.39 -22.26 -7.51
C LEU A 376 31.94 -21.83 -7.58
N THR A 377 31.16 -22.53 -8.39
CA THR A 377 29.78 -22.15 -8.66
C THR A 377 28.81 -22.46 -7.46
N PRO A 378 28.97 -23.62 -6.75
CA PRO A 378 28.20 -23.80 -5.49
C PRO A 378 28.56 -22.83 -4.35
N VAL A 379 29.80 -22.33 -4.31
CA VAL A 379 30.24 -21.38 -3.30
C VAL A 379 29.50 -20.04 -3.50
N ALA A 380 29.36 -19.60 -4.78
CA ALA A 380 28.59 -18.40 -5.11
C ALA A 380 27.11 -18.48 -4.76
N THR A 381 26.46 -19.58 -5.12
CA THR A 381 25.05 -19.75 -4.80
C THR A 381 24.80 -19.99 -3.31
N ASP A 382 25.70 -20.70 -2.63
CA ASP A 382 25.63 -20.80 -1.18
C ASP A 382 25.71 -19.42 -0.50
N LYS A 383 26.66 -18.60 -0.92
CA LYS A 383 26.78 -17.26 -0.40
C LYS A 383 25.48 -16.46 -0.51
N TYR A 384 24.79 -16.56 -1.64
CA TYR A 384 23.60 -15.70 -1.92
C TYR A 384 22.28 -16.34 -1.50
N LEU A 385 22.17 -17.67 -1.66
CA LEU A 385 20.92 -18.41 -1.41
C LEU A 385 20.92 -19.24 -0.13
N GLY A 386 22.09 -19.50 0.46
CA GLY A 386 22.23 -20.45 1.59
C GLY A 386 21.64 -20.02 2.93
N GLY A 387 21.36 -18.71 3.08
CA GLY A 387 20.67 -18.16 4.23
C GLY A 387 19.14 -18.23 4.26
N THR A 388 18.52 -18.95 3.32
CA THR A 388 17.05 -19.18 3.35
C THR A 388 16.63 -20.55 2.72
N ASP A 389 15.56 -21.13 3.26
CA ASP A 389 14.96 -22.39 2.79
C ASP A 389 13.88 -22.12 1.73
N ASP A 390 13.35 -20.90 1.74
CA ASP A 390 12.22 -20.48 0.89
C ASP A 390 12.63 -20.42 -0.60
N PRO A 391 12.06 -21.32 -1.45
CA PRO A 391 12.46 -21.32 -2.88
C PRO A 391 12.03 -20.08 -3.70
N VAL A 392 10.93 -19.43 -3.32
CA VAL A 392 10.52 -18.16 -3.94
C VAL A 392 11.59 -17.08 -3.69
N LYS A 393 12.11 -17.01 -2.47
CA LYS A 393 13.22 -16.11 -2.12
C LYS A 393 14.55 -16.52 -2.74
N LYS A 394 14.80 -17.83 -2.87
CA LYS A 394 16.01 -18.30 -3.56
C LYS A 394 16.07 -17.79 -5.04
N LYS A 395 14.92 -17.77 -5.72
CA LYS A 395 14.84 -17.34 -7.11
C LYS A 395 15.23 -15.86 -7.17
N ASP A 396 14.55 -15.05 -6.36
CA ASP A 396 14.80 -13.64 -6.30
C ASP A 396 16.29 -13.34 -5.96
N LEU A 397 16.86 -14.10 -5.02
CA LEU A 397 18.28 -13.97 -4.68
C LEU A 397 19.24 -14.44 -5.78
N PHE A 398 18.87 -15.44 -6.56
CA PHE A 398 19.69 -15.88 -7.68
C PHE A 398 19.76 -14.77 -8.75
N LEU A 399 18.64 -14.08 -8.98
CA LEU A 399 18.57 -13.00 -9.92
C LEU A 399 19.40 -11.75 -9.44
N ASP A 400 19.40 -11.48 -8.12
CA ASP A 400 20.37 -10.56 -7.50
C ASP A 400 21.80 -11.03 -7.77
N LEU A 401 22.10 -12.33 -7.61
CA LEU A 401 23.43 -12.89 -7.90
C LEU A 401 23.87 -12.58 -9.33
N MET A 402 23.02 -12.93 -10.30
CA MET A 402 23.32 -12.72 -11.71
C MET A 402 23.52 -11.24 -12.05
N GLY A 403 22.68 -10.38 -11.49
CA GLY A 403 22.83 -8.95 -11.63
C GLY A 403 24.16 -8.45 -11.13
N ASP A 404 24.57 -8.93 -9.98
CA ASP A 404 25.80 -8.47 -9.36
C ASP A 404 26.99 -8.90 -10.19
N VAL A 405 27.05 -10.18 -10.60
CA VAL A 405 28.26 -10.68 -11.24
C VAL A 405 28.43 -10.14 -12.69
N VAL A 406 27.30 -9.96 -13.38
CA VAL A 406 27.27 -9.50 -14.77
C VAL A 406 27.32 -7.97 -14.89
N PHE A 407 26.63 -7.23 -14.01
CA PHE A 407 26.53 -5.76 -14.10
C PHE A 407 27.16 -4.98 -12.94
N GLY A 408 26.72 -5.28 -11.70
CA GLY A 408 27.05 -4.46 -10.53
C GLY A 408 28.52 -4.40 -10.22
N VAL A 409 29.13 -5.56 -10.12
CA VAL A 409 30.55 -5.65 -9.80
C VAL A 409 31.41 -5.01 -10.88
N PRO A 410 31.17 -5.37 -12.15
CA PRO A 410 31.89 -4.71 -13.20
C PRO A 410 31.77 -3.17 -13.17
N SER A 411 30.56 -2.66 -12.96
CA SER A 411 30.34 -1.23 -13.01
C SER A 411 31.13 -0.51 -11.92
N VAL A 412 31.02 -1.01 -10.69
CA VAL A 412 31.76 -0.44 -9.55
C VAL A 412 33.26 -0.53 -9.75
N THR A 413 33.74 -1.70 -10.22
CA THR A 413 35.16 -1.91 -10.49
C THR A 413 35.68 -0.82 -11.47
N VAL A 414 34.94 -0.53 -12.53
CA VAL A 414 35.33 0.49 -13.51
C VAL A 414 35.25 1.94 -12.93
N ALA A 415 34.16 2.27 -12.24
CA ALA A 415 34.03 3.58 -11.62
C ALA A 415 35.21 3.86 -10.71
N ARG A 416 35.59 2.87 -9.89
CA ARG A 416 36.72 3.01 -8.97
C ARG A 416 38.02 3.33 -9.68
N GLN A 417 38.29 2.62 -10.75
CA GLN A 417 39.53 2.85 -11.47
C GLN A 417 39.53 4.18 -12.25
N HIS A 418 38.34 4.60 -12.68
CA HIS A 418 38.18 5.89 -13.33
C HIS A 418 38.42 7.02 -12.34
N ARG A 419 37.79 6.91 -11.17
CA ARG A 419 38.04 7.83 -10.07
C ARG A 419 39.55 7.89 -9.72
N ASP A 420 40.17 6.71 -9.63
CA ASP A 420 41.60 6.62 -9.28
C ASP A 420 42.57 7.10 -10.38
N ALA A 421 42.09 7.30 -11.60
CA ALA A 421 42.86 7.99 -12.63
C ALA A 421 42.77 9.51 -12.52
N GLY A 422 41.94 10.00 -11.59
CA GLY A 422 41.85 11.40 -11.29
C GLY A 422 40.68 12.11 -11.93
N ALA A 423 39.74 11.37 -12.47
CA ALA A 423 38.66 11.98 -13.20
C ALA A 423 37.43 12.11 -12.34
N PRO A 424 36.62 13.15 -12.57
CA PRO A 424 35.34 13.21 -11.85
C PRO A 424 34.41 12.07 -12.21
N THR A 425 33.88 11.39 -11.18
CA THR A 425 33.16 10.16 -11.31
C THR A 425 31.91 10.26 -10.47
N TYR A 426 30.79 9.79 -11.00
CA TYR A 426 29.53 9.72 -10.26
C TYR A 426 28.92 8.34 -10.47
N MET A 427 28.25 7.81 -9.46
CA MET A 427 27.55 6.53 -9.59
C MET A 427 26.10 6.67 -9.19
N TYR A 428 25.23 5.86 -9.78
CA TYR A 428 23.83 5.80 -9.35
C TYR A 428 23.34 4.35 -9.31
N GLU A 429 22.29 4.11 -8.53
CA GLU A 429 21.54 2.89 -8.53
C GLU A 429 20.08 3.29 -8.71
N PHE A 430 19.47 2.87 -9.82
CA PHE A 430 18.13 3.31 -10.20
C PHE A 430 17.11 2.26 -9.79
N GLN A 431 16.10 2.70 -9.08
CA GLN A 431 15.13 1.82 -8.46
C GLN A 431 13.74 2.37 -8.73
N TYR A 432 13.14 1.94 -9.82
CA TYR A 432 11.78 2.32 -10.15
C TYR A 432 11.21 1.36 -11.20
N ARG A 433 9.91 1.09 -11.09
CA ARG A 433 9.19 0.25 -11.97
C ARG A 433 8.35 1.16 -12.86
N PRO A 434 8.74 1.32 -14.14
CA PRO A 434 7.93 2.14 -15.03
C PRO A 434 6.54 1.57 -15.35
N SER A 435 5.56 2.45 -15.51
CA SER A 435 4.19 2.10 -15.98
C SER A 435 4.21 1.57 -17.43
N PHE A 436 5.29 1.83 -18.15
CA PHE A 436 5.46 1.34 -19.54
C PHE A 436 5.96 -0.11 -19.63
N SER A 437 6.24 -0.74 -18.49
CA SER A 437 6.69 -2.13 -18.44
C SER A 437 5.75 -3.05 -19.20
N SER A 438 6.32 -4.15 -19.68
CA SER A 438 5.55 -5.19 -20.35
C SER A 438 4.49 -5.83 -19.39
N ASP A 439 3.34 -6.22 -19.94
CA ASP A 439 2.31 -7.00 -19.20
C ASP A 439 2.86 -8.28 -18.55
N LYS A 440 3.79 -8.95 -19.26
CA LYS A 440 4.41 -10.23 -18.83
C LYS A 440 5.29 -10.10 -17.57
N LYS A 441 5.73 -8.89 -17.26
CA LYS A 441 6.70 -8.65 -16.18
C LYS A 441 5.99 -8.59 -14.84
N PRO A 442 6.47 -9.35 -13.83
CA PRO A 442 5.73 -9.33 -12.56
C PRO A 442 5.79 -7.95 -11.90
N LYS A 443 4.73 -7.64 -11.13
CA LYS A 443 4.62 -6.34 -10.43
C LYS A 443 5.72 -6.09 -9.40
N THR A 444 6.31 -7.17 -8.89
CA THR A 444 7.36 -7.14 -7.82
C THR A 444 8.77 -6.81 -8.33
N VAL A 445 8.99 -6.84 -9.65
CA VAL A 445 10.28 -6.48 -10.27
C VAL A 445 10.40 -4.95 -10.46
N ILE A 446 11.39 -4.36 -9.81
CA ILE A 446 11.55 -2.93 -9.65
C ILE A 446 13.00 -2.64 -10.02
N GLY A 447 13.22 -1.73 -10.96
CA GLY A 447 14.56 -1.41 -11.43
C GLY A 447 15.18 -2.54 -12.23
N ASP A 448 14.39 -3.04 -13.17
CA ASP A 448 14.83 -4.06 -14.08
C ASP A 448 15.82 -3.42 -15.04
N HIS A 449 16.56 -4.27 -15.73
CA HIS A 449 17.36 -3.82 -16.88
C HIS A 449 16.54 -3.00 -17.83
N GLY A 450 17.06 -1.83 -18.18
CA GLY A 450 16.39 -0.92 -19.11
C GLY A 450 15.40 0.07 -18.49
N ASP A 451 15.01 -0.12 -17.25
CA ASP A 451 13.95 0.73 -16.68
C ASP A 451 14.27 2.25 -16.63
N GLU A 452 15.54 2.60 -16.46
CA GLU A 452 15.97 4.02 -16.42
C GLU A 452 15.78 4.74 -17.74
N ILE A 453 15.79 3.99 -18.83
CA ILE A 453 15.63 4.58 -20.15
C ILE A 453 14.34 5.39 -20.25
N PHE A 454 13.26 4.92 -19.64
CA PHE A 454 11.97 5.62 -19.77
C PHE A 454 12.05 7.01 -19.11
N SER A 455 12.84 7.11 -18.03
CA SER A 455 13.06 8.38 -17.35
C SER A 455 14.01 9.28 -18.15
N VAL A 456 15.13 8.71 -18.58
CA VAL A 456 16.18 9.47 -19.29
C VAL A 456 15.65 10.10 -20.59
N PHE A 457 14.82 9.36 -21.32
CA PHE A 457 14.28 9.81 -22.60
C PHE A 457 12.85 10.34 -22.50
N GLY A 458 12.35 10.62 -21.28
CA GLY A 458 11.08 11.35 -21.18
C GLY A 458 9.83 10.65 -21.69
N ALA A 459 9.80 9.32 -21.54
CA ALA A 459 8.64 8.50 -21.93
C ALA A 459 7.29 9.01 -21.39
N PRO A 460 7.23 9.44 -20.11
CA PRO A 460 6.01 10.11 -19.64
C PRO A 460 5.45 11.26 -20.48
N PHE A 461 6.25 11.93 -21.30
CA PHE A 461 5.78 13.05 -22.17
C PHE A 461 5.42 12.64 -23.55
N LEU A 462 5.71 11.40 -23.89
CA LEU A 462 5.50 10.87 -25.22
C LEU A 462 4.48 9.73 -25.32
N ARG A 463 4.21 9.02 -24.24
CA ARG A 463 3.35 7.83 -24.29
C ARG A 463 2.70 7.54 -22.96
N GLY A 464 1.71 6.66 -23.01
CA GLY A 464 1.04 6.12 -21.82
C GLY A 464 0.32 7.17 -21.01
N ASP A 465 0.05 6.84 -19.76
CA ASP A 465 -0.70 7.71 -18.87
C ASP A 465 0.05 7.68 -17.50
N ALA A 466 1.22 8.31 -17.50
CA ALA A 466 2.13 8.18 -16.41
C ALA A 466 1.61 9.02 -15.24
N PRO A 467 1.64 8.46 -14.00
CA PRO A 467 1.23 9.29 -12.82
C PRO A 467 2.28 10.34 -12.49
N GLU A 468 1.90 11.28 -11.65
CA GLU A 468 2.73 12.43 -11.35
C GLU A 468 4.13 12.05 -10.81
N GLU A 469 4.19 11.06 -9.95
CA GLU A 469 5.46 10.53 -9.41
C GLU A 469 6.43 10.14 -10.55
N GLU A 470 5.89 9.54 -11.59
CA GLU A 470 6.69 9.07 -12.71
C GLU A 470 7.09 10.22 -13.65
N VAL A 471 6.16 11.16 -13.85
CA VAL A 471 6.42 12.36 -14.64
C VAL A 471 7.57 13.14 -14.02
N SER A 472 7.55 13.19 -12.72
CA SER A 472 8.45 13.98 -11.92
C SER A 472 9.84 13.34 -11.91
N LEU A 473 9.88 12.03 -11.78
CA LEU A 473 11.13 11.29 -11.81
C LEU A 473 11.84 11.50 -13.17
N SER A 474 11.07 11.45 -14.26
CA SER A 474 11.63 11.72 -15.59
C SER A 474 12.25 13.13 -15.72
N LYS A 475 11.55 14.16 -15.21
CA LYS A 475 12.11 15.52 -15.15
C LYS A 475 13.41 15.62 -14.32
N THR A 476 13.43 14.97 -13.17
CA THR A 476 14.63 14.90 -12.31
C THR A 476 15.80 14.26 -13.04
N VAL A 477 15.57 13.06 -13.62
CA VAL A 477 16.64 12.32 -14.29
C VAL A 477 17.15 13.08 -15.50
N MET A 478 16.26 13.60 -16.31
CA MET A 478 16.64 14.35 -17.51
C MET A 478 17.48 15.58 -17.14
N LYS A 479 17.09 16.27 -16.09
CA LYS A 479 17.78 17.45 -15.64
C LYS A 479 19.20 17.12 -15.08
N PHE A 480 19.32 16.06 -14.28
CA PHE A 480 20.64 15.59 -13.88
C PHE A 480 21.49 15.29 -15.12
N TRP A 481 20.94 14.51 -16.04
CA TRP A 481 21.68 14.06 -17.20
C TRP A 481 22.14 15.29 -18.03
N ALA A 482 21.24 16.26 -18.23
CA ALA A 482 21.57 17.44 -19.05
C ALA A 482 22.47 18.45 -18.33
N ASN A 483 22.33 18.57 -17.01
CA ASN A 483 23.27 19.34 -16.22
C ASN A 483 24.67 18.80 -16.37
N PHE A 484 24.77 17.48 -16.39
CA PHE A 484 26.03 16.79 -16.52
C PHE A 484 26.61 17.02 -17.93
N ALA A 485 25.76 16.94 -18.94
CA ALA A 485 26.17 17.33 -20.31
C ALA A 485 26.70 18.80 -20.37
N ARG A 486 26.01 19.70 -19.66
CA ARG A 486 26.42 21.12 -19.60
C ARG A 486 27.77 21.29 -18.90
N SER A 487 27.93 20.71 -17.70
CA SER A 487 29.04 21.08 -16.80
C SER A 487 30.03 19.99 -16.38
N GLY A 488 29.72 18.73 -16.67
CA GLY A 488 30.42 17.61 -16.06
C GLY A 488 30.01 17.27 -14.63
N ASN A 489 28.91 17.86 -14.17
CA ASN A 489 28.45 17.72 -12.79
C ASN A 489 26.93 17.72 -12.87
N PRO A 490 26.25 16.65 -12.36
CA PRO A 490 24.80 16.58 -12.55
C PRO A 490 23.99 17.52 -11.64
N ASN A 491 24.62 18.08 -10.64
CA ASN A 491 23.90 18.93 -9.65
C ASN A 491 23.37 20.26 -10.18
N GLY A 492 22.29 20.73 -9.57
CA GLY A 492 21.75 22.04 -9.86
C GLY A 492 20.58 22.42 -8.95
N GLU A 493 20.07 23.63 -9.14
CA GLU A 493 18.92 24.15 -8.36
C GLU A 493 17.69 23.19 -8.37
N GLY A 494 17.19 22.95 -7.17
CA GLY A 494 16.00 22.08 -6.95
C GLY A 494 16.11 20.59 -7.21
N LEU A 495 17.33 20.04 -7.20
CA LEU A 495 17.55 18.62 -7.41
C LEU A 495 18.23 18.07 -6.18
N PRO A 496 17.97 16.81 -5.84
CA PRO A 496 18.64 16.25 -4.65
C PRO A 496 20.16 16.28 -4.84
N HIS A 497 20.90 16.33 -3.73
CA HIS A 497 22.34 16.34 -3.83
C HIS A 497 22.87 15.00 -4.33
N TRP A 498 23.69 15.05 -5.37
CA TRP A 498 24.37 13.88 -5.87
C TRP A 498 25.85 14.01 -5.60
N PRO A 499 26.37 13.24 -4.64
CA PRO A 499 27.78 13.42 -4.28
C PRO A 499 28.70 12.80 -5.27
N MET A 500 29.92 13.27 -5.30
CA MET A 500 30.93 12.73 -6.18
C MET A 500 31.29 11.33 -5.67
N TYR A 501 31.63 10.43 -6.59
CA TYR A 501 32.14 9.09 -6.26
C TYR A 501 33.62 9.24 -6.03
N ASP A 502 33.97 9.52 -4.77
CA ASP A 502 35.35 9.75 -4.37
C ASP A 502 35.81 8.56 -3.49
N GLN A 503 36.75 8.76 -2.55
CA GLN A 503 37.20 7.65 -1.67
C GLN A 503 36.10 7.09 -0.73
N GLU A 504 35.14 7.95 -0.39
CA GLU A 504 33.97 7.53 0.38
C GLU A 504 32.85 6.86 -0.45
N GLU A 505 32.98 6.87 -1.78
CA GLU A 505 32.13 6.10 -2.70
C GLU A 505 30.64 6.47 -2.57
N GLY A 506 30.38 7.76 -2.37
CA GLY A 506 29.03 8.29 -2.41
C GLY A 506 28.41 8.02 -3.77
N TYR A 507 27.13 7.67 -3.76
CA TYR A 507 26.35 7.49 -4.94
C TYR A 507 24.90 7.92 -4.71
N LEU A 508 24.14 8.09 -5.79
CA LEU A 508 22.76 8.52 -5.71
C LEU A 508 21.80 7.37 -5.93
N GLN A 509 20.98 7.06 -4.92
CA GLN A 509 19.86 6.12 -5.13
C GLN A 509 18.72 6.88 -5.83
N ILE A 510 18.48 6.60 -7.11
CA ILE A 510 17.44 7.30 -7.85
C ILE A 510 16.17 6.45 -7.82
N GLY A 511 15.04 7.10 -7.51
CA GLY A 511 13.74 6.46 -7.44
C GLY A 511 12.67 7.40 -6.91
N VAL A 512 11.60 6.81 -6.39
CA VAL A 512 10.53 7.61 -5.79
C VAL A 512 11.12 8.50 -4.68
N ASN A 513 12.02 7.91 -3.88
CA ASN A 513 12.78 8.64 -2.87
C ASN A 513 14.25 8.72 -3.27
N THR A 514 14.59 9.81 -3.97
CA THR A 514 15.93 10.03 -4.48
C THR A 514 16.81 10.65 -3.40
N GLN A 515 17.88 9.93 -3.03
CA GLN A 515 18.81 10.41 -2.01
C GLN A 515 20.14 9.67 -1.99
N ALA A 516 21.14 10.35 -1.46
CA ALA A 516 22.51 9.90 -1.41
C ALA A 516 22.68 8.73 -0.48
N ALA A 517 23.62 7.86 -0.80
CA ALA A 517 24.03 6.76 0.07
C ALA A 517 25.51 6.53 -0.16
N LYS A 518 26.09 5.52 0.47
CA LYS A 518 27.52 5.28 0.36
C LYS A 518 27.85 3.84 0.06
N ARG A 519 28.90 3.67 -0.73
CA ARG A 519 29.58 2.41 -0.83
C ARG A 519 28.73 1.36 -1.57
N LEU A 520 28.33 1.70 -2.78
CA LEU A 520 27.52 0.85 -3.64
C LEU A 520 28.20 -0.51 -3.96
N LYS A 521 27.50 -1.59 -3.61
CA LYS A 521 27.97 -2.97 -3.78
C LYS A 521 29.36 -3.27 -3.18
N GLY A 522 29.69 -2.59 -2.10
CA GLY A 522 31.04 -2.68 -1.53
C GLY A 522 31.43 -4.09 -1.12
N GLU A 523 30.52 -4.73 -0.38
CA GLU A 523 30.73 -6.10 0.09
C GLU A 523 30.66 -7.17 -1.04
N GLU A 524 29.78 -6.95 -2.00
CA GLU A 524 29.59 -7.86 -3.12
C GLU A 524 30.83 -7.87 -3.99
N VAL A 525 31.40 -6.69 -4.24
CA VAL A 525 32.69 -6.60 -4.90
C VAL A 525 33.77 -7.36 -4.14
N ALA A 526 33.84 -7.12 -2.84
CA ALA A 526 34.81 -7.80 -2.00
C ALA A 526 34.70 -9.33 -2.15
N PHE A 527 33.48 -9.83 -2.14
CA PHE A 527 33.26 -11.29 -2.23
C PHE A 527 33.65 -11.89 -3.58
N TRP A 528 33.14 -11.26 -4.66
CA TRP A 528 33.41 -11.73 -5.99
C TRP A 528 34.87 -11.67 -6.42
N ASN A 529 35.61 -10.64 -6.01
CA ASN A 529 37.07 -10.57 -6.28
C ASN A 529 37.83 -11.68 -5.53
N ASP A 530 37.46 -11.90 -4.27
CA ASP A 530 38.05 -12.95 -3.45
C ASP A 530 37.76 -14.37 -3.98
N LEU A 531 36.57 -14.58 -4.53
CA LEU A 531 36.19 -15.88 -5.07
C LEU A 531 36.99 -16.22 -6.34
N LEU A 532 37.20 -15.21 -7.19
CA LEU A 532 38.00 -15.34 -8.42
C LEU A 532 39.46 -14.93 -8.22
N SER A 533 39.94 -14.97 -6.98
CA SER A 533 41.28 -14.51 -6.61
C SER A 533 42.41 -15.36 -7.21
N LYS A 534 42.40 -16.66 -6.89
CA LYS A 534 43.38 -17.65 -7.41
C LYS A 534 44.83 -17.28 -7.11
N SER B 5 -17.74 -15.27 37.09
CA SER B 5 -18.14 -16.33 38.06
C SER B 5 -16.95 -17.32 38.22
N PRO B 6 -15.92 -16.93 39.02
CA PRO B 6 -14.65 -17.65 39.04
C PRO B 6 -14.73 -19.18 39.32
N PRO B 7 -13.92 -19.98 38.60
CA PRO B 7 -13.95 -21.43 38.72
C PRO B 7 -13.22 -22.01 39.96
N VAL B 8 -13.91 -22.93 40.64
CA VAL B 8 -13.42 -23.59 41.86
C VAL B 8 -13.37 -25.07 41.58
N VAL B 9 -12.21 -25.66 41.79
CA VAL B 9 -11.95 -27.05 41.43
C VAL B 9 -11.40 -27.79 42.64
N ASP B 10 -11.82 -29.03 42.79
CA ASP B 10 -11.38 -29.86 43.87
C ASP B 10 -10.09 -30.59 43.53
N THR B 11 -9.22 -30.73 44.50
CA THR B 11 -7.98 -31.51 44.33
C THR B 11 -7.93 -32.42 45.51
N ALA B 12 -7.04 -33.38 45.48
CA ALA B 12 -6.89 -34.30 46.60
C ALA B 12 -6.53 -33.62 47.93
N GLN B 13 -5.79 -32.50 47.84
CA GLN B 13 -5.33 -31.77 49.01
C GLN B 13 -6.26 -30.62 49.40
N GLY B 14 -7.26 -30.30 48.57
CA GLY B 14 -8.23 -29.21 48.83
C GLY B 14 -8.63 -28.43 47.59
N ARG B 15 -9.55 -27.48 47.77
CA ARG B 15 -10.09 -26.70 46.68
C ARG B 15 -9.18 -25.55 46.25
N VAL B 16 -9.24 -25.23 44.96
CA VAL B 16 -8.51 -24.10 44.39
C VAL B 16 -9.45 -23.19 43.60
N LEU B 17 -9.15 -21.90 43.64
CA LEU B 17 -9.87 -20.85 42.90
C LEU B 17 -8.96 -20.28 41.82
N GLY B 18 -9.44 -20.27 40.57
CA GLY B 18 -8.70 -19.72 39.42
C GLY B 18 -9.39 -18.49 38.91
N LYS B 19 -9.08 -18.13 37.66
CA LYS B 19 -9.68 -16.98 36.96
C LYS B 19 -9.95 -17.36 35.49
N TYR B 20 -11.06 -16.87 34.91
CA TYR B 20 -11.36 -17.08 33.48
C TYR B 20 -10.65 -15.97 32.71
N VAL B 21 -9.97 -16.34 31.64
CA VAL B 21 -9.24 -15.41 30.79
C VAL B 21 -9.63 -15.70 29.33
N SER B 22 -9.89 -14.63 28.57
CA SER B 22 -10.26 -14.74 27.17
C SER B 22 -9.10 -14.35 26.28
N LEU B 23 -9.02 -15.04 25.15
CA LEU B 23 -8.03 -14.77 24.14
C LEU B 23 -8.72 -14.01 23.01
N GLU B 24 -8.27 -12.76 22.75
CA GLU B 24 -8.74 -11.98 21.59
C GLU B 24 -8.62 -12.73 20.27
N GLY B 25 -9.77 -12.92 19.63
CA GLY B 25 -9.86 -13.74 18.42
C GLY B 25 -10.63 -15.04 18.60
N LEU B 26 -10.67 -15.58 19.81
CA LEU B 26 -11.39 -16.82 20.09
C LEU B 26 -12.49 -16.63 21.14
N ALA B 27 -13.63 -17.29 20.92
CA ALA B 27 -14.76 -17.26 21.85
C ALA B 27 -14.44 -18.03 23.14
N GLN B 28 -13.71 -19.13 22.99
CA GLN B 28 -13.34 -20.06 24.06
C GLN B 28 -12.71 -19.39 25.31
N PRO B 29 -13.44 -19.35 26.46
CA PRO B 29 -12.78 -18.90 27.67
C PRO B 29 -11.92 -20.02 28.26
N VAL B 30 -10.76 -19.64 28.81
CA VAL B 30 -9.81 -20.56 29.41
C VAL B 30 -9.73 -20.32 30.90
N ALA B 31 -9.81 -21.40 31.70
CA ALA B 31 -9.70 -21.28 33.14
C ALA B 31 -8.23 -21.41 33.52
N VAL B 32 -7.73 -20.44 34.27
CA VAL B 32 -6.33 -20.38 34.60
C VAL B 32 -6.18 -20.56 36.12
N PHE B 33 -5.29 -21.46 36.52
CA PHE B 33 -4.96 -21.67 37.91
C PHE B 33 -3.43 -21.47 38.03
N LEU B 34 -3.01 -20.52 38.85
CA LEU B 34 -1.59 -20.18 38.99
C LEU B 34 -1.13 -20.47 40.38
N GLY B 35 -0.02 -21.17 40.49
CA GLY B 35 0.60 -21.41 41.83
C GLY B 35 -0.12 -22.55 42.59
N VAL B 36 -0.47 -23.64 41.90
CA VAL B 36 -1.06 -24.81 42.57
C VAL B 36 0.08 -25.63 43.16
N PRO B 37 0.10 -25.86 44.48
CA PRO B 37 1.17 -26.61 45.06
C PRO B 37 1.01 -28.08 44.70
N PHE B 38 2.10 -28.74 44.32
CA PHE B 38 2.14 -30.18 44.11
C PHE B 38 3.05 -30.95 45.05
N ALA B 39 3.63 -30.29 46.02
CA ALA B 39 4.50 -30.89 46.99
C ALA B 39 4.64 -29.99 48.22
N LYS B 40 5.16 -30.54 49.29
CA LYS B 40 5.48 -29.76 50.43
C LYS B 40 6.70 -28.83 50.14
N PRO B 41 6.71 -27.59 50.65
CA PRO B 41 7.90 -26.73 50.41
C PRO B 41 9.20 -27.32 50.91
N PRO B 42 10.20 -27.46 50.04
CA PRO B 42 11.40 -28.17 50.36
C PRO B 42 12.39 -27.30 51.13
N LEU B 43 12.01 -27.00 52.36
CA LEU B 43 12.72 -26.08 53.20
C LEU B 43 13.42 -26.82 54.32
N GLY B 44 14.50 -26.21 54.85
CA GLY B 44 15.22 -26.81 55.99
C GLY B 44 15.83 -28.17 55.68
N SER B 45 15.40 -29.18 56.41
CA SER B 45 15.93 -30.52 56.23
C SER B 45 15.35 -31.24 54.99
N LEU B 46 14.33 -30.67 54.38
CA LEU B 46 13.83 -31.18 53.12
C LEU B 46 14.64 -30.71 51.93
N ARG B 47 15.63 -29.84 52.13
CA ARG B 47 16.55 -29.54 51.08
C ARG B 47 17.42 -30.73 50.76
N PHE B 48 17.74 -30.90 49.47
CA PHE B 48 18.55 -32.02 49.01
C PHE B 48 17.91 -33.34 49.46
N ALA B 49 16.60 -33.43 49.29
CA ALA B 49 15.87 -34.61 49.66
C ALA B 49 14.72 -34.78 48.66
N PRO B 50 14.20 -36.02 48.54
CA PRO B 50 13.01 -36.20 47.69
C PRO B 50 11.84 -35.28 48.08
N PRO B 51 11.08 -34.80 47.10
CA PRO B 51 9.90 -34.04 47.43
C PRO B 51 8.83 -34.86 48.17
N GLN B 52 8.15 -34.24 49.12
CA GLN B 52 7.06 -34.85 49.86
C GLN B 52 5.73 -34.33 49.37
N PRO B 53 4.64 -35.06 49.63
CA PRO B 53 3.35 -34.50 49.18
C PRO B 53 2.95 -33.26 50.00
N ALA B 54 2.22 -32.36 49.37
CA ALA B 54 1.68 -31.21 50.04
C ALA B 54 0.74 -31.62 51.12
N GLU B 55 0.77 -30.88 52.20
CA GLU B 55 -0.18 -31.05 53.28
C GLU B 55 -1.52 -30.50 52.81
N PRO B 56 -2.61 -31.15 53.19
CA PRO B 56 -3.92 -30.64 52.83
C PRO B 56 -4.33 -29.30 53.51
N TRP B 57 -5.13 -28.52 52.80
CA TRP B 57 -5.61 -27.22 53.25
C TRP B 57 -7.11 -27.23 53.39
N SER B 58 -7.62 -26.49 54.37
CA SER B 58 -9.06 -26.25 54.55
C SER B 58 -9.50 -25.10 53.60
N PHE B 59 -10.77 -24.91 53.37
CA PHE B 59 -11.19 -23.72 52.55
C PHE B 59 -10.67 -23.74 51.13
N VAL B 60 -10.77 -22.61 50.44
CA VAL B 60 -10.44 -22.53 49.02
C VAL B 60 -9.13 -21.77 48.91
N LYS B 61 -8.10 -22.41 48.36
CA LYS B 61 -6.82 -21.76 48.18
C LYS B 61 -6.91 -20.91 46.90
N ASN B 62 -6.53 -19.66 47.05
CA ASN B 62 -6.52 -18.73 45.96
C ASN B 62 -5.33 -19.02 45.04
N THR B 63 -5.58 -19.42 43.80
CA THR B 63 -4.51 -19.74 42.88
C THR B 63 -4.61 -18.80 41.67
N THR B 64 -4.47 -17.49 41.93
CA THR B 64 -4.64 -16.49 40.90
C THR B 64 -3.43 -15.58 40.72
N SER B 65 -2.35 -15.81 41.44
CA SER B 65 -1.13 -15.05 41.18
C SER B 65 0.06 -15.99 40.95
N TYR B 66 0.99 -15.51 40.15
CA TYR B 66 2.11 -16.31 39.76
C TYR B 66 2.89 -16.69 41.01
N PRO B 67 3.27 -17.98 41.10
CA PRO B 67 4.16 -18.37 42.18
C PRO B 67 5.58 -17.91 41.98
N PRO B 68 6.35 -17.87 43.06
CA PRO B 68 7.78 -17.67 42.87
C PRO B 68 8.43 -18.75 42.04
N MET B 69 9.49 -18.39 41.34
CA MET B 69 10.35 -19.37 40.72
C MET B 69 11.33 -19.91 41.75
N CYS B 70 11.95 -21.04 41.46
CA CYS B 70 12.97 -21.58 42.37
C CYS B 70 14.20 -20.65 42.39
N CYS B 71 14.95 -20.70 43.48
CA CYS B 71 16.06 -19.84 43.58
C CYS B 71 17.08 -20.04 42.49
N GLN B 72 17.65 -18.90 42.09
CA GLN B 72 18.54 -18.82 40.98
C GLN B 72 19.09 -17.40 40.97
N ASP B 73 20.13 -17.21 40.21
CA ASP B 73 20.66 -15.90 39.93
C ASP B 73 19.52 -15.00 39.42
N PRO B 74 19.12 -13.98 40.20
CA PRO B 74 17.95 -13.18 39.81
C PRO B 74 18.15 -12.32 38.57
N VAL B 75 19.39 -11.91 38.31
CA VAL B 75 19.69 -11.16 37.08
C VAL B 75 19.50 -12.09 35.88
N ALA B 76 20.16 -13.26 35.91
CA ALA B 76 20.01 -14.22 34.81
C ALA B 76 18.58 -14.75 34.71
N GLY B 77 17.89 -14.87 35.84
CA GLY B 77 16.51 -15.34 35.85
C GLY B 77 15.56 -14.38 35.16
N GLN B 78 15.73 -13.09 35.45
CA GLN B 78 14.93 -12.06 34.80
C GLN B 78 15.20 -12.07 33.27
N MET B 79 16.46 -12.16 32.88
CA MET B 79 16.86 -12.14 31.46
C MET B 79 16.30 -13.35 30.73
N THR B 80 16.39 -14.53 31.34
CA THR B 80 15.84 -15.75 30.74
C THR B 80 14.33 -15.59 30.54
N SER B 81 13.61 -15.08 31.54
CA SER B 81 12.17 -14.88 31.42
C SER B 81 11.84 -13.92 30.26
N ASP B 82 12.54 -12.79 30.20
CA ASP B 82 12.40 -11.81 29.11
C ASP B 82 12.65 -12.37 27.71
N LEU B 83 13.69 -13.19 27.57
CA LEU B 83 14.07 -13.80 26.30
C LEU B 83 13.07 -14.86 25.80
N PHE B 84 12.41 -15.59 26.72
CA PHE B 84 11.63 -16.76 26.36
C PHE B 84 10.11 -16.58 26.49
N THR B 85 9.62 -15.52 27.11
CA THR B 85 8.20 -15.35 27.40
C THR B 85 7.40 -15.08 26.14
N ASN B 86 6.17 -15.57 26.12
CA ASN B 86 5.34 -15.49 24.93
C ASN B 86 4.19 -14.54 25.06
N ARG B 87 4.05 -13.87 26.20
CA ARG B 87 2.96 -12.91 26.42
C ARG B 87 3.47 -11.47 26.41
N LYS B 88 2.54 -10.53 26.42
CA LYS B 88 2.83 -9.11 26.28
C LYS B 88 3.33 -8.50 27.58
N GLU B 89 2.54 -8.75 28.62
CA GLU B 89 2.79 -8.25 29.95
C GLU B 89 4.07 -8.92 30.48
N ARG B 90 5.09 -8.09 30.73
CA ARG B 90 6.40 -8.58 31.15
C ARG B 90 6.35 -9.08 32.60
N LEU B 91 6.77 -10.31 32.81
CA LEU B 91 6.77 -10.89 34.14
C LEU B 91 8.03 -10.50 34.91
N ILE B 92 7.83 -10.04 36.15
CA ILE B 92 8.89 -9.73 37.09
C ILE B 92 8.83 -10.84 38.14
N PRO B 93 9.55 -11.94 37.92
CA PRO B 93 9.43 -13.00 38.87
C PRO B 93 10.03 -12.73 40.22
N GLU B 94 9.41 -13.29 41.26
CA GLU B 94 9.98 -13.48 42.58
C GLU B 94 10.67 -14.86 42.66
N PHE B 95 11.53 -15.03 43.65
CA PHE B 95 12.36 -16.21 43.81
C PHE B 95 12.30 -16.70 45.21
N SER B 96 12.24 -18.03 45.37
CA SER B 96 12.13 -18.63 46.68
C SER B 96 12.47 -20.11 46.61
N GLU B 97 12.92 -20.65 47.74
CA GLU B 97 13.08 -22.07 47.90
C GLU B 97 11.70 -22.75 47.86
N ASP B 98 10.66 -22.04 48.27
CA ASP B 98 9.30 -22.55 48.20
C ASP B 98 8.81 -22.31 46.79
N CYS B 99 9.05 -23.28 45.90
CA CYS B 99 8.77 -23.11 44.49
C CYS B 99 8.13 -24.30 43.76
N LEU B 100 7.66 -25.32 44.48
CA LEU B 100 7.15 -26.49 43.84
C LEU B 100 5.66 -26.28 43.54
N TYR B 101 5.40 -25.53 42.48
CA TYR B 101 4.07 -25.12 42.08
C TYR B 101 3.93 -25.41 40.60
N LEU B 102 2.69 -25.49 40.12
CA LEU B 102 2.45 -25.60 38.71
C LEU B 102 1.30 -24.70 38.35
N ASN B 103 1.24 -24.34 37.08
CA ASN B 103 0.20 -23.47 36.56
C ASN B 103 -0.61 -24.23 35.52
N ILE B 104 -1.91 -24.03 35.50
CA ILE B 104 -2.82 -24.85 34.67
C ILE B 104 -3.65 -23.93 33.80
N TYR B 105 -3.67 -24.24 32.51
CA TYR B 105 -4.53 -23.60 31.55
C TYR B 105 -5.46 -24.64 30.93
N THR B 106 -6.74 -24.57 31.28
CA THR B 106 -7.71 -25.52 30.77
C THR B 106 -8.88 -24.83 30.04
N PRO B 107 -9.16 -25.23 28.80
CA PRO B 107 -10.32 -24.78 28.06
C PRO B 107 -11.53 -25.69 28.24
N ALA B 108 -11.44 -26.72 29.09
CA ALA B 108 -12.55 -27.63 29.32
C ALA B 108 -13.74 -26.99 29.98
N ASP B 109 -14.91 -27.55 29.67
CA ASP B 109 -16.15 -27.27 30.37
C ASP B 109 -16.07 -27.97 31.74
N LEU B 110 -15.83 -27.18 32.80
CA LEU B 110 -15.65 -27.73 34.14
C LEU B 110 -16.91 -28.29 34.83
N THR B 111 -18.09 -28.01 34.26
CA THR B 111 -19.35 -28.59 34.74
C THR B 111 -19.50 -30.02 34.24
N LYS B 112 -18.84 -30.33 33.12
CA LYS B 112 -18.75 -31.70 32.55
C LYS B 112 -17.55 -32.44 33.15
N ARG B 113 -17.34 -33.66 32.70
CA ARG B 113 -16.16 -34.44 33.03
C ARG B 113 -15.33 -34.55 31.74
N GLY B 114 -14.58 -33.49 31.44
CA GLY B 114 -13.74 -33.43 30.24
C GLY B 114 -12.64 -34.49 30.25
N ARG B 115 -12.19 -34.86 29.06
CA ARG B 115 -11.10 -35.79 28.86
C ARG B 115 -10.20 -35.21 27.73
N LEU B 116 -9.74 -33.95 27.92
CA LEU B 116 -8.84 -33.33 26.99
C LEU B 116 -7.43 -33.87 27.16
N PRO B 117 -6.65 -33.94 26.06
CA PRO B 117 -5.24 -34.22 26.21
C PRO B 117 -4.55 -33.15 27.12
N VAL B 118 -3.53 -33.60 27.87
CA VAL B 118 -2.83 -32.78 28.85
C VAL B 118 -1.39 -32.65 28.38
N MET B 119 -0.91 -31.42 28.26
CA MET B 119 0.44 -31.15 27.78
C MET B 119 1.19 -30.48 28.91
N VAL B 120 2.16 -31.20 29.44
CA VAL B 120 2.91 -30.77 30.63
C VAL B 120 4.26 -30.19 30.19
N TRP B 121 4.43 -28.88 30.36
CA TRP B 121 5.63 -28.15 29.91
C TRP B 121 6.71 -28.11 30.97
N ILE B 122 7.92 -28.51 30.58
CA ILE B 122 9.08 -28.50 31.46
C ILE B 122 10.06 -27.47 30.89
N HIS B 123 10.17 -26.32 31.52
CA HIS B 123 11.06 -25.27 31.03
C HIS B 123 12.51 -25.62 31.05
N GLY B 124 13.26 -24.93 30.17
CA GLY B 124 14.74 -24.96 30.17
C GLY B 124 15.40 -23.83 30.95
N GLY B 125 16.72 -23.68 30.73
CA GLY B 125 17.59 -22.84 31.56
C GLY B 125 18.78 -23.57 32.20
N GLY B 126 19.30 -24.58 31.51
CA GLY B 126 20.48 -25.32 31.93
C GLY B 126 20.41 -25.97 33.28
N LEU B 127 19.20 -26.24 33.79
CA LEU B 127 18.98 -26.76 35.13
C LEU B 127 19.46 -25.78 36.20
N VAL B 128 19.64 -24.51 35.86
CA VAL B 128 20.09 -23.49 36.82
C VAL B 128 19.23 -22.24 36.92
N VAL B 129 18.48 -21.89 35.87
CA VAL B 129 17.57 -20.77 35.87
C VAL B 129 16.27 -21.20 35.27
N GLY B 130 15.31 -20.31 35.29
CA GLY B 130 14.05 -20.53 34.60
C GLY B 130 12.89 -20.67 35.57
N GLY B 131 11.68 -20.67 35.02
CA GLY B 131 10.47 -21.01 35.78
C GLY B 131 9.25 -21.09 34.87
N ALA B 132 8.15 -21.52 35.45
CA ALA B 132 6.96 -21.86 34.68
C ALA B 132 6.23 -20.63 34.18
N SER B 133 6.20 -19.59 35.00
CA SER B 133 5.28 -18.47 34.78
C SER B 133 5.67 -17.61 33.59
N THR B 134 6.90 -17.75 33.10
CA THR B 134 7.36 -17.21 31.82
C THR B 134 6.47 -17.61 30.64
N TYR B 135 5.92 -18.82 30.71
CA TYR B 135 5.22 -19.48 29.63
C TYR B 135 3.70 -19.44 29.86
N ASP B 136 3.03 -18.64 29.05
CA ASP B 136 1.56 -18.52 29.05
C ASP B 136 0.96 -19.62 28.14
N GLY B 137 0.20 -20.54 28.74
CA GLY B 137 -0.47 -21.60 28.03
C GLY B 137 -1.79 -21.23 27.38
N LEU B 138 -2.21 -19.98 27.50
CA LEU B 138 -3.51 -19.54 27.04
C LEU B 138 -3.80 -19.79 25.55
N ALA B 139 -2.86 -19.40 24.67
CA ALA B 139 -3.10 -19.55 23.24
C ALA B 139 -3.14 -21.01 22.80
N LEU B 140 -2.22 -21.82 23.31
CA LEU B 140 -2.12 -23.22 22.94
C LEU B 140 -3.38 -23.94 23.42
N ALA B 141 -3.80 -23.66 24.64
CA ALA B 141 -5.00 -24.28 25.16
C ALA B 141 -6.24 -23.92 24.35
N ALA B 142 -6.43 -22.66 24.10
CA ALA B 142 -7.62 -22.19 23.42
C ALA B 142 -7.65 -22.62 21.93
N HIS B 143 -6.51 -22.54 21.22
CA HIS B 143 -6.47 -22.88 19.81
C HIS B 143 -6.58 -24.38 19.56
N GLU B 144 -6.04 -25.22 20.45
CA GLU B 144 -5.97 -26.66 20.21
C GLU B 144 -6.78 -27.55 21.13
N ASN B 145 -7.49 -26.95 22.09
CA ASN B 145 -8.36 -27.67 22.99
C ASN B 145 -7.60 -28.75 23.76
N VAL B 146 -6.53 -28.31 24.41
CA VAL B 146 -5.69 -29.13 25.29
C VAL B 146 -5.53 -28.42 26.63
N VAL B 147 -5.35 -29.19 27.68
CA VAL B 147 -4.98 -28.65 29.00
C VAL B 147 -3.47 -28.47 29.03
N VAL B 148 -3.01 -27.25 29.26
CA VAL B 148 -1.55 -26.98 29.35
C VAL B 148 -1.17 -26.78 30.81
N VAL B 149 -0.17 -27.54 31.26
CA VAL B 149 0.31 -27.49 32.62
C VAL B 149 1.81 -27.15 32.58
N ALA B 150 2.19 -26.00 33.16
CA ALA B 150 3.58 -25.62 33.25
C ALA B 150 4.08 -25.86 34.68
N ILE B 151 5.13 -26.65 34.81
CA ILE B 151 5.59 -27.10 36.14
C ILE B 151 6.86 -26.42 36.52
N GLN B 152 7.15 -26.46 37.81
CA GLN B 152 8.47 -26.04 38.30
C GLN B 152 9.18 -27.15 38.95
N TYR B 153 10.47 -26.96 39.12
CA TYR B 153 11.33 -27.97 39.72
C TYR B 153 12.54 -27.31 40.27
N ARG B 154 13.15 -27.91 41.27
CA ARG B 154 14.30 -27.29 41.87
C ARG B 154 15.47 -27.19 40.93
N LEU B 155 16.19 -26.09 41.04
CA LEU B 155 17.30 -25.75 40.13
C LEU B 155 18.64 -25.62 40.85
N GLY B 156 19.71 -25.79 40.09
CA GLY B 156 21.03 -25.48 40.57
C GLY B 156 21.40 -26.34 41.76
N ILE B 157 22.04 -25.74 42.74
CA ILE B 157 22.43 -26.46 43.93
C ILE B 157 21.25 -27.16 44.58
N TRP B 158 20.13 -26.46 44.70
CA TRP B 158 18.96 -26.95 45.41
C TRP B 158 18.38 -28.17 44.67
N GLY B 159 18.54 -28.15 43.35
CA GLY B 159 17.99 -29.17 42.46
C GLY B 159 18.87 -30.37 42.18
N PHE B 160 20.19 -30.18 42.25
CA PHE B 160 21.14 -31.15 41.73
C PHE B 160 22.35 -31.43 42.56
N PHE B 161 22.46 -30.86 43.76
CA PHE B 161 23.58 -31.22 44.59
C PHE B 161 23.60 -32.71 44.88
N SER B 162 24.73 -33.37 44.58
CA SER B 162 24.94 -34.80 44.83
C SER B 162 26.27 -35.12 45.48
N THR B 163 26.25 -35.96 46.51
CA THR B 163 27.47 -36.50 47.12
C THR B 163 27.84 -37.83 46.47
N GLY B 164 27.06 -38.29 45.49
CA GLY B 164 27.31 -39.57 44.83
C GLY B 164 26.99 -40.79 45.66
N ASP B 165 26.22 -40.62 46.73
CA ASP B 165 25.81 -41.73 47.60
C ASP B 165 24.45 -41.44 48.27
N GLU B 166 24.03 -42.26 49.22
CA GLU B 166 22.69 -42.18 49.81
C GLU B 166 22.35 -40.92 50.60
N HIS B 167 23.37 -40.20 51.05
CA HIS B 167 23.13 -39.05 51.88
C HIS B 167 22.69 -37.84 51.07
N SER B 168 23.01 -37.83 49.79
CA SER B 168 22.45 -36.85 48.86
C SER B 168 22.65 -37.39 47.43
N ARG B 169 21.71 -38.24 47.00
CA ARG B 169 21.81 -38.93 45.70
C ARG B 169 21.91 -37.99 44.50
N GLY B 170 21.09 -36.96 44.52
CA GLY B 170 21.02 -35.95 43.46
C GLY B 170 19.67 -36.00 42.80
N ASN B 171 19.55 -35.32 41.67
CA ASN B 171 18.37 -35.36 40.83
C ASN B 171 17.11 -34.82 41.45
N TRP B 172 17.23 -33.93 42.43
CA TRP B 172 16.05 -33.43 43.14
C TRP B 172 15.05 -32.81 42.21
N GLY B 173 15.53 -32.07 41.24
CA GLY B 173 14.66 -31.43 40.28
C GLY B 173 13.92 -32.41 39.39
N HIS B 174 14.56 -33.52 39.03
CA HIS B 174 13.89 -34.54 38.28
C HIS B 174 12.89 -35.27 39.15
N LEU B 175 13.21 -35.53 40.41
CA LEU B 175 12.20 -36.10 41.33
C LEU B 175 11.01 -35.17 41.52
N ASP B 176 11.22 -33.86 41.48
CA ASP B 176 10.11 -32.89 41.52
C ASP B 176 9.22 -32.97 40.24
N GLN B 177 9.86 -33.15 39.09
CA GLN B 177 9.15 -33.32 37.82
C GLN B 177 8.26 -34.55 37.91
N VAL B 178 8.82 -35.63 38.43
CA VAL B 178 8.07 -36.86 38.67
C VAL B 178 6.92 -36.61 39.61
N ALA B 179 7.16 -35.90 40.71
CA ALA B 179 6.07 -35.63 41.67
C ALA B 179 4.97 -34.82 41.04
N ALA B 180 5.34 -33.91 40.14
CA ALA B 180 4.33 -33.14 39.42
C ALA B 180 3.50 -34.01 38.50
N LEU B 181 4.15 -34.96 37.84
CA LEU B 181 3.44 -35.91 37.02
C LEU B 181 2.49 -36.84 37.82
N HIS B 182 2.90 -37.28 39.01
CA HIS B 182 1.99 -38.00 39.94
C HIS B 182 0.80 -37.11 40.29
N TRP B 183 1.08 -35.83 40.50
CA TRP B 183 -0.02 -34.93 40.87
C TRP B 183 -1.06 -34.83 39.75
N VAL B 184 -0.57 -34.73 38.52
CA VAL B 184 -1.40 -34.70 37.32
C VAL B 184 -2.26 -35.98 37.21
N GLN B 185 -1.67 -37.15 37.46
CA GLN B 185 -2.47 -38.42 37.47
C GLN B 185 -3.61 -38.36 38.44
N GLU B 186 -3.31 -37.99 39.67
CA GLU B 186 -4.31 -37.96 40.74
C GLU B 186 -5.37 -36.85 40.53
N ASN B 187 -5.03 -35.71 39.91
CA ASN B 187 -5.91 -34.54 39.96
C ASN B 187 -6.31 -33.89 38.67
N ILE B 188 -5.71 -34.21 37.54
CA ILE B 188 -6.00 -33.42 36.34
C ILE B 188 -7.42 -33.64 35.78
N ALA B 189 -8.08 -34.75 36.15
CA ALA B 189 -9.45 -35.01 35.69
C ALA B 189 -10.36 -33.92 36.20
N ASN B 190 -10.09 -33.35 37.36
CA ASN B 190 -10.98 -32.28 37.87
C ASN B 190 -10.78 -30.97 37.14
N PHE B 191 -9.72 -30.86 36.35
CA PHE B 191 -9.50 -29.75 35.43
C PHE B 191 -9.82 -30.06 33.94
N GLY B 192 -10.57 -31.14 33.71
CA GLY B 192 -11.00 -31.53 32.39
C GLY B 192 -9.96 -32.21 31.58
N GLY B 193 -8.91 -32.70 32.23
CA GLY B 193 -7.84 -33.39 31.53
C GLY B 193 -8.04 -34.89 31.61
N ASP B 194 -7.54 -35.60 30.60
CA ASP B 194 -7.50 -37.06 30.59
C ASP B 194 -6.14 -37.54 31.14
N PRO B 195 -6.11 -38.11 32.35
CA PRO B 195 -4.84 -38.64 32.88
C PRO B 195 -4.25 -39.81 32.06
N GLY B 196 -5.07 -40.51 31.27
CA GLY B 196 -4.58 -41.48 30.28
C GLY B 196 -3.97 -40.90 29.01
N SER B 197 -3.84 -39.57 28.94
CA SER B 197 -3.30 -38.92 27.75
C SER B 197 -2.52 -37.64 28.11
N VAL B 198 -1.30 -37.86 28.53
CA VAL B 198 -0.44 -36.83 29.09
C VAL B 198 0.79 -36.79 28.18
N THR B 199 1.09 -35.62 27.60
CA THR B 199 2.28 -35.44 26.82
C THR B 199 3.19 -34.58 27.64
N ILE B 200 4.43 -35.02 27.86
CA ILE B 200 5.44 -34.16 28.42
C ILE B 200 6.22 -33.51 27.29
N PHE B 201 6.42 -32.20 27.41
CA PHE B 201 7.23 -31.48 26.45
C PHE B 201 8.07 -30.40 27.11
N GLY B 202 9.22 -30.12 26.51
CA GLY B 202 10.17 -29.20 27.10
C GLY B 202 11.28 -28.82 26.17
N GLU B 203 11.94 -27.74 26.48
CA GLU B 203 12.96 -27.18 25.62
C GLU B 203 14.27 -27.00 26.37
N SER B 204 15.36 -27.28 25.67
CA SER B 204 16.73 -27.14 26.21
C SER B 204 16.92 -28.08 27.40
N ALA B 205 17.24 -27.60 28.59
CA ALA B 205 17.29 -28.48 29.76
C ALA B 205 15.92 -29.16 30.08
N GLY B 206 14.82 -28.54 29.67
CA GLY B 206 13.51 -29.15 29.79
C GLY B 206 13.34 -30.32 28.81
N GLY B 207 13.98 -30.21 27.63
CA GLY B 207 14.08 -31.30 26.69
C GLY B 207 14.96 -32.41 27.18
N GLU B 208 16.09 -32.06 27.79
CA GLU B 208 16.91 -33.06 28.48
C GLU B 208 16.12 -33.77 29.55
N SER B 209 15.32 -33.02 30.28
CA SER B 209 14.47 -33.58 31.35
C SER B 209 13.45 -34.57 30.79
N VAL B 210 12.78 -34.20 29.68
CA VAL B 210 11.85 -35.07 29.02
C VAL B 210 12.57 -36.36 28.62
N SER B 211 13.73 -36.24 28.02
CA SER B 211 14.55 -37.39 27.62
C SER B 211 14.90 -38.27 28.82
N VAL B 212 15.23 -37.65 29.94
CA VAL B 212 15.56 -38.42 31.17
C VAL B 212 14.33 -39.13 31.71
N LEU B 213 13.18 -38.49 31.62
CA LEU B 213 11.94 -39.10 32.06
C LEU B 213 11.55 -40.25 31.18
N VAL B 214 11.80 -40.14 29.90
CA VAL B 214 11.61 -41.26 28.98
C VAL B 214 12.44 -42.49 29.38
N LEU B 215 13.65 -42.26 29.87
CA LEU B 215 14.54 -43.34 30.29
C LEU B 215 14.28 -43.87 31.69
N SER B 216 13.54 -43.14 32.52
CA SER B 216 13.51 -43.42 33.95
C SER B 216 12.42 -44.43 34.31
N PRO B 217 12.77 -45.46 35.08
CA PRO B 217 11.67 -46.33 35.54
C PRO B 217 10.72 -45.65 36.52
N LEU B 218 11.14 -44.57 37.17
CA LEU B 218 10.23 -43.81 38.06
C LEU B 218 9.08 -43.14 37.35
N ALA B 219 9.24 -42.85 36.07
CA ALA B 219 8.23 -42.15 35.31
C ALA B 219 7.29 -43.06 34.49
N LYS B 220 7.41 -44.37 34.64
CA LYS B 220 6.57 -45.33 33.95
C LYS B 220 5.07 -45.12 34.21
N ASN B 221 4.29 -45.14 33.14
CA ASN B 221 2.84 -44.85 33.17
C ASN B 221 2.41 -43.45 33.62
N LEU B 222 3.33 -42.49 33.67
CA LEU B 222 3.00 -41.10 34.05
C LEU B 222 2.84 -40.17 32.86
N PHE B 223 3.22 -40.63 31.68
CA PHE B 223 2.98 -39.91 30.46
C PHE B 223 2.90 -40.88 29.26
N HIS B 224 2.28 -40.43 28.18
CA HIS B 224 2.02 -41.25 27.01
C HIS B 224 2.58 -40.75 25.69
N ARG B 225 3.13 -39.53 25.67
CA ARG B 225 3.87 -38.97 24.56
C ARG B 225 4.93 -38.08 25.12
N ALA B 226 5.98 -37.87 24.34
CA ALA B 226 7.07 -36.99 24.71
C ALA B 226 7.49 -36.08 23.55
N ILE B 227 7.94 -34.85 23.88
CA ILE B 227 8.50 -33.95 22.91
C ILE B 227 9.73 -33.27 23.53
N SER B 228 10.91 -33.52 22.96
CA SER B 228 12.14 -32.85 23.32
C SER B 228 12.53 -31.84 22.27
N GLU B 229 12.38 -30.55 22.61
CA GLU B 229 12.78 -29.44 21.75
C GLU B 229 14.19 -28.99 22.15
N SER B 230 15.17 -29.18 21.26
CA SER B 230 16.52 -28.69 21.48
C SER B 230 17.17 -29.21 22.76
N GLY B 231 16.95 -30.49 23.05
CA GLY B 231 17.63 -31.08 24.19
C GLY B 231 17.19 -32.50 24.47
N VAL B 232 18.17 -33.39 24.63
CA VAL B 232 17.97 -34.78 25.07
C VAL B 232 19.02 -35.13 26.14
N ALA B 233 19.04 -36.39 26.59
CA ALA B 233 19.98 -36.84 27.64
C ALA B 233 21.45 -36.62 27.34
N PHE B 234 21.85 -36.79 26.09
CA PHE B 234 23.24 -36.54 25.69
C PHE B 234 23.65 -35.07 25.45
N THR B 235 22.69 -34.14 25.51
CA THR B 235 22.91 -32.73 25.22
C THR B 235 23.75 -32.08 26.29
N ALA B 236 24.81 -31.41 25.83
CA ALA B 236 25.68 -30.55 26.69
C ALA B 236 26.28 -31.29 27.93
N GLY B 237 26.44 -32.61 27.85
CA GLY B 237 26.87 -33.41 29.00
C GLY B 237 26.08 -33.12 30.26
N LEU B 238 24.78 -32.83 30.10
CA LEU B 238 23.89 -32.62 31.23
C LEU B 238 23.59 -33.90 32.04
N VAL B 239 24.04 -35.07 31.60
CA VAL B 239 23.99 -36.30 32.38
C VAL B 239 25.39 -36.85 32.60
N ARG B 240 25.78 -37.06 33.85
CA ARG B 240 27.11 -37.62 34.19
C ARG B 240 27.01 -38.74 35.15
N LYS B 241 28.09 -39.51 35.23
CA LYS B 241 28.18 -40.62 36.16
C LYS B 241 28.23 -40.13 37.62
N ASP B 242 28.86 -38.99 37.85
CA ASP B 242 29.09 -38.46 39.20
C ASP B 242 29.32 -36.96 39.14
N MET B 243 29.54 -36.37 40.30
CA MET B 243 29.70 -34.93 40.45
C MET B 243 30.85 -34.59 41.49
N LYS B 244 31.81 -35.50 41.65
CA LYS B 244 32.84 -35.40 42.70
C LYS B 244 33.55 -34.04 42.69
N ALA B 245 33.93 -33.58 41.50
CA ALA B 245 34.77 -32.40 41.39
C ALA B 245 33.97 -31.13 41.66
N ALA B 246 32.76 -31.04 41.12
CA ALA B 246 31.94 -29.88 41.36
C ALA B 246 31.50 -29.79 42.80
N ALA B 247 31.24 -30.95 43.42
CA ALA B 247 30.92 -31.00 44.86
C ALA B 247 32.04 -30.52 45.74
N LYS B 248 33.27 -30.89 45.43
CA LYS B 248 34.47 -30.31 46.10
C LYS B 248 34.54 -28.78 46.01
N GLN B 249 34.27 -28.23 44.82
CA GLN B 249 34.28 -26.76 44.63
C GLN B 249 33.21 -26.11 45.49
N ILE B 250 32.03 -26.75 45.55
CA ILE B 250 30.94 -26.22 46.39
C ILE B 250 31.39 -26.18 47.85
N ALA B 251 32.05 -27.25 48.29
CA ALA B 251 32.47 -27.36 49.70
C ALA B 251 33.45 -26.27 50.09
N VAL B 252 34.41 -26.03 49.23
CA VAL B 252 35.38 -24.95 49.43
C VAL B 252 34.67 -23.58 49.47
N LEU B 253 33.82 -23.28 48.50
CA LEU B 253 33.06 -22.02 48.54
C LEU B 253 32.15 -21.85 49.76
N ALA B 254 31.53 -22.93 50.20
CA ALA B 254 30.58 -22.87 51.30
C ALA B 254 31.20 -22.93 52.68
N GLY B 255 32.50 -23.24 52.77
CA GLY B 255 33.15 -23.47 54.04
C GLY B 255 32.66 -24.73 54.76
N CYS B 256 32.34 -25.79 54.03
CA CYS B 256 31.80 -27.05 54.59
C CYS B 256 32.89 -28.10 54.64
N LYS B 257 33.01 -28.79 55.75
CA LYS B 257 33.90 -29.93 55.82
C LYS B 257 33.33 -31.06 54.94
N THR B 258 34.22 -31.78 54.24
CA THR B 258 33.85 -32.97 53.51
C THR B 258 34.35 -34.29 54.16
N THR B 259 34.57 -34.29 55.46
CA THR B 259 35.03 -35.47 56.20
C THR B 259 34.20 -36.70 55.81
N THR B 260 32.88 -36.54 55.77
CA THR B 260 31.98 -37.54 55.23
C THR B 260 30.89 -36.84 54.41
N SER B 261 30.21 -37.58 53.55
CA SER B 261 29.05 -37.07 52.86
C SER B 261 27.96 -36.55 53.79
N ALA B 262 27.65 -37.27 54.87
CA ALA B 262 26.52 -36.85 55.71
C ALA B 262 26.83 -35.47 56.28
N VAL B 263 28.05 -35.31 56.76
CA VAL B 263 28.46 -34.06 57.40
C VAL B 263 28.37 -32.93 56.37
N PHE B 264 28.81 -33.17 55.15
CA PHE B 264 28.78 -32.21 54.10
C PHE B 264 27.34 -31.78 53.82
N VAL B 265 26.44 -32.71 53.52
CA VAL B 265 25.06 -32.34 53.26
C VAL B 265 24.37 -31.68 54.45
N HIS B 266 24.66 -32.13 55.65
CA HIS B 266 24.12 -31.49 56.84
C HIS B 266 24.56 -30.00 56.93
N CYS B 267 25.82 -29.72 56.61
CA CYS B 267 26.35 -28.36 56.69
C CYS B 267 25.62 -27.52 55.64
N LEU B 268 25.46 -28.00 54.41
CA LEU B 268 24.66 -27.27 53.45
C LEU B 268 23.20 -27.04 53.84
N ARG B 269 22.58 -27.98 54.58
CA ARG B 269 21.21 -27.81 55.05
C ARG B 269 21.03 -26.74 56.09
N GLN B 270 22.09 -26.34 56.78
CA GLN B 270 22.02 -25.30 57.79
C GLN B 270 22.18 -23.91 57.17
N LYS B 271 22.64 -23.82 55.93
CA LYS B 271 22.82 -22.55 55.24
C LYS B 271 21.47 -21.87 55.01
N SER B 272 21.47 -20.57 54.99
CA SER B 272 20.23 -19.81 54.66
C SER B 272 20.07 -19.78 53.14
N GLU B 273 18.89 -19.41 52.68
CA GLU B 273 18.66 -19.20 51.26
C GLU B 273 19.68 -18.19 50.66
N ASP B 274 19.86 -17.06 51.32
CA ASP B 274 20.89 -16.06 50.90
C ASP B 274 22.29 -16.62 50.78
N GLU B 275 22.75 -17.39 51.78
CA GLU B 275 24.05 -18.02 51.67
C GLU B 275 24.15 -18.96 50.46
N LEU B 276 23.09 -19.73 50.17
CA LEU B 276 23.12 -20.64 48.99
C LEU B 276 23.05 -19.90 47.66
N LEU B 277 22.31 -18.79 47.68
CA LEU B 277 22.30 -17.91 46.54
C LEU B 277 23.69 -17.30 46.24
N ASP B 278 24.34 -16.80 47.27
CA ASP B 278 25.69 -16.31 47.12
C ASP B 278 26.66 -17.39 46.61
N LEU B 279 26.56 -18.60 47.15
CA LEU B 279 27.33 -19.72 46.65
C LEU B 279 27.02 -19.98 45.17
N THR B 280 25.74 -19.85 44.81
CA THR B 280 25.34 -19.96 43.42
C THR B 280 26.09 -18.95 42.51
N LEU B 281 26.10 -17.68 42.90
CA LEU B 281 26.73 -16.65 42.07
C LEU B 281 28.20 -16.96 41.92
N LYS B 282 28.85 -17.44 42.99
CA LYS B 282 30.27 -17.80 42.95
C LYS B 282 30.66 -18.99 42.10
N MET B 283 29.75 -19.93 41.90
CA MET B 283 29.99 -21.02 40.95
C MET B 283 30.01 -20.57 39.47
N LYS B 284 29.41 -19.43 39.18
CA LYS B 284 29.38 -18.92 37.81
C LYS B 284 28.82 -19.95 36.80
N PHE B 285 27.63 -20.42 37.11
CA PHE B 285 26.94 -21.32 36.19
C PHE B 285 26.60 -20.64 34.85
N PHE B 286 26.43 -21.46 33.82
CA PHE B 286 25.91 -21.03 32.51
C PHE B 286 26.91 -20.07 31.89
N ALA B 287 28.22 -20.26 32.14
CA ALA B 287 29.29 -19.35 31.67
C ALA B 287 30.57 -20.12 31.30
N LEU B 288 31.16 -19.75 30.18
CA LEU B 288 32.36 -20.40 29.67
C LEU B 288 33.55 -19.89 30.49
N ASP B 289 34.31 -20.81 31.07
CA ASP B 289 35.53 -20.51 31.81
C ASP B 289 36.64 -20.30 30.78
N LEU B 290 37.11 -19.07 30.64
CA LEU B 290 38.12 -18.71 29.67
C LEU B 290 39.56 -18.91 30.13
N HIS B 291 39.79 -19.02 31.44
CA HIS B 291 41.18 -18.99 32.00
C HIS B 291 41.61 -20.34 32.58
N GLY B 292 40.72 -20.97 33.33
CA GLY B 292 41.03 -22.22 34.03
C GLY B 292 41.13 -23.43 33.13
N ASP B 293 41.38 -24.57 33.75
CA ASP B 293 41.42 -25.88 33.09
C ASP B 293 39.99 -26.29 32.65
N PRO B 294 39.77 -26.60 31.34
CA PRO B 294 38.41 -26.91 30.88
C PRO B 294 37.88 -28.24 31.42
N ARG B 295 38.78 -29.19 31.73
CA ARG B 295 38.39 -30.41 32.46
C ARG B 295 37.81 -30.17 33.90
N GLU B 296 38.13 -29.03 34.54
CA GLU B 296 37.66 -28.68 35.87
C GLU B 296 36.55 -27.61 35.89
N SER B 297 35.99 -27.30 34.73
CA SER B 297 34.91 -26.33 34.65
C SER B 297 33.54 -27.02 34.69
N HIS B 298 32.59 -26.42 35.41
CA HIS B 298 31.30 -27.03 35.71
C HIS B 298 30.19 -26.03 35.65
N PRO B 299 29.82 -25.62 34.43
CA PRO B 299 28.84 -24.54 34.28
C PRO B 299 27.40 -24.96 34.52
N PHE B 300 27.18 -26.26 34.73
CA PHE B 300 25.89 -26.78 35.13
C PHE B 300 26.16 -27.80 36.20
N LEU B 301 25.25 -27.93 37.15
CA LEU B 301 25.24 -29.13 37.95
C LEU B 301 24.33 -30.06 37.18
N THR B 302 24.72 -31.31 37.05
CA THR B 302 24.08 -32.22 36.13
C THR B 302 23.10 -33.20 36.77
N THR B 303 22.21 -33.73 35.93
CA THR B 303 21.59 -35.00 36.17
C THR B 303 22.71 -36.00 36.44
N VAL B 304 22.54 -36.87 37.44
CA VAL B 304 23.47 -37.95 37.70
C VAL B 304 22.82 -39.35 37.73
N VAL B 305 23.68 -40.38 37.58
CA VAL B 305 23.30 -41.77 37.70
C VAL B 305 23.24 -42.06 39.22
N ASP B 306 22.05 -42.09 39.77
CA ASP B 306 21.83 -42.17 41.23
C ASP B 306 21.34 -43.55 41.67
N GLY B 307 20.97 -44.41 40.72
CA GLY B 307 20.35 -45.72 41.02
C GLY B 307 18.87 -45.72 41.34
N VAL B 308 18.19 -44.60 41.13
CA VAL B 308 16.79 -44.42 41.49
C VAL B 308 16.06 -43.82 40.28
N LEU B 309 16.29 -42.56 39.98
CA LEU B 309 15.82 -41.98 38.72
C LEU B 309 16.45 -42.67 37.50
N LEU B 310 17.75 -42.88 37.56
CA LEU B 310 18.52 -43.51 36.49
C LEU B 310 19.36 -44.62 37.08
N PRO B 311 19.04 -45.89 36.75
CA PRO B 311 19.83 -47.00 37.30
C PRO B 311 21.20 -47.12 36.69
N LYS B 312 21.37 -46.57 35.48
CA LYS B 312 22.65 -46.58 34.79
C LYS B 312 22.71 -45.45 33.78
N MET B 313 23.86 -45.31 33.10
CA MET B 313 24.04 -44.21 32.14
C MET B 313 23.00 -44.31 31.00
N PRO B 314 22.60 -43.18 30.41
CA PRO B 314 21.63 -43.20 29.31
C PRO B 314 21.99 -44.11 28.12
N GLU B 315 23.27 -44.18 27.75
CA GLU B 315 23.77 -45.06 26.66
C GLU B 315 23.33 -46.49 26.88
N GLU B 316 23.47 -46.96 28.12
CA GLU B 316 23.15 -48.32 28.49
C GLU B 316 21.65 -48.54 28.60
N ILE B 317 20.88 -47.54 29.03
CA ILE B 317 19.42 -47.72 29.12
C ILE B 317 18.86 -47.75 27.69
N LEU B 318 19.36 -46.86 26.84
CA LEU B 318 18.97 -46.82 25.43
C LEU B 318 19.30 -48.14 24.69
N ALA B 319 20.52 -48.64 24.84
CA ALA B 319 20.95 -49.89 24.19
C ALA B 319 20.14 -51.12 24.64
N GLU B 320 19.71 -51.14 25.90
CA GLU B 320 18.93 -52.28 26.47
C GLU B 320 17.42 -52.26 26.23
N LYS B 321 16.90 -51.15 25.72
CA LYS B 321 15.52 -51.06 25.16
C LYS B 321 14.34 -51.22 26.10
N ASP B 322 14.61 -51.21 27.40
CA ASP B 322 13.59 -51.27 28.45
C ASP B 322 13.51 -49.85 29.08
N PHE B 323 12.56 -49.07 28.59
CA PHE B 323 12.32 -47.73 29.06
C PHE B 323 10.96 -47.28 28.54
N ASN B 324 10.54 -46.05 28.78
CA ASN B 324 9.18 -45.61 28.42
C ASN B 324 9.09 -45.30 26.95
N THR B 325 8.78 -46.34 26.20
CA THR B 325 8.90 -46.36 24.74
C THR B 325 7.64 -45.73 24.13
N VAL B 326 7.38 -44.49 24.47
CA VAL B 326 6.19 -43.81 24.00
C VAL B 326 6.50 -43.11 22.71
N PRO B 327 5.45 -42.70 21.98
CA PRO B 327 5.74 -41.78 20.85
C PRO B 327 6.53 -40.54 21.26
N TYR B 328 7.51 -40.17 20.44
CA TYR B 328 8.50 -39.17 20.80
C TYR B 328 8.85 -38.29 19.61
N ILE B 329 8.57 -36.99 19.72
CA ILE B 329 9.08 -35.99 18.78
C ILE B 329 10.40 -35.49 19.36
N VAL B 330 11.49 -35.55 18.57
CA VAL B 330 12.79 -35.00 18.98
C VAL B 330 13.19 -34.02 17.91
N GLY B 331 13.43 -32.76 18.26
CA GLY B 331 13.79 -31.76 17.28
C GLY B 331 14.85 -30.79 17.68
N ILE B 332 15.40 -30.11 16.69
CA ILE B 332 16.43 -29.08 16.86
C ILE B 332 16.11 -27.88 16.00
N ASN B 333 16.79 -26.80 16.26
CA ASN B 333 16.72 -25.61 15.42
C ASN B 333 17.96 -25.48 14.54
N LYS B 334 17.78 -24.74 13.46
CA LYS B 334 18.78 -24.59 12.41
C LYS B 334 20.11 -24.16 12.93
N GLN B 335 20.10 -23.25 13.91
CA GLN B 335 21.32 -22.60 14.42
C GLN B 335 21.25 -22.51 15.92
N GLU B 336 21.34 -23.67 16.57
CA GLU B 336 21.22 -23.74 18.02
C GLU B 336 22.22 -22.85 18.78
N PHE B 337 23.42 -22.65 18.20
CA PHE B 337 24.45 -21.81 18.79
C PHE B 337 24.59 -20.49 18.03
N GLY B 338 23.51 -20.05 17.40
CA GLY B 338 23.53 -18.83 16.58
C GLY B 338 23.87 -17.54 17.30
N TRP B 339 23.21 -17.29 18.43
CA TRP B 339 23.34 -15.98 19.13
C TRP B 339 23.08 -16.09 20.64
N LEU B 340 21.88 -16.56 21.01
CA LEU B 340 21.45 -16.54 22.44
C LEU B 340 22.46 -17.18 23.39
N LEU B 341 22.90 -18.40 23.07
CA LEU B 341 23.78 -19.17 23.93
C LEU B 341 25.20 -18.67 23.99
N PRO B 342 25.86 -18.43 22.85
CA PRO B 342 27.21 -17.86 22.97
C PRO B 342 27.25 -16.51 23.66
N THR B 343 26.25 -15.66 23.43
CA THR B 343 26.10 -14.42 24.17
C THR B 343 25.91 -14.67 25.68
N MET B 344 24.88 -15.43 26.03
CA MET B 344 24.57 -15.72 27.46
C MET B 344 25.73 -16.40 28.20
N MET B 345 26.49 -17.27 27.51
CA MET B 345 27.64 -17.97 28.07
C MET B 345 28.95 -17.21 28.04
N GLY B 346 28.95 -16.02 27.46
CA GLY B 346 30.13 -15.16 27.46
C GLY B 346 31.24 -15.65 26.54
N PHE B 347 30.88 -16.21 25.39
CA PHE B 347 31.88 -16.60 24.37
C PHE B 347 32.44 -15.29 23.80
N PRO B 348 33.78 -15.18 23.63
CA PRO B 348 34.40 -13.92 23.16
C PRO B 348 34.26 -13.82 21.64
N LEU B 349 33.02 -13.59 21.22
CA LEU B 349 32.61 -13.66 19.82
C LEU B 349 31.76 -12.46 19.45
N SER B 350 32.01 -11.30 20.06
CA SER B 350 31.30 -10.08 19.67
C SER B 350 31.94 -9.54 18.38
N GLU B 351 33.25 -9.77 18.22
CA GLU B 351 34.04 -9.31 17.07
C GLU B 351 33.43 -9.37 15.65
N GLY B 352 32.55 -10.33 15.38
CA GLY B 352 32.00 -10.55 14.03
C GLY B 352 32.92 -11.39 13.16
N LYS B 353 33.94 -11.97 13.78
CA LYS B 353 35.18 -12.36 13.11
C LYS B 353 35.91 -13.37 13.99
N LEU B 354 36.40 -14.44 13.38
CA LEU B 354 37.11 -15.48 14.12
C LEU B 354 38.12 -16.23 13.24
N ASP B 355 39.34 -16.42 13.75
CA ASP B 355 40.34 -17.24 13.04
C ASP B 355 40.34 -18.67 13.58
N GLN B 356 41.03 -19.57 12.87
CA GLN B 356 40.95 -20.98 13.15
C GLN B 356 41.70 -21.45 14.41
N LYS B 357 42.76 -20.73 14.80
CA LYS B 357 43.48 -21.05 16.06
C LYS B 357 42.57 -20.78 17.25
N THR B 358 41.87 -19.66 17.21
CA THR B 358 40.92 -19.26 18.25
C THR B 358 39.70 -20.21 18.31
N ALA B 359 39.19 -20.65 17.16
CA ALA B 359 38.05 -21.56 17.10
C ALA B 359 38.39 -22.88 17.78
N THR B 360 39.58 -23.37 17.48
CA THR B 360 40.17 -24.55 18.10
C THR B 360 40.33 -24.39 19.62
N SER B 361 40.85 -23.24 20.03
CA SER B 361 40.96 -22.88 21.44
C SER B 361 39.55 -22.83 22.13
N LEU B 362 38.58 -22.15 21.52
CA LEU B 362 37.24 -22.06 22.10
C LEU B 362 36.52 -23.40 22.16
N LEU B 363 36.78 -24.29 21.19
CA LEU B 363 36.19 -25.64 21.24
C LEU B 363 36.77 -26.49 22.39
N TRP B 364 38.07 -26.35 22.64
CA TRP B 364 38.71 -26.97 23.80
C TRP B 364 38.15 -26.43 25.13
N LYS B 365 38.00 -25.12 25.25
CA LYS B 365 37.41 -24.53 26.45
C LYS B 365 35.94 -24.92 26.66
N SER B 366 35.24 -25.24 25.57
CA SER B 366 33.87 -25.72 25.65
C SER B 366 33.76 -27.21 26.04
N TYR B 367 34.86 -27.84 26.46
CA TYR B 367 34.84 -29.25 26.89
C TYR B 367 33.66 -29.69 27.79
N PRO B 368 33.28 -28.87 28.80
CA PRO B 368 32.17 -29.27 29.63
C PRO B 368 30.88 -29.54 28.85
N ILE B 369 30.62 -28.79 27.79
CA ILE B 369 29.41 -28.99 26.96
C ILE B 369 29.65 -29.77 25.65
N ALA B 370 30.87 -29.76 25.12
CA ALA B 370 31.18 -30.36 23.82
C ALA B 370 31.83 -31.73 23.94
N ASN B 371 32.58 -31.94 25.00
CA ASN B 371 33.23 -33.24 25.29
C ASN B 371 34.23 -33.75 24.22
N ILE B 372 34.98 -32.83 23.63
CA ILE B 372 36.00 -33.17 22.66
C ILE B 372 37.38 -32.98 23.28
N PRO B 373 38.20 -34.06 23.36
CA PRO B 373 39.55 -33.96 23.93
C PRO B 373 40.47 -32.99 23.17
N GLU B 374 41.44 -32.43 23.87
CA GLU B 374 42.29 -31.36 23.34
C GLU B 374 42.89 -31.69 21.96
N GLU B 375 43.39 -32.91 21.80
CA GLU B 375 44.19 -33.30 20.61
C GLU B 375 43.30 -33.49 19.38
N LEU B 376 42.03 -33.82 19.57
CA LEU B 376 41.08 -33.95 18.47
C LEU B 376 40.33 -32.64 18.12
N THR B 377 40.64 -31.59 18.84
CA THR B 377 39.96 -30.32 18.69
C THR B 377 40.35 -29.56 17.35
N PRO B 378 41.64 -29.58 16.91
CA PRO B 378 41.97 -29.01 15.57
C PRO B 378 41.40 -29.80 14.38
N VAL B 379 41.16 -31.10 14.56
CA VAL B 379 40.56 -31.95 13.54
C VAL B 379 39.08 -31.55 13.31
N ALA B 380 38.36 -31.28 14.40
CA ALA B 380 36.99 -30.79 14.31
C ALA B 380 36.85 -29.43 13.62
N THR B 381 37.67 -28.48 14.02
CA THR B 381 37.60 -27.13 13.43
C THR B 381 38.09 -27.13 12.00
N ASP B 382 39.09 -27.95 11.68
CA ASP B 382 39.54 -28.08 10.30
C ASP B 382 38.41 -28.62 9.42
N LYS B 383 37.73 -29.65 9.89
CA LYS B 383 36.59 -30.20 9.17
C LYS B 383 35.52 -29.15 8.85
N TYR B 384 35.21 -28.26 9.79
CA TYR B 384 34.10 -27.30 9.63
C TYR B 384 34.55 -25.95 9.03
N LEU B 385 35.75 -25.51 9.39
CA LEU B 385 36.27 -24.17 8.99
C LEU B 385 37.36 -24.18 7.91
N GLY B 386 37.97 -25.34 7.67
CA GLY B 386 39.17 -25.44 6.80
C GLY B 386 38.93 -25.22 5.31
N GLY B 387 37.68 -25.31 4.88
CA GLY B 387 37.29 -25.02 3.49
C GLY B 387 37.09 -23.54 3.13
N THR B 388 37.40 -22.60 4.03
CA THR B 388 37.33 -21.15 3.71
C THR B 388 38.36 -20.30 4.47
N ASP B 389 38.82 -19.23 3.82
CA ASP B 389 39.78 -18.24 4.38
C ASP B 389 39.09 -17.09 5.10
N ASP B 390 37.80 -16.90 4.77
CA ASP B 390 36.99 -15.76 5.20
C ASP B 390 36.69 -15.89 6.71
N PRO B 391 37.21 -14.97 7.54
CA PRO B 391 36.98 -15.08 9.00
C PRO B 391 35.54 -14.82 9.46
N VAL B 392 34.77 -14.02 8.73
CA VAL B 392 33.33 -13.84 8.99
C VAL B 392 32.60 -15.17 8.83
N LYS B 393 32.93 -15.89 7.77
CA LYS B 393 32.36 -17.21 7.53
C LYS B 393 32.85 -18.28 8.52
N LYS B 394 34.11 -18.18 8.95
CA LYS B 394 34.68 -19.09 9.95
C LYS B 394 33.94 -18.99 11.29
N LYS B 395 33.53 -17.78 11.66
CA LYS B 395 32.73 -17.57 12.84
C LYS B 395 31.38 -18.29 12.70
N ASP B 396 30.65 -17.98 11.63
CA ASP B 396 29.34 -18.60 11.38
C ASP B 396 29.45 -20.14 11.36
N LEU B 397 30.52 -20.66 10.75
CA LEU B 397 30.76 -22.12 10.71
C LEU B 397 31.16 -22.73 12.06
N PHE B 398 31.86 -21.97 12.91
CA PHE B 398 32.17 -22.40 14.27
C PHE B 398 30.92 -22.51 15.12
N LEU B 399 29.98 -21.59 14.94
CA LEU B 399 28.68 -21.67 15.59
C LEU B 399 27.81 -22.85 15.09
N ASP B 400 27.87 -23.18 13.80
CA ASP B 400 27.31 -24.45 13.27
C ASP B 400 27.96 -25.65 13.96
N LEU B 401 29.29 -25.62 14.10
CA LEU B 401 30.04 -26.70 14.77
C LEU B 401 29.50 -26.92 16.18
N MET B 402 29.42 -25.83 16.95
CA MET B 402 28.95 -25.92 18.35
C MET B 402 27.52 -26.46 18.44
N GLY B 403 26.65 -25.99 17.56
CA GLY B 403 25.27 -26.43 17.48
C GLY B 403 25.15 -27.90 17.20
N ASP B 404 25.95 -28.40 16.26
CA ASP B 404 25.98 -29.81 15.94
C ASP B 404 26.47 -30.68 17.11
N VAL B 405 27.59 -30.32 17.73
CA VAL B 405 28.18 -31.18 18.77
C VAL B 405 27.38 -31.18 20.09
N VAL B 406 26.83 -30.02 20.44
CA VAL B 406 26.05 -29.84 21.67
C VAL B 406 24.58 -30.26 21.56
N PHE B 407 23.93 -30.01 20.41
CA PHE B 407 22.50 -30.28 20.22
C PHE B 407 22.15 -31.30 19.12
N GLY B 408 22.60 -31.06 17.89
CA GLY B 408 22.22 -31.80 16.72
C GLY B 408 22.59 -33.27 16.73
N VAL B 409 23.86 -33.56 16.95
CA VAL B 409 24.32 -34.95 17.05
C VAL B 409 23.67 -35.73 18.24
N PRO B 410 23.68 -35.16 19.45
CA PRO B 410 22.94 -35.81 20.57
C PRO B 410 21.48 -36.09 20.25
N SER B 411 20.79 -35.13 19.63
CA SER B 411 19.36 -35.28 19.36
C SER B 411 19.10 -36.45 18.40
N VAL B 412 19.84 -36.46 17.29
CA VAL B 412 19.75 -37.53 16.28
C VAL B 412 20.14 -38.88 16.87
N THR B 413 21.23 -38.92 17.64
CA THR B 413 21.67 -40.14 18.32
C THR B 413 20.55 -40.76 19.19
N VAL B 414 19.86 -39.93 19.99
CA VAL B 414 18.75 -40.38 20.85
C VAL B 414 17.51 -40.79 20.05
N ALA B 415 17.13 -40.01 19.05
CA ALA B 415 16.01 -40.37 18.19
C ALA B 415 16.22 -41.76 17.55
N ARG B 416 17.43 -42.00 17.02
CA ARG B 416 17.77 -43.27 16.43
C ARG B 416 17.62 -44.43 17.37
N GLN B 417 18.13 -44.28 18.58
CA GLN B 417 18.02 -45.37 19.57
C GLN B 417 16.58 -45.59 20.08
N HIS B 418 15.80 -44.50 20.15
CA HIS B 418 14.38 -44.56 20.48
C HIS B 418 13.59 -45.31 19.40
N ARG B 419 13.84 -44.95 18.13
CA ARG B 419 13.28 -45.65 16.99
C ARG B 419 13.67 -47.14 17.02
N ASP B 420 14.93 -47.41 17.33
CA ASP B 420 15.44 -48.81 17.36
C ASP B 420 14.99 -49.63 18.58
N ALA B 421 14.41 -48.98 19.59
CA ALA B 421 13.67 -49.68 20.63
C ALA B 421 12.22 -50.02 20.24
N GLY B 422 11.79 -49.59 19.03
CA GLY B 422 10.52 -49.95 18.46
C GLY B 422 9.44 -48.90 18.64
N ALA B 423 9.80 -47.72 19.13
CA ALA B 423 8.79 -46.71 19.47
C ALA B 423 8.59 -45.74 18.33
N PRO B 424 7.35 -45.22 18.16
CA PRO B 424 7.15 -44.23 17.09
C PRO B 424 7.96 -42.96 17.40
N THR B 425 8.70 -42.48 16.40
CA THR B 425 9.65 -41.42 16.58
C THR B 425 9.46 -40.45 15.45
N TYR B 426 9.54 -39.15 15.76
CA TYR B 426 9.48 -38.10 14.75
C TYR B 426 10.59 -37.11 15.02
N MET B 427 11.17 -36.53 13.97
CA MET B 427 12.19 -35.48 14.11
C MET B 427 11.81 -34.26 13.34
N TYR B 428 12.27 -33.09 13.81
CA TYR B 428 12.10 -31.86 13.06
C TYR B 428 13.36 -31.00 13.16
N GLU B 429 13.52 -30.10 12.18
CA GLU B 429 14.52 -29.02 12.23
C GLU B 429 13.77 -27.72 11.97
N PHE B 430 13.77 -26.83 12.93
CA PHE B 430 12.96 -25.62 12.90
C PHE B 430 13.83 -24.46 12.44
N GLN B 431 13.35 -23.78 11.43
CA GLN B 431 14.13 -22.73 10.75
C GLN B 431 13.22 -21.52 10.56
N TYR B 432 13.26 -20.60 11.52
CA TYR B 432 12.52 -19.35 11.43
C TYR B 432 13.08 -18.34 12.41
N ARG B 433 13.04 -17.07 12.04
CA ARG B 433 13.47 -15.96 12.90
C ARG B 433 12.24 -15.23 13.37
N PRO B 434 11.88 -15.38 14.66
CA PRO B 434 10.67 -14.71 15.15
C PRO B 434 10.82 -13.18 15.20
N SER B 435 9.70 -12.48 14.98
CA SER B 435 9.64 -11.03 15.18
C SER B 435 9.81 -10.60 16.66
N PHE B 436 9.64 -11.54 17.58
CA PHE B 436 9.83 -11.31 19.01
C PHE B 436 11.28 -11.39 19.47
N SER B 437 12.21 -11.67 18.56
CA SER B 437 13.64 -11.74 18.86
C SER B 437 14.16 -10.44 19.53
N SER B 438 15.25 -10.57 20.30
CA SER B 438 15.91 -9.44 20.93
C SER B 438 16.52 -8.46 19.89
N ASP B 439 16.51 -7.17 20.21
CA ASP B 439 17.16 -6.13 19.38
C ASP B 439 18.65 -6.44 19.10
N LYS B 440 19.31 -7.01 20.11
CA LYS B 440 20.76 -7.30 20.07
C LYS B 440 21.13 -8.43 19.08
N LYS B 441 20.16 -9.22 18.69
CA LYS B 441 20.40 -10.40 17.86
C LYS B 441 20.48 -9.99 16.38
N PRO B 442 21.55 -10.41 15.68
CA PRO B 442 21.63 -10.01 14.27
C PRO B 442 20.49 -10.58 13.41
N LYS B 443 20.14 -9.83 12.37
CA LYS B 443 19.05 -10.21 11.47
C LYS B 443 19.31 -11.51 10.73
N THR B 444 20.59 -11.87 10.57
CA THR B 444 21.04 -13.07 9.81
C THR B 444 20.93 -14.41 10.58
N VAL B 445 20.68 -14.36 11.89
CA VAL B 445 20.50 -15.56 12.73
C VAL B 445 19.06 -16.02 12.68
N ILE B 446 18.89 -17.22 12.15
CA ILE B 446 17.56 -17.80 11.81
C ILE B 446 17.53 -19.16 12.49
N GLY B 447 16.51 -19.40 13.30
CA GLY B 447 16.37 -20.69 14.03
C GLY B 447 17.42 -20.80 15.13
N ASP B 448 17.53 -19.72 15.89
CA ASP B 448 18.35 -19.68 17.08
C ASP B 448 17.72 -20.58 18.15
N HIS B 449 18.54 -20.93 19.14
CA HIS B 449 18.05 -21.60 20.34
C HIS B 449 16.86 -20.85 20.93
N GLY B 450 15.79 -21.59 21.20
CA GLY B 450 14.55 -21.00 21.71
C GLY B 450 13.52 -20.48 20.70
N ASP B 451 13.89 -20.33 19.43
CA ASP B 451 12.99 -19.66 18.49
C ASP B 451 11.64 -20.38 18.28
N GLU B 452 11.64 -21.72 18.37
CA GLU B 452 10.40 -22.52 18.16
C GLU B 452 9.38 -22.27 19.25
N ILE B 453 9.84 -21.87 20.43
CA ILE B 453 8.92 -21.62 21.54
C ILE B 453 7.82 -20.61 21.19
N PHE B 454 8.16 -19.59 20.42
CA PHE B 454 7.18 -18.57 20.08
C PHE B 454 6.06 -19.11 19.19
N SER B 455 6.39 -20.07 18.35
CA SER B 455 5.39 -20.79 17.57
C SER B 455 4.56 -21.77 18.43
N VAL B 456 5.25 -22.59 19.23
CA VAL B 456 4.61 -23.65 20.03
C VAL B 456 3.60 -23.08 21.00
N PHE B 457 3.94 -21.96 21.62
CA PHE B 457 3.08 -21.33 22.62
C PHE B 457 2.27 -20.14 22.08
N GLY B 458 2.18 -20.01 20.78
CA GLY B 458 1.23 -19.05 20.22
C GLY B 458 1.49 -17.59 20.55
N ALA B 459 2.77 -17.22 20.61
CA ALA B 459 3.18 -15.81 20.80
C ALA B 459 2.49 -14.80 19.87
N PRO B 460 2.35 -15.14 18.57
CA PRO B 460 1.61 -14.24 17.67
C PRO B 460 0.17 -13.86 18.10
N PHE B 461 -0.48 -14.64 18.96
CA PHE B 461 -1.83 -14.34 19.47
C PHE B 461 -1.85 -13.63 20.80
N LEU B 462 -0.68 -13.49 21.40
CA LEU B 462 -0.54 -12.86 22.71
C LEU B 462 0.27 -11.56 22.75
N ARG B 463 1.15 -11.32 21.78
CA ARG B 463 2.05 -10.17 21.84
C ARG B 463 2.51 -9.74 20.48
N GLY B 464 3.09 -8.55 20.42
CA GLY B 464 3.72 -8.00 19.22
C GLY B 464 2.75 -7.77 18.09
N ASP B 465 3.29 -7.69 16.89
CA ASP B 465 2.52 -7.38 15.67
C ASP B 465 3.03 -8.34 14.59
N ALA B 466 2.72 -9.61 14.76
CA ALA B 466 3.32 -10.66 13.97
C ALA B 466 2.68 -10.64 12.59
N PRO B 467 3.49 -10.77 11.51
CA PRO B 467 2.92 -10.84 10.17
C PRO B 467 2.23 -12.17 9.92
N GLU B 468 1.43 -12.23 8.87
CA GLU B 468 0.59 -13.40 8.58
C GLU B 468 1.40 -14.72 8.47
N GLU B 469 2.56 -14.66 7.83
CA GLU B 469 3.48 -15.79 7.73
C GLU B 469 3.82 -16.37 9.11
N GLU B 470 4.04 -15.50 10.09
CA GLU B 470 4.38 -15.92 11.47
C GLU B 470 3.17 -16.41 12.28
N VAL B 471 2.02 -15.76 12.08
CA VAL B 471 0.74 -16.19 12.66
C VAL B 471 0.42 -17.61 12.18
N SER B 472 0.68 -17.85 10.91
CA SER B 472 0.34 -19.09 10.23
C SER B 472 1.27 -20.25 10.66
N LEU B 473 2.55 -19.95 10.78
CA LEU B 473 3.50 -20.91 11.29
C LEU B 473 3.16 -21.34 12.72
N SER B 474 2.75 -20.40 13.56
CA SER B 474 2.30 -20.77 14.93
C SER B 474 1.11 -21.72 14.93
N LYS B 475 0.10 -21.46 14.10
CA LYS B 475 -1.06 -22.37 13.97
C LYS B 475 -0.65 -23.76 13.52
N THR B 476 0.24 -23.82 12.55
CA THR B 476 0.76 -25.09 12.05
C THR B 476 1.46 -25.89 13.16
N VAL B 477 2.40 -25.24 13.85
CA VAL B 477 3.22 -25.89 14.88
C VAL B 477 2.35 -26.33 16.06
N MET B 478 1.46 -25.45 16.52
CA MET B 478 0.53 -25.81 17.58
C MET B 478 -0.36 -27.01 17.20
N LYS B 479 -0.84 -27.05 15.97
CA LYS B 479 -1.72 -28.11 15.54
C LYS B 479 -0.96 -29.44 15.46
N PHE B 480 0.25 -29.43 14.92
CA PHE B 480 1.09 -30.63 14.93
C PHE B 480 1.28 -31.13 16.36
N TRP B 481 1.67 -30.23 17.23
CA TRP B 481 2.00 -30.57 18.62
C TRP B 481 0.76 -31.17 19.30
N ALA B 482 -0.40 -30.55 19.09
CA ALA B 482 -1.64 -31.01 19.75
C ALA B 482 -2.23 -32.24 19.09
N ASN B 483 -2.07 -32.41 17.80
CA ASN B 483 -2.42 -33.68 17.16
C ASN B 483 -1.62 -34.83 17.76
N PHE B 484 -0.35 -34.54 18.04
CA PHE B 484 0.57 -35.53 18.62
C PHE B 484 0.13 -35.87 20.04
N ALA B 485 -0.24 -34.85 20.81
CA ALA B 485 -0.83 -35.07 22.12
C ALA B 485 -2.09 -35.93 22.07
N ARG B 486 -2.94 -35.67 21.08
CA ARG B 486 -4.16 -36.47 20.88
C ARG B 486 -3.86 -37.95 20.53
N SER B 487 -3.02 -38.18 19.52
CA SER B 487 -2.91 -39.51 18.91
C SER B 487 -1.53 -40.19 18.93
N GLY B 488 -0.47 -39.49 19.34
CA GLY B 488 0.89 -39.98 19.13
C GLY B 488 1.42 -39.81 17.72
N ASN B 489 0.73 -39.01 16.90
CA ASN B 489 1.07 -38.80 15.47
C ASN B 489 0.71 -37.35 15.20
N PRO B 490 1.70 -36.51 14.77
CA PRO B 490 1.39 -35.10 14.55
C PRO B 490 0.50 -34.79 13.31
N ASN B 491 0.32 -35.73 12.38
CA ASN B 491 -0.39 -35.49 11.15
C ASN B 491 -1.90 -35.25 11.31
N GLY B 492 -2.44 -34.49 10.37
CA GLY B 492 -3.88 -34.25 10.31
C GLY B 492 -4.27 -33.41 9.10
N GLU B 493 -5.59 -33.19 8.98
CA GLU B 493 -6.15 -32.42 7.87
C GLU B 493 -5.50 -31.05 7.69
N GLY B 494 -5.13 -30.74 6.44
CA GLY B 494 -4.57 -29.44 6.07
C GLY B 494 -3.19 -29.08 6.62
N LEU B 495 -2.40 -30.08 7.01
CA LEU B 495 -1.03 -29.87 7.47
C LEU B 495 -0.10 -30.58 6.53
N PRO B 496 1.10 -30.03 6.30
CA PRO B 496 2.07 -30.79 5.52
C PRO B 496 2.33 -32.19 6.10
N HIS B 497 2.65 -33.15 5.24
CA HIS B 497 2.96 -34.51 5.67
C HIS B 497 4.27 -34.54 6.51
N TRP B 498 4.19 -35.09 7.71
CA TRP B 498 5.36 -35.29 8.57
C TRP B 498 5.62 -36.79 8.65
N PRO B 499 6.67 -37.27 7.97
CA PRO B 499 6.92 -38.71 7.96
C PRO B 499 7.50 -39.18 9.27
N MET B 500 7.32 -40.45 9.54
CA MET B 500 7.90 -41.09 10.70
C MET B 500 9.41 -41.16 10.53
N TYR B 501 10.14 -41.01 11.63
CA TYR B 501 11.59 -41.18 11.67
C TYR B 501 11.89 -42.67 11.78
N ASP B 502 11.96 -43.32 10.63
CA ASP B 502 12.15 -44.79 10.53
C ASP B 502 13.55 -45.04 9.96
N GLN B 503 13.80 -46.16 9.28
CA GLN B 503 15.16 -46.45 8.77
C GLN B 503 15.65 -45.48 7.71
N GLU B 504 14.71 -44.87 7.00
CA GLU B 504 15.02 -43.79 6.04
C GLU B 504 15.19 -42.41 6.66
N GLU B 505 14.88 -42.27 7.95
CA GLU B 505 15.19 -41.07 8.72
C GLU B 505 14.55 -39.78 8.15
N GLY B 506 13.32 -39.92 7.68
CA GLY B 506 12.49 -38.79 7.31
C GLY B 506 12.30 -37.87 8.51
N TYR B 507 12.33 -36.58 8.23
CA TYR B 507 12.05 -35.58 9.23
C TYR B 507 11.37 -34.39 8.57
N LEU B 508 10.79 -33.51 9.39
CA LEU B 508 10.11 -32.32 8.89
C LEU B 508 10.94 -31.07 9.09
N GLN B 509 11.26 -30.41 7.98
CA GLN B 509 11.81 -29.06 8.03
C GLN B 509 10.66 -28.10 8.28
N ILE B 510 10.61 -27.48 9.45
CA ILE B 510 9.56 -26.54 9.78
C ILE B 510 10.09 -25.11 9.57
N GLY B 511 9.28 -24.30 8.91
CA GLY B 511 9.62 -22.92 8.64
C GLY B 511 8.60 -22.26 7.73
N VAL B 512 9.02 -21.18 7.07
CA VAL B 512 8.16 -20.55 6.09
C VAL B 512 7.68 -21.60 5.04
N ASN B 513 8.61 -22.45 4.58
CA ASN B 513 8.37 -23.53 3.59
C ASN B 513 8.49 -24.86 4.36
N THR B 514 7.39 -25.33 4.95
CA THR B 514 7.38 -26.54 5.76
C THR B 514 7.22 -27.80 4.87
N GLN B 515 8.20 -28.69 4.93
CA GLN B 515 8.19 -29.87 4.10
C GLN B 515 9.17 -30.94 4.57
N ALA B 516 8.86 -32.18 4.19
CA ALA B 516 9.67 -33.35 4.53
C ALA B 516 11.06 -33.33 3.87
N ALA B 517 12.03 -33.91 4.56
CA ALA B 517 13.34 -34.14 4.01
C ALA B 517 13.85 -35.45 4.62
N LYS B 518 15.07 -35.85 4.30
CA LYS B 518 15.60 -37.11 4.80
C LYS B 518 16.97 -36.95 5.42
N ARG B 519 17.21 -37.74 6.46
CA ARG B 519 18.55 -38.01 6.92
C ARG B 519 19.17 -36.77 7.59
N LEU B 520 18.47 -36.26 8.61
CA LEU B 520 18.90 -35.08 9.38
C LEU B 520 20.26 -35.29 10.05
N LYS B 521 21.20 -34.38 9.75
CA LYS B 521 22.56 -34.40 10.26
C LYS B 521 23.30 -35.73 10.06
N GLY B 522 22.98 -36.46 8.98
CA GLY B 522 23.48 -37.83 8.78
C GLY B 522 24.98 -37.89 8.67
N GLU B 523 25.54 -36.99 7.86
CA GLU B 523 26.99 -36.87 7.66
C GLU B 523 27.75 -36.28 8.87
N GLU B 524 27.12 -35.33 9.55
CA GLU B 524 27.68 -34.75 10.78
C GLU B 524 27.78 -35.79 11.90
N VAL B 525 26.73 -36.58 12.08
CA VAL B 525 26.77 -37.68 13.04
C VAL B 525 27.88 -38.67 12.66
N ALA B 526 27.96 -39.04 11.39
CA ALA B 526 29.01 -39.94 10.92
C ALA B 526 30.40 -39.43 11.28
N PHE B 527 30.64 -38.14 11.07
CA PHE B 527 31.95 -37.53 11.36
C PHE B 527 32.26 -37.52 12.87
N TRP B 528 31.32 -36.99 13.66
CA TRP B 528 31.52 -36.87 15.09
C TRP B 528 31.68 -38.21 15.81
N ASN B 529 30.97 -39.25 15.38
CA ASN B 529 31.14 -40.59 15.98
C ASN B 529 32.50 -41.19 15.64
N ASP B 530 32.92 -41.02 14.39
CA ASP B 530 34.25 -41.45 13.92
C ASP B 530 35.40 -40.70 14.62
N LEU B 531 35.21 -39.41 14.92
CA LEU B 531 36.21 -38.62 15.62
C LEU B 531 36.40 -39.08 17.07
N LEU B 532 35.28 -39.38 17.74
CA LEU B 532 35.28 -39.87 19.13
C LEU B 532 35.24 -41.41 19.21
N SER B 533 35.70 -42.08 18.15
CA SER B 533 35.63 -43.54 18.01
C SER B 533 36.52 -44.26 19.02
N LYS B 534 37.83 -43.98 18.98
CA LYS B 534 38.84 -44.55 19.88
C LYS B 534 38.87 -46.08 19.87
N SER C 5 -37.45 -6.13 -22.50
CA SER C 5 -38.87 -6.58 -22.61
C SER C 5 -39.53 -6.54 -21.23
N PRO C 6 -39.92 -5.33 -20.73
CA PRO C 6 -40.28 -5.13 -19.31
C PRO C 6 -41.41 -6.05 -18.78
N PRO C 7 -41.26 -6.53 -17.52
CA PRO C 7 -42.17 -7.51 -16.95
C PRO C 7 -43.48 -6.91 -16.37
N VAL C 8 -44.60 -7.53 -16.74
CA VAL C 8 -45.93 -7.10 -16.37
C VAL C 8 -46.55 -8.26 -15.59
N VAL C 9 -47.02 -7.97 -14.39
CA VAL C 9 -47.51 -8.98 -13.48
C VAL C 9 -48.87 -8.58 -13.00
N ASP C 10 -49.73 -9.56 -12.86
CA ASP C 10 -51.09 -9.36 -12.40
C ASP C 10 -51.15 -9.36 -10.86
N THR C 11 -51.96 -8.49 -10.30
CA THR C 11 -52.23 -8.48 -8.85
C THR C 11 -53.74 -8.39 -8.71
N ALA C 12 -54.23 -8.64 -7.52
CA ALA C 12 -55.66 -8.66 -7.27
C ALA C 12 -56.36 -7.31 -7.61
N GLN C 13 -55.62 -6.21 -7.50
CA GLN C 13 -56.13 -4.87 -7.79
C GLN C 13 -55.77 -4.34 -9.17
N GLY C 14 -54.96 -5.07 -9.93
CA GLY C 14 -54.60 -4.69 -11.31
C GLY C 14 -53.14 -4.92 -11.65
N ARG C 15 -52.79 -4.66 -12.90
CA ARG C 15 -51.49 -5.04 -13.42
C ARG C 15 -50.44 -4.04 -13.06
N VAL C 16 -49.22 -4.52 -12.89
CA VAL C 16 -48.07 -3.66 -12.62
C VAL C 16 -46.91 -3.92 -13.58
N LEU C 17 -46.19 -2.86 -13.90
CA LEU C 17 -45.05 -2.87 -14.81
C LEU C 17 -43.77 -2.56 -14.03
N GLY C 18 -42.79 -3.45 -14.13
CA GLY C 18 -41.50 -3.30 -13.45
C GLY C 18 -40.40 -3.13 -14.47
N LYS C 19 -39.16 -3.34 -14.03
CA LYS C 19 -37.96 -3.19 -14.86
C LYS C 19 -37.00 -4.35 -14.53
N TYR C 20 -36.32 -4.89 -15.53
CA TYR C 20 -35.29 -5.91 -15.31
C TYR C 20 -33.96 -5.18 -15.00
N VAL C 21 -33.27 -5.64 -13.96
CA VAL C 21 -32.00 -5.05 -13.53
C VAL C 21 -30.99 -6.17 -13.36
N SER C 22 -29.78 -5.96 -13.86
CA SER C 22 -28.70 -6.93 -13.74
C SER C 22 -27.70 -6.51 -12.67
N LEU C 23 -27.15 -7.50 -11.99
CA LEU C 23 -26.12 -7.31 -11.01
C LEU C 23 -24.79 -7.71 -11.63
N GLU C 24 -23.85 -6.76 -11.70
CA GLU C 24 -22.44 -7.05 -12.11
C GLU C 24 -21.81 -8.20 -11.32
N GLY C 25 -21.43 -9.24 -12.03
CA GLY C 25 -20.92 -10.47 -11.44
C GLY C 25 -21.84 -11.67 -11.58
N LEU C 26 -23.15 -11.44 -11.74
CA LEU C 26 -24.12 -12.54 -11.86
C LEU C 26 -24.94 -12.45 -13.15
N ALA C 27 -25.20 -13.62 -13.75
CA ALA C 27 -25.98 -13.72 -15.00
C ALA C 27 -27.45 -13.44 -14.75
N GLN C 28 -27.92 -13.89 -13.58
CA GLN C 28 -29.32 -13.79 -13.12
C GLN C 28 -29.95 -12.36 -13.21
N PRO C 29 -30.94 -12.15 -14.12
CA PRO C 29 -31.64 -10.84 -14.13
C PRO C 29 -32.73 -10.86 -13.06
N VAL C 30 -32.89 -9.73 -12.39
CA VAL C 30 -33.86 -9.59 -11.31
C VAL C 30 -34.94 -8.61 -11.78
N ALA C 31 -36.20 -8.98 -11.59
CA ALA C 31 -37.31 -8.10 -11.90
C ALA C 31 -37.59 -7.23 -10.68
N VAL C 32 -37.65 -5.92 -10.89
CA VAL C 32 -37.82 -4.96 -9.81
C VAL C 32 -39.13 -4.23 -10.00
N PHE C 33 -39.94 -4.21 -8.96
CA PHE C 33 -41.17 -3.46 -8.95
C PHE C 33 -41.07 -2.49 -7.79
N LEU C 34 -41.17 -1.20 -8.07
CA LEU C 34 -41.09 -0.16 -7.03
C LEU C 34 -42.41 0.57 -6.87
N GLY C 35 -42.85 0.74 -5.64
CA GLY C 35 -44.06 1.54 -5.37
C GLY C 35 -45.34 0.78 -5.68
N VAL C 36 -45.42 -0.48 -5.29
CA VAL C 36 -46.64 -1.24 -5.45
C VAL C 36 -47.53 -0.91 -4.26
N PRO C 37 -48.71 -0.35 -4.52
CA PRO C 37 -49.61 -0.08 -3.42
C PRO C 37 -50.17 -1.38 -2.86
N PHE C 38 -50.21 -1.49 -1.53
CA PHE C 38 -50.89 -2.60 -0.81
C PHE C 38 -52.07 -2.16 0.06
N ALA C 39 -52.44 -0.89 0.02
CA ALA C 39 -53.57 -0.35 0.78
C ALA C 39 -54.00 0.99 0.21
N LYS C 40 -55.15 1.44 0.63
CA LYS C 40 -55.68 2.69 0.23
C LYS C 40 -54.90 3.81 0.95
N PRO C 41 -54.60 4.94 0.27
CA PRO C 41 -53.85 5.97 0.96
C PRO C 41 -54.57 6.47 2.19
N PRO C 42 -53.89 6.47 3.35
CA PRO C 42 -54.51 6.73 4.61
C PRO C 42 -54.62 8.25 4.87
N LEU C 43 -55.51 8.88 4.09
CA LEU C 43 -55.64 10.32 4.06
C LEU C 43 -56.97 10.70 4.71
N GLY C 44 -57.03 11.91 5.26
CA GLY C 44 -58.29 12.46 5.79
C GLY C 44 -58.82 11.68 6.99
N SER C 45 -60.00 11.11 6.87
CA SER C 45 -60.61 10.35 7.93
C SER C 45 -60.02 8.94 8.06
N LEU C 46 -59.22 8.52 7.08
CA LEU C 46 -58.46 7.29 7.21
C LEU C 46 -57.19 7.43 8.02
N ARG C 47 -56.84 8.63 8.43
CA ARG C 47 -55.76 8.78 9.39
C ARG C 47 -56.15 8.19 10.73
N PHE C 48 -55.20 7.54 11.41
CA PHE C 48 -55.43 6.98 12.74
C PHE C 48 -56.54 5.94 12.68
N ALA C 49 -56.52 5.12 11.64
CA ALA C 49 -57.53 4.12 11.38
C ALA C 49 -56.89 2.96 10.68
N PRO C 50 -57.52 1.79 10.75
CA PRO C 50 -56.89 0.59 10.15
C PRO C 50 -56.72 0.81 8.66
N PRO C 51 -55.67 0.23 8.05
CA PRO C 51 -55.50 0.35 6.62
C PRO C 51 -56.60 -0.40 5.86
N GLN C 52 -57.08 0.18 4.78
CA GLN C 52 -58.11 -0.41 3.93
C GLN C 52 -57.43 -0.96 2.67
N PRO C 53 -58.08 -1.89 1.99
CA PRO C 53 -57.43 -2.32 0.74
C PRO C 53 -57.39 -1.22 -0.33
N ALA C 54 -56.41 -1.28 -1.19
CA ALA C 54 -56.32 -0.40 -2.33
C ALA C 54 -57.49 -0.61 -3.27
N GLU C 55 -57.98 0.47 -3.79
CA GLU C 55 -58.99 0.42 -4.81
C GLU C 55 -58.35 -0.10 -6.10
N PRO C 56 -59.14 -0.83 -6.90
CA PRO C 56 -58.54 -1.39 -8.13
C PRO C 56 -58.30 -0.31 -9.23
N TRP C 57 -57.28 -0.55 -10.04
CA TRP C 57 -56.91 0.33 -11.13
C TRP C 57 -57.10 -0.38 -12.46
N SER C 58 -57.49 0.40 -13.47
CA SER C 58 -57.57 -0.03 -14.86
C SER C 58 -56.16 0.04 -15.48
N PHE C 59 -55.93 -0.62 -16.59
CA PHE C 59 -54.61 -0.48 -17.24
C PHE C 59 -53.45 -1.00 -16.40
N VAL C 60 -52.24 -0.68 -16.81
CA VAL C 60 -51.03 -1.18 -16.18
C VAL C 60 -50.44 -0.03 -15.37
N LYS C 61 -50.30 -0.22 -14.08
CA LYS C 61 -49.71 0.77 -13.23
C LYS C 61 -48.20 0.65 -13.36
N ASN C 62 -47.59 1.78 -13.62
CA ASN C 62 -46.15 1.87 -13.72
C ASN C 62 -45.53 1.81 -12.31
N THR C 63 -44.76 0.78 -12.04
CA THR C 63 -44.11 0.64 -10.74
C THR C 63 -42.60 0.60 -10.92
N THR C 64 -42.07 1.67 -11.49
CA THR C 64 -40.66 1.79 -11.81
C THR C 64 -39.94 2.96 -11.11
N SER C 65 -40.63 3.72 -10.28
CA SER C 65 -39.94 4.73 -9.50
C SER C 65 -40.25 4.59 -8.00
N TYR C 66 -39.28 4.97 -7.20
CA TYR C 66 -39.38 4.82 -5.78
C TYR C 66 -40.57 5.60 -5.26
N PRO C 67 -41.35 4.99 -4.36
CA PRO C 67 -42.47 5.68 -3.78
C PRO C 67 -42.01 6.62 -2.70
N PRO C 68 -42.86 7.58 -2.32
CA PRO C 68 -42.53 8.40 -1.13
C PRO C 68 -42.47 7.57 0.15
N MET C 69 -41.63 7.99 1.06
CA MET C 69 -41.61 7.44 2.40
C MET C 69 -42.69 8.11 3.23
N CYS C 70 -43.11 7.49 4.32
CA CYS C 70 -44.16 8.06 5.16
C CYS C 70 -43.64 9.33 5.80
N CYS C 71 -44.52 10.25 6.13
CA CYS C 71 -44.07 11.51 6.71
C CYS C 71 -43.27 11.33 7.97
N GLN C 72 -42.30 12.22 8.08
CA GLN C 72 -41.28 12.16 9.11
C GLN C 72 -40.45 13.41 8.96
N ASP C 73 -39.63 13.65 9.96
CA ASP C 73 -38.65 14.70 9.90
C ASP C 73 -37.79 14.48 8.65
N PRO C 74 -37.85 15.40 7.66
CA PRO C 74 -37.09 15.17 6.40
C PRO C 74 -35.59 15.25 6.52
N VAL C 75 -35.09 16.02 7.48
CA VAL C 75 -33.68 16.09 7.72
C VAL C 75 -33.24 14.76 8.29
N ALA C 76 -33.88 14.30 9.38
CA ALA C 76 -33.52 12.98 9.95
C ALA C 76 -33.79 11.82 8.98
N GLY C 77 -34.82 11.95 8.14
CA GLY C 77 -35.13 10.93 7.17
C GLY C 77 -34.07 10.78 6.10
N GLN C 78 -33.55 11.90 5.60
CA GLN C 78 -32.44 11.89 4.63
C GLN C 78 -31.19 11.27 5.26
N MET C 79 -30.87 11.66 6.50
CA MET C 79 -29.72 11.13 7.20
C MET C 79 -29.80 9.63 7.45
N THR C 80 -30.98 9.16 7.86
CA THR C 80 -31.18 7.72 8.07
C THR C 80 -31.00 6.94 6.78
N SER C 81 -31.61 7.41 5.70
CA SER C 81 -31.40 6.76 4.40
C SER C 81 -29.91 6.71 3.97
N ASP C 82 -29.19 7.82 4.09
CA ASP C 82 -27.76 7.87 3.81
C ASP C 82 -26.93 6.87 4.63
N LEU C 83 -27.24 6.75 5.91
CA LEU C 83 -26.48 5.91 6.84
C LEU C 83 -26.71 4.41 6.63
N PHE C 84 -27.90 4.04 6.15
CA PHE C 84 -28.30 2.62 6.08
C PHE C 84 -28.36 2.04 4.67
N THR C 85 -28.25 2.85 3.62
CA THR C 85 -28.47 2.36 2.25
C THR C 85 -27.34 1.50 1.80
N ASN C 86 -27.65 0.49 1.01
CA ASN C 86 -26.64 -0.47 0.55
C ASN C 86 -26.23 -0.30 -0.90
N ARG C 87 -26.80 0.68 -1.62
CA ARG C 87 -26.48 0.86 -3.05
C ARG C 87 -25.62 2.11 -3.23
N LYS C 88 -25.13 2.27 -4.44
CA LYS C 88 -24.21 3.35 -4.80
C LYS C 88 -24.93 4.69 -4.99
N GLU C 89 -25.96 4.67 -5.82
CA GLU C 89 -26.74 5.80 -6.17
C GLU C 89 -27.50 6.25 -4.89
N ARG C 90 -27.19 7.45 -4.44
CA ARG C 90 -27.77 8.04 -3.23
C ARG C 90 -29.26 8.41 -3.44
N LEU C 91 -30.13 7.91 -2.58
CA LEU C 91 -31.55 8.15 -2.68
C LEU C 91 -31.89 9.47 -1.99
N ILE C 92 -32.66 10.30 -2.69
CA ILE C 92 -33.20 11.55 -2.17
C ILE C 92 -34.70 11.33 -1.98
N PRO C 93 -35.12 10.84 -0.78
CA PRO C 93 -36.51 10.44 -0.72
C PRO C 93 -37.47 11.61 -0.68
N GLU C 94 -38.68 11.40 -1.24
CA GLU C 94 -39.83 12.26 -1.01
C GLU C 94 -40.61 11.73 0.20
N PHE C 95 -41.49 12.57 0.75
CA PHE C 95 -42.29 12.24 1.93
C PHE C 95 -43.76 12.60 1.73
N SER C 96 -44.64 11.70 2.20
CA SER C 96 -46.05 11.88 2.02
C SER C 96 -46.83 11.00 2.99
N GLU C 97 -48.03 11.43 3.32
CA GLU C 97 -48.96 10.60 4.03
C GLU C 97 -49.38 9.39 3.16
N ASP C 98 -49.36 9.56 1.83
CA ASP C 98 -49.64 8.48 0.88
C ASP C 98 -48.36 7.68 0.76
N CYS C 99 -48.17 6.70 1.64
CA CYS C 99 -46.92 5.95 1.69
C CYS C 99 -47.03 4.43 1.87
N LEU C 100 -48.22 3.86 1.76
CA LEU C 100 -48.38 2.43 1.95
C LEU C 100 -48.07 1.73 0.66
N TYR C 101 -46.77 1.58 0.38
CA TYR C 101 -46.22 0.93 -0.82
C TYR C 101 -45.20 -0.10 -0.40
N LEU C 102 -44.93 -1.05 -1.29
CA LEU C 102 -43.83 -1.96 -1.07
C LEU C 102 -43.05 -2.09 -2.37
N ASN C 103 -41.81 -2.53 -2.26
CA ASN C 103 -40.93 -2.75 -3.38
C ASN C 103 -40.57 -4.23 -3.45
N ILE C 104 -40.48 -4.77 -4.66
CA ILE C 104 -40.28 -6.20 -4.85
C ILE C 104 -39.09 -6.42 -5.73
N TYR C 105 -38.22 -7.33 -5.28
CA TYR C 105 -37.08 -7.83 -6.07
C TYR C 105 -37.21 -9.32 -6.24
N THR C 106 -37.52 -9.76 -7.44
CA THR C 106 -37.70 -11.21 -7.71
C THR C 106 -36.77 -11.72 -8.83
N PRO C 107 -35.95 -12.73 -8.54
CA PRO C 107 -35.13 -13.39 -9.54
C PRO C 107 -35.87 -14.56 -10.23
N ALA C 108 -37.13 -14.81 -9.91
CA ALA C 108 -37.89 -15.92 -10.52
C ALA C 108 -38.11 -15.73 -12.00
N ASP C 109 -38.22 -16.86 -12.69
CA ASP C 109 -38.68 -16.92 -14.08
C ASP C 109 -40.20 -16.67 -14.03
N LEU C 110 -40.61 -15.47 -14.45
CA LEU C 110 -42.02 -15.07 -14.43
C LEU C 110 -42.94 -15.75 -15.47
N THR C 111 -42.37 -16.45 -16.44
CA THR C 111 -43.14 -17.28 -17.38
C THR C 111 -43.54 -18.62 -16.72
N LYS C 112 -42.77 -19.05 -15.72
CA LYS C 112 -43.06 -20.24 -14.92
C LYS C 112 -43.90 -19.85 -13.72
N ARG C 113 -44.21 -20.84 -12.89
CA ARG C 113 -44.91 -20.63 -11.62
C ARG C 113 -43.87 -20.93 -10.53
N GLY C 114 -43.01 -19.96 -10.27
CA GLY C 114 -41.98 -20.07 -9.24
C GLY C 114 -42.56 -20.21 -7.83
N ARG C 115 -41.75 -20.82 -6.96
CA ARG C 115 -42.05 -20.93 -5.57
C ARG C 115 -40.79 -20.67 -4.76
N LEU C 116 -40.23 -19.49 -4.95
CA LEU C 116 -39.04 -19.07 -4.18
C LEU C 116 -39.42 -18.61 -2.80
N PRO C 117 -38.55 -18.84 -1.82
CA PRO C 117 -38.78 -18.22 -0.52
C PRO C 117 -38.89 -16.70 -0.63
N VAL C 118 -39.71 -16.11 0.22
CA VAL C 118 -40.01 -14.67 0.21
C VAL C 118 -39.46 -14.10 1.49
N MET C 119 -38.66 -13.05 1.37
CA MET C 119 -38.09 -12.38 2.55
C MET C 119 -38.63 -10.95 2.60
N VAL C 120 -39.43 -10.65 3.62
CA VAL C 120 -40.13 -9.40 3.76
C VAL C 120 -39.40 -8.52 4.77
N TRP C 121 -38.80 -7.43 4.29
CA TRP C 121 -37.95 -6.55 5.10
C TRP C 121 -38.76 -5.44 5.73
N ILE C 122 -38.62 -5.28 7.03
CA ILE C 122 -39.27 -4.24 7.78
C ILE C 122 -38.19 -3.31 8.32
N HIS C 123 -38.05 -2.14 7.72
CA HIS C 123 -37.01 -1.19 8.12
C HIS C 123 -37.18 -0.65 9.55
N GLY C 124 -36.06 -0.24 10.12
CA GLY C 124 -36.03 0.49 11.37
C GLY C 124 -36.04 1.99 11.24
N GLY C 125 -35.71 2.66 12.35
CA GLY C 125 -35.83 4.10 12.53
C GLY C 125 -36.74 4.52 13.67
N GLY C 126 -36.71 3.76 14.78
CA GLY C 126 -37.45 4.08 15.99
C GLY C 126 -38.94 4.24 15.85
N LEU C 127 -39.54 3.71 14.78
CA LEU C 127 -40.95 3.93 14.48
C LEU C 127 -41.29 5.37 14.18
N VAL C 128 -40.27 6.19 13.89
CA VAL C 128 -40.46 7.61 13.55
C VAL C 128 -39.86 8.07 12.22
N VAL C 129 -38.81 7.40 11.74
CA VAL C 129 -38.19 7.71 10.46
C VAL C 129 -37.98 6.39 9.67
N GLY C 130 -37.51 6.53 8.44
CA GLY C 130 -37.14 5.39 7.63
C GLY C 130 -38.08 5.16 6.48
N GLY C 131 -37.69 4.24 5.62
CA GLY C 131 -38.51 3.83 4.50
C GLY C 131 -37.88 2.69 3.77
N ALA C 132 -38.63 2.13 2.84
CA ALA C 132 -38.23 0.91 2.18
C ALA C 132 -37.14 1.10 1.14
N SER C 133 -37.23 2.21 0.43
CA SER C 133 -36.43 2.42 -0.79
C SER C 133 -34.97 2.61 -0.50
N THR C 134 -34.61 2.89 0.75
CA THR C 134 -33.22 2.86 1.23
C THR C 134 -32.51 1.52 0.95
N TYR C 135 -33.27 0.44 0.97
CA TYR C 135 -32.79 -0.94 0.97
C TYR C 135 -33.01 -1.58 -0.39
N ASP C 136 -31.91 -1.77 -1.12
CA ASP C 136 -31.90 -2.42 -2.42
C ASP C 136 -31.82 -3.93 -2.22
N GLY C 137 -32.87 -4.65 -2.61
CA GLY C 137 -32.93 -6.14 -2.51
C GLY C 137 -32.19 -6.90 -3.63
N LEU C 138 -31.58 -6.17 -4.57
CA LEU C 138 -31.01 -6.76 -5.77
C LEU C 138 -29.95 -7.85 -5.51
N ALA C 139 -28.97 -7.54 -4.66
CA ALA C 139 -27.89 -8.48 -4.40
C ALA C 139 -28.35 -9.71 -3.65
N LEU C 140 -29.18 -9.52 -2.63
CA LEU C 140 -29.69 -10.66 -1.86
C LEU C 140 -30.53 -11.55 -2.77
N ALA C 141 -31.41 -10.97 -3.58
CA ALA C 141 -32.26 -11.76 -4.45
C ALA C 141 -31.47 -12.57 -5.45
N ALA C 142 -30.53 -11.92 -6.11
CA ALA C 142 -29.75 -12.57 -7.15
C ALA C 142 -28.78 -13.62 -6.60
N HIS C 143 -28.12 -13.33 -5.46
CA HIS C 143 -27.13 -14.28 -4.90
C HIS C 143 -27.78 -15.49 -4.29
N GLU C 144 -28.96 -15.34 -3.69
CA GLU C 144 -29.57 -16.43 -2.91
C GLU C 144 -30.87 -16.99 -3.44
N ASN C 145 -31.34 -16.44 -4.57
CA ASN C 145 -32.53 -16.95 -5.24
C ASN C 145 -33.75 -16.92 -4.32
N VAL C 146 -33.97 -15.73 -3.76
CA VAL C 146 -35.13 -15.41 -2.90
C VAL C 146 -35.84 -14.16 -3.43
N VAL C 147 -37.15 -14.07 -3.20
CA VAL C 147 -37.90 -12.85 -3.50
C VAL C 147 -37.77 -11.92 -2.29
N VAL C 148 -37.25 -10.71 -2.51
CA VAL C 148 -37.08 -9.72 -1.42
C VAL C 148 -38.17 -8.69 -1.56
N VAL C 149 -38.93 -8.48 -0.49
CA VAL C 149 -40.02 -7.48 -0.46
C VAL C 149 -39.74 -6.48 0.67
N ALA C 150 -39.54 -5.20 0.32
CA ALA C 150 -39.33 -4.17 1.33
C ALA C 150 -40.61 -3.36 1.49
N ILE C 151 -41.13 -3.31 2.71
CA ILE C 151 -42.44 -2.71 2.95
C ILE C 151 -42.30 -1.38 3.66
N GLN C 152 -43.37 -0.61 3.59
CA GLN C 152 -43.51 0.61 4.35
C GLN C 152 -44.67 0.52 5.29
N TYR C 153 -44.65 1.40 6.28
CA TYR C 153 -45.69 1.43 7.29
C TYR C 153 -45.71 2.80 7.91
N ARG C 154 -46.86 3.23 8.39
CA ARG C 154 -46.99 4.58 8.95
C ARG C 154 -46.15 4.78 10.17
N LEU C 155 -45.58 5.97 10.26
CA LEU C 155 -44.60 6.27 11.29
C LEU C 155 -45.08 7.38 12.21
N GLY C 156 -44.52 7.44 13.39
CA GLY C 156 -44.67 8.58 14.23
C GLY C 156 -46.11 8.78 14.63
N ILE C 157 -46.55 10.02 14.66
CA ILE C 157 -47.93 10.36 14.98
C ILE C 157 -48.93 9.61 14.09
N TRP C 158 -48.67 9.59 12.81
CA TRP C 158 -49.53 8.95 11.84
C TRP C 158 -49.65 7.43 12.08
N GLY C 159 -48.56 6.86 12.57
CA GLY C 159 -48.42 5.43 12.78
C GLY C 159 -48.81 4.90 14.16
N PHE C 160 -48.72 5.71 15.18
CA PHE C 160 -48.84 5.23 16.53
C PHE C 160 -49.69 6.10 17.47
N PHE C 161 -50.30 7.17 17.00
CA PHE C 161 -51.13 7.94 17.91
C PHE C 161 -52.23 7.06 18.51
N SER C 162 -52.34 7.06 19.82
CA SER C 162 -53.36 6.29 20.57
C SER C 162 -54.04 7.08 21.66
N THR C 163 -55.37 6.99 21.73
CA THR C 163 -56.17 7.53 22.87
C THR C 163 -56.44 6.45 23.93
N GLY C 164 -55.89 5.26 23.73
CA GLY C 164 -56.06 4.16 24.67
C GLY C 164 -57.43 3.53 24.67
N ASP C 165 -58.25 3.80 23.64
CA ASP C 165 -59.62 3.25 23.55
C ASP C 165 -60.04 3.12 22.06
N GLU C 166 -61.32 2.80 21.79
CA GLU C 166 -61.77 2.45 20.46
C GLU C 166 -61.70 3.58 19.42
N HIS C 167 -61.66 4.83 19.89
CA HIS C 167 -61.63 5.95 18.96
C HIS C 167 -60.30 6.13 18.24
N SER C 168 -59.23 5.66 18.87
CA SER C 168 -57.90 5.57 18.23
C SER C 168 -57.01 4.59 19.01
N ARG C 169 -57.17 3.30 18.70
CA ARG C 169 -56.50 2.26 19.45
C ARG C 169 -54.98 2.37 19.45
N GLY C 170 -54.44 2.66 18.29
CA GLY C 170 -53.00 2.77 18.08
C GLY C 170 -52.54 1.69 17.14
N ASN C 171 -51.22 1.56 17.06
CA ASN C 171 -50.56 0.51 16.28
C ASN C 171 -50.78 0.53 14.75
N TRP C 172 -51.12 1.70 14.20
CA TRP C 172 -51.48 1.78 12.79
C TRP C 172 -50.38 1.24 11.93
N GLY C 173 -49.17 1.57 12.27
CA GLY C 173 -48.02 1.07 11.52
C GLY C 173 -47.86 -0.45 11.56
N HIS C 174 -48.19 -1.07 12.69
CA HIS C 174 -48.16 -2.52 12.78
C HIS C 174 -49.33 -3.10 12.00
N LEU C 175 -50.51 -2.50 12.08
CA LEU C 175 -51.59 -2.95 11.19
C LEU C 175 -51.21 -2.85 9.70
N ASP C 176 -50.42 -1.83 9.31
CA ASP C 176 -49.97 -1.71 7.92
C ASP C 176 -49.01 -2.83 7.54
N GLN C 177 -48.13 -3.21 8.47
CA GLN C 177 -47.24 -4.33 8.31
C GLN C 177 -48.06 -5.61 8.08
N VAL C 178 -49.08 -5.79 8.89
CA VAL C 178 -49.98 -6.93 8.73
C VAL C 178 -50.67 -6.87 7.36
N ALA C 179 -51.18 -5.71 6.98
CA ALA C 179 -51.85 -5.60 5.68
C ALA C 179 -50.90 -5.96 4.56
N ALA C 180 -49.64 -5.59 4.70
CA ALA C 180 -48.66 -5.89 3.68
C ALA C 180 -48.42 -7.40 3.60
N LEU C 181 -48.40 -8.06 4.75
CA LEU C 181 -48.28 -9.51 4.80
C LEU C 181 -49.48 -10.25 4.20
N HIS C 182 -50.70 -9.75 4.43
CA HIS C 182 -51.89 -10.27 3.69
C HIS C 182 -51.74 -10.05 2.20
N TRP C 183 -51.20 -8.90 1.80
CA TRP C 183 -51.03 -8.63 0.37
C TRP C 183 -50.11 -9.66 -0.25
N VAL C 184 -49.00 -9.96 0.44
CA VAL C 184 -48.02 -10.98 0.01
C VAL C 184 -48.70 -12.36 -0.12
N GLN C 185 -49.54 -12.76 0.84
CA GLN C 185 -50.28 -14.02 0.71
C GLN C 185 -51.10 -14.05 -0.58
N GLU C 186 -51.89 -13.02 -0.81
CA GLU C 186 -52.78 -12.98 -1.96
C GLU C 186 -52.03 -12.89 -3.29
N ASN C 187 -50.87 -12.22 -3.34
CA ASN C 187 -50.30 -11.81 -4.63
C ASN C 187 -48.88 -12.25 -4.93
N ILE C 188 -48.12 -12.77 -3.97
CA ILE C 188 -46.69 -12.94 -4.23
C ILE C 188 -46.40 -14.11 -5.20
N ALA C 189 -47.36 -15.02 -5.34
CA ALA C 189 -47.21 -16.15 -6.30
C ALA C 189 -47.08 -15.64 -7.73
N ASN C 190 -47.72 -14.52 -8.07
CA ASN C 190 -47.52 -13.98 -9.41
C ASN C 190 -46.15 -13.35 -9.62
N PHE C 191 -45.41 -13.07 -8.55
CA PHE C 191 -44.00 -12.66 -8.61
C PHE C 191 -42.99 -13.79 -8.39
N GLY C 192 -43.45 -15.03 -8.51
CA GLY C 192 -42.59 -16.21 -8.31
C GLY C 192 -42.26 -16.57 -6.87
N GLY C 193 -43.01 -16.03 -5.93
CA GLY C 193 -42.77 -16.29 -4.52
C GLY C 193 -43.72 -17.35 -4.02
N ASP C 194 -43.27 -18.08 -3.01
CA ASP C 194 -44.06 -19.10 -2.34
C ASP C 194 -44.73 -18.46 -1.13
N PRO C 195 -46.04 -18.22 -1.22
CA PRO C 195 -46.72 -17.71 -0.01
C PRO C 195 -46.71 -18.63 1.22
N GLY C 196 -46.47 -19.93 1.05
CA GLY C 196 -46.19 -20.86 2.17
C GLY C 196 -44.78 -20.81 2.77
N SER C 197 -43.96 -19.84 2.33
CA SER C 197 -42.60 -19.68 2.85
C SER C 197 -42.12 -18.22 2.86
N VAL C 198 -42.55 -17.52 3.90
CA VAL C 198 -42.40 -16.11 4.02
C VAL C 198 -41.59 -15.92 5.30
N THR C 199 -40.47 -15.26 5.20
CA THR C 199 -39.67 -14.92 6.33
C THR C 199 -39.77 -13.40 6.52
N ILE C 200 -40.14 -12.95 7.71
CA ILE C 200 -40.13 -11.54 8.02
C ILE C 200 -38.80 -11.24 8.72
N PHE C 201 -38.16 -10.17 8.27
CA PHE C 201 -36.90 -9.77 8.88
C PHE C 201 -36.83 -8.27 8.95
N GLY C 202 -36.13 -7.78 9.97
CA GLY C 202 -36.04 -6.37 10.19
C GLY C 202 -34.97 -6.02 11.18
N GLU C 203 -34.61 -4.76 11.22
CA GLU C 203 -33.57 -4.28 12.05
C GLU C 203 -34.06 -3.11 12.91
N SER C 204 -33.62 -3.09 14.15
CA SER C 204 -33.89 -2.01 15.11
C SER C 204 -35.40 -1.94 15.38
N ALA C 205 -36.09 -0.83 15.13
CA ALA C 205 -37.56 -0.85 15.26
C ALA C 205 -38.25 -1.87 14.32
N GLY C 206 -37.61 -2.21 13.21
CA GLY C 206 -38.11 -3.24 12.30
C GLY C 206 -37.97 -4.62 12.91
N GLY C 207 -36.92 -4.81 13.72
CA GLY C 207 -36.76 -5.99 14.56
C GLY C 207 -37.80 -6.05 15.68
N GLU C 208 -38.05 -4.92 16.32
CA GLU C 208 -39.13 -4.85 17.30
C GLU C 208 -40.43 -5.22 16.67
N SER C 209 -40.66 -4.69 15.48
CA SER C 209 -41.88 -4.99 14.71
C SER C 209 -42.02 -6.50 14.40
N VAL C 210 -40.93 -7.15 13.97
CA VAL C 210 -40.90 -8.60 13.75
C VAL C 210 -41.30 -9.28 15.04
N SER C 211 -40.67 -8.86 16.14
CA SER C 211 -40.97 -9.46 17.44
C SER C 211 -42.43 -9.30 17.82
N VAL C 212 -43.00 -8.12 17.57
CA VAL C 212 -44.43 -7.88 17.83
C VAL C 212 -45.33 -8.74 16.93
N LEU C 213 -44.93 -8.96 15.69
CA LEU C 213 -45.69 -9.79 14.81
C LEU C 213 -45.65 -11.28 15.22
N VAL C 214 -44.52 -11.72 15.71
CA VAL C 214 -44.36 -13.01 16.30
C VAL C 214 -45.35 -13.21 17.44
N LEU C 215 -45.56 -12.18 18.26
CA LEU C 215 -46.52 -12.25 19.40
C LEU C 215 -47.99 -12.04 19.05
N SER C 216 -48.28 -11.49 17.88
CA SER C 216 -49.63 -11.03 17.57
C SER C 216 -50.52 -12.12 16.99
N PRO C 217 -51.72 -12.31 17.55
CA PRO C 217 -52.64 -13.23 16.86
C PRO C 217 -53.12 -12.75 15.49
N LEU C 218 -53.07 -11.46 15.19
CA LEU C 218 -53.39 -10.98 13.82
C LEU C 218 -52.46 -11.49 12.73
N ALA C 219 -51.23 -11.86 13.08
CA ALA C 219 -50.22 -12.23 12.11
C ALA C 219 -50.06 -13.71 11.96
N LYS C 220 -50.91 -14.47 12.62
CA LYS C 220 -50.94 -15.93 12.47
C LYS C 220 -51.06 -16.40 11.03
N ASN C 221 -50.22 -17.37 10.65
CA ASN C 221 -50.15 -17.93 9.28
C ASN C 221 -49.80 -16.95 8.18
N LEU C 222 -49.25 -15.77 8.53
CA LEU C 222 -48.81 -14.81 7.51
C LEU C 222 -47.31 -14.84 7.26
N PHE C 223 -46.60 -15.58 8.10
CA PHE C 223 -45.18 -15.81 7.90
C PHE C 223 -44.73 -17.11 8.59
N HIS C 224 -43.59 -17.64 8.18
CA HIS C 224 -43.12 -18.95 8.63
C HIS C 224 -41.73 -18.97 9.27
N ARG C 225 -41.01 -17.85 9.17
CA ARG C 225 -39.72 -17.65 9.84
C ARG C 225 -39.61 -16.20 10.19
N ALA C 226 -38.83 -15.89 11.23
CA ALA C 226 -38.62 -14.55 11.69
C ALA C 226 -37.14 -14.28 11.96
N ILE C 227 -36.72 -13.03 11.71
CA ILE C 227 -35.35 -12.58 12.04
C ILE C 227 -35.42 -11.17 12.60
N SER C 228 -35.05 -11.03 13.87
CA SER C 228 -34.94 -9.75 14.53
C SER C 228 -33.48 -9.34 14.70
N GLU C 229 -33.03 -8.34 13.93
CA GLU C 229 -31.68 -7.83 13.96
C GLU C 229 -31.71 -6.59 14.85
N SER C 230 -31.03 -6.65 15.99
CA SER C 230 -30.86 -5.51 16.88
C SER C 230 -32.20 -4.89 17.30
N GLY C 231 -33.16 -5.74 17.62
CA GLY C 231 -34.41 -5.23 18.19
C GLY C 231 -35.50 -6.28 18.38
N VAL C 232 -36.12 -6.29 19.57
CA VAL C 232 -37.24 -7.15 19.88
C VAL C 232 -38.29 -6.33 20.66
N ALA C 233 -39.36 -6.97 21.13
CA ALA C 233 -40.46 -6.25 21.83
C ALA C 233 -40.01 -5.45 23.04
N PHE C 234 -39.06 -5.97 23.79
CA PHE C 234 -38.55 -5.26 25.00
C PHE C 234 -37.52 -4.18 24.75
N THR C 235 -37.09 -4.02 23.49
CA THR C 235 -36.00 -3.07 23.11
C THR C 235 -36.46 -1.62 23.26
N ALA C 236 -35.68 -0.83 23.99
CA ALA C 236 -35.90 0.64 24.12
C ALA C 236 -37.29 1.07 24.68
N GLY C 237 -37.97 0.19 25.43
CA GLY C 237 -39.36 0.42 25.83
C GLY C 237 -40.30 0.80 24.70
N LEU C 238 -40.05 0.26 23.50
CA LEU C 238 -40.90 0.51 22.35
C LEU C 238 -42.30 -0.13 22.46
N VAL C 239 -42.57 -0.92 23.50
CA VAL C 239 -43.91 -1.42 23.78
C VAL C 239 -44.36 -0.99 25.15
N ARG C 240 -45.51 -0.31 25.23
CA ARG C 240 -46.05 0.17 26.52
C ARG C 240 -47.51 -0.18 26.67
N LYS C 241 -47.98 -0.12 27.91
CA LYS C 241 -49.38 -0.39 28.22
C LYS C 241 -50.27 0.71 27.62
N ASP C 242 -49.79 1.94 27.60
CA ASP C 242 -50.59 3.09 27.22
C ASP C 242 -49.68 4.22 26.75
N MET C 243 -50.29 5.34 26.40
CA MET C 243 -49.61 6.50 25.85
C MET C 243 -50.29 7.79 26.39
N LYS C 244 -50.87 7.73 27.57
CA LYS C 244 -51.58 8.89 28.18
C LYS C 244 -50.77 10.21 28.17
N ALA C 245 -49.54 10.15 28.66
CA ALA C 245 -48.74 11.35 28.87
C ALA C 245 -48.28 11.97 27.53
N ALA C 246 -47.83 11.11 26.60
CA ALA C 246 -47.41 11.61 25.30
C ALA C 246 -48.59 12.18 24.55
N ALA C 247 -49.77 11.56 24.69
CA ALA C 247 -51.00 12.04 24.04
C ALA C 247 -51.41 13.40 24.53
N LYS C 248 -51.29 13.64 25.82
CA LYS C 248 -51.50 14.99 26.40
C LYS C 248 -50.56 16.04 25.79
N GLN C 249 -49.29 15.69 25.62
CA GLN C 249 -48.33 16.61 25.01
C GLN C 249 -48.73 16.94 23.58
N ILE C 250 -49.22 15.93 22.86
CA ILE C 250 -49.63 16.10 21.47
C ILE C 250 -50.80 17.03 21.40
N ALA C 251 -51.73 16.87 22.31
CA ALA C 251 -52.89 17.74 22.36
C ALA C 251 -52.58 19.22 22.58
N VAL C 252 -51.68 19.50 23.52
CA VAL C 252 -51.26 20.85 23.79
C VAL C 252 -50.56 21.39 22.55
N LEU C 253 -49.60 20.65 21.99
CA LEU C 253 -48.88 21.16 20.81
C LEU C 253 -49.76 21.39 19.59
N ALA C 254 -50.77 20.56 19.43
CA ALA C 254 -51.72 20.67 18.32
C ALA C 254 -52.88 21.63 18.54
N GLY C 255 -53.10 22.11 19.76
CA GLY C 255 -54.25 22.93 20.10
C GLY C 255 -55.58 22.17 20.01
N CYS C 256 -55.57 20.89 20.39
CA CYS C 256 -56.77 20.04 20.40
C CYS C 256 -57.35 19.89 21.78
N LYS C 257 -58.64 20.04 21.92
CA LYS C 257 -59.31 19.72 23.19
C LYS C 257 -59.27 18.21 23.42
N THR C 258 -59.07 17.80 24.68
CA THR C 258 -59.14 16.42 25.10
C THR C 258 -60.38 16.10 25.92
N THR C 259 -61.43 16.87 25.79
CA THR C 259 -62.71 16.63 26.53
C THR C 259 -63.10 15.16 26.45
N THR C 260 -63.05 14.59 25.24
CA THR C 260 -63.20 13.13 25.03
C THR C 260 -62.18 12.67 24.04
N SER C 261 -61.92 11.38 24.03
CA SER C 261 -61.10 10.81 22.95
C SER C 261 -61.62 11.07 21.52
N ALA C 262 -62.93 10.93 21.28
CA ALA C 262 -63.44 11.11 19.91
C ALA C 262 -63.17 12.53 19.43
N VAL C 263 -63.41 13.51 20.30
CA VAL C 263 -63.20 14.91 19.94
C VAL C 263 -61.71 15.16 19.67
N PHE C 264 -60.82 14.57 20.46
CA PHE C 264 -59.41 14.67 20.24
C PHE C 264 -58.99 14.11 18.89
N VAL C 265 -59.31 12.85 18.60
CA VAL C 265 -58.91 12.27 17.35
C VAL C 265 -59.56 12.98 16.15
N HIS C 266 -60.79 13.45 16.27
CA HIS C 266 -61.44 14.19 15.20
C HIS C 266 -60.69 15.51 14.90
N CYS C 267 -60.22 16.19 15.95
CA CYS C 267 -59.44 17.41 15.76
C CYS C 267 -58.15 17.07 15.04
N LEU C 268 -57.42 16.04 15.44
CA LEU C 268 -56.24 15.69 14.70
C LEU C 268 -56.46 15.30 13.29
N ARG C 269 -57.59 14.68 12.98
CA ARG C 269 -57.92 14.35 11.59
C ARG C 269 -58.17 15.53 10.68
N GLN C 270 -58.48 16.68 11.26
CA GLN C 270 -58.72 17.90 10.48
C GLN C 270 -57.42 18.66 10.19
N LYS C 271 -56.33 18.32 10.87
CA LYS C 271 -55.02 18.92 10.63
C LYS C 271 -54.41 18.58 9.25
N SER C 272 -53.67 19.50 8.68
CA SER C 272 -53.04 19.25 7.38
C SER C 272 -51.79 18.42 7.63
N GLU C 273 -51.24 17.85 6.58
CA GLU C 273 -49.96 17.17 6.68
C GLU C 273 -48.88 18.10 7.27
N ASP C 274 -48.79 19.32 6.75
CA ASP C 274 -47.83 20.31 7.26
C ASP C 274 -48.00 20.56 8.77
N GLU C 275 -49.23 20.74 9.23
CA GLU C 275 -49.46 20.93 10.66
C GLU C 275 -49.01 19.70 11.46
N LEU C 276 -49.24 18.48 10.95
CA LEU C 276 -48.78 17.28 11.68
C LEU C 276 -47.28 17.10 11.64
N LEU C 277 -46.68 17.51 10.51
CA LEU C 277 -45.21 17.53 10.42
C LEU C 277 -44.61 18.47 11.43
N ASP C 278 -45.16 19.66 11.50
CA ASP C 278 -44.67 20.64 12.47
C ASP C 278 -44.80 20.11 13.88
N LEU C 279 -45.94 19.51 14.18
CA LEU C 279 -46.13 18.89 15.49
C LEU C 279 -45.05 17.82 15.72
N THR C 280 -44.72 17.04 14.66
CA THR C 280 -43.69 16.07 14.72
C THR C 280 -42.36 16.68 15.13
N LEU C 281 -41.94 17.77 14.46
CA LEU C 281 -40.66 18.41 14.81
C LEU C 281 -40.65 18.87 16.25
N LYS C 282 -41.76 19.39 16.75
CA LYS C 282 -41.87 19.85 18.15
C LYS C 282 -41.80 18.78 19.21
N MET C 283 -42.23 17.56 18.89
CA MET C 283 -42.09 16.42 19.77
C MET C 283 -40.63 15.94 19.90
N LYS C 284 -39.76 16.28 18.96
CA LYS C 284 -38.31 16.00 19.06
C LYS C 284 -38.02 14.54 19.25
N PHE C 285 -38.59 13.76 18.35
CA PHE C 285 -38.44 12.29 18.40
C PHE C 285 -36.99 11.91 18.11
N PHE C 286 -36.60 10.75 18.63
CA PHE C 286 -35.29 10.14 18.38
C PHE C 286 -34.13 10.97 18.95
N ALA C 287 -34.40 11.64 20.07
CA ALA C 287 -33.46 12.61 20.65
C ALA C 287 -33.51 12.54 22.16
N LEU C 288 -32.33 12.56 22.77
CA LEU C 288 -32.22 12.61 24.21
C LEU C 288 -32.59 14.02 24.68
N ASP C 289 -33.58 14.09 25.57
CA ASP C 289 -33.94 15.33 26.24
C ASP C 289 -32.91 15.57 27.37
N LEU C 290 -32.06 16.60 27.21
CA LEU C 290 -31.01 16.93 28.19
C LEU C 290 -31.46 17.81 29.36
N HIS C 291 -32.58 18.51 29.21
CA HIS C 291 -32.98 19.57 30.13
C HIS C 291 -34.21 19.25 30.97
N GLY C 292 -35.24 18.69 30.34
CA GLY C 292 -36.48 18.33 31.01
C GLY C 292 -36.39 17.13 31.95
N ASP C 293 -37.54 16.79 32.54
CA ASP C 293 -37.73 15.60 33.38
C ASP C 293 -37.64 14.34 32.48
N PRO C 294 -36.70 13.41 32.76
CA PRO C 294 -36.63 12.19 31.94
C PRO C 294 -37.86 11.30 32.01
N ARG C 295 -38.60 11.30 33.13
CA ARG C 295 -39.88 10.59 33.21
C ARG C 295 -40.98 11.11 32.23
N GLU C 296 -40.84 12.35 31.77
CA GLU C 296 -41.81 12.98 30.88
C GLU C 296 -41.31 13.09 29.43
N SER C 297 -40.20 12.46 29.11
CA SER C 297 -39.64 12.48 27.77
C SER C 297 -40.14 11.24 26.98
N HIS C 298 -40.49 11.47 25.72
CA HIS C 298 -41.13 10.49 24.88
C HIS C 298 -40.54 10.56 23.48
N PRO C 299 -39.31 10.08 23.31
CA PRO C 299 -38.64 10.24 22.03
C PRO C 299 -39.15 9.29 20.94
N PHE C 300 -40.03 8.35 21.29
CA PHE C 300 -40.72 7.46 20.35
C PHE C 300 -42.18 7.39 20.76
N LEU C 301 -43.08 7.33 19.81
CA LEU C 301 -44.45 6.93 20.11
C LEU C 301 -44.45 5.43 19.94
N THR C 302 -45.00 4.72 20.90
CA THR C 302 -44.74 3.33 20.99
C THR C 302 -45.84 2.44 20.44
N THR C 303 -45.45 1.20 20.15
CA THR C 303 -46.43 0.09 20.11
C THR C 303 -47.17 0.07 21.45
N VAL C 304 -48.48 -0.13 21.41
CA VAL C 304 -49.27 -0.25 22.64
C VAL C 304 -50.06 -1.56 22.68
N VAL C 305 -50.52 -1.89 23.88
CA VAL C 305 -51.46 -2.95 24.12
C VAL C 305 -52.86 -2.41 23.79
N ASP C 306 -53.38 -2.78 22.65
CA ASP C 306 -54.64 -2.24 22.12
C ASP C 306 -55.78 -3.24 22.13
N GLY C 307 -55.49 -4.51 22.43
CA GLY C 307 -56.53 -5.57 22.44
C GLY C 307 -56.86 -6.15 21.09
N VAL C 308 -56.09 -5.82 20.06
CA VAL C 308 -56.33 -6.27 18.70
C VAL C 308 -55.02 -6.83 18.13
N LEU C 309 -54.04 -5.98 17.86
CA LEU C 309 -52.67 -6.46 17.56
C LEU C 309 -52.03 -7.19 18.75
N LEU C 310 -52.19 -6.64 19.95
CA LEU C 310 -51.64 -7.23 21.17
C LEU C 310 -52.73 -7.28 22.21
N PRO C 311 -53.18 -8.48 22.59
CA PRO C 311 -54.20 -8.59 23.64
C PRO C 311 -53.71 -8.24 25.03
N LYS C 312 -52.41 -8.35 25.25
CA LYS C 312 -51.81 -8.05 26.54
C LYS C 312 -50.32 -7.72 26.36
N MET C 313 -49.64 -7.37 27.45
CA MET C 313 -48.22 -7.01 27.37
C MET C 313 -47.36 -8.20 26.85
N PRO C 314 -46.21 -7.92 26.20
CA PRO C 314 -45.37 -9.00 25.64
C PRO C 314 -44.88 -10.03 26.65
N GLU C 315 -44.56 -9.59 27.88
CA GLU C 315 -44.17 -10.50 29.00
C GLU C 315 -45.19 -11.61 29.18
N GLU C 316 -46.47 -11.23 29.15
CA GLU C 316 -47.56 -12.16 29.41
C GLU C 316 -47.86 -13.03 28.21
N ILE C 317 -47.69 -12.53 27.00
CA ILE C 317 -47.88 -13.37 25.83
C ILE C 317 -46.76 -14.39 25.75
N LEU C 318 -45.53 -13.93 26.01
CA LEU C 318 -44.34 -14.81 26.03
C LEU C 318 -44.47 -15.92 27.09
N ALA C 319 -44.83 -15.56 28.33
CA ALA C 319 -44.98 -16.54 29.41
C ALA C 319 -46.07 -17.60 29.16
N GLU C 320 -47.15 -17.22 28.47
CA GLU C 320 -48.28 -18.13 28.15
C GLU C 320 -48.11 -19.03 26.92
N LYS C 321 -47.09 -18.77 26.11
CA LYS C 321 -46.60 -19.68 25.04
C LYS C 321 -47.51 -19.90 23.83
N ASP C 322 -48.57 -19.11 23.72
CA ASP C 322 -49.51 -19.18 22.61
C ASP C 322 -49.22 -17.93 21.76
N PHE C 323 -48.40 -18.12 20.73
CA PHE C 323 -48.05 -17.08 19.79
C PHE C 323 -47.45 -17.73 18.55
N ASN C 324 -46.99 -16.96 17.57
CA ASN C 324 -46.49 -17.56 16.33
C ASN C 324 -45.08 -18.15 16.52
N THR C 325 -45.06 -19.41 16.91
CA THR C 325 -43.87 -20.10 17.38
C THR C 325 -43.07 -20.61 16.20
N VAL C 326 -42.68 -19.70 15.32
CA VAL C 326 -41.92 -20.06 14.12
C VAL C 326 -40.43 -20.06 14.43
N PRO C 327 -39.64 -20.68 13.58
CA PRO C 327 -38.20 -20.49 13.72
C PRO C 327 -37.80 -19.01 13.74
N TYR C 328 -36.88 -18.65 14.62
CA TYR C 328 -36.56 -17.27 14.91
C TYR C 328 -35.06 -17.07 15.14
N ILE C 329 -34.44 -16.26 14.31
CA ILE C 329 -33.08 -15.80 14.54
C ILE C 329 -33.22 -14.46 15.28
N VAL C 330 -32.60 -14.32 16.45
CA VAL C 330 -32.57 -13.08 17.20
C VAL C 330 -31.10 -12.70 17.40
N GLY C 331 -30.69 -11.53 16.92
CA GLY C 331 -29.27 -11.16 17.03
C GLY C 331 -29.02 -9.71 17.40
N ILE C 332 -27.80 -9.45 17.81
CA ILE C 332 -27.32 -8.13 18.18
C ILE C 332 -25.95 -7.89 17.57
N ASN C 333 -25.50 -6.65 17.62
CA ASN C 333 -24.15 -6.31 17.26
C ASN C 333 -23.27 -6.03 18.50
N LYS C 334 -21.96 -6.16 18.30
CA LYS C 334 -20.97 -6.05 19.36
C LYS C 334 -21.07 -4.76 20.15
N GLN C 335 -21.38 -3.67 19.47
CA GLN C 335 -21.40 -2.35 20.07
C GLN C 335 -22.59 -1.58 19.54
N GLU C 336 -23.77 -1.98 19.99
CA GLU C 336 -25.01 -1.37 19.52
C GLU C 336 -25.08 0.15 19.76
N PHE C 337 -24.47 0.61 20.86
CA PHE C 337 -24.42 2.03 21.17
C PHE C 337 -23.04 2.67 20.86
N GLY C 338 -22.32 2.10 19.91
CA GLY C 338 -20.96 2.50 19.64
C GLY C 338 -20.79 3.94 19.13
N TRP C 339 -21.59 4.32 18.14
CA TRP C 339 -21.43 5.62 17.51
C TRP C 339 -22.73 6.17 16.90
N LEU C 340 -23.35 5.40 16.01
CA LEU C 340 -24.52 5.88 15.26
C LEU C 340 -25.63 6.47 16.15
N LEU C 341 -26.04 5.71 17.16
CA LEU C 341 -27.18 6.08 18.02
C LEU C 341 -26.89 7.21 18.98
N PRO C 342 -25.78 7.14 19.74
CA PRO C 342 -25.53 8.29 20.56
C PRO C 342 -25.33 9.61 19.76
N THR C 343 -24.70 9.54 18.59
CA THR C 343 -24.60 10.68 17.69
C THR C 343 -25.97 11.16 17.22
N MET C 344 -26.75 10.27 16.61
CA MET C 344 -28.10 10.63 16.13
C MET C 344 -29.06 11.14 17.23
N MET C 345 -28.97 10.58 18.42
CA MET C 345 -29.80 10.99 19.54
C MET C 345 -29.26 12.21 20.30
N GLY C 346 -28.11 12.73 19.92
CA GLY C 346 -27.55 13.96 20.53
C GLY C 346 -27.03 13.74 21.94
N PHE C 347 -26.41 12.59 22.20
CA PHE C 347 -25.73 12.37 23.47
C PHE C 347 -24.49 13.28 23.50
N PRO C 348 -24.24 13.98 24.63
CA PRO C 348 -23.08 14.91 24.70
C PRO C 348 -21.77 14.14 24.95
N LEU C 349 -21.34 13.41 23.93
CA LEU C 349 -20.24 12.44 24.02
C LEU C 349 -19.30 12.60 22.83
N SER C 350 -19.10 13.83 22.35
CA SER C 350 -18.10 14.08 21.32
C SER C 350 -16.70 14.09 21.97
N GLU C 351 -16.64 14.55 23.23
CA GLU C 351 -15.38 14.73 24.00
C GLU C 351 -14.28 13.66 23.90
N GLY C 352 -14.66 12.39 23.65
CA GLY C 352 -13.70 11.26 23.66
C GLY C 352 -13.40 10.75 25.07
N LYS C 353 -14.19 11.23 26.04
CA LYS C 353 -13.81 11.31 27.44
C LYS C 353 -15.07 11.45 28.30
N LEU C 354 -15.18 10.66 29.35
CA LEU C 354 -16.36 10.70 30.22
C LEU C 354 -16.02 10.30 31.65
N ASP C 355 -16.48 11.09 32.63
CA ASP C 355 -16.33 10.72 34.05
C ASP C 355 -17.60 10.00 34.55
N GLN C 356 -17.51 9.42 35.74
CA GLN C 356 -18.58 8.55 36.25
C GLN C 356 -19.82 9.28 36.75
N LYS C 357 -19.69 10.52 37.22
CA LYS C 357 -20.87 11.33 37.60
C LYS C 357 -21.75 11.63 36.37
N THR C 358 -21.09 11.99 35.26
CA THR C 358 -21.75 12.29 34.00
C THR C 358 -22.37 11.04 33.35
N ALA C 359 -21.69 9.90 33.43
CA ALA C 359 -22.25 8.62 32.96
C ALA C 359 -23.56 8.27 33.68
N THR C 360 -23.55 8.43 35.01
CA THR C 360 -24.71 8.25 35.88
C THR C 360 -25.84 9.19 35.49
N SER C 361 -25.49 10.46 35.27
CA SER C 361 -26.44 11.48 34.81
C SER C 361 -27.04 11.13 33.43
N LEU C 362 -26.20 10.76 32.47
CA LEU C 362 -26.69 10.38 31.14
C LEU C 362 -27.53 9.10 31.12
N LEU C 363 -27.23 8.15 32.00
CA LEU C 363 -28.08 6.96 32.13
C LEU C 363 -29.48 7.28 32.68
N TRP C 364 -29.52 8.19 33.66
CA TRP C 364 -30.81 8.68 34.15
C TRP C 364 -31.62 9.40 33.05
N LYS C 365 -30.98 10.28 32.29
CA LYS C 365 -31.67 10.99 31.20
C LYS C 365 -32.12 10.04 30.08
N SER C 366 -31.44 8.90 29.95
CA SER C 366 -31.86 7.87 29.01
C SER C 366 -33.05 7.03 29.52
N TYR C 367 -33.70 7.40 30.63
CA TYR C 367 -34.85 6.65 31.16
C TYR C 367 -35.90 6.15 30.13
N PRO C 368 -36.29 7.01 29.18
CA PRO C 368 -37.24 6.54 28.18
C PRO C 368 -36.82 5.28 27.41
N ILE C 369 -35.51 5.12 27.11
CA ILE C 369 -34.99 3.92 26.44
C ILE C 369 -34.33 2.86 27.34
N ALA C 370 -33.83 3.25 28.50
CA ALA C 370 -33.12 2.36 29.41
C ALA C 370 -33.98 1.83 30.56
N ASN C 371 -34.95 2.63 31.01
CA ASN C 371 -35.90 2.28 32.06
C ASN C 371 -35.29 1.96 33.42
N ILE C 372 -34.25 2.69 33.78
CA ILE C 372 -33.56 2.49 35.08
C ILE C 372 -33.87 3.66 35.97
N PRO C 373 -34.50 3.40 37.16
CA PRO C 373 -34.88 4.48 38.08
C PRO C 373 -33.67 5.24 38.59
N GLU C 374 -33.88 6.50 38.96
CA GLU C 374 -32.78 7.41 39.32
C GLU C 374 -31.82 6.82 40.37
N GLU C 375 -32.36 6.18 41.40
CA GLU C 375 -31.57 5.73 42.58
C GLU C 375 -30.72 4.50 42.24
N LEU C 376 -31.13 3.70 41.27
CA LEU C 376 -30.35 2.52 40.83
C LEU C 376 -29.34 2.83 39.71
N THR C 377 -29.30 4.07 39.31
CA THR C 377 -28.49 4.49 38.18
C THR C 377 -26.95 4.53 38.52
N PRO C 378 -26.55 4.98 39.74
CA PRO C 378 -25.11 4.88 40.09
C PRO C 378 -24.64 3.44 40.28
N VAL C 379 -25.53 2.54 40.64
CA VAL C 379 -25.19 1.12 40.83
C VAL C 379 -24.83 0.49 39.46
N ALA C 380 -25.60 0.84 38.42
CA ALA C 380 -25.33 0.38 37.04
C ALA C 380 -24.02 0.89 36.48
N THR C 381 -23.76 2.19 36.63
CA THR C 381 -22.48 2.76 36.16
C THR C 381 -21.27 2.33 36.98
N ASP C 382 -21.44 2.14 38.29
CA ASP C 382 -20.37 1.56 39.12
C ASP C 382 -20.04 0.15 38.63
N LYS C 383 -21.06 -0.67 38.38
CA LYS C 383 -20.84 -2.02 37.87
C LYS C 383 -20.00 -2.05 36.59
N TYR C 384 -20.26 -1.14 35.66
CA TYR C 384 -19.61 -1.17 34.34
C TYR C 384 -18.35 -0.32 34.25
N LEU C 385 -18.33 0.81 34.95
CA LEU C 385 -17.22 1.80 34.89
C LEU C 385 -16.29 1.82 36.14
N GLY C 386 -16.73 1.24 37.26
CA GLY C 386 -16.02 1.37 38.55
C GLY C 386 -14.68 0.66 38.66
N GLY C 387 -14.43 -0.30 37.76
CA GLY C 387 -13.17 -1.02 37.69
C GLY C 387 -12.04 -0.34 36.92
N THR C 388 -12.20 0.93 36.52
CA THR C 388 -11.11 1.70 35.88
C THR C 388 -11.20 3.23 36.16
N ASP C 389 -10.03 3.87 36.25
CA ASP C 389 -9.90 5.33 36.45
C ASP C 389 -9.85 6.09 35.14
N ASP C 390 -9.50 5.37 34.07
CA ASP C 390 -9.23 5.93 32.74
C ASP C 390 -10.56 6.44 32.10
N PRO C 391 -10.69 7.77 31.91
CA PRO C 391 -11.96 8.30 31.36
C PRO C 391 -12.25 7.95 29.88
N VAL C 392 -11.22 7.69 29.07
CA VAL C 392 -11.38 7.19 27.69
C VAL C 392 -12.04 5.78 27.71
N LYS C 393 -11.57 4.93 28.62
CA LYS C 393 -12.16 3.61 28.85
C LYS C 393 -13.56 3.68 29.50
N LYS C 394 -13.79 4.62 30.40
CA LYS C 394 -15.13 4.83 30.99
C LYS C 394 -16.20 5.17 29.93
N LYS C 395 -15.83 5.96 28.92
CA LYS C 395 -16.73 6.30 27.82
C LYS C 395 -17.09 5.04 27.06
N ASP C 396 -16.09 4.32 26.59
CA ASP C 396 -16.30 3.08 25.85
C ASP C 396 -17.16 2.07 26.66
N LEU C 397 -16.91 1.98 27.96
CA LEU C 397 -17.70 1.10 28.83
C LEU C 397 -19.12 1.58 29.08
N PHE C 398 -19.33 2.89 29.10
CA PHE C 398 -20.69 3.45 29.19
C PHE C 398 -21.53 3.10 27.93
N LEU C 399 -20.89 3.12 26.78
CA LEU C 399 -21.54 2.74 25.54
C LEU C 399 -21.83 1.24 25.47
N ASP C 400 -20.95 0.40 26.03
CA ASP C 400 -21.26 -1.02 26.28
C ASP C 400 -22.49 -1.16 27.21
N LEU C 401 -22.52 -0.37 28.30
CA LEU C 401 -23.67 -0.33 29.21
C LEU C 401 -24.99 -0.05 28.45
N MET C 402 -25.00 1.02 27.69
CA MET C 402 -26.21 1.43 26.96
C MET C 402 -26.65 0.40 25.94
N GLY C 403 -25.68 -0.19 25.24
CA GLY C 403 -25.95 -1.30 24.33
C GLY C 403 -26.61 -2.50 25.01
N ASP C 404 -26.10 -2.88 26.17
CA ASP C 404 -26.61 -4.02 26.88
C ASP C 404 -28.03 -3.79 27.39
N VAL C 405 -28.27 -2.64 28.05
CA VAL C 405 -29.61 -2.38 28.63
C VAL C 405 -30.75 -2.13 27.59
N VAL C 406 -30.41 -1.45 26.50
CA VAL C 406 -31.33 -1.15 25.42
C VAL C 406 -31.52 -2.28 24.41
N PHE C 407 -30.46 -3.01 24.06
CA PHE C 407 -30.52 -4.04 23.00
C PHE C 407 -30.22 -5.48 23.46
N GLY C 408 -29.04 -5.67 24.06
CA GLY C 408 -28.52 -7.01 24.38
C GLY C 408 -29.37 -7.82 25.34
N VAL C 409 -29.69 -7.23 26.49
CA VAL C 409 -30.53 -7.89 27.49
C VAL C 409 -31.97 -8.20 26.99
N PRO C 410 -32.64 -7.19 26.42
CA PRO C 410 -33.92 -7.48 25.78
C PRO C 410 -33.87 -8.62 24.75
N SER C 411 -32.86 -8.62 23.87
CA SER C 411 -32.78 -9.64 22.81
C SER C 411 -32.66 -11.06 23.35
N VAL C 412 -31.72 -11.22 24.28
CA VAL C 412 -31.52 -12.50 24.94
C VAL C 412 -32.75 -12.92 25.72
N THR C 413 -33.35 -12.00 26.47
CA THR C 413 -34.57 -12.29 27.23
C THR C 413 -35.68 -12.87 26.33
N VAL C 414 -35.89 -12.27 25.17
CA VAL C 414 -36.90 -12.74 24.21
C VAL C 414 -36.51 -14.10 23.59
N ALA C 415 -35.25 -14.26 23.15
CA ALA C 415 -34.80 -15.49 22.55
C ALA C 415 -35.03 -16.65 23.50
N ARG C 416 -34.70 -16.44 24.79
CA ARG C 416 -34.93 -17.45 25.84
C ARG C 416 -36.39 -17.86 25.96
N GLN C 417 -37.28 -16.89 25.98
CA GLN C 417 -38.71 -17.22 26.12
C GLN C 417 -39.28 -17.86 24.86
N HIS C 418 -38.74 -17.49 23.70
CA HIS C 418 -39.12 -18.11 22.43
C HIS C 418 -38.68 -19.59 22.41
N ARG C 419 -37.43 -19.83 22.77
CA ARG C 419 -36.91 -21.17 22.90
C ARG C 419 -37.75 -22.01 23.91
N ASP C 420 -38.12 -21.41 25.03
CA ASP C 420 -38.91 -22.08 26.06
C ASP C 420 -40.39 -22.28 25.71
N ALA C 421 -40.87 -21.61 24.66
CA ALA C 421 -42.17 -21.96 24.06
C ALA C 421 -42.09 -23.13 23.08
N GLY C 422 -40.90 -23.64 22.83
CA GLY C 422 -40.69 -24.85 22.04
C GLY C 422 -40.30 -24.60 20.60
N ALA C 423 -39.99 -23.36 20.26
CA ALA C 423 -39.70 -23.02 18.86
C ALA C 423 -38.21 -23.02 18.57
N PRO C 424 -37.81 -23.43 17.35
CA PRO C 424 -36.39 -23.33 17.02
C PRO C 424 -35.91 -21.87 17.04
N THR C 425 -34.79 -21.64 17.72
CA THR C 425 -34.30 -20.36 18.03
C THR C 425 -32.79 -20.34 17.74
N TYR C 426 -32.31 -19.25 17.15
CA TYR C 426 -30.90 -19.05 16.90
C TYR C 426 -30.53 -17.64 17.34
N MET C 427 -29.33 -17.46 17.85
CA MET C 427 -28.82 -16.14 18.20
C MET C 427 -27.52 -15.87 17.53
N TYR C 428 -27.22 -14.60 17.27
CA TYR C 428 -25.91 -14.22 16.77
C TYR C 428 -25.45 -12.93 17.45
N GLU C 429 -24.14 -12.72 17.44
CA GLU C 429 -23.53 -11.42 17.79
C GLU C 429 -22.59 -11.03 16.64
N PHE C 430 -22.88 -9.91 15.97
CA PHE C 430 -22.18 -9.51 14.75
C PHE C 430 -21.11 -8.51 15.10
N GLN C 431 -19.90 -8.81 14.67
CA GLN C 431 -18.75 -8.04 15.03
C GLN C 431 -17.92 -7.76 13.76
N TYR C 432 -18.19 -6.63 13.10
CA TYR C 432 -17.43 -6.22 11.94
C TYR C 432 -17.64 -4.72 11.71
N ARG C 433 -16.59 -4.05 11.23
CA ARG C 433 -16.66 -2.66 10.86
C ARG C 433 -16.72 -2.59 9.34
N PRO C 434 -17.90 -2.26 8.76
CA PRO C 434 -17.95 -2.11 7.30
C PRO C 434 -17.13 -0.94 6.72
N SER C 435 -16.58 -1.14 5.51
CA SER C 435 -15.88 -0.08 4.77
C SER C 435 -16.84 1.05 4.36
N PHE C 436 -18.13 0.76 4.38
CA PHE C 436 -19.18 1.75 4.04
C PHE C 436 -19.52 2.69 5.18
N SER C 437 -18.89 2.52 6.33
CA SER C 437 -19.11 3.38 7.49
C SER C 437 -18.89 4.85 7.16
N SER C 438 -19.55 5.71 7.93
CA SER C 438 -19.42 7.16 7.80
C SER C 438 -17.99 7.62 8.14
N ASP C 439 -17.50 8.67 7.47
CA ASP C 439 -16.19 9.30 7.79
C ASP C 439 -16.06 9.73 9.26
N LYS C 440 -17.17 10.22 9.81
CA LYS C 440 -17.24 10.73 11.19
C LYS C 440 -17.04 9.65 12.27
N LYS C 441 -17.21 8.37 11.90
CA LYS C 441 -17.25 7.27 12.86
C LYS C 441 -15.82 6.86 13.16
N PRO C 442 -15.44 6.79 14.47
CA PRO C 442 -14.07 6.38 14.74
C PRO C 442 -13.73 4.97 14.25
N LYS C 443 -12.45 4.77 13.89
CA LYS C 443 -11.96 3.48 13.37
C LYS C 443 -12.07 2.33 14.39
N THR C 444 -12.11 2.67 15.70
CA THR C 444 -12.17 1.70 16.82
C THR C 444 -13.56 1.10 17.09
N VAL C 445 -14.62 1.68 16.48
CA VAL C 445 -15.99 1.20 16.66
C VAL C 445 -16.24 0.08 15.66
N ILE C 446 -16.51 -1.11 16.20
CA ILE C 446 -16.63 -2.35 15.44
C ILE C 446 -17.98 -2.98 15.83
N GLY C 447 -18.83 -3.27 14.85
CA GLY C 447 -20.16 -3.82 15.13
C GLY C 447 -21.10 -2.81 15.74
N ASP C 448 -21.13 -1.63 15.14
CA ASP C 448 -22.04 -0.56 15.51
C ASP C 448 -23.46 -0.95 15.10
N HIS C 449 -24.43 -0.28 15.69
CA HIS C 449 -25.84 -0.39 15.26
C HIS C 449 -25.95 -0.20 13.76
N GLY C 450 -26.59 -1.15 13.11
CA GLY C 450 -26.76 -1.15 11.66
C GLY C 450 -25.66 -1.82 10.83
N ASP C 451 -24.51 -2.15 11.40
CA ASP C 451 -23.39 -2.63 10.59
C ASP C 451 -23.69 -3.94 9.82
N GLU C 452 -24.50 -4.83 10.40
CA GLU C 452 -24.86 -6.11 9.75
C GLU C 452 -25.66 -5.93 8.46
N ILE C 453 -26.40 -4.83 8.36
CA ILE C 453 -27.21 -4.55 7.19
C ILE C 453 -26.39 -4.60 5.91
N PHE C 454 -25.14 -4.13 5.96
CA PHE C 454 -24.31 -4.10 4.75
C PHE C 454 -23.98 -5.51 4.26
N SER C 455 -23.83 -6.44 5.21
CA SER C 455 -23.60 -7.84 4.88
C SER C 455 -24.88 -8.53 4.41
N VAL C 456 -25.97 -8.35 5.16
CA VAL C 456 -27.27 -8.98 4.87
C VAL C 456 -27.80 -8.61 3.49
N PHE C 457 -27.65 -7.34 3.09
CA PHE C 457 -28.14 -6.84 1.82
C PHE C 457 -27.07 -6.71 0.74
N GLY C 458 -25.92 -7.31 0.94
CA GLY C 458 -24.94 -7.42 -0.15
C GLY C 458 -24.35 -6.11 -0.67
N ALA C 459 -24.15 -5.15 0.24
CA ALA C 459 -23.51 -3.88 -0.08
C ALA C 459 -22.20 -4.02 -0.87
N PRO C 460 -21.34 -4.97 -0.52
CA PRO C 460 -20.13 -5.18 -1.32
C PRO C 460 -20.33 -5.41 -2.82
N PHE C 461 -21.49 -5.89 -3.23
CA PHE C 461 -21.79 -6.12 -4.65
C PHE C 461 -22.48 -4.95 -5.36
N LEU C 462 -22.86 -3.94 -4.58
CA LEU C 462 -23.61 -2.79 -5.08
C LEU C 462 -22.90 -1.43 -4.95
N ARG C 463 -21.92 -1.31 -4.04
CA ARG C 463 -21.25 -0.03 -3.81
C ARG C 463 -19.84 -0.18 -3.23
N GLY C 464 -19.09 0.94 -3.26
CA GLY C 464 -17.75 1.02 -2.68
C GLY C 464 -16.74 0.09 -3.32
N ASP C 465 -15.67 -0.18 -2.57
CA ASP C 465 -14.55 -0.99 -3.06
C ASP C 465 -14.16 -1.94 -1.92
N ALA C 466 -15.05 -2.89 -1.67
CA ALA C 466 -14.96 -3.72 -0.48
C ALA C 466 -13.83 -4.72 -0.66
N PRO C 467 -12.97 -4.91 0.36
CA PRO C 467 -11.93 -5.95 0.25
C PRO C 467 -12.53 -7.36 0.32
N GLU C 468 -11.74 -8.37 -0.06
CA GLU C 468 -12.19 -9.75 -0.15
C GLU C 468 -12.82 -10.31 1.16
N GLU C 469 -12.22 -10.00 2.29
CA GLU C 469 -12.75 -10.33 3.62
C GLU C 469 -14.21 -9.86 3.82
N GLU C 470 -14.51 -8.66 3.34
CA GLU C 470 -15.85 -8.07 3.45
C GLU C 470 -16.83 -8.66 2.42
N VAL C 471 -16.33 -8.92 1.20
CA VAL C 471 -17.12 -9.55 0.14
C VAL C 471 -17.56 -10.93 0.60
N SER C 472 -16.66 -11.60 1.28
CA SER C 472 -16.85 -12.98 1.73
C SER C 472 -17.81 -13.05 2.91
N LEU C 473 -17.67 -12.13 3.85
CA LEU C 473 -18.59 -12.06 4.97
C LEU C 473 -20.03 -11.82 4.50
N SER C 474 -20.20 -10.94 3.52
CA SER C 474 -21.53 -10.73 2.94
C SER C 474 -22.13 -12.02 2.35
N LYS C 475 -21.35 -12.77 1.57
CA LYS C 475 -21.82 -14.07 1.02
C LYS C 475 -22.21 -15.06 2.11
N THR C 476 -21.39 -15.15 3.17
CA THR C 476 -21.69 -15.98 4.35
C THR C 476 -23.02 -15.62 5.03
N VAL C 477 -23.19 -14.33 5.36
CA VAL C 477 -24.38 -13.86 6.03
C VAL C 477 -25.62 -14.02 5.17
N MET C 478 -25.54 -13.61 3.89
CA MET C 478 -26.67 -13.78 2.97
C MET C 478 -27.08 -15.26 2.85
N LYS C 479 -26.11 -16.15 2.76
CA LYS C 479 -26.38 -17.57 2.63
C LYS C 479 -27.03 -18.13 3.91
N PHE C 480 -26.53 -17.77 5.10
CA PHE C 480 -27.18 -18.15 6.36
C PHE C 480 -28.63 -17.68 6.38
N TRP C 481 -28.81 -16.41 6.07
CA TRP C 481 -30.14 -15.79 6.09
C TRP C 481 -31.10 -16.53 5.12
N ALA C 482 -30.63 -16.81 3.90
CA ALA C 482 -31.47 -17.40 2.89
C ALA C 482 -31.66 -18.89 3.11
N ASN C 483 -30.67 -19.59 3.67
CA ASN C 483 -30.87 -20.97 4.11
C ASN C 483 -31.97 -21.07 5.18
N PHE C 484 -31.99 -20.07 6.06
CA PHE C 484 -33.00 -19.99 7.09
C PHE C 484 -34.38 -19.70 6.50
N ALA C 485 -34.45 -18.79 5.54
CA ALA C 485 -35.69 -18.60 4.78
C ALA C 485 -36.20 -19.90 4.10
N ARG C 486 -35.26 -20.66 3.52
CA ARG C 486 -35.62 -21.92 2.89
C ARG C 486 -36.13 -22.99 3.89
N SER C 487 -35.39 -23.22 4.98
CA SER C 487 -35.60 -24.38 5.84
C SER C 487 -35.91 -24.14 7.33
N GLY C 488 -35.82 -22.92 7.80
CA GLY C 488 -35.90 -22.64 9.23
C GLY C 488 -34.62 -22.91 10.01
N ASN C 489 -33.53 -23.13 9.29
CA ASN C 489 -32.23 -23.54 9.86
C ASN C 489 -31.16 -22.90 8.99
N PRO C 490 -30.27 -22.08 9.58
CA PRO C 490 -29.35 -21.31 8.72
C PRO C 490 -28.20 -22.14 8.13
N ASN C 491 -27.99 -23.34 8.66
CA ASN C 491 -26.84 -24.16 8.27
C ASN C 491 -26.90 -24.69 6.84
N GLY C 492 -25.72 -24.92 6.27
CA GLY C 492 -25.58 -25.59 4.98
C GLY C 492 -24.12 -25.92 4.69
N GLU C 493 -23.86 -26.72 3.66
CA GLU C 493 -22.48 -27.06 3.26
C GLU C 493 -21.53 -25.84 3.10
N GLY C 494 -20.34 -25.94 3.70
CA GLY C 494 -19.30 -24.89 3.64
C GLY C 494 -19.56 -23.57 4.37
N LEU C 495 -20.45 -23.59 5.34
CA LEU C 495 -20.68 -22.45 6.22
C LEU C 495 -20.28 -22.94 7.58
N PRO C 496 -19.74 -22.05 8.42
CA PRO C 496 -19.45 -22.47 9.81
C PRO C 496 -20.70 -23.02 10.51
N HIS C 497 -20.51 -23.92 11.47
CA HIS C 497 -21.64 -24.49 12.22
C HIS C 497 -22.30 -23.44 13.11
N TRP C 498 -23.61 -23.24 12.95
CA TRP C 498 -24.38 -22.33 13.79
C TRP C 498 -25.28 -23.18 14.68
N PRO C 499 -24.97 -23.27 15.99
CA PRO C 499 -25.75 -24.16 16.84
C PRO C 499 -27.09 -23.55 17.14
N MET C 500 -28.04 -24.39 17.48
CA MET C 500 -29.33 -23.95 17.94
C MET C 500 -29.17 -23.28 19.32
N TYR C 501 -29.97 -22.24 19.58
CA TYR C 501 -30.05 -21.59 20.90
C TYR C 501 -30.97 -22.42 21.77
N ASP C 502 -30.38 -23.40 22.45
CA ASP C 502 -31.13 -24.36 23.30
C ASP C 502 -30.77 -24.07 24.78
N GLN C 503 -30.83 -25.05 25.69
CA GLN C 503 -30.52 -24.81 27.12
C GLN C 503 -29.06 -24.43 27.38
N GLU C 504 -28.18 -24.83 26.49
CA GLU C 504 -26.76 -24.42 26.52
C GLU C 504 -26.48 -23.04 25.89
N GLU C 505 -27.48 -22.46 25.22
CA GLU C 505 -27.43 -21.07 24.74
C GLU C 505 -26.25 -20.81 23.77
N GLY C 506 -25.99 -21.78 22.90
CA GLY C 506 -25.08 -21.64 21.79
C GLY C 506 -25.56 -20.53 20.86
N TYR C 507 -24.59 -19.75 20.38
CA TYR C 507 -24.83 -18.68 19.43
C TYR C 507 -23.64 -18.54 18.52
N LEU C 508 -23.84 -17.85 17.43
CA LEU C 508 -22.79 -17.65 16.43
C LEU C 508 -22.19 -16.23 16.50
N GLN C 509 -20.89 -16.15 16.78
CA GLN C 509 -20.16 -14.89 16.65
C GLN C 509 -19.83 -14.68 15.18
N ILE C 510 -20.48 -13.71 14.54
CA ILE C 510 -20.27 -13.47 13.13
C ILE C 510 -19.27 -12.34 12.99
N GLY C 511 -18.29 -12.53 12.10
CA GLY C 511 -17.25 -11.54 11.85
C GLY C 511 -16.18 -12.08 10.93
N VAL C 512 -15.02 -11.44 10.98
CA VAL C 512 -13.87 -11.95 10.21
C VAL C 512 -13.58 -13.44 10.56
N ASN C 513 -13.67 -13.76 11.85
CA ASN C 513 -13.58 -15.12 12.35
C ASN C 513 -14.94 -15.57 12.89
N THR C 514 -15.71 -16.20 12.02
CA THR C 514 -17.05 -16.65 12.35
C THR C 514 -16.98 -18.01 13.03
N GLN C 515 -17.47 -18.07 14.26
CA GLN C 515 -17.49 -19.31 15.02
C GLN C 515 -18.46 -19.30 16.21
N ALA C 516 -18.89 -20.51 16.59
CA ALA C 516 -19.81 -20.72 17.70
C ALA C 516 -19.19 -20.34 19.06
N ALA C 517 -20.05 -19.92 19.97
CA ALA C 517 -19.68 -19.64 21.35
C ALA C 517 -20.90 -19.98 22.19
N LYS C 518 -20.84 -19.74 23.50
CA LYS C 518 -21.94 -20.07 24.38
C LYS C 518 -22.33 -18.93 25.28
N ARG C 519 -23.62 -18.84 25.55
CA ARG C 519 -24.12 -18.09 26.69
C ARG C 519 -23.92 -16.57 26.48
N LEU C 520 -24.49 -16.08 25.38
CA LEU C 520 -24.45 -14.68 25.02
C LEU C 520 -25.10 -13.76 26.08
N LYS C 521 -24.30 -12.79 26.54
CA LYS C 521 -24.69 -11.84 27.58
C LYS C 521 -25.27 -12.48 28.86
N GLY C 522 -24.79 -13.68 29.22
CA GLY C 522 -25.37 -14.43 30.33
C GLY C 522 -25.30 -13.70 31.64
N GLU C 523 -24.11 -13.19 31.94
CA GLU C 523 -23.85 -12.46 33.19
C GLU C 523 -24.52 -11.07 33.22
N GLU C 524 -24.56 -10.40 32.07
CA GLU C 524 -25.17 -9.07 31.95
C GLU C 524 -26.66 -9.16 32.17
N VAL C 525 -27.30 -10.16 31.61
CA VAL C 525 -28.70 -10.43 31.89
C VAL C 525 -28.91 -10.69 33.37
N ALA C 526 -28.07 -11.53 33.96
CA ALA C 526 -28.14 -11.82 35.41
C ALA C 526 -28.08 -10.55 36.27
N PHE C 527 -27.17 -9.67 35.94
CA PHE C 527 -27.02 -8.41 36.68
C PHE C 527 -28.24 -7.48 36.53
N TRP C 528 -28.63 -7.23 35.28
CA TRP C 528 -29.70 -6.30 34.98
C TRP C 528 -31.05 -6.74 35.53
N ASN C 529 -31.34 -8.05 35.54
CA ASN C 529 -32.60 -8.56 36.12
C ASN C 529 -32.60 -8.41 37.64
N ASP C 530 -31.46 -8.70 38.25
CA ASP C 530 -31.28 -8.53 39.69
C ASP C 530 -31.35 -7.06 40.16
N LEU C 531 -30.85 -6.14 39.32
CA LEU C 531 -30.92 -4.70 39.62
C LEU C 531 -32.37 -4.16 39.59
N LEU C 532 -33.15 -4.62 38.60
CA LEU C 532 -34.57 -4.25 38.45
C LEU C 532 -35.52 -5.26 39.11
N SER C 533 -35.02 -6.03 40.07
CA SER C 533 -35.75 -7.14 40.71
C SER C 533 -36.95 -6.65 41.54
N LYS C 534 -36.69 -5.79 42.54
CA LYS C 534 -37.71 -5.17 43.42
C LYS C 534 -38.59 -6.19 44.15
N SER D 5 3.38 -50.59 -5.63
CA SER D 5 3.52 -51.75 -6.57
C SER D 5 3.11 -51.27 -8.00
N PRO D 6 4.00 -50.53 -8.68
CA PRO D 6 3.60 -49.84 -9.93
C PRO D 6 2.93 -50.72 -11.02
N PRO D 7 1.87 -50.20 -11.69
CA PRO D 7 1.14 -50.92 -12.72
C PRO D 7 1.80 -51.00 -14.12
N VAL D 8 1.85 -52.21 -14.66
CA VAL D 8 2.47 -52.51 -15.93
C VAL D 8 1.35 -53.07 -16.80
N VAL D 9 1.18 -52.47 -17.98
CA VAL D 9 0.08 -52.82 -18.87
C VAL D 9 0.64 -53.13 -20.23
N ASP D 10 0.07 -54.13 -20.87
CA ASP D 10 0.47 -54.52 -22.21
C ASP D 10 -0.22 -53.67 -23.27
N THR D 11 0.50 -53.33 -24.34
CA THR D 11 -0.11 -52.65 -25.49
C THR D 11 0.35 -53.41 -26.69
N ALA D 12 -0.26 -53.14 -27.83
CA ALA D 12 0.11 -53.85 -29.06
C ALA D 12 1.59 -53.68 -29.46
N GLN D 13 2.18 -52.53 -29.09
CA GLN D 13 3.58 -52.21 -29.40
C GLN D 13 4.55 -52.54 -28.28
N GLY D 14 4.05 -52.95 -27.11
CA GLY D 14 4.90 -53.32 -25.95
C GLY D 14 4.37 -52.83 -24.61
N ARG D 15 5.07 -53.20 -23.54
CA ARG D 15 4.60 -52.91 -22.19
C ARG D 15 4.92 -51.49 -21.74
N VAL D 16 4.05 -50.94 -20.90
CA VAL D 16 4.24 -49.64 -20.31
C VAL D 16 4.09 -49.66 -18.79
N LEU D 17 4.88 -48.82 -18.12
CA LEU D 17 4.92 -48.70 -16.66
C LEU D 17 4.38 -47.34 -16.29
N GLY D 18 3.36 -47.31 -15.45
CA GLY D 18 2.74 -46.09 -14.95
C GLY D 18 3.02 -45.92 -13.46
N LYS D 19 2.24 -45.07 -12.82
CA LYS D 19 2.35 -44.78 -11.38
C LYS D 19 0.93 -44.69 -10.80
N TYR D 20 0.76 -45.17 -9.57
CA TYR D 20 -0.54 -45.01 -8.85
C TYR D 20 -0.53 -43.63 -8.15
N VAL D 21 -1.61 -42.89 -8.29
CA VAL D 21 -1.75 -41.57 -7.69
C VAL D 21 -3.11 -41.53 -6.97
N SER D 22 -3.09 -41.02 -5.73
CA SER D 22 -4.30 -40.90 -4.91
C SER D 22 -4.79 -39.45 -4.90
N LEU D 23 -6.10 -39.30 -4.87
CA LEU D 23 -6.75 -38.02 -4.81
C LEU D 23 -7.23 -37.84 -3.39
N GLU D 24 -6.72 -36.80 -2.72
CA GLU D 24 -7.20 -36.41 -1.39
C GLU D 24 -8.72 -36.25 -1.33
N GLY D 25 -9.36 -37.05 -0.47
CA GLY D 25 -10.81 -37.09 -0.38
C GLY D 25 -11.42 -38.39 -0.86
N LEU D 26 -10.75 -39.10 -1.77
CA LEU D 26 -11.28 -40.37 -2.32
C LEU D 26 -10.31 -41.52 -2.04
N ALA D 27 -10.88 -42.68 -1.72
CA ALA D 27 -10.11 -43.91 -1.49
C ALA D 27 -9.51 -44.44 -2.78
N GLN D 28 -10.29 -44.31 -3.87
CA GLN D 28 -9.96 -44.79 -5.22
C GLN D 28 -8.53 -44.40 -5.70
N PRO D 29 -7.59 -45.37 -5.79
CA PRO D 29 -6.32 -45.04 -6.48
C PRO D 29 -6.47 -45.07 -8.03
N VAL D 30 -5.82 -44.12 -8.71
CA VAL D 30 -5.90 -43.99 -10.16
C VAL D 30 -4.53 -44.33 -10.72
N ALA D 31 -4.52 -45.16 -11.75
CA ALA D 31 -3.29 -45.49 -12.44
C ALA D 31 -3.04 -44.45 -13.55
N VAL D 32 -1.86 -43.87 -13.56
CA VAL D 32 -1.52 -42.76 -14.47
C VAL D 32 -0.37 -43.18 -15.40
N PHE D 33 -0.58 -43.06 -16.69
CA PHE D 33 0.41 -43.40 -17.69
C PHE D 33 0.63 -42.12 -18.51
N LEU D 34 1.86 -41.61 -18.50
CA LEU D 34 2.18 -40.36 -19.17
C LEU D 34 3.13 -40.63 -20.31
N GLY D 35 2.79 -40.13 -21.51
CA GLY D 35 3.74 -40.17 -22.62
C GLY D 35 3.70 -41.49 -23.34
N VAL D 36 2.50 -42.03 -23.53
CA VAL D 36 2.38 -43.29 -24.23
C VAL D 36 2.39 -42.92 -25.72
N PRO D 37 3.35 -43.44 -26.50
CA PRO D 37 3.34 -43.20 -27.90
C PRO D 37 2.19 -43.91 -28.62
N PHE D 38 1.48 -43.19 -29.50
CA PHE D 38 0.47 -43.77 -30.36
C PHE D 38 0.80 -43.73 -31.85
N ALA D 39 1.98 -43.29 -32.20
CA ALA D 39 2.41 -43.16 -33.60
C ALA D 39 3.94 -43.01 -33.65
N LYS D 40 4.48 -43.21 -34.83
CA LYS D 40 5.85 -43.02 -35.07
C LYS D 40 6.18 -41.50 -35.05
N PRO D 41 7.30 -41.09 -34.45
CA PRO D 41 7.61 -39.62 -34.47
C PRO D 41 7.69 -39.03 -35.87
N PRO D 42 6.94 -37.95 -36.12
CA PRO D 42 6.75 -37.46 -37.44
C PRO D 42 7.89 -36.50 -37.85
N LEU D 43 9.06 -37.11 -38.05
CA LEU D 43 10.29 -36.43 -38.24
C LEU D 43 10.73 -36.62 -39.69
N GLY D 44 11.49 -35.64 -40.21
CA GLY D 44 12.06 -35.74 -41.54
C GLY D 44 11.01 -35.78 -42.61
N SER D 45 10.98 -36.86 -43.36
CA SER D 45 10.05 -37.00 -44.47
C SER D 45 8.64 -37.40 -44.01
N LEU D 46 8.49 -37.77 -42.74
CA LEU D 46 7.17 -37.95 -42.16
C LEU D 46 6.50 -36.62 -41.75
N ARG D 47 7.20 -35.48 -41.87
CA ARG D 47 6.52 -34.20 -41.71
C ARG D 47 5.57 -33.95 -42.85
N PHE D 48 4.45 -33.33 -42.53
CA PHE D 48 3.42 -33.03 -43.52
C PHE D 48 2.93 -34.30 -44.23
N ALA D 49 2.75 -35.36 -43.44
CA ALA D 49 2.34 -36.67 -43.96
C ALA D 49 1.48 -37.33 -42.93
N PRO D 50 0.67 -38.32 -43.35
CA PRO D 50 -0.17 -39.05 -42.38
C PRO D 50 0.66 -39.71 -41.29
N PRO D 51 0.15 -39.74 -40.05
CA PRO D 51 0.87 -40.46 -39.00
C PRO D 51 0.97 -41.97 -39.25
N GLN D 52 2.12 -42.56 -38.94
CA GLN D 52 2.34 -43.99 -39.05
C GLN D 52 2.26 -44.64 -37.67
N PRO D 53 2.01 -45.95 -37.62
CA PRO D 53 2.04 -46.60 -36.30
C PRO D 53 3.43 -46.61 -35.64
N ALA D 54 3.46 -46.56 -34.33
CA ALA D 54 4.69 -46.65 -33.58
C ALA D 54 5.35 -47.97 -33.79
N GLU D 55 6.67 -47.95 -33.84
CA GLU D 55 7.47 -49.15 -33.92
C GLU D 55 7.46 -49.82 -32.55
N PRO D 56 7.44 -51.15 -32.53
CA PRO D 56 7.36 -51.83 -31.23
C PRO D 56 8.66 -51.73 -30.43
N TRP D 57 8.53 -51.76 -29.10
CA TRP D 57 9.66 -51.68 -28.17
C TRP D 57 9.78 -52.94 -27.35
N SER D 58 11.03 -53.29 -27.02
CA SER D 58 11.36 -54.42 -26.15
C SER D 58 11.23 -53.94 -24.72
N PHE D 59 11.17 -54.81 -23.75
CA PHE D 59 11.15 -54.34 -22.35
C PHE D 59 9.95 -53.50 -21.99
N VAL D 60 10.03 -52.80 -20.87
CA VAL D 60 8.94 -52.02 -20.35
C VAL D 60 9.28 -50.56 -20.55
N LYS D 61 8.45 -49.85 -21.29
CA LYS D 61 8.67 -48.44 -21.50
C LYS D 61 8.14 -47.68 -20.29
N ASN D 62 8.99 -46.81 -19.77
CA ASN D 62 8.66 -45.99 -18.62
C ASN D 62 7.75 -44.85 -19.06
N THR D 63 6.52 -44.84 -18.58
CA THR D 63 5.57 -43.81 -18.97
C THR D 63 5.13 -43.05 -17.73
N THR D 64 6.10 -42.45 -17.07
CA THR D 64 5.85 -41.75 -15.83
C THR D 64 6.22 -40.28 -15.86
N SER D 65 6.66 -39.76 -16.99
CA SER D 65 6.90 -38.34 -17.07
C SER D 65 6.18 -37.75 -18.27
N TYR D 66 5.80 -36.50 -18.13
CA TYR D 66 5.07 -35.80 -19.14
C TYR D 66 5.88 -35.73 -20.44
N PRO D 67 5.22 -36.04 -21.55
CA PRO D 67 5.88 -35.94 -22.83
C PRO D 67 6.00 -34.49 -23.28
N PRO D 68 6.89 -34.23 -24.23
CA PRO D 68 6.89 -32.93 -24.83
C PRO D 68 5.60 -32.61 -25.54
N MET D 69 5.24 -31.35 -25.57
CA MET D 69 4.16 -30.85 -26.43
C MET D 69 4.70 -30.60 -27.85
N CYS D 70 3.81 -30.57 -28.83
CA CYS D 70 4.22 -30.35 -30.19
C CYS D 70 4.78 -28.93 -30.32
N CYS D 71 5.65 -28.73 -31.30
CA CYS D 71 6.31 -27.42 -31.44
C CYS D 71 5.31 -26.32 -31.67
N GLN D 72 5.63 -25.21 -31.06
CA GLN D 72 4.78 -24.09 -30.97
C GLN D 72 5.63 -22.98 -30.36
N ASP D 73 5.11 -21.79 -30.47
CA ASP D 73 5.68 -20.65 -29.78
C ASP D 73 5.79 -21.03 -28.29
N PRO D 74 7.03 -21.15 -27.76
CA PRO D 74 7.15 -21.54 -26.35
C PRO D 74 6.62 -20.53 -25.33
N VAL D 75 6.65 -19.26 -25.67
CA VAL D 75 6.14 -18.25 -24.74
C VAL D 75 4.63 -18.42 -24.67
N ALA D 76 3.97 -18.41 -25.83
CA ALA D 76 2.52 -18.59 -25.86
C ALA D 76 2.07 -20.00 -25.37
N GLY D 77 2.91 -21.01 -25.60
CA GLY D 77 2.67 -22.32 -25.05
C GLY D 77 2.67 -22.39 -23.53
N GLN D 78 3.65 -21.76 -22.89
CA GLN D 78 3.72 -21.71 -21.44
C GLN D 78 2.49 -20.98 -20.89
N MET D 79 2.14 -19.84 -21.49
CA MET D 79 1.00 -19.04 -21.03
C MET D 79 -0.32 -19.82 -21.15
N THR D 80 -0.51 -20.52 -22.26
CA THR D 80 -1.70 -21.32 -22.43
C THR D 80 -1.81 -22.42 -21.38
N SER D 81 -0.72 -23.14 -21.15
CA SER D 81 -0.72 -24.15 -20.08
C SER D 81 -1.06 -23.58 -18.70
N ASP D 82 -0.46 -22.46 -18.34
CA ASP D 82 -0.77 -21.75 -17.09
C ASP D 82 -2.24 -21.36 -16.92
N LEU D 83 -2.83 -20.86 -18.00
CA LEU D 83 -4.20 -20.37 -17.97
C LEU D 83 -5.25 -21.46 -17.88
N PHE D 84 -4.96 -22.62 -18.43
CA PHE D 84 -5.93 -23.69 -18.57
C PHE D 84 -5.73 -24.90 -17.65
N THR D 85 -4.58 -24.99 -16.95
CA THR D 85 -4.28 -26.18 -16.14
C THR D 85 -5.17 -26.28 -14.92
N ASN D 86 -5.51 -27.50 -14.56
CA ASN D 86 -6.42 -27.70 -13.43
C ASN D 86 -5.74 -28.23 -12.18
N ARG D 87 -4.43 -28.43 -12.21
CA ARG D 87 -3.73 -28.96 -11.04
C ARG D 87 -2.91 -27.89 -10.37
N LYS D 88 -2.35 -28.22 -9.21
CA LYS D 88 -1.60 -27.27 -8.38
C LYS D 88 -0.19 -27.03 -8.91
N GLU D 89 0.52 -28.13 -9.12
CA GLU D 89 1.89 -28.16 -9.56
C GLU D 89 1.92 -27.59 -10.98
N ARG D 90 2.60 -26.46 -11.14
CA ARG D 90 2.67 -25.76 -12.43
C ARG D 90 3.56 -26.53 -13.42
N LEU D 91 3.02 -26.83 -14.59
CA LEU D 91 3.77 -27.58 -15.61
C LEU D 91 4.64 -26.63 -16.44
N ILE D 92 5.92 -27.00 -16.61
CA ILE D 92 6.86 -26.32 -17.47
C ILE D 92 7.12 -27.21 -18.68
N PRO D 93 6.33 -27.02 -19.78
CA PRO D 93 6.41 -28.03 -20.80
C PRO D 93 7.68 -27.90 -21.60
N GLU D 94 8.19 -29.01 -22.07
CA GLU D 94 9.15 -29.07 -23.19
C GLU D 94 8.40 -29.15 -24.54
N PHE D 95 9.11 -28.88 -25.64
CA PHE D 95 8.53 -28.84 -26.99
C PHE D 95 9.39 -29.64 -27.95
N SER D 96 8.75 -30.38 -28.85
CA SER D 96 9.46 -31.16 -29.84
C SER D 96 8.53 -31.54 -30.98
N GLU D 97 9.12 -31.83 -32.13
CA GLU D 97 8.40 -32.40 -33.23
C GLU D 97 7.94 -33.83 -32.86
N ASP D 98 8.68 -34.48 -31.97
CA ASP D 98 8.34 -35.80 -31.48
C ASP D 98 7.33 -35.59 -30.37
N CYS D 99 6.05 -35.52 -30.72
CA CYS D 99 5.01 -35.19 -29.76
C CYS D 99 3.70 -36.02 -29.83
N LEU D 100 3.70 -37.09 -30.58
CA LEU D 100 2.46 -37.87 -30.75
C LEU D 100 2.36 -38.88 -29.62
N TYR D 101 1.93 -38.36 -28.45
CA TYR D 101 1.83 -39.10 -27.19
C TYR D 101 0.47 -38.85 -26.61
N LEU D 102 0.02 -39.74 -25.76
CA LEU D 102 -1.22 -39.53 -25.00
C LEU D 102 -0.99 -39.92 -23.55
N ASN D 103 -1.80 -39.37 -22.68
CA ASN D 103 -1.74 -39.61 -21.26
C ASN D 103 -3.02 -40.27 -20.81
N ILE D 104 -2.93 -41.26 -19.91
CA ILE D 104 -4.08 -42.09 -19.52
C ILE D 104 -4.24 -42.03 -18.01
N TYR D 105 -5.47 -41.72 -17.60
CA TYR D 105 -5.87 -41.80 -16.22
C TYR D 105 -6.98 -42.87 -16.12
N THR D 106 -6.68 -44.00 -15.49
CA THR D 106 -7.68 -45.06 -15.30
C THR D 106 -7.88 -45.44 -13.83
N PRO D 107 -9.13 -45.40 -13.36
CA PRO D 107 -9.46 -45.87 -12.00
C PRO D 107 -9.86 -47.35 -11.98
N ALA D 108 -9.77 -48.05 -13.11
CA ALA D 108 -10.13 -49.46 -13.15
C ALA D 108 -9.19 -50.33 -12.31
N ASP D 109 -9.76 -51.44 -11.81
CA ASP D 109 -9.00 -52.53 -11.22
C ASP D 109 -8.30 -53.30 -12.37
N LEU D 110 -6.98 -53.10 -12.50
CA LEU D 110 -6.20 -53.68 -13.62
C LEU D 110 -5.94 -55.19 -13.52
N THR D 111 -6.26 -55.79 -12.37
CA THR D 111 -6.26 -57.27 -12.23
C THR D 111 -7.55 -57.90 -12.84
N LYS D 112 -8.61 -57.12 -12.91
CA LYS D 112 -9.87 -57.48 -13.61
C LYS D 112 -9.80 -57.06 -15.09
N ARG D 113 -10.89 -57.31 -15.80
CA ARG D 113 -11.07 -56.85 -17.14
C ARG D 113 -12.19 -55.80 -17.12
N GLY D 114 -11.82 -54.58 -16.74
CA GLY D 114 -12.75 -53.47 -16.68
C GLY D 114 -13.34 -53.08 -18.03
N ARG D 115 -14.52 -52.46 -17.98
CA ARG D 115 -15.20 -51.91 -19.15
C ARG D 115 -15.78 -50.54 -18.80
N LEU D 116 -14.92 -49.64 -18.34
CA LEU D 116 -15.33 -48.28 -18.00
C LEU D 116 -15.49 -47.46 -19.24
N PRO D 117 -16.42 -46.50 -19.20
CA PRO D 117 -16.45 -45.52 -20.29
C PRO D 117 -15.11 -44.81 -20.43
N VAL D 118 -14.77 -44.44 -21.65
CA VAL D 118 -13.48 -43.81 -21.99
C VAL D 118 -13.79 -42.42 -22.50
N MET D 119 -13.15 -41.41 -21.91
CA MET D 119 -13.36 -40.02 -22.31
C MET D 119 -12.03 -39.48 -22.86
N VAL D 120 -12.02 -39.18 -24.15
CA VAL D 120 -10.81 -38.80 -24.84
C VAL D 120 -10.83 -37.28 -25.00
N TRP D 121 -9.92 -36.60 -24.31
CA TRP D 121 -9.83 -35.12 -24.31
C TRP D 121 -8.94 -34.59 -25.43
N ILE D 122 -9.47 -33.68 -26.23
CA ILE D 122 -8.74 -32.99 -27.30
C ILE D 122 -8.59 -31.52 -26.88
N HIS D 123 -7.40 -31.11 -26.50
CA HIS D 123 -7.15 -29.72 -26.06
C HIS D 123 -7.29 -28.68 -27.18
N GLY D 124 -7.56 -27.44 -26.77
CA GLY D 124 -7.59 -26.30 -27.62
C GLY D 124 -6.27 -25.49 -27.61
N GLY D 125 -6.33 -24.27 -28.16
CA GLY D 125 -5.17 -23.45 -28.52
C GLY D 125 -5.09 -23.05 -30.01
N GLY D 126 -6.22 -22.84 -30.67
CA GLY D 126 -6.31 -22.38 -32.02
C GLY D 126 -5.64 -23.23 -33.07
N LEU D 127 -5.41 -24.50 -32.77
CA LEU D 127 -4.60 -25.40 -33.63
C LEU D 127 -3.14 -24.97 -33.76
N VAL D 128 -2.68 -24.09 -32.87
CA VAL D 128 -1.27 -23.57 -32.93
C VAL D 128 -0.48 -23.69 -31.65
N VAL D 129 -1.17 -23.74 -30.50
CA VAL D 129 -0.51 -23.96 -29.21
C VAL D 129 -1.29 -25.00 -28.43
N GLY D 130 -0.76 -25.39 -27.28
CA GLY D 130 -1.44 -26.34 -26.40
C GLY D 130 -0.78 -27.69 -26.31
N GLY D 131 -1.22 -28.47 -25.34
CA GLY D 131 -0.81 -29.85 -25.22
C GLY D 131 -1.59 -30.57 -24.14
N ALA D 132 -1.38 -31.88 -24.04
CA ALA D 132 -2.24 -32.75 -23.21
C ALA D 132 -1.94 -32.64 -21.74
N SER D 133 -0.66 -32.47 -21.42
CA SER D 133 -0.19 -32.55 -20.05
C SER D 133 -0.65 -31.42 -19.17
N THR D 134 -1.13 -30.33 -19.75
CA THR D 134 -1.82 -29.28 -19.03
C THR D 134 -3.03 -29.77 -18.22
N TYR D 135 -3.70 -30.82 -18.73
CA TYR D 135 -4.98 -31.33 -18.25
C TYR D 135 -4.79 -32.60 -17.45
N ASP D 136 -4.97 -32.50 -16.14
CA ASP D 136 -4.90 -33.61 -15.21
C ASP D 136 -6.28 -34.31 -15.18
N GLY D 137 -6.34 -35.56 -15.63
CA GLY D 137 -7.55 -36.37 -15.59
C GLY D 137 -7.87 -37.06 -14.25
N LEU D 138 -7.04 -36.85 -13.23
CA LEU D 138 -7.16 -37.55 -11.97
C LEU D 138 -8.52 -37.38 -11.29
N ALA D 139 -8.97 -36.15 -11.13
CA ALA D 139 -10.23 -35.92 -10.42
C ALA D 139 -11.43 -36.53 -11.17
N LEU D 140 -11.49 -36.32 -12.48
CA LEU D 140 -12.63 -36.73 -13.28
C LEU D 140 -12.69 -38.26 -13.27
N ALA D 141 -11.53 -38.89 -13.43
CA ALA D 141 -11.47 -40.34 -13.39
C ALA D 141 -11.92 -40.90 -12.05
N ALA D 142 -11.38 -40.37 -10.96
CA ALA D 142 -11.67 -40.90 -9.62
C ALA D 142 -13.11 -40.62 -9.18
N HIS D 143 -13.64 -39.42 -9.47
CA HIS D 143 -15.00 -39.07 -9.04
C HIS D 143 -16.08 -39.76 -9.86
N GLU D 144 -15.83 -40.03 -11.15
CA GLU D 144 -16.87 -40.54 -12.02
C GLU D 144 -16.67 -41.95 -12.59
N ASN D 145 -15.54 -42.55 -12.25
CA ASN D 145 -15.24 -43.88 -12.63
C ASN D 145 -15.23 -44.06 -14.15
N VAL D 146 -14.44 -43.20 -14.78
CA VAL D 146 -14.20 -43.19 -16.24
C VAL D 146 -12.71 -43.20 -16.49
N VAL D 147 -12.30 -43.79 -17.62
CA VAL D 147 -10.93 -43.68 -18.10
C VAL D 147 -10.80 -42.38 -18.85
N VAL D 148 -9.89 -41.52 -18.43
CA VAL D 148 -9.64 -40.23 -19.13
C VAL D 148 -8.35 -40.34 -19.93
N VAL D 149 -8.43 -40.04 -21.21
CA VAL D 149 -7.30 -40.07 -22.11
C VAL D 149 -7.11 -38.68 -22.71
N ALA D 150 -5.97 -38.05 -22.44
CA ALA D 150 -5.65 -36.76 -23.05
C ALA D 150 -4.66 -37.01 -24.20
N ILE D 151 -5.02 -36.60 -25.41
CA ILE D 151 -4.19 -36.82 -26.56
C ILE D 151 -3.47 -35.55 -27.07
N GLN D 152 -2.45 -35.77 -27.89
CA GLN D 152 -1.75 -34.67 -28.58
C GLN D 152 -1.86 -34.86 -30.05
N TYR D 153 -1.61 -33.77 -30.75
CA TYR D 153 -1.73 -33.77 -32.18
C TYR D 153 -0.89 -32.60 -32.74
N ARG D 154 -0.39 -32.75 -33.95
CA ARG D 154 0.49 -31.76 -34.53
C ARG D 154 -0.22 -30.44 -34.70
N LEU D 155 0.52 -29.38 -34.41
CA LEU D 155 0.00 -28.02 -34.39
C LEU D 155 0.69 -27.13 -35.40
N GLY D 156 -0.01 -26.07 -35.79
CA GLY D 156 0.59 -25.04 -36.57
C GLY D 156 1.04 -25.53 -37.91
N ILE D 157 2.20 -25.07 -38.37
CA ILE D 157 2.73 -25.49 -39.66
C ILE D 157 2.84 -27.01 -39.77
N TRP D 158 3.36 -27.64 -38.73
CA TRP D 158 3.56 -29.07 -38.70
C TRP D 158 2.22 -29.83 -38.82
N GLY D 159 1.19 -29.26 -38.23
CA GLY D 159 -0.13 -29.85 -38.17
C GLY D 159 -1.08 -29.60 -39.35
N PHE D 160 -0.89 -28.50 -40.05
CA PHE D 160 -1.89 -27.99 -40.95
C PHE D 160 -1.37 -27.42 -42.25
N PHE D 161 -0.07 -27.50 -42.51
CA PHE D 161 0.40 -27.00 -43.77
C PHE D 161 -0.29 -27.78 -44.92
N SER D 162 -0.91 -27.06 -45.85
CA SER D 162 -1.52 -27.60 -47.01
C SER D 162 -1.12 -26.87 -48.31
N THR D 163 -0.79 -27.63 -49.37
CA THR D 163 -0.65 -27.11 -50.72
C THR D 163 -1.97 -27.19 -51.50
N GLY D 164 -3.02 -27.70 -50.88
CA GLY D 164 -4.32 -27.84 -51.50
C GLY D 164 -4.41 -28.96 -52.52
N ASP D 165 -3.46 -29.89 -52.49
CA ASP D 165 -3.45 -31.03 -53.40
C ASP D 165 -2.76 -32.25 -52.77
N GLU D 166 -2.51 -33.31 -53.56
CA GLU D 166 -2.03 -34.59 -53.02
C GLU D 166 -0.63 -34.58 -52.41
N HIS D 167 0.18 -33.58 -52.73
CA HIS D 167 1.55 -33.53 -52.19
C HIS D 167 1.62 -33.09 -50.77
N SER D 168 0.61 -32.34 -50.33
CA SER D 168 0.44 -32.00 -48.88
C SER D 168 -1.01 -31.57 -48.65
N ARG D 169 -1.87 -32.56 -48.48
CA ARG D 169 -3.30 -32.34 -48.37
C ARG D 169 -3.69 -31.40 -47.23
N GLY D 170 -3.07 -31.60 -46.08
CA GLY D 170 -3.34 -30.85 -44.87
C GLY D 170 -3.92 -31.75 -43.81
N ASN D 171 -4.40 -31.12 -42.76
CA ASN D 171 -5.11 -31.79 -41.68
C ASN D 171 -4.32 -32.82 -40.87
N TRP D 172 -3.02 -32.67 -40.84
CA TRP D 172 -2.14 -33.66 -40.19
C TRP D 172 -2.52 -33.86 -38.73
N GLY D 173 -2.82 -32.77 -38.06
CA GLY D 173 -3.27 -32.87 -36.67
C GLY D 173 -4.58 -33.59 -36.44
N HIS D 174 -5.53 -33.47 -37.38
CA HIS D 174 -6.77 -34.23 -37.31
C HIS D 174 -6.47 -35.68 -37.63
N LEU D 175 -5.60 -35.96 -38.60
CA LEU D 175 -5.22 -37.35 -38.82
C LEU D 175 -4.54 -37.95 -37.58
N ASP D 176 -3.81 -37.16 -36.80
CA ASP D 176 -3.20 -37.64 -35.55
C ASP D 176 -4.27 -37.97 -34.50
N GLN D 177 -5.32 -37.14 -34.45
CA GLN D 177 -6.42 -37.37 -33.54
C GLN D 177 -7.09 -38.71 -33.89
N VAL D 178 -7.31 -38.94 -35.19
CA VAL D 178 -7.86 -40.20 -35.69
C VAL D 178 -6.95 -41.37 -35.35
N ALA D 179 -5.63 -41.21 -35.55
CA ALA D 179 -4.68 -42.28 -35.16
C ALA D 179 -4.72 -42.57 -33.66
N ALA D 180 -4.90 -41.55 -32.84
CA ALA D 180 -5.04 -41.77 -31.39
C ALA D 180 -6.31 -42.53 -31.05
N LEU D 181 -7.39 -42.23 -31.74
CA LEU D 181 -8.62 -43.01 -31.58
C LEU D 181 -8.50 -44.47 -32.02
N HIS D 182 -7.84 -44.76 -33.13
CA HIS D 182 -7.54 -46.16 -33.52
C HIS D 182 -6.70 -46.82 -32.43
N TRP D 183 -5.77 -46.08 -31.84
CA TRP D 183 -4.96 -46.64 -30.78
C TRP D 183 -5.80 -47.06 -29.58
N VAL D 184 -6.73 -46.19 -29.19
CA VAL D 184 -7.71 -46.48 -28.12
C VAL D 184 -8.53 -47.74 -28.41
N GLN D 185 -9.00 -47.89 -29.63
CA GLN D 185 -9.75 -49.11 -30.01
C GLN D 185 -8.94 -50.37 -29.77
N GLU D 186 -7.73 -50.38 -30.31
CA GLU D 186 -6.87 -51.54 -30.17
C GLU D 186 -6.44 -51.81 -28.71
N ASN D 187 -6.25 -50.78 -27.86
CA ASN D 187 -5.46 -50.95 -26.64
C ASN D 187 -6.13 -50.55 -25.37
N ILE D 188 -7.24 -49.83 -25.41
CA ILE D 188 -7.77 -49.26 -24.13
C ILE D 188 -8.32 -50.34 -23.17
N ALA D 189 -8.70 -51.51 -23.73
CA ALA D 189 -9.25 -52.61 -22.90
C ALA D 189 -8.19 -53.06 -21.87
N ASN D 190 -6.91 -52.99 -22.19
CA ASN D 190 -5.89 -53.33 -21.22
C ASN D 190 -5.74 -52.31 -20.09
N PHE D 191 -6.31 -51.11 -20.27
CA PHE D 191 -6.37 -50.10 -19.21
C PHE D 191 -7.72 -50.01 -18.51
N GLY D 192 -8.54 -51.07 -18.67
CA GLY D 192 -9.87 -51.12 -18.10
C GLY D 192 -10.96 -50.33 -18.80
N GLY D 193 -10.72 -49.92 -20.03
CA GLY D 193 -11.68 -49.10 -20.76
C GLY D 193 -12.49 -49.98 -21.69
N ASP D 194 -13.72 -49.56 -21.97
CA ASP D 194 -14.57 -50.20 -22.95
C ASP D 194 -14.40 -49.51 -24.32
N PRO D 195 -13.73 -50.15 -25.29
CA PRO D 195 -13.62 -49.53 -26.63
C PRO D 195 -14.95 -49.34 -27.37
N GLY D 196 -16.02 -50.09 -26.99
CA GLY D 196 -17.39 -49.80 -27.44
C GLY D 196 -18.08 -48.58 -26.80
N SER D 197 -17.37 -47.82 -25.95
CA SER D 197 -17.97 -46.66 -25.28
C SER D 197 -16.92 -45.53 -25.04
N VAL D 198 -16.70 -44.76 -26.09
CA VAL D 198 -15.66 -43.80 -26.18
C VAL D 198 -16.36 -42.48 -26.44
N THR D 199 -16.13 -41.51 -25.58
CA THR D 199 -16.65 -40.17 -25.78
C THR D 199 -15.46 -39.29 -26.10
N ILE D 200 -15.55 -38.54 -27.20
CA ILE D 200 -14.54 -37.51 -27.50
C ILE D 200 -15.08 -36.22 -26.97
N PHE D 201 -14.20 -35.48 -26.31
CA PHE D 201 -14.55 -34.14 -25.80
C PHE D 201 -13.38 -33.19 -25.93
N GLY D 202 -13.68 -31.92 -26.11
CA GLY D 202 -12.65 -30.93 -26.31
C GLY D 202 -13.18 -29.52 -26.25
N GLU D 203 -12.27 -28.59 -26.07
CA GLU D 203 -12.62 -27.22 -25.88
C GLU D 203 -11.90 -26.32 -26.92
N SER D 204 -12.60 -25.30 -27.40
CA SER D 204 -12.06 -24.32 -28.30
C SER D 204 -11.64 -25.05 -29.58
N ALA D 205 -10.40 -24.95 -30.02
CA ALA D 205 -9.99 -25.71 -31.20
C ALA D 205 -10.15 -27.24 -31.03
N GLY D 206 -10.16 -27.70 -29.80
CA GLY D 206 -10.43 -29.08 -29.50
C GLY D 206 -11.90 -29.43 -29.72
N GLY D 207 -12.75 -28.48 -29.44
CA GLY D 207 -14.15 -28.57 -29.77
C GLY D 207 -14.40 -28.53 -31.25
N GLU D 208 -13.72 -27.64 -31.97
CA GLU D 208 -13.74 -27.68 -33.40
C GLU D 208 -13.33 -29.04 -33.91
N SER D 209 -12.29 -29.59 -33.31
CA SER D 209 -11.78 -30.89 -33.72
C SER D 209 -12.82 -32.00 -33.51
N VAL D 210 -13.48 -32.00 -32.35
CA VAL D 210 -14.54 -32.94 -32.08
C VAL D 210 -15.62 -32.81 -33.18
N SER D 211 -16.02 -31.58 -33.47
CA SER D 211 -16.99 -31.32 -34.50
C SER D 211 -16.54 -31.85 -35.86
N VAL D 212 -15.27 -31.64 -36.21
CA VAL D 212 -14.74 -32.16 -37.47
C VAL D 212 -14.70 -33.72 -37.49
N LEU D 213 -14.42 -34.35 -36.35
CA LEU D 213 -14.46 -35.78 -36.23
C LEU D 213 -15.86 -36.34 -36.36
N VAL D 214 -16.82 -35.63 -35.81
CA VAL D 214 -18.22 -35.97 -36.00
C VAL D 214 -18.58 -36.01 -37.50
N LEU D 215 -18.03 -35.08 -38.29
CA LEU D 215 -18.35 -34.98 -39.73
C LEU D 215 -17.53 -35.92 -40.60
N SER D 216 -16.44 -36.47 -40.08
CA SER D 216 -15.48 -37.14 -40.92
C SER D 216 -15.78 -38.62 -41.13
N PRO D 217 -15.77 -39.09 -42.38
CA PRO D 217 -15.94 -40.54 -42.54
C PRO D 217 -14.76 -41.33 -42.01
N LEU D 218 -13.58 -40.73 -41.88
CA LEU D 218 -12.42 -41.41 -41.25
C LEU D 218 -12.59 -41.77 -39.79
N ALA D 219 -13.45 -41.06 -39.09
CA ALA D 219 -13.65 -41.32 -37.67
C ALA D 219 -14.84 -42.24 -37.34
N LYS D 220 -15.49 -42.79 -38.36
CA LYS D 220 -16.63 -43.68 -38.19
C LYS D 220 -16.32 -44.88 -37.30
N ASN D 221 -17.21 -45.15 -36.35
CA ASN D 221 -17.03 -46.25 -35.34
C ASN D 221 -15.82 -46.13 -34.38
N LEU D 222 -15.21 -44.95 -34.29
CA LEU D 222 -14.09 -44.72 -33.36
C LEU D 222 -14.50 -44.00 -32.08
N PHE D 223 -15.73 -43.48 -32.06
CA PHE D 223 -16.29 -42.93 -30.86
C PHE D 223 -17.83 -43.05 -30.87
N HIS D 224 -18.44 -42.97 -29.69
CA HIS D 224 -19.90 -43.17 -29.53
C HIS D 224 -20.67 -42.00 -28.92
N ARG D 225 -19.97 -40.98 -28.43
CA ARG D 225 -20.56 -39.72 -27.94
C ARG D 225 -19.55 -38.63 -28.23
N ALA D 226 -20.03 -37.40 -28.34
CA ALA D 226 -19.21 -36.24 -28.55
C ALA D 226 -19.60 -35.08 -27.64
N ILE D 227 -18.61 -34.27 -27.25
CA ILE D 227 -18.84 -33.00 -26.49
C ILE D 227 -17.94 -31.88 -27.00
N SER D 228 -18.54 -30.84 -27.55
CA SER D 228 -17.81 -29.68 -28.03
C SER D 228 -18.07 -28.54 -27.10
N GLU D 229 -17.04 -28.18 -26.37
CA GLU D 229 -17.06 -27.05 -25.46
C GLU D 229 -16.48 -25.83 -26.16
N SER D 230 -17.29 -24.80 -26.39
CA SER D 230 -16.80 -23.53 -26.94
C SER D 230 -16.05 -23.67 -28.30
N GLY D 231 -16.57 -24.53 -29.17
CA GLY D 231 -16.01 -24.66 -30.48
C GLY D 231 -16.63 -25.77 -31.29
N VAL D 232 -16.98 -25.43 -32.53
CA VAL D 232 -17.47 -26.39 -33.55
C VAL D 232 -16.80 -26.09 -34.91
N ALA D 233 -17.18 -26.79 -35.96
CA ALA D 233 -16.58 -26.61 -37.28
C ALA D 233 -16.66 -25.19 -37.83
N PHE D 234 -17.75 -24.49 -37.56
CA PHE D 234 -17.90 -23.11 -38.04
C PHE D 234 -17.20 -22.03 -37.19
N THR D 235 -16.63 -22.41 -36.05
CA THR D 235 -16.02 -21.48 -35.10
C THR D 235 -14.74 -20.83 -35.65
N ALA D 236 -14.70 -19.48 -35.62
CA ALA D 236 -13.50 -18.71 -35.96
C ALA D 236 -12.93 -18.96 -37.39
N GLY D 237 -13.78 -19.38 -38.34
CA GLY D 237 -13.32 -19.79 -39.64
C GLY D 237 -12.17 -20.77 -39.58
N LEU D 238 -12.15 -21.65 -38.57
CA LEU D 238 -11.13 -22.70 -38.46
C LEU D 238 -11.27 -23.83 -39.50
N VAL D 239 -12.32 -23.83 -40.33
CA VAL D 239 -12.41 -24.70 -41.50
C VAL D 239 -12.56 -23.90 -42.78
N ARG D 240 -11.64 -24.09 -43.75
CA ARG D 240 -11.70 -23.37 -45.02
C ARG D 240 -11.60 -24.32 -46.19
N LYS D 241 -11.99 -23.82 -47.36
CA LYS D 241 -11.90 -24.58 -48.59
C LYS D 241 -10.43 -24.83 -48.96
N ASP D 242 -9.57 -23.86 -48.68
CA ASP D 242 -8.18 -23.90 -49.11
C ASP D 242 -7.33 -22.98 -48.22
N MET D 243 -6.04 -22.93 -48.51
CA MET D 243 -5.05 -22.20 -47.74
C MET D 243 -4.03 -21.46 -48.67
N LYS D 244 -4.44 -21.13 -49.90
CA LYS D 244 -3.52 -20.61 -50.95
C LYS D 244 -2.69 -19.42 -50.45
N ALA D 245 -3.35 -18.47 -49.81
CA ALA D 245 -2.70 -17.22 -49.46
C ALA D 245 -1.73 -17.37 -48.28
N ALA D 246 -2.14 -18.13 -47.27
CA ALA D 246 -1.26 -18.41 -46.14
C ALA D 246 -0.05 -19.25 -46.57
N ALA D 247 -0.25 -20.20 -47.48
CA ALA D 247 0.85 -20.98 -48.01
C ALA D 247 1.87 -20.16 -48.75
N LYS D 248 1.41 -19.20 -49.57
CA LYS D 248 2.31 -18.22 -50.23
C LYS D 248 3.16 -17.46 -49.20
N GLN D 249 2.56 -17.02 -48.10
CA GLN D 249 3.28 -16.28 -47.07
C GLN D 249 4.34 -17.14 -46.42
N ILE D 250 4.01 -18.39 -46.21
CA ILE D 250 4.94 -19.33 -45.66
C ILE D 250 6.12 -19.51 -46.58
N ALA D 251 5.85 -19.64 -47.87
CA ALA D 251 6.93 -19.83 -48.86
C ALA D 251 7.92 -18.69 -48.91
N VAL D 252 7.40 -17.47 -48.90
CA VAL D 252 8.25 -16.28 -48.86
C VAL D 252 9.07 -16.29 -47.55
N LEU D 253 8.45 -16.53 -46.39
CA LEU D 253 9.19 -16.51 -45.14
C LEU D 253 10.24 -17.58 -45.06
N ALA D 254 9.96 -18.73 -45.63
CA ALA D 254 10.87 -19.87 -45.60
C ALA D 254 11.92 -19.89 -46.67
N GLY D 255 11.82 -19.03 -47.67
CA GLY D 255 12.72 -19.04 -48.82
C GLY D 255 12.55 -20.27 -49.70
N CYS D 256 11.32 -20.78 -49.83
CA CYS D 256 11.03 -21.95 -50.66
C CYS D 256 10.44 -21.56 -52.01
N LYS D 257 10.89 -22.18 -53.07
CA LYS D 257 10.26 -22.02 -54.39
C LYS D 257 8.91 -22.70 -54.40
N THR D 258 7.93 -22.07 -55.06
CA THR D 258 6.60 -22.64 -55.25
C THR D 258 6.34 -23.04 -56.69
N THR D 259 7.38 -23.32 -57.45
CA THR D 259 7.26 -23.77 -58.85
C THR D 259 6.23 -24.87 -59.00
N THR D 260 6.30 -25.87 -58.14
CA THR D 260 5.22 -26.88 -57.96
C THR D 260 4.99 -27.13 -56.48
N SER D 261 3.85 -27.72 -56.15
CA SER D 261 3.59 -28.18 -54.79
C SER D 261 4.62 -29.15 -54.28
N ALA D 262 5.04 -30.12 -55.09
CA ALA D 262 5.95 -31.16 -54.59
C ALA D 262 7.27 -30.52 -54.18
N VAL D 263 7.75 -29.59 -55.00
CA VAL D 263 9.02 -28.87 -54.74
C VAL D 263 8.91 -28.02 -53.49
N PHE D 264 7.78 -27.36 -53.31
CA PHE D 264 7.51 -26.60 -52.11
C PHE D 264 7.55 -27.50 -50.87
N VAL D 265 6.76 -28.58 -50.83
CA VAL D 265 6.72 -29.40 -49.63
C VAL D 265 8.06 -30.06 -49.36
N HIS D 266 8.74 -30.49 -50.40
CA HIS D 266 10.09 -31.09 -50.27
C HIS D 266 11.10 -30.07 -49.63
N CYS D 267 11.01 -28.81 -50.00
CA CYS D 267 11.85 -27.73 -49.39
C CYS D 267 11.51 -27.55 -47.91
N LEU D 268 10.24 -27.49 -47.56
CA LEU D 268 9.88 -27.45 -46.14
C LEU D 268 10.32 -28.65 -45.33
N ARG D 269 10.32 -29.85 -45.93
CA ARG D 269 10.75 -31.07 -45.21
C ARG D 269 12.23 -31.08 -44.89
N GLN D 270 13.01 -30.30 -45.62
CA GLN D 270 14.45 -30.21 -45.40
C GLN D 270 14.78 -29.22 -44.28
N LYS D 271 13.85 -28.36 -43.89
CA LYS D 271 14.07 -27.37 -42.82
C LYS D 271 14.29 -28.04 -41.46
N SER D 272 15.11 -27.42 -40.63
CA SER D 272 15.30 -27.93 -39.25
C SER D 272 14.09 -27.49 -38.38
N GLU D 273 13.91 -28.14 -37.23
CA GLU D 273 12.88 -27.72 -36.28
C GLU D 273 13.04 -26.24 -35.96
N ASP D 274 14.26 -25.81 -35.64
CA ASP D 274 14.53 -24.40 -35.34
C ASP D 274 14.09 -23.44 -36.50
N GLU D 275 14.41 -23.78 -37.75
CA GLU D 275 13.93 -22.98 -38.87
C GLU D 275 12.43 -22.93 -38.96
N LEU D 276 11.72 -24.03 -38.67
CA LEU D 276 10.25 -23.99 -38.71
C LEU D 276 9.67 -23.25 -37.55
N LEU D 277 10.35 -23.33 -36.41
CA LEU D 277 9.94 -22.53 -35.22
C LEU D 277 10.06 -21.05 -35.49
N ASP D 278 11.17 -20.66 -36.05
CA ASP D 278 11.38 -19.26 -36.44
C ASP D 278 10.36 -18.78 -37.49
N LEU D 279 10.10 -19.61 -38.49
CA LEU D 279 8.99 -19.33 -39.41
C LEU D 279 7.62 -19.18 -38.66
N THR D 280 7.39 -20.05 -37.66
CA THR D 280 6.21 -19.94 -36.84
C THR D 280 6.09 -18.57 -36.17
N LEU D 281 7.15 -18.10 -35.52
CA LEU D 281 7.12 -16.81 -34.83
C LEU D 281 6.84 -15.69 -35.80
N LYS D 282 7.40 -15.76 -37.01
CA LYS D 282 7.15 -14.75 -38.04
C LYS D 282 5.74 -14.71 -38.60
N MET D 283 5.01 -15.83 -38.58
CA MET D 283 3.60 -15.87 -38.96
C MET D 283 2.68 -15.18 -37.94
N LYS D 284 3.14 -15.01 -36.70
CA LYS D 284 2.39 -14.29 -35.67
C LYS D 284 1.00 -14.89 -35.47
N PHE D 285 0.97 -16.18 -35.25
CA PHE D 285 -0.29 -16.85 -35.02
C PHE D 285 -0.96 -16.39 -33.72
N PHE D 286 -2.30 -16.53 -33.67
CA PHE D 286 -3.11 -16.28 -32.47
C PHE D 286 -3.03 -14.80 -32.05
N ALA D 287 -2.91 -13.91 -33.03
CA ALA D 287 -2.72 -12.46 -32.79
C ALA D 287 -3.45 -11.63 -33.83
N LEU D 288 -4.12 -10.60 -33.37
CA LEU D 288 -4.84 -9.71 -34.26
C LEU D 288 -3.83 -8.81 -34.97
N ASP D 289 -3.89 -8.80 -36.30
CA ASP D 289 -3.02 -7.96 -37.11
C ASP D 289 -3.69 -6.58 -37.13
N LEU D 290 -3.04 -5.61 -36.48
CA LEU D 290 -3.58 -4.25 -36.37
C LEU D 290 -3.26 -3.33 -37.55
N HIS D 291 -2.23 -3.67 -38.33
CA HIS D 291 -1.65 -2.74 -39.32
C HIS D 291 -1.92 -3.17 -40.76
N GLY D 292 -1.76 -4.47 -41.04
CA GLY D 292 -1.96 -5.01 -42.38
C GLY D 292 -3.42 -5.08 -42.83
N ASP D 293 -3.58 -5.58 -44.05
CA ASP D 293 -4.90 -5.86 -44.65
C ASP D 293 -5.54 -7.03 -43.89
N PRO D 294 -6.72 -6.86 -43.29
CA PRO D 294 -7.37 -7.99 -42.62
C PRO D 294 -7.74 -9.17 -43.52
N ARG D 295 -8.02 -8.93 -44.81
CA ARG D 295 -8.23 -10.03 -45.77
C ARG D 295 -6.99 -10.94 -45.97
N GLU D 296 -5.80 -10.43 -45.66
CA GLU D 296 -4.54 -11.16 -45.83
C GLU D 296 -3.92 -11.64 -44.50
N SER D 297 -4.68 -11.54 -43.41
CA SER D 297 -4.20 -12.00 -42.12
C SER D 297 -4.67 -13.43 -41.87
N HIS D 298 -3.77 -14.22 -41.31
CA HIS D 298 -3.96 -15.64 -41.13
C HIS D 298 -3.41 -16.04 -39.77
N PRO D 299 -4.10 -15.64 -38.70
CA PRO D 299 -3.67 -16.00 -37.36
C PRO D 299 -3.81 -17.48 -36.95
N PHE D 300 -4.47 -18.31 -37.77
CA PHE D 300 -4.49 -19.77 -37.61
C PHE D 300 -4.23 -20.39 -38.96
N LEU D 301 -3.54 -21.52 -38.99
CA LEU D 301 -3.61 -22.39 -40.16
C LEU D 301 -4.77 -23.36 -39.91
N THR D 302 -5.64 -23.50 -40.89
CA THR D 302 -6.93 -24.09 -40.65
C THR D 302 -7.03 -25.56 -41.04
N THR D 303 -8.03 -26.21 -40.49
CA THR D 303 -8.62 -27.40 -41.08
C THR D 303 -8.96 -27.04 -42.52
N VAL D 304 -8.70 -27.94 -43.48
CA VAL D 304 -9.16 -27.75 -44.84
C VAL D 304 -10.02 -28.92 -45.36
N VAL D 305 -10.75 -28.65 -46.43
CA VAL D 305 -11.40 -29.64 -47.24
C VAL D 305 -10.33 -30.33 -48.12
N ASP D 306 -9.92 -31.51 -47.71
CA ASP D 306 -8.82 -32.25 -48.33
C ASP D 306 -9.31 -33.46 -49.15
N GLY D 307 -10.58 -33.84 -49.05
CA GLY D 307 -11.12 -35.04 -49.73
C GLY D 307 -10.90 -36.36 -49.03
N VAL D 308 -10.40 -36.33 -47.80
CA VAL D 308 -10.01 -37.53 -47.04
C VAL D 308 -10.61 -37.42 -45.67
N LEU D 309 -10.09 -36.55 -44.82
CA LEU D 309 -10.75 -36.22 -43.55
C LEU D 309 -12.14 -35.57 -43.77
N LEU D 310 -12.21 -34.63 -44.70
CA LEU D 310 -13.45 -33.95 -45.06
C LEU D 310 -13.64 -33.99 -46.59
N PRO D 311 -14.64 -34.72 -47.08
CA PRO D 311 -14.89 -34.78 -48.54
C PRO D 311 -15.46 -33.51 -49.12
N LYS D 312 -16.09 -32.70 -48.28
CA LYS D 312 -16.61 -31.41 -48.69
C LYS D 312 -16.77 -30.49 -47.48
N MET D 313 -17.23 -29.25 -47.71
CA MET D 313 -17.31 -28.25 -46.65
C MET D 313 -18.29 -28.75 -45.58
N PRO D 314 -18.10 -28.34 -44.31
CA PRO D 314 -19.01 -28.76 -43.24
C PRO D 314 -20.52 -28.47 -43.47
N GLU D 315 -20.84 -27.33 -44.08
CA GLU D 315 -22.24 -26.96 -44.44
C GLU D 315 -22.92 -28.07 -45.24
N GLU D 316 -22.19 -28.60 -46.23
CA GLU D 316 -22.71 -29.60 -47.14
C GLU D 316 -22.75 -30.98 -46.48
N ILE D 317 -21.81 -31.32 -45.59
CA ILE D 317 -21.87 -32.61 -44.87
C ILE D 317 -23.04 -32.59 -43.89
N LEU D 318 -23.20 -31.46 -43.19
CA LEU D 318 -24.32 -31.27 -42.28
C LEU D 318 -25.67 -31.35 -42.98
N ALA D 319 -25.84 -30.62 -44.08
CA ALA D 319 -27.12 -30.62 -44.83
C ALA D 319 -27.49 -32.01 -45.40
N GLU D 320 -26.50 -32.81 -45.80
CA GLU D 320 -26.73 -34.16 -46.36
C GLU D 320 -26.95 -35.31 -45.35
N LYS D 321 -26.68 -35.06 -44.06
CA LYS D 321 -27.08 -35.93 -42.93
C LYS D 321 -26.40 -37.30 -42.83
N ASP D 322 -25.37 -37.53 -43.60
CA ASP D 322 -24.58 -38.75 -43.54
C ASP D 322 -23.24 -38.38 -42.87
N PHE D 323 -23.18 -38.63 -41.57
CA PHE D 323 -21.98 -38.38 -40.77
C PHE D 323 -22.12 -39.14 -39.47
N ASN D 324 -21.19 -39.00 -38.53
CA ASN D 324 -21.25 -39.76 -37.28
C ASN D 324 -22.30 -39.15 -36.32
N THR D 325 -23.52 -39.63 -36.48
CA THR D 325 -24.73 -39.07 -35.83
C THR D 325 -24.86 -39.61 -34.40
N VAL D 326 -23.84 -39.37 -33.59
CA VAL D 326 -23.81 -39.84 -32.21
C VAL D 326 -24.43 -38.81 -31.30
N PRO D 327 -24.75 -39.20 -30.06
CA PRO D 327 -25.18 -38.19 -29.10
C PRO D 327 -24.10 -37.09 -28.95
N TYR D 328 -24.54 -35.82 -28.91
CA TYR D 328 -23.64 -34.70 -28.96
C TYR D 328 -24.10 -33.60 -28.01
N ILE D 329 -23.26 -33.27 -27.04
CA ILE D 329 -23.40 -32.05 -26.25
C ILE D 329 -22.62 -30.96 -26.97
N VAL D 330 -23.26 -29.83 -27.27
CA VAL D 330 -22.60 -28.63 -27.82
C VAL D 330 -22.87 -27.46 -26.89
N GLY D 331 -21.83 -26.82 -26.37
CA GLY D 331 -22.03 -25.71 -25.44
C GLY D 331 -21.11 -24.52 -25.63
N ILE D 332 -21.49 -23.43 -25.00
CA ILE D 332 -20.73 -22.20 -25.00
C ILE D 332 -20.70 -21.61 -23.60
N ASN D 333 -19.84 -20.63 -23.39
CA ASN D 333 -19.83 -19.84 -22.17
C ASN D 333 -20.45 -18.45 -22.36
N LYS D 334 -20.89 -17.87 -21.25
CA LYS D 334 -21.63 -16.63 -21.24
C LYS D 334 -20.93 -15.50 -21.96
N GLN D 335 -19.61 -15.45 -21.81
CA GLN D 335 -18.80 -14.34 -22.32
C GLN D 335 -17.53 -14.89 -22.93
N GLU D 336 -17.69 -15.55 -24.08
CA GLU D 336 -16.55 -16.21 -24.72
C GLU D 336 -15.40 -15.24 -25.04
N PHE D 337 -15.72 -13.98 -25.32
CA PHE D 337 -14.70 -12.97 -25.60
C PHE D 337 -14.48 -12.00 -24.44
N GLY D 338 -14.77 -12.46 -23.22
CA GLY D 338 -14.77 -11.61 -22.06
C GLY D 338 -13.41 -11.01 -21.71
N TRP D 339 -12.38 -11.83 -21.70
CA TRP D 339 -11.07 -11.37 -21.27
C TRP D 339 -9.90 -12.17 -21.90
N LEU D 340 -9.90 -13.48 -21.71
CA LEU D 340 -8.75 -14.31 -22.10
C LEU D 340 -8.31 -14.11 -23.54
N LEU D 341 -9.27 -14.20 -24.46
CA LEU D 341 -9.01 -14.14 -25.89
C LEU D 341 -8.61 -12.77 -26.39
N PRO D 342 -9.37 -11.74 -26.05
CA PRO D 342 -8.89 -10.42 -26.51
C PRO D 342 -7.51 -10.05 -25.95
N THR D 343 -7.24 -10.40 -24.70
CA THR D 343 -5.93 -10.21 -24.11
C THR D 343 -4.86 -11.02 -24.84
N MET D 344 -5.05 -12.33 -24.95
CA MET D 344 -4.09 -13.21 -25.66
C MET D 344 -3.85 -12.82 -27.15
N MET D 345 -4.89 -12.38 -27.83
CA MET D 345 -4.80 -11.96 -29.22
C MET D 345 -4.29 -10.52 -29.42
N GLY D 346 -4.08 -9.77 -28.34
CA GLY D 346 -3.55 -8.40 -28.44
C GLY D 346 -4.56 -7.40 -28.96
N PHE D 347 -5.83 -7.52 -28.59
CA PHE D 347 -6.83 -6.52 -28.94
C PHE D 347 -6.49 -5.28 -28.12
N PRO D 348 -6.49 -4.07 -28.74
CA PRO D 348 -6.17 -2.83 -28.00
C PRO D 348 -7.35 -2.34 -27.13
N LEU D 349 -7.61 -3.12 -26.07
CA LEU D 349 -8.80 -2.99 -25.22
C LEU D 349 -8.43 -3.04 -23.75
N SER D 350 -7.27 -2.51 -23.39
CA SER D 350 -6.92 -2.39 -21.98
C SER D 350 -7.64 -1.18 -21.39
N GLU D 351 -7.86 -0.14 -22.22
CA GLU D 351 -8.51 1.14 -21.81
C GLU D 351 -9.70 1.11 -20.84
N GLY D 352 -10.51 0.04 -20.86
CA GLY D 352 -11.75 -0.04 -20.04
C GLY D 352 -12.92 0.68 -20.71
N LYS D 353 -12.71 1.05 -21.98
CA LYS D 353 -13.46 2.10 -22.63
C LYS D 353 -13.32 1.97 -24.15
N LEU D 354 -14.43 2.07 -24.86
CA LEU D 354 -14.42 1.91 -26.31
C LEU D 354 -15.53 2.73 -26.98
N ASP D 355 -15.18 3.47 -28.03
CA ASP D 355 -16.20 4.17 -28.84
C ASP D 355 -16.60 3.33 -30.06
N GLN D 356 -17.67 3.73 -30.73
CA GLN D 356 -18.27 2.93 -31.77
C GLN D 356 -17.49 2.90 -33.09
N LYS D 357 -16.73 3.95 -33.40
CA LYS D 357 -15.87 3.97 -34.61
C LYS D 357 -14.77 2.92 -34.48
N THR D 358 -14.16 2.85 -33.30
CA THR D 358 -13.10 1.88 -32.96
C THR D 358 -13.64 0.44 -32.90
N ALA D 359 -14.85 0.23 -32.38
CA ALA D 359 -15.47 -1.09 -32.36
C ALA D 359 -15.69 -1.61 -33.77
N THR D 360 -16.20 -0.75 -34.64
CA THR D 360 -16.36 -1.02 -36.07
C THR D 360 -15.02 -1.35 -36.73
N SER D 361 -14.00 -0.56 -36.43
CA SER D 361 -12.64 -0.81 -36.92
C SER D 361 -12.08 -2.17 -36.42
N LEU D 362 -12.20 -2.46 -35.12
CA LEU D 362 -11.73 -3.74 -34.58
C LEU D 362 -12.49 -4.96 -35.10
N LEU D 363 -13.78 -4.80 -35.40
CA LEU D 363 -14.53 -5.90 -36.01
C LEU D 363 -14.04 -6.21 -37.43
N TRP D 364 -13.74 -5.16 -38.18
CA TRP D 364 -13.18 -5.31 -39.52
C TRP D 364 -11.81 -6.01 -39.47
N LYS D 365 -10.94 -5.58 -38.56
CA LYS D 365 -9.63 -6.24 -38.39
C LYS D 365 -9.76 -7.68 -37.89
N SER D 366 -10.84 -8.00 -37.21
CA SER D 366 -11.11 -9.40 -36.82
C SER D 366 -11.65 -10.29 -37.96
N TYR D 367 -11.65 -9.80 -39.21
CA TYR D 367 -12.17 -10.58 -40.36
C TYR D 367 -11.74 -12.05 -40.41
N PRO D 368 -10.46 -12.34 -40.12
CA PRO D 368 -10.07 -13.76 -40.14
C PRO D 368 -10.88 -14.67 -39.22
N ILE D 369 -11.31 -14.19 -38.05
CA ILE D 369 -12.15 -14.98 -37.13
C ILE D 369 -13.66 -14.68 -37.17
N ALA D 370 -14.03 -13.47 -37.60
CA ALA D 370 -15.43 -13.01 -37.58
C ALA D 370 -16.12 -13.15 -38.94
N ASN D 371 -15.35 -13.01 -40.01
CA ASN D 371 -15.83 -13.14 -41.38
C ASN D 371 -16.96 -12.16 -41.79
N ILE D 372 -16.87 -10.91 -41.31
CA ILE D 372 -17.83 -9.90 -41.66
C ILE D 372 -17.17 -8.91 -42.60
N PRO D 373 -17.71 -8.75 -43.84
CA PRO D 373 -17.16 -7.78 -44.80
C PRO D 373 -17.17 -6.33 -44.30
N GLU D 374 -16.25 -5.52 -44.81
CA GLU D 374 -16.03 -4.16 -44.31
C GLU D 374 -17.31 -3.31 -44.24
N GLU D 375 -18.14 -3.39 -45.28
CA GLU D 375 -19.33 -2.50 -45.43
C GLU D 375 -20.46 -2.90 -44.47
N LEU D 376 -20.53 -4.18 -44.06
CA LEU D 376 -21.54 -4.63 -43.10
C LEU D 376 -21.09 -4.53 -41.64
N THR D 377 -19.88 -4.04 -41.43
CA THR D 377 -19.28 -3.99 -40.11
C THR D 377 -19.89 -2.88 -39.18
N PRO D 378 -20.22 -1.67 -39.72
CA PRO D 378 -20.97 -0.69 -38.90
C PRO D 378 -22.40 -1.11 -38.54
N VAL D 379 -23.02 -1.94 -39.38
CA VAL D 379 -24.38 -2.44 -39.13
C VAL D 379 -24.37 -3.37 -37.92
N ALA D 380 -23.36 -4.23 -37.84
CA ALA D 380 -23.18 -5.13 -36.69
C ALA D 380 -22.93 -4.39 -35.37
N THR D 381 -22.02 -3.43 -35.38
CA THR D 381 -21.72 -2.66 -34.17
C THR D 381 -22.86 -1.73 -33.78
N ASP D 382 -23.58 -1.17 -34.76
CA ASP D 382 -24.80 -0.38 -34.46
C ASP D 382 -25.84 -1.25 -33.77
N LYS D 383 -26.07 -2.45 -34.30
CA LYS D 383 -27.01 -3.40 -33.69
C LYS D 383 -26.71 -3.69 -32.22
N TYR D 384 -25.44 -3.85 -31.87
CA TYR D 384 -25.04 -4.25 -30.51
C TYR D 384 -24.74 -3.08 -29.58
N LEU D 385 -24.14 -2.01 -30.12
CA LEU D 385 -23.65 -0.87 -29.34
C LEU D 385 -24.48 0.41 -29.49
N GLY D 386 -25.33 0.47 -30.52
CA GLY D 386 -26.10 1.71 -30.83
C GLY D 386 -27.20 2.14 -29.87
N GLY D 387 -27.64 1.22 -29.01
CA GLY D 387 -28.59 1.52 -27.94
C GLY D 387 -28.04 2.13 -26.65
N THR D 388 -26.76 2.50 -26.60
CA THR D 388 -26.17 3.20 -25.42
C THR D 388 -25.03 4.18 -25.79
N ASP D 389 -24.93 5.26 -25.02
CA ASP D 389 -23.86 6.29 -25.17
C ASP D 389 -22.63 5.97 -24.32
N ASP D 390 -22.82 5.13 -23.29
CA ASP D 390 -21.83 4.83 -22.27
C ASP D 390 -20.69 3.98 -22.87
N PRO D 391 -19.46 4.54 -22.92
CA PRO D 391 -18.35 3.78 -23.58
C PRO D 391 -17.86 2.54 -22.80
N VAL D 392 -18.01 2.54 -21.47
CA VAL D 392 -17.73 1.35 -20.65
C VAL D 392 -18.68 0.21 -21.03
N LYS D 393 -19.97 0.53 -21.21
CA LYS D 393 -20.96 -0.45 -21.70
C LYS D 393 -20.74 -0.86 -23.18
N LYS D 394 -20.29 0.07 -24.02
CA LYS D 394 -19.98 -0.24 -25.43
C LYS D 394 -18.86 -1.29 -25.57
N LYS D 395 -17.86 -1.21 -24.69
CA LYS D 395 -16.78 -2.18 -24.65
C LYS D 395 -17.34 -3.56 -24.30
N ASP D 396 -18.05 -3.64 -23.18
CA ASP D 396 -18.68 -4.91 -22.74
C ASP D 396 -19.59 -5.51 -23.83
N LEU D 397 -20.35 -4.64 -24.52
CA LEU D 397 -21.22 -5.09 -25.63
C LEU D 397 -20.48 -5.51 -26.89
N PHE D 398 -19.33 -4.90 -27.16
CA PHE D 398 -18.48 -5.32 -28.29
C PHE D 398 -17.92 -6.71 -28.05
N LEU D 399 -17.55 -7.00 -26.81
CA LEU D 399 -17.08 -8.32 -26.45
C LEU D 399 -18.20 -9.40 -26.52
N ASP D 400 -19.43 -9.03 -26.16
CA ASP D 400 -20.62 -9.88 -26.44
C ASP D 400 -20.74 -10.12 -27.94
N LEU D 401 -20.58 -9.06 -28.74
CA LEU D 401 -20.64 -9.17 -30.21
C LEU D 401 -19.64 -10.20 -30.72
N MET D 402 -18.38 -10.04 -30.32
CA MET D 402 -17.32 -10.96 -30.75
C MET D 402 -17.59 -12.40 -30.33
N GLY D 403 -18.06 -12.58 -29.10
CA GLY D 403 -18.43 -13.90 -28.60
C GLY D 403 -19.50 -14.56 -29.45
N ASP D 404 -20.51 -13.79 -29.82
CA ASP D 404 -21.64 -14.33 -30.58
C ASP D 404 -21.22 -14.72 -31.97
N VAL D 405 -20.49 -13.86 -32.66
CA VAL D 405 -20.12 -14.14 -34.05
C VAL D 405 -19.10 -15.28 -34.21
N VAL D 406 -18.13 -15.33 -33.30
CA VAL D 406 -17.04 -16.30 -33.30
C VAL D 406 -17.45 -17.65 -32.70
N PHE D 407 -18.23 -17.65 -31.61
CA PHE D 407 -18.57 -18.90 -30.89
C PHE D 407 -20.07 -19.26 -30.87
N GLY D 408 -20.90 -18.33 -30.38
CA GLY D 408 -22.30 -18.62 -30.07
C GLY D 408 -23.11 -19.03 -31.29
N VAL D 409 -23.05 -18.20 -32.32
CA VAL D 409 -23.82 -18.47 -33.55
C VAL D 409 -23.36 -19.75 -34.23
N PRO D 410 -22.03 -19.93 -34.42
CA PRO D 410 -21.56 -21.20 -34.94
C PRO D 410 -22.02 -22.43 -34.14
N SER D 411 -21.93 -22.36 -32.81
CA SER D 411 -22.30 -23.51 -31.97
C SER D 411 -23.80 -23.90 -32.12
N VAL D 412 -24.68 -22.92 -32.03
CA VAL D 412 -26.09 -23.13 -32.23
C VAL D 412 -26.40 -23.64 -33.63
N THR D 413 -25.80 -23.03 -34.65
CA THR D 413 -26.00 -23.46 -36.03
C THR D 413 -25.69 -24.95 -36.20
N VAL D 414 -24.59 -25.41 -35.61
CA VAL D 414 -24.18 -26.82 -35.70
C VAL D 414 -25.12 -27.74 -34.88
N ALA D 415 -25.44 -27.36 -33.66
CA ALA D 415 -26.36 -28.16 -32.83
C ALA D 415 -27.70 -28.39 -33.54
N ARG D 416 -28.21 -27.34 -34.17
CA ARG D 416 -29.45 -27.43 -34.95
C ARG D 416 -29.36 -28.44 -36.08
N GLN D 417 -28.29 -28.39 -36.84
CA GLN D 417 -28.17 -29.31 -37.98
C GLN D 417 -27.92 -30.76 -37.52
N HIS D 418 -27.23 -30.92 -36.38
CA HIS D 418 -27.02 -32.22 -35.76
C HIS D 418 -28.37 -32.84 -35.30
N ARG D 419 -29.16 -32.03 -34.60
CA ARG D 419 -30.52 -32.40 -34.20
C ARG D 419 -31.36 -32.77 -35.39
N ASP D 420 -31.27 -31.97 -36.44
CA ASP D 420 -32.04 -32.22 -37.68
C ASP D 420 -31.55 -33.42 -38.53
N ALA D 421 -30.36 -33.95 -38.25
CA ALA D 421 -29.94 -35.23 -38.81
C ALA D 421 -30.48 -36.44 -38.01
N GLY D 422 -31.18 -36.17 -36.92
CA GLY D 422 -31.87 -37.18 -36.14
C GLY D 422 -31.10 -37.67 -34.93
N ALA D 423 -30.01 -36.98 -34.57
CA ALA D 423 -29.15 -37.43 -33.47
C ALA D 423 -29.50 -36.75 -32.15
N PRO D 424 -29.35 -37.46 -31.02
CA PRO D 424 -29.62 -36.79 -29.75
C PRO D 424 -28.63 -35.67 -29.53
N THR D 425 -29.14 -34.50 -29.19
CA THR D 425 -28.36 -33.28 -29.11
C THR D 425 -28.70 -32.57 -27.83
N TYR D 426 -27.70 -32.03 -27.17
CA TYR D 426 -27.89 -31.23 -25.97
C TYR D 426 -27.06 -29.95 -26.10
N MET D 427 -27.56 -28.85 -25.55
CA MET D 427 -26.80 -27.63 -25.48
C MET D 427 -26.69 -27.11 -24.07
N TYR D 428 -25.63 -26.37 -23.79
CA TYR D 428 -25.52 -25.64 -22.52
C TYR D 428 -24.94 -24.24 -22.74
N GLU D 429 -25.19 -23.36 -21.77
CA GLU D 429 -24.49 -22.09 -21.64
C GLU D 429 -23.94 -22.03 -20.22
N PHE D 430 -22.63 -21.93 -20.10
CA PHE D 430 -21.96 -21.99 -18.80
C PHE D 430 -21.65 -20.61 -18.31
N GLN D 431 -22.05 -20.34 -17.10
CA GLN D 431 -21.94 -19.01 -16.54
C GLN D 431 -21.46 -19.06 -15.10
N TYR D 432 -20.14 -18.95 -14.95
CA TYR D 432 -19.51 -18.97 -13.65
C TYR D 432 -18.12 -18.38 -13.78
N ARG D 433 -17.69 -17.70 -12.73
CA ARG D 433 -16.35 -17.15 -12.63
C ARG D 433 -15.56 -18.03 -11.67
N PRO D 434 -14.62 -18.83 -12.17
CA PRO D 434 -13.82 -19.65 -11.25
C PRO D 434 -12.89 -18.83 -10.32
N SER D 435 -12.67 -19.33 -9.11
CA SER D 435 -11.65 -18.78 -8.19
C SER D 435 -10.21 -18.95 -8.71
N PHE D 436 -10.02 -19.85 -9.68
CA PHE D 436 -8.70 -20.09 -10.32
C PHE D 436 -8.36 -19.11 -11.41
N SER D 437 -9.25 -18.17 -11.69
CA SER D 437 -9.00 -17.13 -12.69
C SER D 437 -7.71 -16.34 -12.42
N SER D 438 -7.14 -15.81 -13.49
CA SER D 438 -5.93 -14.98 -13.41
C SER D 438 -6.19 -13.68 -12.62
N ASP D 439 -5.18 -13.19 -11.90
CA ASP D 439 -5.23 -11.88 -11.19
C ASP D 439 -5.61 -10.71 -12.11
N LYS D 440 -5.11 -10.77 -13.35
CA LYS D 440 -5.30 -9.72 -14.36
C LYS D 440 -6.77 -9.57 -14.84
N LYS D 441 -7.58 -10.61 -14.63
CA LYS D 441 -8.93 -10.69 -15.19
C LYS D 441 -9.87 -9.92 -14.30
N PRO D 442 -10.67 -8.98 -14.88
CA PRO D 442 -11.57 -8.25 -13.99
C PRO D 442 -12.64 -9.13 -13.31
N LYS D 443 -13.07 -8.71 -12.12
CA LYS D 443 -14.05 -9.46 -11.30
C LYS D 443 -15.42 -9.57 -11.98
N THR D 444 -15.71 -8.64 -12.90
CA THR D 444 -17.00 -8.57 -13.62
C THR D 444 -17.15 -9.53 -14.82
N VAL D 445 -16.06 -10.18 -15.25
CA VAL D 445 -16.08 -11.16 -16.32
C VAL D 445 -16.45 -12.54 -15.75
N ILE D 446 -17.58 -13.05 -16.21
CA ILE D 446 -18.15 -14.29 -15.72
C ILE D 446 -18.42 -15.19 -16.94
N GLY D 447 -17.95 -16.43 -16.89
CA GLY D 447 -18.11 -17.38 -18.01
C GLY D 447 -17.25 -17.00 -19.20
N ASP D 448 -15.98 -16.70 -18.90
CA ASP D 448 -15.00 -16.38 -19.89
C ASP D 448 -14.65 -17.67 -20.65
N HIS D 449 -14.04 -17.51 -21.83
CA HIS D 449 -13.49 -18.63 -22.56
C HIS D 449 -12.62 -19.46 -21.64
N GLY D 450 -12.89 -20.77 -21.64
CA GLY D 450 -12.16 -21.70 -20.79
C GLY D 450 -12.65 -21.90 -19.37
N ASP D 451 -13.56 -21.08 -18.88
CA ASP D 451 -13.95 -21.20 -17.48
C ASP D 451 -14.59 -22.56 -17.08
N GLU D 452 -15.33 -23.20 -18.00
CA GLU D 452 -15.97 -24.53 -17.74
C GLU D 452 -14.93 -25.66 -17.52
N ILE D 453 -13.74 -25.49 -18.06
CA ILE D 453 -12.69 -26.49 -17.90
C ILE D 453 -12.38 -26.80 -16.43
N PHE D 454 -12.44 -25.79 -15.59
CA PHE D 454 -12.14 -25.98 -14.17
C PHE D 454 -13.19 -26.86 -13.47
N SER D 455 -14.44 -26.77 -13.91
CA SER D 455 -15.50 -27.63 -13.43
C SER D 455 -15.41 -29.05 -14.02
N VAL D 456 -15.23 -29.13 -15.34
CA VAL D 456 -15.20 -30.41 -16.07
C VAL D 456 -14.07 -31.31 -15.56
N PHE D 457 -12.91 -30.72 -15.28
CA PHE D 457 -11.73 -31.48 -14.86
C PHE D 457 -11.48 -31.42 -13.36
N GLY D 458 -12.47 -31.01 -12.58
CA GLY D 458 -12.38 -31.13 -11.13
C GLY D 458 -11.25 -30.34 -10.47
N ALA D 459 -10.99 -29.13 -10.97
CA ALA D 459 -9.98 -28.23 -10.39
C ALA D 459 -10.14 -28.01 -8.88
N PRO D 460 -11.39 -27.85 -8.39
CA PRO D 460 -11.56 -27.72 -6.96
C PRO D 460 -10.99 -28.86 -6.09
N PHE D 461 -10.77 -30.04 -6.66
CA PHE D 461 -10.20 -31.19 -5.92
C PHE D 461 -8.70 -31.33 -6.06
N LEU D 462 -8.11 -30.50 -6.92
CA LEU D 462 -6.69 -30.57 -7.21
C LEU D 462 -5.88 -29.33 -6.85
N ARG D 463 -6.53 -28.17 -6.74
CA ARG D 463 -5.81 -26.90 -6.51
C ARG D 463 -6.66 -25.85 -5.83
N GLY D 464 -6.00 -24.79 -5.35
CA GLY D 464 -6.65 -23.63 -4.77
C GLY D 464 -7.45 -23.94 -3.50
N ASP D 465 -8.36 -23.03 -3.17
CA ASP D 465 -9.14 -23.13 -1.97
C ASP D 465 -10.58 -22.79 -2.38
N ALA D 466 -11.19 -23.70 -3.12
CA ALA D 466 -12.47 -23.43 -3.78
C ALA D 466 -13.59 -23.46 -2.73
N PRO D 467 -14.51 -22.47 -2.75
CA PRO D 467 -15.65 -22.51 -1.83
C PRO D 467 -16.64 -23.60 -2.23
N GLU D 468 -17.55 -23.92 -1.31
CA GLU D 468 -18.48 -25.05 -1.48
C GLU D 468 -19.33 -24.95 -2.77
N GLU D 469 -19.80 -23.76 -3.09
CA GLU D 469 -20.54 -23.50 -4.32
C GLU D 469 -19.75 -23.98 -5.57
N GLU D 470 -18.44 -23.73 -5.59
CA GLU D 470 -17.58 -24.11 -6.70
C GLU D 470 -17.26 -25.60 -6.70
N VAL D 471 -17.03 -26.16 -5.52
CA VAL D 471 -16.81 -27.60 -5.35
C VAL D 471 -18.02 -28.38 -5.88
N SER D 472 -19.19 -27.83 -5.60
CA SER D 472 -20.46 -28.46 -5.91
C SER D 472 -20.76 -28.38 -7.41
N LEU D 473 -20.50 -27.23 -8.00
CA LEU D 473 -20.64 -27.06 -9.44
C LEU D 473 -19.75 -28.04 -10.22
N SER D 474 -18.51 -28.24 -9.75
CA SER D 474 -17.65 -29.22 -10.37
C SER D 474 -18.22 -30.64 -10.32
N LYS D 475 -18.75 -31.07 -9.17
CA LYS D 475 -19.39 -32.39 -9.04
C LYS D 475 -20.59 -32.56 -9.96
N THR D 476 -21.42 -31.53 -10.04
CA THR D 476 -22.53 -31.48 -10.98
C THR D 476 -22.08 -31.66 -12.45
N VAL D 477 -21.14 -30.84 -12.89
CA VAL D 477 -20.67 -30.84 -14.30
C VAL D 477 -20.00 -32.17 -14.65
N MET D 478 -19.12 -32.66 -13.76
CA MET D 478 -18.47 -33.94 -13.96
C MET D 478 -19.46 -35.07 -14.08
N LYS D 479 -20.49 -35.03 -13.25
CA LYS D 479 -21.49 -36.10 -13.26
C LYS D 479 -22.34 -36.06 -14.55
N PHE D 480 -22.76 -34.88 -14.97
CA PHE D 480 -23.44 -34.73 -16.25
C PHE D 480 -22.58 -35.30 -17.39
N TRP D 481 -21.33 -34.86 -17.41
CA TRP D 481 -20.40 -35.26 -18.47
C TRP D 481 -20.21 -36.81 -18.49
N ALA D 482 -20.01 -37.40 -17.32
CA ALA D 482 -19.78 -38.84 -17.22
C ALA D 482 -21.04 -39.65 -17.42
N ASN D 483 -22.20 -39.13 -16.99
CA ASN D 483 -23.49 -39.80 -17.31
C ASN D 483 -23.68 -39.90 -18.81
N PHE D 484 -23.27 -38.84 -19.50
CA PHE D 484 -23.35 -38.75 -20.93
C PHE D 484 -22.40 -39.74 -21.58
N ALA D 485 -21.19 -39.86 -21.04
CA ALA D 485 -20.27 -40.89 -21.49
C ALA D 485 -20.83 -42.28 -21.32
N ARG D 486 -21.50 -42.51 -20.19
CA ARG D 486 -22.14 -43.81 -19.91
C ARG D 486 -23.31 -44.12 -20.86
N SER D 487 -24.25 -43.20 -21.03
CA SER D 487 -25.54 -43.50 -21.68
C SER D 487 -25.93 -42.68 -22.91
N GLY D 488 -25.17 -41.63 -23.24
CA GLY D 488 -25.59 -40.71 -24.29
C GLY D 488 -26.65 -39.71 -23.82
N ASN D 489 -26.84 -39.62 -22.51
CA ASN D 489 -27.83 -38.72 -21.90
C ASN D 489 -27.26 -38.24 -20.58
N PRO D 490 -27.19 -36.90 -20.34
CA PRO D 490 -26.43 -36.44 -19.17
C PRO D 490 -27.20 -36.60 -17.87
N ASN D 491 -28.50 -36.85 -17.97
CA ASN D 491 -29.40 -36.86 -16.79
C ASN D 491 -29.15 -38.02 -15.87
N GLY D 492 -29.44 -37.81 -14.60
CA GLY D 492 -29.36 -38.87 -13.58
C GLY D 492 -29.81 -38.38 -12.22
N GLU D 493 -29.79 -39.30 -11.26
CA GLU D 493 -30.25 -39.03 -9.90
C GLU D 493 -29.58 -37.79 -9.27
N GLY D 494 -30.40 -36.91 -8.69
CA GLY D 494 -29.95 -35.71 -7.98
C GLY D 494 -29.28 -34.61 -8.80
N LEU D 495 -29.54 -34.56 -10.11
CA LEU D 495 -29.02 -33.50 -10.97
C LEU D 495 -30.20 -32.73 -11.53
N PRO D 496 -30.05 -31.41 -11.74
CA PRO D 496 -31.12 -30.66 -12.44
C PRO D 496 -31.48 -31.26 -13.81
N HIS D 497 -32.73 -31.12 -14.22
CA HIS D 497 -33.18 -31.68 -15.50
C HIS D 497 -32.51 -30.94 -16.67
N TRP D 498 -31.84 -31.68 -17.56
CA TRP D 498 -31.27 -31.14 -18.77
C TRP D 498 -32.10 -31.62 -19.95
N PRO D 499 -32.92 -30.74 -20.55
CA PRO D 499 -33.77 -31.18 -21.65
C PRO D 499 -32.97 -31.39 -22.92
N MET D 500 -33.50 -32.23 -23.78
CA MET D 500 -32.92 -32.47 -25.08
C MET D 500 -33.07 -31.21 -25.93
N TYR D 501 -32.09 -30.94 -26.78
CA TYR D 501 -32.15 -29.84 -27.74
C TYR D 501 -32.93 -30.34 -28.93
N ASP D 502 -34.24 -30.14 -28.87
CA ASP D 502 -35.17 -30.61 -29.91
C ASP D 502 -35.75 -29.38 -30.63
N GLN D 503 -36.97 -29.44 -31.19
CA GLN D 503 -37.53 -28.29 -31.94
C GLN D 503 -37.79 -27.07 -31.06
N GLU D 504 -38.01 -27.30 -29.77
CA GLU D 504 -38.15 -26.22 -28.80
C GLU D 504 -36.84 -25.66 -28.29
N GLU D 505 -35.74 -26.30 -28.63
CA GLU D 505 -34.39 -25.77 -28.38
C GLU D 505 -34.10 -25.50 -26.89
N GLY D 506 -34.57 -26.41 -26.05
CA GLY D 506 -34.22 -26.44 -24.65
C GLY D 506 -32.73 -26.61 -24.49
N TYR D 507 -32.18 -25.89 -23.51
CA TYR D 507 -30.77 -26.00 -23.14
C TYR D 507 -30.63 -25.79 -21.65
N LEU D 508 -29.46 -26.14 -21.12
CA LEU D 508 -29.19 -25.99 -19.71
C LEU D 508 -28.27 -24.79 -19.45
N GLN D 509 -28.76 -23.83 -18.67
CA GLN D 509 -27.90 -22.78 -18.11
C GLN D 509 -27.17 -23.35 -16.91
N ILE D 510 -25.87 -23.55 -17.04
CA ILE D 510 -25.06 -24.10 -15.97
C ILE D 510 -24.40 -22.95 -15.22
N GLY D 511 -24.46 -23.00 -13.89
CA GLY D 511 -23.88 -21.98 -13.04
C GLY D 511 -24.26 -22.19 -11.58
N VAL D 512 -24.16 -21.13 -10.80
CA VAL D 512 -24.58 -21.19 -9.40
C VAL D 512 -26.05 -21.67 -9.30
N ASN D 513 -26.89 -21.16 -10.20
CA ASN D 513 -28.29 -21.59 -10.34
C ASN D 513 -28.46 -22.33 -11.67
N THR D 514 -28.29 -23.64 -11.62
CA THR D 514 -28.36 -24.49 -12.80
C THR D 514 -29.83 -24.83 -13.08
N GLN D 515 -30.30 -24.43 -14.26
CA GLN D 515 -31.67 -24.70 -14.67
C GLN D 515 -31.89 -24.56 -16.19
N ALA D 516 -32.92 -25.25 -16.67
CA ALA D 516 -33.30 -25.26 -18.08
C ALA D 516 -33.81 -23.90 -18.55
N ALA D 517 -33.60 -23.61 -19.82
CA ALA D 517 -34.14 -22.43 -20.48
C ALA D 517 -34.37 -22.83 -21.93
N LYS D 518 -34.83 -21.90 -22.76
CA LYS D 518 -35.17 -22.24 -24.15
C LYS D 518 -34.55 -21.26 -25.13
N ARG D 519 -34.18 -21.80 -26.27
CA ARG D 519 -33.94 -21.01 -27.44
C ARG D 519 -32.64 -20.15 -27.31
N LEU D 520 -31.53 -20.85 -27.05
CA LEU D 520 -30.23 -20.24 -26.87
C LEU D 520 -29.78 -19.45 -28.11
N LYS D 521 -29.46 -18.17 -27.90
CA LYS D 521 -29.02 -17.25 -28.96
C LYS D 521 -29.94 -17.20 -30.20
N GLY D 522 -31.24 -17.41 -29.98
CA GLY D 522 -32.20 -17.51 -31.08
C GLY D 522 -32.26 -16.27 -31.96
N GLU D 523 -32.38 -15.10 -31.30
CA GLU D 523 -32.45 -13.80 -31.98
C GLU D 523 -31.09 -13.36 -32.58
N GLU D 524 -29.99 -13.68 -31.91
CA GLU D 524 -28.63 -13.38 -32.40
C GLU D 524 -28.32 -14.18 -33.67
N VAL D 525 -28.67 -15.46 -33.69
CA VAL D 525 -28.56 -16.27 -34.91
C VAL D 525 -29.41 -15.67 -36.04
N ALA D 526 -30.64 -15.31 -35.75
CA ALA D 526 -31.52 -14.67 -36.74
C ALA D 526 -30.88 -13.41 -37.35
N PHE D 527 -30.30 -12.56 -36.52
CA PHE D 527 -29.67 -11.32 -36.98
C PHE D 527 -28.43 -11.60 -37.85
N TRP D 528 -27.52 -12.40 -37.33
CA TRP D 528 -26.25 -12.68 -38.03
C TRP D 528 -26.41 -13.44 -39.36
N ASN D 529 -27.37 -14.36 -39.47
CA ASN D 529 -27.67 -15.00 -40.75
C ASN D 529 -28.26 -14.02 -41.78
N ASP D 530 -29.17 -13.16 -41.32
CA ASP D 530 -29.77 -12.11 -42.15
C ASP D 530 -28.76 -11.06 -42.63
N LEU D 531 -27.77 -10.73 -41.78
CA LEU D 531 -26.72 -9.78 -42.15
C LEU D 531 -25.78 -10.32 -43.24
N LEU D 532 -25.43 -11.61 -43.14
CA LEU D 532 -24.60 -12.33 -44.11
C LEU D 532 -25.42 -13.07 -45.17
N SER D 533 -26.66 -12.64 -45.38
CA SER D 533 -27.62 -13.31 -46.26
C SER D 533 -27.22 -13.26 -47.74
N LYS D 534 -27.06 -12.04 -48.27
CA LYS D 534 -26.62 -11.77 -49.68
C LYS D 534 -27.50 -12.41 -50.76
N SER E 5 -7.89 39.21 19.09
CA SER E 5 -8.49 40.58 19.30
C SER E 5 -9.16 41.07 17.99
N PRO E 6 -10.39 40.57 17.67
CA PRO E 6 -10.94 40.70 16.30
C PRO E 6 -11.05 42.16 15.80
N PRO E 7 -10.77 42.38 14.50
CA PRO E 7 -10.74 43.72 13.92
C PRO E 7 -12.15 44.30 13.56
N VAL E 8 -12.36 45.55 13.99
CA VAL E 8 -13.60 46.28 13.82
C VAL E 8 -13.27 47.53 13.03
N VAL E 9 -13.96 47.71 11.91
CA VAL E 9 -13.65 48.75 10.95
C VAL E 9 -14.92 49.52 10.65
N ASP E 10 -14.79 50.83 10.52
CA ASP E 10 -15.88 51.71 10.26
C ASP E 10 -16.15 51.78 8.76
N THR E 11 -17.42 51.82 8.36
CA THR E 11 -17.81 52.04 6.96
C THR E 11 -18.87 53.09 7.01
N ALA E 12 -19.21 53.62 5.85
CA ALA E 12 -20.17 54.74 5.78
C ALA E 12 -21.56 54.37 6.32
N GLN E 13 -21.91 53.10 6.19
CA GLN E 13 -23.20 52.59 6.67
C GLN E 13 -23.16 51.92 8.06
N GLY E 14 -21.96 51.77 8.66
CA GLY E 14 -21.80 51.28 10.04
C GLY E 14 -20.59 50.37 10.19
N ARG E 15 -20.38 49.92 11.41
CA ARG E 15 -19.19 49.15 11.72
C ARG E 15 -19.32 47.69 11.32
N VAL E 16 -18.19 47.08 10.98
CA VAL E 16 -18.10 45.67 10.66
C VAL E 16 -17.00 44.96 11.46
N LEU E 17 -17.28 43.70 11.81
CA LEU E 17 -16.38 42.84 12.57
C LEU E 17 -15.89 41.72 11.67
N GLY E 18 -14.57 41.57 11.55
CA GLY E 18 -13.96 40.51 10.77
C GLY E 18 -13.23 39.53 11.66
N LYS E 19 -12.35 38.73 11.06
CA LYS E 19 -11.55 37.73 11.76
C LYS E 19 -10.10 37.79 11.22
N TYR E 20 -9.11 37.59 12.10
CA TYR E 20 -7.72 37.48 11.67
C TYR E 20 -7.47 36.05 11.26
N VAL E 21 -6.82 35.85 10.12
CA VAL E 21 -6.46 34.52 9.60
C VAL E 21 -4.97 34.52 9.22
N SER E 22 -4.27 33.47 9.62
CA SER E 22 -2.84 33.31 9.29
C SER E 22 -2.63 32.30 8.16
N LEU E 23 -1.64 32.58 7.33
CA LEU E 23 -1.27 31.71 6.23
C LEU E 23 0.00 30.97 6.66
N GLU E 24 -0.10 29.65 6.74
CA GLU E 24 1.06 28.80 6.98
C GLU E 24 2.24 29.08 6.02
N GLY E 25 3.37 29.48 6.60
CA GLY E 25 4.55 29.88 5.85
C GLY E 25 4.86 31.35 5.99
N LEU E 26 3.86 32.18 6.28
CA LEU E 26 4.04 33.64 6.40
C LEU E 26 3.63 34.17 7.78
N ALA E 27 4.42 35.11 8.31
CA ALA E 27 4.17 35.75 9.60
C ALA E 27 2.97 36.67 9.55
N GLN E 28 2.84 37.36 8.42
CA GLN E 28 1.76 38.31 8.13
C GLN E 28 0.30 37.83 8.44
N PRO E 29 -0.37 38.38 9.49
CA PRO E 29 -1.80 38.07 9.66
C PRO E 29 -2.67 38.93 8.74
N VAL E 30 -3.70 38.32 8.18
CA VAL E 30 -4.59 38.98 7.24
C VAL E 30 -5.95 39.13 7.92
N ALA E 31 -6.53 40.33 7.83
CA ALA E 31 -7.87 40.57 8.34
C ALA E 31 -8.90 40.23 7.24
N VAL E 32 -9.88 39.40 7.57
CA VAL E 32 -10.85 38.92 6.61
C VAL E 32 -12.22 39.38 6.99
N PHE E 33 -12.92 39.99 6.05
CA PHE E 33 -14.30 40.48 6.27
C PHE E 33 -15.15 39.82 5.18
N LEU E 34 -16.12 39.01 5.59
CA LEU E 34 -16.94 38.28 4.67
C LEU E 34 -18.35 38.78 4.73
N GLY E 35 -18.94 39.07 3.58
CA GLY E 35 -20.37 39.39 3.53
C GLY E 35 -20.62 40.84 3.92
N VAL E 36 -19.79 41.75 3.42
CA VAL E 36 -20.00 43.18 3.66
C VAL E 36 -21.00 43.63 2.62
N PRO E 37 -22.15 44.17 3.05
CA PRO E 37 -23.12 44.68 2.08
C PRO E 37 -22.63 45.95 1.45
N PHE E 38 -22.78 46.09 0.13
CA PHE E 38 -22.47 47.33 -0.59
C PHE E 38 -23.66 47.96 -1.24
N ALA E 39 -24.84 47.39 -1.06
CA ALA E 39 -26.07 47.91 -1.66
C ALA E 39 -27.30 47.33 -0.90
N LYS E 40 -28.45 47.91 -1.14
CA LYS E 40 -29.68 47.46 -0.59
C LYS E 40 -30.09 46.17 -1.27
N PRO E 41 -30.60 45.19 -0.51
CA PRO E 41 -31.01 43.94 -1.20
C PRO E 41 -32.05 44.17 -2.30
N PRO E 42 -31.76 43.68 -3.51
CA PRO E 42 -32.56 44.02 -4.69
C PRO E 42 -33.80 43.10 -4.82
N LEU E 43 -34.72 43.33 -3.91
CA LEU E 43 -35.86 42.47 -3.70
C LEU E 43 -37.10 43.20 -4.15
N GLY E 44 -38.12 42.44 -4.54
CA GLY E 44 -39.41 43.04 -4.89
C GLY E 44 -39.28 43.98 -6.08
N SER E 45 -39.63 45.25 -5.88
CA SER E 45 -39.66 46.20 -6.98
C SER E 45 -38.25 46.72 -7.32
N LEU E 46 -37.26 46.41 -6.48
CA LEU E 46 -35.89 46.67 -6.80
C LEU E 46 -35.30 45.63 -7.73
N ARG E 47 -36.04 44.57 -8.07
CA ARG E 47 -35.59 43.68 -9.09
C ARG E 47 -35.62 44.37 -10.43
N PHE E 48 -34.64 44.07 -11.27
CA PHE E 48 -34.55 44.65 -12.61
C PHE E 48 -34.48 46.19 -12.49
N ALA E 49 -33.69 46.68 -11.54
CA ALA E 49 -33.54 48.10 -11.30
C ALA E 49 -32.16 48.37 -10.79
N PRO E 50 -31.70 49.63 -10.96
CA PRO E 50 -30.34 49.95 -10.49
C PRO E 50 -30.16 49.68 -9.00
N PRO E 51 -28.95 49.30 -8.56
CA PRO E 51 -28.74 49.04 -7.16
C PRO E 51 -28.83 50.32 -6.37
N GLN E 52 -29.43 50.27 -5.20
CA GLN E 52 -29.49 51.41 -4.28
C GLN E 52 -28.50 51.24 -3.13
N PRO E 53 -28.18 52.33 -2.43
CA PRO E 53 -27.16 52.14 -1.36
C PRO E 53 -27.79 51.38 -0.18
N ALA E 54 -26.98 50.64 0.54
CA ALA E 54 -27.43 49.94 1.73
C ALA E 54 -27.93 50.93 2.75
N GLU E 55 -28.97 50.56 3.46
CA GLU E 55 -29.44 51.30 4.60
C GLU E 55 -28.49 51.11 5.77
N PRO E 56 -28.33 52.16 6.61
CA PRO E 56 -27.31 52.08 7.65
C PRO E 56 -27.77 51.18 8.79
N TRP E 57 -26.80 50.55 9.46
CA TRP E 57 -27.06 49.67 10.58
C TRP E 57 -26.46 50.22 11.87
N SER E 58 -27.16 49.97 12.97
CA SER E 58 -26.71 50.31 14.31
C SER E 58 -25.73 49.21 14.78
N PHE E 59 -24.95 49.44 15.81
CA PHE E 59 -24.09 48.35 16.32
C PHE E 59 -23.04 47.84 15.30
N VAL E 60 -22.43 46.71 15.59
CA VAL E 60 -21.36 46.17 14.78
C VAL E 60 -21.94 44.99 14.01
N LYS E 61 -21.92 45.06 12.69
CA LYS E 61 -22.38 43.97 11.87
C LYS E 61 -21.29 42.90 11.80
N ASN E 62 -21.69 41.68 12.10
CA ASN E 62 -20.81 40.56 12.07
C ASN E 62 -20.55 40.20 10.61
N THR E 63 -19.31 40.34 10.13
CA THR E 63 -18.98 39.95 8.78
C THR E 63 -17.94 38.82 8.83
N THR E 64 -18.33 37.69 9.39
CA THR E 64 -17.43 36.56 9.54
C THR E 64 -17.92 35.28 8.89
N SER E 65 -19.05 35.30 8.21
CA SER E 65 -19.44 34.13 7.45
C SER E 65 -19.73 34.49 6.00
N TYR E 66 -19.52 33.53 5.12
CA TYR E 66 -19.70 33.71 3.70
C TYR E 66 -21.14 34.08 3.39
N PRO E 67 -21.32 35.09 2.52
CA PRO E 67 -22.67 35.50 2.15
C PRO E 67 -23.22 34.55 1.12
N PRO E 68 -24.52 34.61 0.92
CA PRO E 68 -25.09 33.81 -0.17
C PRO E 68 -24.59 34.32 -1.52
N MET E 69 -24.51 33.43 -2.49
CA MET E 69 -24.30 33.82 -3.88
C MET E 69 -25.64 34.20 -4.49
N CYS E 70 -25.62 34.96 -5.58
CA CYS E 70 -26.85 35.35 -6.26
C CYS E 70 -27.52 34.11 -6.85
N CYS E 71 -28.82 34.16 -7.01
CA CYS E 71 -29.56 33.00 -7.49
C CYS E 71 -29.10 32.55 -8.84
N GLN E 72 -29.09 31.24 -8.95
CA GLN E 72 -28.52 30.55 -10.07
C GLN E 72 -28.89 29.08 -9.91
N ASP E 73 -28.71 28.33 -10.98
CA ASP E 73 -28.83 26.90 -10.94
C ASP E 73 -27.92 26.38 -9.81
N PRO E 74 -28.50 25.84 -8.72
CA PRO E 74 -27.64 25.40 -7.59
C PRO E 74 -26.73 24.23 -7.90
N VAL E 75 -27.13 23.36 -8.82
CA VAL E 75 -26.28 22.24 -9.20
C VAL E 75 -25.08 22.79 -9.93
N ALA E 76 -25.32 23.58 -10.98
CA ALA E 76 -24.19 24.20 -11.71
C ALA E 76 -23.37 25.15 -10.83
N GLY E 77 -24.01 25.83 -9.88
CA GLY E 77 -23.32 26.73 -8.96
C GLY E 77 -22.34 26.01 -8.06
N GLN E 78 -22.75 24.87 -7.52
CA GLN E 78 -21.89 24.06 -6.68
C GLN E 78 -20.72 23.56 -7.50
N MET E 79 -20.98 23.06 -8.71
CA MET E 79 -19.92 22.52 -9.59
C MET E 79 -18.90 23.61 -9.96
N THR E 80 -19.40 24.81 -10.27
CA THR E 80 -18.51 25.92 -10.62
C THR E 80 -17.61 26.24 -9.42
N SER E 81 -18.19 26.35 -8.23
CA SER E 81 -17.38 26.64 -7.05
C SER E 81 -16.32 25.58 -6.81
N ASP E 82 -16.69 24.29 -6.89
CA ASP E 82 -15.75 23.17 -6.80
C ASP E 82 -14.58 23.22 -7.81
N LEU E 83 -14.89 23.56 -9.06
CA LEU E 83 -13.91 23.61 -10.12
C LEU E 83 -12.90 24.75 -10.02
N PHE E 84 -13.32 25.88 -9.47
CA PHE E 84 -12.53 27.12 -9.50
C PHE E 84 -11.94 27.53 -8.16
N THR E 85 -12.34 26.89 -7.05
CA THR E 85 -11.90 27.33 -5.71
C THR E 85 -10.45 27.04 -5.47
N ASN E 86 -9.79 27.92 -4.74
CA ASN E 86 -8.36 27.80 -4.51
C ASN E 86 -7.99 27.34 -3.10
N ARG E 87 -8.96 27.10 -2.24
CA ARG E 87 -8.68 26.73 -0.85
C ARG E 87 -8.99 25.26 -0.64
N LYS E 88 -8.62 24.76 0.53
CA LYS E 88 -8.78 23.35 0.88
C LYS E 88 -10.21 23.01 1.28
N GLU E 89 -10.73 23.79 2.21
CA GLU E 89 -12.06 23.61 2.77
C GLU E 89 -13.09 23.89 1.64
N ARG E 90 -13.86 22.86 1.29
CA ARG E 90 -14.83 22.94 0.21
C ARG E 90 -16.03 23.80 0.62
N LEU E 91 -16.33 24.81 -0.18
CA LEU E 91 -17.45 25.70 0.09
C LEU E 91 -18.77 25.08 -0.41
N ILE E 92 -19.79 25.10 0.46
CA ILE E 92 -21.15 24.71 0.10
C ILE E 92 -21.96 26.00 0.09
N PRO E 93 -22.02 26.68 -1.07
CA PRO E 93 -22.69 27.96 -1.06
C PRO E 93 -24.20 27.89 -0.89
N GLU E 94 -24.75 28.91 -0.23
CA GLU E 94 -26.19 29.21 -0.23
C GLU E 94 -26.49 30.20 -1.37
N PHE E 95 -27.76 30.32 -1.74
CA PHE E 95 -28.21 31.16 -2.86
C PHE E 95 -29.39 31.99 -2.45
N SER E 96 -29.39 33.25 -2.90
CA SER E 96 -30.44 34.19 -2.56
C SER E 96 -30.42 35.36 -3.52
N GLU E 97 -31.59 36.00 -3.65
CA GLU E 97 -31.67 37.28 -4.35
C GLU E 97 -30.89 38.34 -3.57
N ASP E 98 -30.82 38.18 -2.25
CA ASP E 98 -30.10 39.11 -1.39
C ASP E 98 -28.66 38.66 -1.48
N CYS E 99 -27.93 39.19 -2.46
CA CYS E 99 -26.58 38.76 -2.70
C CYS E 99 -25.53 39.87 -3.03
N LEU E 100 -25.85 41.13 -2.83
CA LEU E 100 -24.90 42.19 -3.15
C LEU E 100 -23.96 42.44 -1.98
N TYR E 101 -22.99 41.54 -1.86
CA TYR E 101 -22.01 41.52 -0.80
C TYR E 101 -20.64 41.44 -1.42
N LEU E 102 -19.62 41.83 -0.65
CA LEU E 102 -18.25 41.64 -1.06
C LEU E 102 -17.43 41.13 0.11
N ASN E 103 -16.34 40.48 -0.19
CA ASN E 103 -15.45 39.94 0.80
C ASN E 103 -14.10 40.67 0.69
N ILE E 104 -13.48 40.96 1.83
CA ILE E 104 -12.26 41.74 1.87
C ILE E 104 -11.17 40.94 2.57
N TYR E 105 -9.99 40.87 1.93
CA TYR E 105 -8.81 40.34 2.52
C TYR E 105 -7.73 41.45 2.57
N THR E 106 -7.41 41.95 3.76
CA THR E 106 -6.44 43.03 3.91
C THR E 106 -5.28 42.63 4.85
N PRO E 107 -4.04 42.69 4.37
CA PRO E 107 -2.87 42.51 5.21
C PRO E 107 -2.39 43.81 5.88
N ALA E 108 -3.08 44.92 5.69
CA ALA E 108 -2.67 46.18 6.28
C ALA E 108 -2.72 46.17 7.81
N ASP E 109 -1.84 46.97 8.41
CA ASP E 109 -1.90 47.31 9.82
C ASP E 109 -3.06 48.31 10.02
N LEU E 110 -4.17 47.82 10.60
CA LEU E 110 -5.40 48.63 10.75
C LEU E 110 -5.34 49.72 11.83
N THR E 111 -4.29 49.72 12.65
CA THR E 111 -4.01 50.83 13.60
C THR E 111 -3.34 52.04 12.88
N LYS E 112 -2.67 51.76 11.75
CA LYS E 112 -2.12 52.77 10.85
C LYS E 112 -3.15 53.18 9.80
N ARG E 113 -2.74 54.08 8.91
CA ARG E 113 -3.54 54.48 7.77
C ARG E 113 -2.81 53.94 6.53
N GLY E 114 -3.03 52.67 6.26
CA GLY E 114 -2.44 52.02 5.11
C GLY E 114 -2.94 52.55 3.77
N ARG E 115 -2.09 52.38 2.76
CA ARG E 115 -2.39 52.77 1.37
C ARG E 115 -1.89 51.68 0.43
N LEU E 116 -2.35 50.46 0.68
CA LEU E 116 -1.96 49.33 -0.15
C LEU E 116 -2.76 49.34 -1.44
N PRO E 117 -2.17 48.82 -2.51
CA PRO E 117 -2.96 48.63 -3.72
C PRO E 117 -4.16 47.73 -3.45
N VAL E 118 -5.27 47.97 -4.15
CA VAL E 118 -6.54 47.25 -3.97
C VAL E 118 -6.80 46.48 -5.26
N MET E 119 -7.02 45.18 -5.14
CA MET E 119 -7.29 44.33 -6.31
C MET E 119 -8.69 43.78 -6.16
N VAL E 120 -9.58 44.22 -7.05
CA VAL E 120 -11.00 43.91 -6.98
C VAL E 120 -11.28 42.78 -7.97
N TRP E 121 -11.60 41.59 -7.45
CA TRP E 121 -11.87 40.39 -8.28
C TRP E 121 -13.33 40.29 -8.69
N ILE E 122 -13.56 40.12 -9.99
CA ILE E 122 -14.89 39.93 -10.56
C ILE E 122 -14.94 38.51 -11.12
N HIS E 123 -15.64 37.62 -10.46
CA HIS E 123 -15.71 36.21 -10.88
C HIS E 123 -16.45 36.01 -12.21
N GLY E 124 -16.11 34.91 -12.86
CA GLY E 124 -16.80 34.43 -14.05
C GLY E 124 -17.88 33.39 -13.77
N GLY E 125 -18.32 32.73 -14.84
CA GLY E 125 -19.53 31.88 -14.86
C GLY E 125 -20.62 32.28 -15.87
N GLY E 126 -20.20 32.83 -17.02
CA GLY E 126 -21.08 33.20 -18.11
C GLY E 126 -22.17 34.22 -17.81
N LEU E 127 -22.01 35.01 -16.74
CA LEU E 127 -23.04 35.90 -16.25
C LEU E 127 -24.29 35.15 -15.76
N VAL E 128 -24.19 33.85 -15.51
CA VAL E 128 -25.30 33.05 -15.02
C VAL E 128 -25.05 32.26 -13.72
N VAL E 129 -23.80 31.90 -13.43
CA VAL E 129 -23.42 31.21 -12.21
C VAL E 129 -22.20 31.87 -11.61
N GLY E 130 -21.79 31.39 -10.45
CA GLY E 130 -20.60 31.90 -9.77
C GLY E 130 -20.90 32.74 -8.52
N GLY E 131 -19.85 33.00 -7.78
CA GLY E 131 -19.89 33.89 -6.63
C GLY E 131 -18.49 34.18 -6.09
N ALA E 132 -18.42 35.10 -5.15
CA ALA E 132 -17.17 35.62 -4.64
C ALA E 132 -16.46 34.67 -3.71
N SER E 133 -17.25 33.97 -2.89
CA SER E 133 -16.69 33.20 -1.78
C SER E 133 -15.90 31.99 -2.23
N THR E 134 -16.06 31.55 -3.48
CA THR E 134 -15.22 30.53 -4.10
C THR E 134 -13.73 30.88 -4.04
N TYR E 135 -13.44 32.18 -4.10
CA TYR E 135 -12.09 32.72 -4.27
C TYR E 135 -11.57 33.27 -2.95
N ASP E 136 -10.60 32.56 -2.38
CA ASP E 136 -9.89 32.96 -1.15
C ASP E 136 -8.73 33.91 -1.50
N GLY E 137 -8.82 35.16 -1.05
CA GLY E 137 -7.78 36.16 -1.29
C GLY E 137 -6.60 36.09 -0.35
N LEU E 138 -6.60 35.14 0.59
CA LEU E 138 -5.62 35.13 1.67
C LEU E 138 -4.18 35.06 1.17
N ALA E 139 -3.89 34.14 0.25
CA ALA E 139 -2.51 33.96 -0.21
C ALA E 139 -1.99 35.15 -1.02
N LEU E 140 -2.82 35.66 -1.92
CA LEU E 140 -2.44 36.81 -2.74
C LEU E 140 -2.20 38.01 -1.83
N ALA E 141 -3.10 38.26 -0.88
CA ALA E 141 -2.95 39.40 0.03
C ALA E 141 -1.68 39.29 0.86
N ALA E 142 -1.45 38.14 1.46
CA ALA E 142 -0.28 37.96 2.34
C ALA E 142 1.05 37.95 1.60
N HIS E 143 1.10 37.28 0.44
CA HIS E 143 2.36 37.20 -0.34
C HIS E 143 2.75 38.52 -1.00
N GLU E 144 1.78 39.32 -1.44
CA GLU E 144 2.08 40.51 -2.25
C GLU E 144 1.74 41.85 -1.62
N ASN E 145 1.19 41.80 -0.41
CA ASN E 145 0.88 43.00 0.33
C ASN E 145 -0.10 43.92 -0.43
N VAL E 146 -1.20 43.30 -0.85
CA VAL E 146 -2.34 43.98 -1.52
C VAL E 146 -3.63 43.68 -0.79
N VAL E 147 -4.58 44.60 -0.85
CA VAL E 147 -5.94 44.35 -0.38
C VAL E 147 -6.71 43.66 -1.50
N VAL E 148 -7.26 42.47 -1.24
CA VAL E 148 -8.04 41.73 -2.24
C VAL E 148 -9.49 41.83 -1.87
N VAL E 149 -10.31 42.26 -2.83
CA VAL E 149 -11.75 42.43 -2.63
C VAL E 149 -12.44 41.58 -3.69
N ALA E 150 -13.24 40.61 -3.26
CA ALA E 150 -14.02 39.79 -4.18
C ALA E 150 -15.47 40.21 -4.11
N ILE E 151 -16.03 40.58 -5.25
CA ILE E 151 -17.37 41.16 -5.28
C ILE E 151 -18.39 40.21 -5.87
N GLN E 152 -19.66 40.50 -5.61
CA GLN E 152 -20.75 39.78 -6.24
C GLN E 152 -21.61 40.74 -7.01
N TYR E 153 -22.40 40.18 -7.90
CA TYR E 153 -23.21 40.94 -8.79
C TYR E 153 -24.34 40.06 -9.26
N ARG E 154 -25.46 40.65 -9.57
CA ARG E 154 -26.61 39.87 -10.00
C ARG E 154 -26.35 39.12 -11.30
N LEU E 155 -26.88 37.91 -11.35
CA LEU E 155 -26.66 36.99 -12.44
C LEU E 155 -27.93 36.60 -13.15
N GLY E 156 -27.77 36.17 -14.40
CA GLY E 156 -28.87 35.56 -15.13
C GLY E 156 -30.00 36.52 -15.33
N ILE E 157 -31.22 36.04 -15.16
CA ILE E 157 -32.42 36.86 -15.32
C ILE E 157 -32.41 38.08 -14.41
N TRP E 158 -32.03 37.88 -13.16
CA TRP E 158 -31.98 38.94 -12.17
C TRP E 158 -30.96 40.01 -12.55
N GLY E 159 -29.86 39.59 -13.18
CA GLY E 159 -28.78 40.44 -13.53
C GLY E 159 -28.90 41.16 -14.89
N PHE E 160 -29.61 40.55 -15.83
CA PHE E 160 -29.49 40.96 -17.23
C PHE E 160 -30.80 41.04 -18.00
N PHE E 161 -31.92 40.80 -17.36
CA PHE E 161 -33.17 40.92 -18.08
C PHE E 161 -33.34 42.33 -18.63
N SER E 162 -33.56 42.44 -19.95
CA SER E 162 -33.75 43.71 -20.65
C SER E 162 -34.93 43.71 -21.61
N THR E 163 -35.75 44.76 -21.55
CA THR E 163 -36.80 45.03 -22.52
C THR E 163 -36.31 45.95 -23.63
N GLY E 164 -35.03 46.36 -23.60
CA GLY E 164 -34.46 47.18 -24.64
C GLY E 164 -34.90 48.62 -24.56
N ASP E 165 -35.48 49.04 -23.42
CA ASP E 165 -35.95 50.43 -23.24
C ASP E 165 -35.88 50.85 -21.76
N GLU E 166 -36.43 52.01 -21.41
CA GLU E 166 -36.31 52.54 -20.05
C GLU E 166 -36.94 51.71 -18.92
N HIS E 167 -37.91 50.87 -19.25
CA HIS E 167 -38.64 50.12 -18.20
C HIS E 167 -37.82 48.99 -17.64
N SER E 168 -36.86 48.49 -18.43
CA SER E 168 -35.86 47.54 -17.93
C SER E 168 -34.69 47.55 -18.86
N ARG E 169 -33.79 48.53 -18.66
CA ARG E 169 -32.64 48.75 -19.58
C ARG E 169 -31.73 47.53 -19.74
N GLY E 170 -31.43 46.90 -18.62
CA GLY E 170 -30.56 45.73 -18.55
C GLY E 170 -29.32 46.07 -17.75
N ASN E 171 -28.35 45.19 -17.81
CA ASN E 171 -27.03 45.36 -17.23
C ASN E 171 -26.98 45.47 -15.72
N TRP E 172 -27.99 44.93 -15.03
CA TRP E 172 -28.09 45.14 -13.59
C TRP E 172 -26.84 44.63 -12.85
N GLY E 173 -26.33 43.51 -13.29
CA GLY E 173 -25.06 42.99 -12.75
C GLY E 173 -23.85 43.90 -12.95
N HIS E 174 -23.77 44.60 -14.08
CA HIS E 174 -22.70 45.54 -14.31
C HIS E 174 -22.92 46.79 -13.48
N LEU E 175 -24.15 47.27 -13.36
CA LEU E 175 -24.41 48.36 -12.42
C LEU E 175 -24.08 47.98 -10.97
N ASP E 176 -24.23 46.72 -10.58
CA ASP E 176 -23.80 46.25 -9.25
C ASP E 176 -22.27 46.29 -9.09
N GLN E 177 -21.56 45.93 -10.14
CA GLN E 177 -20.11 45.97 -10.16
C GLN E 177 -19.66 47.41 -9.96
N VAL E 178 -20.30 48.34 -10.67
CA VAL E 178 -20.05 49.76 -10.51
C VAL E 178 -20.34 50.22 -9.09
N ALA E 179 -21.47 49.82 -8.54
CA ALA E 179 -21.80 50.20 -7.15
C ALA E 179 -20.77 49.69 -6.18
N ALA E 180 -20.25 48.48 -6.42
CA ALA E 180 -19.21 47.92 -5.56
C ALA E 180 -17.93 48.73 -5.66
N LEU E 181 -17.59 49.19 -6.87
CA LEU E 181 -16.46 50.10 -7.06
C LEU E 181 -16.62 51.49 -6.41
N HIS E 182 -17.81 52.09 -6.46
CA HIS E 182 -18.11 53.28 -5.65
C HIS E 182 -17.94 52.98 -4.17
N TRP E 183 -18.39 51.80 -3.72
CA TRP E 183 -18.24 51.45 -2.32
C TRP E 183 -16.77 51.43 -1.89
N VAL E 184 -15.92 50.84 -2.74
CA VAL E 184 -14.49 50.78 -2.52
C VAL E 184 -13.87 52.19 -2.41
N GLN E 185 -14.28 53.10 -3.31
CA GLN E 185 -13.81 54.49 -3.21
C GLN E 185 -14.12 55.11 -1.85
N GLU E 186 -15.38 55.03 -1.45
CA GLU E 186 -15.83 55.64 -0.21
C GLU E 186 -15.21 54.97 1.04
N ASN E 187 -14.93 53.67 1.01
CA ASN E 187 -14.66 52.95 2.25
C ASN E 187 -13.34 52.19 2.36
N ILE E 188 -12.60 51.95 1.27
CA ILE E 188 -11.51 50.98 1.36
C ILE E 188 -10.33 51.52 2.18
N ALA E 189 -10.25 52.85 2.35
CA ALA E 189 -9.18 53.47 3.16
C ALA E 189 -9.26 52.99 4.60
N ASN E 190 -10.45 52.71 5.11
CA ASN E 190 -10.54 52.17 6.47
C ASN E 190 -10.06 50.73 6.60
N PHE E 191 -9.91 50.02 5.48
CA PHE E 191 -9.33 48.68 5.43
C PHE E 191 -7.85 48.67 4.98
N GLY E 192 -7.22 49.84 5.01
CA GLY E 192 -5.82 49.99 4.61
C GLY E 192 -5.54 50.03 3.11
N GLY E 193 -6.59 50.24 2.31
CA GLY E 193 -6.43 50.27 0.88
C GLY E 193 -6.34 51.70 0.39
N ASP E 194 -5.65 51.87 -0.73
CA ASP E 194 -5.52 53.16 -1.39
C ASP E 194 -6.62 53.27 -2.45
N PRO E 195 -7.62 54.13 -2.24
CA PRO E 195 -8.64 54.30 -3.27
C PRO E 195 -8.12 54.91 -4.60
N GLY E 196 -6.99 55.62 -4.56
CA GLY E 196 -6.27 56.03 -5.78
C GLY E 196 -5.47 54.96 -6.54
N SER E 197 -5.57 53.69 -6.10
CA SER E 197 -4.86 52.58 -6.75
C SER E 197 -5.65 51.24 -6.67
N VAL E 198 -6.59 51.10 -7.59
CA VAL E 198 -7.56 50.06 -7.60
C VAL E 198 -7.37 49.38 -8.94
N THR E 199 -7.10 48.08 -8.90
CA THR E 199 -7.00 47.27 -10.07
C THR E 199 -8.24 46.35 -10.08
N ILE E 200 -8.98 46.36 -11.19
CA ILE E 200 -10.05 45.41 -11.38
C ILE E 200 -9.49 44.25 -12.16
N PHE E 201 -9.84 43.04 -11.72
CA PHE E 201 -9.42 41.85 -12.43
C PHE E 201 -10.47 40.79 -12.37
N GLY E 202 -10.52 39.97 -13.40
CA GLY E 202 -11.57 38.97 -13.51
C GLY E 202 -11.31 37.98 -14.62
N GLU E 203 -11.99 36.86 -14.54
CA GLU E 203 -11.78 35.76 -15.43
C GLU E 203 -13.09 35.36 -16.12
N SER E 204 -12.99 34.99 -17.40
CA SER E 204 -14.12 34.55 -18.20
C SER E 204 -15.18 35.66 -18.27
N ALA E 205 -16.42 35.43 -17.84
CA ALA E 205 -17.41 36.52 -17.81
C ALA E 205 -16.99 37.70 -16.89
N GLY E 206 -16.15 37.43 -15.91
CA GLY E 206 -15.56 38.48 -15.09
C GLY E 206 -14.55 39.33 -15.89
N GLY E 207 -13.84 38.69 -16.81
CA GLY E 207 -12.96 39.36 -17.73
C GLY E 207 -13.74 40.19 -18.72
N GLU E 208 -14.83 39.63 -19.22
CA GLU E 208 -15.74 40.41 -20.04
C GLU E 208 -16.23 41.64 -19.28
N SER E 209 -16.58 41.43 -18.01
CA SER E 209 -17.03 42.53 -17.15
C SER E 209 -15.98 43.62 -16.97
N VAL E 210 -14.72 43.22 -16.75
CA VAL E 210 -13.61 44.16 -16.68
C VAL E 210 -13.51 44.96 -17.99
N SER E 211 -13.57 44.26 -19.11
CA SER E 211 -13.53 44.89 -20.41
C SER E 211 -14.69 45.88 -20.60
N VAL E 212 -15.88 45.52 -20.16
CA VAL E 212 -17.05 46.42 -20.25
C VAL E 212 -16.88 47.65 -19.33
N LEU E 213 -16.26 47.47 -18.16
CA LEU E 213 -16.00 48.59 -17.25
C LEU E 213 -14.93 49.53 -17.81
N VAL E 214 -13.96 48.97 -18.51
CA VAL E 214 -12.97 49.76 -19.22
C VAL E 214 -13.65 50.67 -20.25
N LEU E 215 -14.71 50.16 -20.90
CA LEU E 215 -15.42 50.93 -21.93
C LEU E 215 -16.47 51.88 -21.40
N SER E 216 -16.87 51.71 -20.15
CA SER E 216 -18.06 52.40 -19.66
C SER E 216 -17.77 53.78 -19.10
N PRO E 217 -18.50 54.81 -19.54
CA PRO E 217 -18.29 56.12 -18.85
C PRO E 217 -18.76 56.11 -17.37
N LEU E 218 -19.65 55.18 -16.97
CA LEU E 218 -20.01 55.07 -15.56
C LEU E 218 -18.88 54.69 -14.64
N ALA E 219 -17.86 54.02 -15.16
CA ALA E 219 -16.77 53.50 -14.33
C ALA E 219 -15.54 54.40 -14.32
N LYS E 220 -15.65 55.57 -14.93
CA LYS E 220 -14.56 56.53 -14.96
C LYS E 220 -14.06 56.92 -13.55
N ASN E 221 -12.75 56.90 -13.36
CA ASN E 221 -12.09 57.19 -12.07
C ASN E 221 -12.41 56.24 -10.91
N LEU E 222 -12.97 55.07 -11.21
CA LEU E 222 -13.25 54.06 -10.18
C LEU E 222 -12.21 52.95 -10.12
N PHE E 223 -11.35 52.88 -11.13
CA PHE E 223 -10.20 51.99 -11.10
C PHE E 223 -9.04 52.57 -11.93
N HIS E 224 -7.83 52.09 -11.66
CA HIS E 224 -6.60 52.62 -12.30
C HIS E 224 -5.77 51.59 -13.09
N ARG E 225 -6.12 50.30 -13.02
CA ARG E 225 -5.53 49.25 -13.81
C ARG E 225 -6.61 48.20 -14.04
N ALA E 226 -6.47 47.42 -15.10
CA ALA E 226 -7.40 46.38 -15.45
C ALA E 226 -6.66 45.10 -15.85
N ILE E 227 -7.24 43.95 -15.50
CA ILE E 227 -6.74 42.65 -15.97
C ILE E 227 -7.93 41.78 -16.41
N SER E 228 -7.97 41.43 -17.69
CA SER E 228 -8.96 40.50 -18.23
C SER E 228 -8.29 39.15 -18.51
N GLU E 229 -8.62 38.15 -17.70
CA GLU E 229 -8.18 36.78 -17.87
C GLU E 229 -9.24 35.99 -18.63
N SER E 230 -8.92 35.56 -19.85
CA SER E 230 -9.80 34.70 -20.65
C SER E 230 -11.20 35.29 -20.87
N GLY E 231 -11.26 36.59 -21.16
CA GLY E 231 -12.52 37.21 -21.50
C GLY E 231 -12.43 38.70 -21.67
N VAL E 232 -12.99 39.21 -22.76
CA VAL E 232 -13.19 40.63 -23.03
C VAL E 232 -14.60 40.88 -23.60
N ALA E 233 -14.91 42.11 -23.99
CA ALA E 233 -16.25 42.47 -24.49
C ALA E 233 -16.71 41.65 -25.69
N PHE E 234 -15.81 41.29 -26.58
CA PHE E 234 -16.20 40.50 -27.75
C PHE E 234 -16.31 38.99 -27.51
N THR E 235 -15.96 38.51 -26.31
CA THR E 235 -15.92 37.10 -25.99
C THR E 235 -17.32 36.47 -25.96
N ALA E 236 -17.50 35.38 -26.71
CA ALA E 236 -18.71 34.54 -26.67
C ALA E 236 -20.00 35.31 -26.99
N GLY E 237 -19.91 36.40 -27.76
CA GLY E 237 -21.07 37.27 -27.99
C GLY E 237 -21.79 37.68 -26.70
N LEU E 238 -21.04 37.87 -25.61
CA LEU E 238 -21.61 38.30 -24.33
C LEU E 238 -22.07 39.76 -24.33
N VAL E 239 -21.81 40.52 -25.40
CA VAL E 239 -22.36 41.87 -25.58
C VAL E 239 -23.18 41.93 -26.85
N ARG E 240 -24.45 42.32 -26.75
CA ARG E 240 -25.31 42.46 -27.92
C ARG E 240 -26.00 43.80 -27.95
N LYS E 241 -26.54 44.12 -29.12
CA LYS E 241 -27.31 45.33 -29.32
C LYS E 241 -28.65 45.27 -28.54
N ASP E 242 -29.26 44.10 -28.46
CA ASP E 242 -30.58 43.92 -27.86
C ASP E 242 -30.74 42.46 -27.41
N MET E 243 -31.90 42.16 -26.85
CA MET E 243 -32.22 40.87 -26.28
C MET E 243 -33.68 40.47 -26.65
N LYS E 244 -34.21 40.98 -27.76
CA LYS E 244 -35.62 40.78 -28.15
C LYS E 244 -36.05 39.30 -28.09
N ALA E 245 -35.25 38.42 -28.68
CA ALA E 245 -35.66 37.04 -28.87
C ALA E 245 -35.62 36.24 -27.58
N ALA E 246 -34.55 36.44 -26.82
CA ALA E 246 -34.48 35.80 -25.52
C ALA E 246 -35.59 36.30 -24.57
N ALA E 247 -35.92 37.59 -24.64
CA ALA E 247 -36.97 38.18 -23.80
C ALA E 247 -38.30 37.59 -24.13
N LYS E 248 -38.59 37.38 -25.42
CA LYS E 248 -39.81 36.65 -25.85
C LYS E 248 -39.89 35.24 -25.25
N GLN E 249 -38.79 34.52 -25.25
CA GLN E 249 -38.77 33.19 -24.66
C GLN E 249 -39.06 33.24 -23.18
N ILE E 250 -38.49 34.22 -22.49
CA ILE E 250 -38.69 34.37 -21.06
C ILE E 250 -40.17 34.61 -20.82
N ALA E 251 -40.78 35.45 -21.64
CA ALA E 251 -42.18 35.78 -21.46
C ALA E 251 -43.13 34.58 -21.59
N VAL E 252 -42.88 33.77 -22.61
CA VAL E 252 -43.64 32.53 -22.80
C VAL E 252 -43.43 31.61 -21.62
N LEU E 253 -42.19 31.35 -21.22
CA LEU E 253 -41.93 30.48 -20.06
C LEU E 253 -42.55 30.98 -18.74
N ALA E 254 -42.56 32.28 -18.54
CA ALA E 254 -43.08 32.86 -17.34
C ALA E 254 -44.58 33.07 -17.31
N GLY E 255 -45.23 32.98 -18.46
CA GLY E 255 -46.64 33.34 -18.58
C GLY E 255 -46.92 34.83 -18.45
N CYS E 256 -46.03 35.67 -18.97
CA CYS E 256 -46.17 37.14 -18.89
C CYS E 256 -46.63 37.71 -20.22
N LYS E 257 -47.59 38.61 -20.20
CA LYS E 257 -47.96 39.35 -21.41
C LYS E 257 -46.82 40.30 -21.78
N THR E 258 -46.56 40.45 -23.09
CA THR E 258 -45.63 41.43 -23.60
C THR E 258 -46.32 42.60 -24.31
N THR E 259 -47.57 42.89 -23.99
CA THR E 259 -48.29 44.01 -24.60
C THR E 259 -47.43 45.27 -24.63
N THR E 260 -46.83 45.59 -23.49
CA THR E 260 -45.85 46.67 -23.39
C THR E 260 -44.70 46.20 -22.53
N SER E 261 -43.58 46.88 -22.63
CA SER E 261 -42.48 46.62 -21.73
C SER E 261 -42.78 46.82 -20.26
N ALA E 262 -43.50 47.86 -19.89
CA ALA E 262 -43.80 48.08 -18.47
C ALA E 262 -44.59 46.93 -17.90
N VAL E 263 -45.59 46.47 -18.65
CA VAL E 263 -46.44 45.38 -18.20
C VAL E 263 -45.63 44.08 -18.06
N PHE E 264 -44.72 43.82 -18.99
CA PHE E 264 -43.85 42.68 -18.93
C PHE E 264 -42.93 42.70 -17.70
N VAL E 265 -42.20 43.78 -17.50
CA VAL E 265 -41.37 43.86 -16.32
C VAL E 265 -42.13 43.81 -15.00
N HIS E 266 -43.28 44.50 -14.92
CA HIS E 266 -44.10 44.45 -13.73
C HIS E 266 -44.57 42.98 -13.41
N CYS E 267 -44.91 42.21 -14.43
CA CYS E 267 -45.28 40.78 -14.24
C CYS E 267 -44.08 40.00 -13.68
N LEU E 268 -42.88 40.19 -14.24
CA LEU E 268 -41.73 39.50 -13.69
C LEU E 268 -41.38 39.89 -12.26
N ARG E 269 -41.64 41.15 -11.88
CA ARG E 269 -41.40 41.60 -10.51
C ARG E 269 -42.30 40.98 -9.48
N GLN E 270 -43.43 40.47 -9.91
CA GLN E 270 -44.39 39.80 -9.01
C GLN E 270 -44.04 38.35 -8.78
N LYS E 271 -43.14 37.78 -9.59
CA LYS E 271 -42.73 36.42 -9.45
C LYS E 271 -41.90 36.19 -8.19
N SER E 272 -42.04 35.00 -7.60
CA SER E 272 -41.25 34.65 -6.41
C SER E 272 -39.84 34.27 -6.90
N GLU E 273 -38.89 34.23 -5.98
CA GLU E 273 -37.57 33.70 -6.26
C GLU E 273 -37.66 32.28 -6.88
N ASP E 274 -38.43 31.39 -6.26
CA ASP E 274 -38.62 30.03 -6.77
C ASP E 274 -39.16 29.99 -8.21
N GLU E 275 -40.17 30.80 -8.52
CA GLU E 275 -40.64 30.89 -9.89
C GLU E 275 -39.56 31.39 -10.85
N LEU E 276 -38.72 32.35 -10.44
CA LEU E 276 -37.65 32.81 -11.33
C LEU E 276 -36.50 31.80 -11.47
N LEU E 277 -36.23 31.07 -10.40
CA LEU E 277 -35.29 29.95 -10.47
C LEU E 277 -35.75 28.88 -11.42
N ASP E 278 -37.01 28.49 -11.32
CA ASP E 278 -37.58 27.51 -12.24
C ASP E 278 -37.52 27.99 -13.70
N LEU E 279 -37.84 29.25 -13.91
CA LEU E 279 -37.68 29.86 -15.23
C LEU E 279 -36.22 29.81 -15.70
N THR E 280 -35.28 30.03 -14.77
CA THR E 280 -33.86 29.88 -15.05
C THR E 280 -33.51 28.47 -15.54
N LEU E 281 -33.95 27.45 -14.83
CA LEU E 281 -33.65 26.07 -15.24
C LEU E 281 -34.22 25.75 -16.60
N LYS E 282 -35.41 26.26 -16.91
CA LYS E 282 -36.02 26.07 -18.24
C LYS E 282 -35.34 26.75 -19.42
N MET E 283 -34.64 27.87 -19.17
CA MET E 283 -33.82 28.54 -20.19
C MET E 283 -32.57 27.74 -20.56
N LYS E 284 -32.12 26.83 -19.68
CA LYS E 284 -30.97 25.94 -19.96
C LYS E 284 -29.72 26.73 -20.31
N PHE E 285 -29.37 27.66 -19.43
CA PHE E 285 -28.21 28.50 -19.63
C PHE E 285 -26.93 27.68 -19.53
N PHE E 286 -25.89 28.18 -20.20
CA PHE E 286 -24.55 27.58 -20.14
C PHE E 286 -24.55 26.16 -20.74
N ALA E 287 -25.38 25.93 -21.77
CA ALA E 287 -25.53 24.61 -22.38
C ALA E 287 -25.73 24.74 -23.90
N LEU E 288 -25.08 23.84 -24.64
CA LEU E 288 -25.23 23.77 -26.07
C LEU E 288 -26.57 23.12 -26.41
N ASP E 289 -27.40 23.81 -27.18
CA ASP E 289 -28.65 23.26 -27.68
C ASP E 289 -28.30 22.38 -28.88
N LEU E 290 -28.48 21.07 -28.72
CA LEU E 290 -28.16 20.10 -29.77
C LEU E 290 -29.27 19.86 -30.80
N HIS E 291 -30.52 20.20 -30.45
CA HIS E 291 -31.71 19.80 -31.23
C HIS E 291 -32.41 20.98 -31.95
N GLY E 292 -32.58 22.10 -31.23
CA GLY E 292 -33.22 23.28 -31.78
C GLY E 292 -32.41 24.06 -32.82
N ASP E 293 -33.02 25.15 -33.30
CA ASP E 293 -32.37 26.09 -34.23
C ASP E 293 -31.26 26.84 -33.48
N PRO E 294 -29.99 26.78 -33.95
CA PRO E 294 -28.93 27.52 -33.26
C PRO E 294 -29.10 29.05 -33.26
N ARG E 295 -29.75 29.62 -34.29
CA ARG E 295 -30.08 31.06 -34.30
C ARG E 295 -31.03 31.49 -33.17
N GLU E 296 -31.80 30.55 -32.62
CA GLU E 296 -32.74 30.83 -31.53
C GLU E 296 -32.29 30.34 -30.14
N SER E 297 -31.03 29.94 -30.01
CA SER E 297 -30.49 29.48 -28.74
C SER E 297 -29.80 30.65 -28.03
N HIS E 298 -30.03 30.73 -26.72
CA HIS E 298 -29.57 31.85 -25.89
C HIS E 298 -29.03 31.33 -24.56
N PRO E 299 -27.86 30.70 -24.58
CA PRO E 299 -27.31 30.09 -23.37
C PRO E 299 -26.80 31.09 -22.34
N PHE E 300 -26.74 32.37 -22.69
CA PHE E 300 -26.41 33.45 -21.76
C PHE E 300 -27.41 34.57 -21.99
N LEU E 301 -27.80 35.28 -20.94
CA LEU E 301 -28.39 36.61 -21.12
C LEU E 301 -27.20 37.58 -21.10
N THR E 302 -27.18 38.50 -22.04
CA THR E 302 -25.97 39.26 -22.30
C THR E 302 -25.97 40.68 -21.68
N THR E 303 -24.77 41.22 -21.56
CA THR E 303 -24.58 42.64 -21.53
C THR E 303 -25.28 43.21 -22.75
N VAL E 304 -25.98 44.34 -22.59
CA VAL E 304 -26.56 45.05 -23.73
C VAL E 304 -26.15 46.53 -23.82
N VAL E 305 -26.35 47.10 -25.00
CA VAL E 305 -26.22 48.51 -25.25
C VAL E 305 -27.49 49.19 -24.71
N ASP E 306 -27.38 49.78 -23.53
CA ASP E 306 -28.50 50.39 -22.82
C ASP E 306 -28.50 51.90 -22.83
N GLY E 307 -27.43 52.53 -23.28
CA GLY E 307 -27.31 54.01 -23.26
C GLY E 307 -26.86 54.65 -21.96
N VAL E 308 -26.46 53.83 -20.99
CA VAL E 308 -26.11 54.27 -19.63
C VAL E 308 -24.76 53.64 -19.28
N LEU E 309 -24.71 52.32 -19.06
CA LEU E 309 -23.44 51.61 -18.94
C LEU E 309 -22.64 51.69 -20.24
N LEU E 310 -23.31 51.44 -21.36
CA LEU E 310 -22.71 51.45 -22.68
C LEU E 310 -23.54 52.32 -23.60
N PRO E 311 -23.01 53.49 -24.01
CA PRO E 311 -23.74 54.35 -24.95
C PRO E 311 -23.85 53.80 -26.37
N LYS E 312 -22.96 52.90 -26.73
CA LYS E 312 -22.99 52.25 -28.05
C LYS E 312 -22.23 50.93 -28.01
N MET E 313 -22.19 50.23 -29.15
CA MET E 313 -21.54 48.92 -29.18
C MET E 313 -20.05 49.06 -28.82
N PRO E 314 -19.45 48.01 -28.21
CA PRO E 314 -18.00 48.06 -27.95
C PRO E 314 -17.05 48.42 -29.12
N GLU E 315 -17.34 47.92 -30.34
CA GLU E 315 -16.56 48.25 -31.57
C GLU E 315 -16.44 49.74 -31.74
N GLU E 316 -17.55 50.45 -31.55
CA GLU E 316 -17.61 51.88 -31.76
C GLU E 316 -16.98 52.67 -30.61
N ILE E 317 -17.07 52.16 -29.38
CA ILE E 317 -16.40 52.85 -28.25
C ILE E 317 -14.88 52.68 -28.40
N LEU E 318 -14.45 51.47 -28.76
CA LEU E 318 -13.04 51.18 -29.00
C LEU E 318 -12.44 52.04 -30.14
N ALA E 319 -13.14 52.10 -31.27
CA ALA E 319 -12.67 52.89 -32.43
C ALA E 319 -12.56 54.40 -32.15
N GLU E 320 -13.46 54.94 -31.33
CA GLU E 320 -13.48 56.38 -30.97
C GLU E 320 -12.53 56.81 -29.84
N LYS E 321 -11.94 55.86 -29.13
CA LYS E 321 -10.80 56.10 -28.21
C LYS E 321 -11.04 56.92 -26.94
N ASP E 322 -12.30 57.17 -26.63
CA ASP E 322 -12.71 57.86 -25.42
C ASP E 322 -13.31 56.80 -24.50
N PHE E 323 -12.48 56.29 -23.60
CA PHE E 323 -12.88 55.31 -22.60
C PHE E 323 -11.82 55.25 -21.53
N ASN E 324 -11.93 54.38 -20.55
CA ASN E 324 -11.00 54.38 -19.43
C ASN E 324 -9.69 53.71 -19.85
N THR E 325 -8.80 54.56 -20.35
CA THR E 325 -7.57 54.14 -21.01
C THR E 325 -6.48 53.85 -19.97
N VAL E 326 -6.76 52.92 -19.07
CA VAL E 326 -5.83 52.57 -18.01
C VAL E 326 -4.90 51.47 -18.48
N PRO E 327 -3.80 51.25 -17.76
CA PRO E 327 -3.00 50.06 -18.05
C PRO E 327 -3.83 48.77 -17.99
N TYR E 328 -3.64 47.87 -18.94
CA TYR E 328 -4.53 46.73 -19.16
C TYR E 328 -3.74 45.47 -19.55
N ILE E 329 -3.79 44.44 -18.70
CA ILE E 329 -3.28 43.13 -19.06
C ILE E 329 -4.47 42.40 -19.63
N VAL E 330 -4.33 41.88 -20.85
CA VAL E 330 -5.33 41.02 -21.48
C VAL E 330 -4.68 39.67 -21.81
N GLY E 331 -5.22 38.57 -21.28
CA GLY E 331 -4.61 37.27 -21.52
C GLY E 331 -5.56 36.13 -21.78
N ILE E 332 -4.99 35.05 -22.31
CA ILE E 332 -5.73 33.83 -22.58
C ILE E 332 -4.93 32.65 -22.11
N ASN E 333 -5.57 31.49 -22.11
CA ASN E 333 -4.87 30.23 -21.89
C ASN E 333 -4.68 29.44 -23.19
N LYS E 334 -3.71 28.54 -23.15
CA LYS E 334 -3.30 27.74 -24.32
C LYS E 334 -4.45 26.98 -24.98
N GLN E 335 -5.36 26.46 -24.17
CA GLN E 335 -6.46 25.60 -24.63
C GLN E 335 -7.73 25.96 -23.92
N GLU E 336 -8.28 27.13 -24.25
CA GLU E 336 -9.46 27.65 -23.57
C GLU E 336 -10.66 26.70 -23.66
N PHE E 337 -10.77 25.96 -24.75
CA PHE E 337 -11.83 24.97 -24.93
C PHE E 337 -11.36 23.52 -24.73
N GLY E 338 -10.30 23.33 -23.93
CA GLY E 338 -9.67 22.04 -23.78
C GLY E 338 -10.53 20.97 -23.17
N TRP E 339 -11.21 21.30 -22.08
CA TRP E 339 -11.99 20.30 -21.34
C TRP E 339 -13.18 20.90 -20.53
N LEU E 340 -12.88 21.83 -19.63
CA LEU E 340 -13.88 22.36 -18.71
C LEU E 340 -15.16 22.85 -19.40
N LEU E 341 -15.01 23.70 -20.41
CA LEU E 341 -16.15 24.29 -21.12
C LEU E 341 -16.94 23.33 -21.99
N PRO E 342 -16.27 22.56 -22.86
CA PRO E 342 -17.09 21.61 -23.63
C PRO E 342 -17.82 20.58 -22.74
N THR E 343 -17.19 20.14 -21.67
CA THR E 343 -17.84 19.27 -20.68
C THR E 343 -19.03 19.97 -20.01
N MET E 344 -18.79 21.12 -19.39
CA MET E 344 -19.85 21.88 -18.71
C MET E 344 -21.01 22.27 -19.64
N MET E 345 -20.73 22.60 -20.88
CA MET E 345 -21.76 22.96 -21.86
C MET E 345 -22.46 21.76 -22.53
N GLY E 346 -22.00 20.54 -22.26
CA GLY E 346 -22.60 19.35 -22.84
C GLY E 346 -22.31 19.15 -24.32
N PHE E 347 -21.07 19.46 -24.75
CA PHE E 347 -20.66 19.12 -26.12
C PHE E 347 -20.53 17.58 -26.20
N PRO E 348 -21.06 16.95 -27.27
CA PRO E 348 -20.96 15.48 -27.42
C PRO E 348 -19.55 15.04 -27.90
N LEU E 349 -18.58 15.17 -27.00
CA LEU E 349 -17.15 15.00 -27.29
C LEU E 349 -16.47 14.15 -26.24
N SER E 350 -17.17 13.17 -25.67
CA SER E 350 -16.54 12.23 -24.74
C SER E 350 -15.74 11.20 -25.56
N GLU E 351 -16.23 10.88 -26.76
CA GLU E 351 -15.64 9.86 -27.65
C GLU E 351 -14.09 9.76 -27.76
N GLY E 352 -13.38 10.88 -27.60
CA GLY E 352 -11.91 10.92 -27.82
C GLY E 352 -11.54 11.06 -29.30
N LYS E 353 -12.54 11.33 -30.13
CA LYS E 353 -12.53 11.07 -31.56
C LYS E 353 -13.60 11.91 -32.25
N LEU E 354 -13.26 12.55 -33.36
CA LEU E 354 -14.19 13.44 -34.06
C LEU E 354 -13.88 13.50 -35.55
N ASP E 355 -14.91 13.36 -36.38
CA ASP E 355 -14.74 13.53 -37.83
C ASP E 355 -15.11 14.96 -38.24
N GLN E 356 -14.79 15.31 -39.48
CA GLN E 356 -14.94 16.69 -39.95
C GLN E 356 -16.39 17.14 -40.23
N LYS E 357 -17.28 16.22 -40.61
CA LYS E 357 -18.72 16.54 -40.78
C LYS E 357 -19.35 16.96 -39.44
N THR E 358 -19.01 16.21 -38.39
CA THR E 358 -19.49 16.47 -37.03
C THR E 358 -18.88 17.75 -36.43
N ALA E 359 -17.61 18.03 -36.71
CA ALA E 359 -16.97 19.29 -36.27
C ALA E 359 -17.68 20.50 -36.86
N THR E 360 -17.97 20.43 -38.16
CA THR E 360 -18.73 21.43 -38.89
C THR E 360 -20.12 21.62 -38.29
N SER E 361 -20.79 20.50 -38.01
CA SER E 361 -22.10 20.51 -37.35
C SER E 361 -22.05 21.15 -35.95
N LEU E 362 -21.09 20.75 -35.11
CA LEU E 362 -20.93 21.34 -33.77
C LEU E 362 -20.57 22.83 -33.79
N LEU E 363 -19.80 23.26 -34.79
CA LEU E 363 -19.48 24.70 -34.91
C LEU E 363 -20.73 25.52 -35.26
N TRP E 364 -21.58 24.98 -36.12
CA TRP E 364 -22.87 25.61 -36.44
C TRP E 364 -23.77 25.70 -35.21
N LYS E 365 -23.89 24.61 -34.46
CA LYS E 365 -24.68 24.62 -33.21
C LYS E 365 -24.11 25.56 -32.15
N SER E 366 -22.80 25.81 -32.19
CA SER E 366 -22.18 26.80 -31.30
C SER E 366 -22.41 28.27 -31.72
N TYR E 367 -23.27 28.54 -32.72
CA TYR E 367 -23.55 29.92 -33.19
C TYR E 367 -23.71 30.99 -32.11
N PRO E 368 -24.46 30.69 -31.04
CA PRO E 368 -24.59 31.70 -29.99
C PRO E 368 -23.26 32.20 -29.41
N ILE E 369 -22.25 31.34 -29.30
CA ILE E 369 -20.92 31.73 -28.78
C ILE E 369 -19.85 31.99 -29.83
N ALA E 370 -19.99 31.37 -30.99
CA ALA E 370 -19.00 31.46 -32.06
C ALA E 370 -19.35 32.49 -33.13
N ASN E 371 -20.64 32.68 -33.37
CA ASN E 371 -21.16 33.65 -34.34
C ASN E 371 -20.72 33.45 -35.79
N ILE E 372 -20.62 32.18 -36.21
CA ILE E 372 -20.22 31.85 -37.57
C ILE E 372 -21.44 31.34 -38.32
N PRO E 373 -21.84 32.03 -39.42
CA PRO E 373 -23.00 31.56 -40.21
C PRO E 373 -22.83 30.16 -40.79
N GLU E 374 -23.96 29.49 -41.02
CA GLU E 374 -23.94 28.08 -41.44
C GLU E 374 -23.03 27.78 -42.64
N GLU E 375 -23.07 28.65 -43.67
CA GLU E 375 -22.38 28.39 -44.96
C GLU E 375 -20.87 28.57 -44.83
N LEU E 376 -20.40 29.39 -43.89
CA LEU E 376 -18.95 29.60 -43.66
C LEU E 376 -18.37 28.61 -42.63
N THR E 377 -19.21 27.72 -42.11
CA THR E 377 -18.81 26.82 -41.06
C THR E 377 -17.87 25.65 -41.57
N PRO E 378 -18.11 25.09 -42.79
CA PRO E 378 -17.13 24.10 -43.34
C PRO E 378 -15.78 24.70 -43.73
N VAL E 379 -15.76 26.00 -44.05
CA VAL E 379 -14.53 26.71 -44.39
C VAL E 379 -13.63 26.85 -43.14
N ALA E 380 -14.24 27.16 -42.00
CA ALA E 380 -13.53 27.21 -40.72
C ALA E 380 -12.95 25.86 -40.26
N THR E 381 -13.75 24.80 -40.31
CA THR E 381 -13.27 23.47 -39.93
C THR E 381 -12.26 22.89 -40.93
N ASP E 382 -12.43 23.17 -42.22
CA ASP E 382 -11.42 22.78 -43.21
C ASP E 382 -10.07 23.46 -42.92
N LYS E 383 -10.10 24.77 -42.65
CA LYS E 383 -8.89 25.50 -42.28
C LYS E 383 -8.13 24.87 -41.10
N TYR E 384 -8.85 24.42 -40.06
CA TYR E 384 -8.23 23.92 -38.82
C TYR E 384 -7.99 22.40 -38.82
N LEU E 385 -8.90 21.64 -39.42
CA LEU E 385 -8.89 20.17 -39.39
C LEU E 385 -8.48 19.50 -40.72
N GLY E 386 -8.51 20.25 -41.82
CA GLY E 386 -8.30 19.69 -43.17
C GLY E 386 -6.89 19.20 -43.50
N GLY E 387 -5.91 19.63 -42.72
CA GLY E 387 -4.52 19.18 -42.83
C GLY E 387 -4.16 17.87 -42.13
N THR E 388 -5.15 17.12 -41.61
CA THR E 388 -4.90 15.76 -41.06
C THR E 388 -6.11 14.80 -41.20
N ASP E 389 -5.81 13.50 -41.35
CA ASP E 389 -6.81 12.41 -41.44
C ASP E 389 -7.15 11.82 -40.08
N ASP E 390 -6.24 12.02 -39.12
CA ASP E 390 -6.30 11.44 -37.79
C ASP E 390 -7.45 12.05 -36.97
N PRO E 391 -8.50 11.25 -36.62
CA PRO E 391 -9.65 11.82 -35.90
C PRO E 391 -9.37 12.25 -34.44
N VAL E 392 -8.37 11.63 -33.79
CA VAL E 392 -7.92 12.05 -32.45
C VAL E 392 -7.32 13.46 -32.52
N LYS E 393 -6.51 13.71 -33.54
CA LYS E 393 -5.99 15.07 -33.81
C LYS E 393 -7.05 16.07 -34.28
N LYS E 394 -8.03 15.61 -35.06
CA LYS E 394 -9.16 16.48 -35.46
C LYS E 394 -9.98 17.03 -34.27
N LYS E 395 -10.18 16.19 -33.24
CA LYS E 395 -10.86 16.60 -32.02
C LYS E 395 -10.06 17.69 -31.32
N ASP E 396 -8.78 17.42 -31.05
CA ASP E 396 -7.89 18.38 -30.42
C ASP E 396 -7.83 19.72 -31.21
N LEU E 397 -7.80 19.63 -32.54
CA LEU E 397 -7.82 20.84 -33.39
C LEU E 397 -9.16 21.58 -33.43
N PHE E 398 -10.27 20.86 -33.30
CA PHE E 398 -11.57 21.50 -33.19
C PHE E 398 -11.69 22.30 -31.90
N LEU E 399 -11.12 21.78 -30.82
CA LEU E 399 -11.09 22.49 -29.54
C LEU E 399 -10.16 23.73 -29.57
N ASP E 400 -9.04 23.65 -30.29
CA ASP E 400 -8.24 24.85 -30.63
C ASP E 400 -9.09 25.85 -31.42
N LEU E 401 -9.84 25.38 -32.42
CA LEU E 401 -10.75 26.24 -33.20
C LEU E 401 -11.71 27.00 -32.28
N MET E 402 -12.43 26.27 -31.43
CA MET E 402 -13.40 26.88 -30.53
C MET E 402 -12.77 27.88 -29.58
N GLY E 403 -11.61 27.54 -29.04
CA GLY E 403 -10.84 28.46 -28.21
C GLY E 403 -10.47 29.76 -28.91
N ASP E 404 -10.01 29.66 -30.14
CA ASP E 404 -9.61 30.83 -30.90
C ASP E 404 -10.81 31.73 -31.19
N VAL E 405 -11.92 31.18 -31.67
CA VAL E 405 -13.04 32.01 -32.10
C VAL E 405 -13.80 32.66 -30.94
N VAL E 406 -13.91 31.92 -29.84
CA VAL E 406 -14.62 32.36 -28.65
C VAL E 406 -13.74 33.25 -27.75
N PHE E 407 -12.46 32.94 -27.58
CA PHE E 407 -11.58 33.66 -26.61
C PHE E 407 -10.39 34.38 -27.24
N GLY E 408 -9.57 33.65 -28.00
CA GLY E 408 -8.29 34.16 -28.49
C GLY E 408 -8.39 35.37 -29.40
N VAL E 409 -9.21 35.25 -30.44
CA VAL E 409 -9.40 36.33 -31.41
C VAL E 409 -10.04 37.57 -30.78
N PRO E 410 -11.15 37.39 -30.05
CA PRO E 410 -11.66 38.50 -29.27
C PRO E 410 -10.63 39.22 -28.35
N SER E 411 -9.85 38.44 -27.61
CA SER E 411 -8.89 39.03 -26.66
C SER E 411 -7.82 39.88 -27.36
N VAL E 412 -7.22 39.31 -28.40
CA VAL E 412 -6.24 40.04 -29.22
C VAL E 412 -6.83 41.28 -29.89
N THR E 413 -8.01 41.13 -30.48
CA THR E 413 -8.72 42.25 -31.09
C THR E 413 -8.88 43.42 -30.12
N VAL E 414 -9.28 43.13 -28.90
CA VAL E 414 -9.47 44.17 -27.86
C VAL E 414 -8.13 44.78 -27.38
N ALA E 415 -7.15 43.93 -27.12
CA ALA E 415 -5.82 44.41 -26.74
C ALA E 415 -5.25 45.40 -27.77
N ARG E 416 -5.38 45.05 -29.06
CA ARG E 416 -4.93 45.92 -30.16
C ARG E 416 -5.59 47.28 -30.16
N GLN E 417 -6.91 47.31 -29.98
CA GLN E 417 -7.61 48.59 -29.98
C GLN E 417 -7.34 49.41 -28.71
N HIS E 418 -7.08 48.73 -27.60
CA HIS E 418 -6.68 49.38 -26.35
C HIS E 418 -5.30 50.03 -26.49
N ARG E 419 -4.35 49.27 -27.03
CA ARG E 419 -3.03 49.78 -27.38
C ARG E 419 -3.13 51.00 -28.32
N ASP E 420 -3.99 50.89 -29.33
CA ASP E 420 -4.15 51.95 -30.34
C ASP E 420 -4.92 53.17 -29.84
N ALA E 421 -5.55 53.08 -28.68
CA ALA E 421 -6.06 54.27 -27.97
C ALA E 421 -4.98 54.98 -27.13
N GLY E 422 -3.78 54.41 -27.09
CA GLY E 422 -2.64 55.03 -26.43
C GLY E 422 -2.37 54.55 -25.02
N ALA E 423 -3.05 53.48 -24.59
CA ALA E 423 -2.93 52.99 -23.22
C ALA E 423 -1.92 51.86 -23.09
N PRO E 424 -1.19 51.79 -21.94
CA PRO E 424 -0.24 50.68 -21.79
C PRO E 424 -0.98 49.36 -21.76
N THR E 425 -0.52 48.40 -22.55
CA THR E 425 -1.23 47.16 -22.78
C THR E 425 -0.23 46.04 -22.67
N TYR E 426 -0.63 44.94 -22.03
CA TYR E 426 0.19 43.75 -21.94
C TYR E 426 -0.67 42.54 -22.27
N MET E 427 -0.08 41.53 -22.89
CA MET E 427 -0.78 40.29 -23.16
C MET E 427 -0.01 39.11 -22.62
N TYR E 428 -0.74 38.03 -22.28
CA TYR E 428 -0.10 36.78 -21.92
C TYR E 428 -0.85 35.60 -22.55
N GLU E 429 -0.15 34.48 -22.69
CA GLU E 429 -0.75 33.17 -22.98
C GLU E 429 -0.26 32.20 -21.90
N PHE E 430 -1.18 31.66 -21.11
CA PHE E 430 -0.84 30.85 -19.95
C PHE E 430 -0.93 29.38 -20.33
N GLN E 431 0.15 28.66 -20.06
CA GLN E 431 0.27 27.27 -20.48
C GLN E 431 0.79 26.44 -19.30
N TYR E 432 -0.12 25.88 -18.53
CA TYR E 432 0.23 25.02 -17.41
C TYR E 432 -0.98 24.19 -17.02
N ARG E 433 -0.72 22.95 -16.59
CA ARG E 433 -1.75 22.05 -16.07
C ARG E 433 -1.62 21.98 -14.56
N PRO E 434 -2.55 22.58 -13.81
CA PRO E 434 -2.44 22.54 -12.36
C PRO E 434 -2.66 21.13 -11.79
N SER E 435 -1.98 20.82 -10.70
CA SER E 435 -2.23 19.60 -9.92
C SER E 435 -3.64 19.56 -9.29
N PHE E 436 -4.29 20.71 -9.17
CA PHE E 436 -5.65 20.83 -8.61
C PHE E 436 -6.74 20.50 -9.61
N SER E 437 -6.38 20.18 -10.84
CA SER E 437 -7.34 19.81 -11.89
C SER E 437 -8.25 18.66 -11.44
N SER E 438 -9.42 18.60 -12.04
CA SER E 438 -10.39 17.51 -11.80
C SER E 438 -9.83 16.13 -12.28
N ASP E 439 -10.21 15.06 -11.58
CA ASP E 439 -9.88 13.68 -11.98
C ASP E 439 -10.33 13.35 -13.40
N LYS E 440 -11.50 13.88 -13.78
CA LYS E 440 -12.14 13.63 -15.08
C LYS E 440 -11.36 14.24 -16.28
N LYS E 441 -10.50 15.21 -16.02
CA LYS E 441 -9.82 15.96 -17.06
C LYS E 441 -8.62 15.17 -17.56
N PRO E 442 -8.52 14.95 -18.88
CA PRO E 442 -7.34 14.20 -19.35
C PRO E 442 -5.99 14.88 -19.03
N LYS E 443 -4.97 14.05 -18.85
CA LYS E 443 -3.61 14.51 -18.53
C LYS E 443 -2.98 15.38 -19.64
N THR E 444 -3.45 15.22 -20.89
CA THR E 444 -2.95 15.93 -22.08
C THR E 444 -3.47 17.36 -22.28
N VAL E 445 -4.50 17.75 -21.51
CA VAL E 445 -5.06 19.12 -21.54
C VAL E 445 -4.25 20.04 -20.62
N ILE E 446 -3.62 21.05 -21.23
CA ILE E 446 -2.65 21.93 -20.59
C ILE E 446 -3.12 23.36 -20.88
N GLY E 447 -3.30 24.18 -19.83
CA GLY E 447 -3.80 25.56 -20.01
C GLY E 447 -5.26 25.59 -20.43
N ASP E 448 -6.06 24.81 -19.71
CA ASP E 448 -7.50 24.79 -19.86
C ASP E 448 -8.08 26.10 -19.32
N HIS E 449 -9.30 26.40 -19.73
CA HIS E 449 -10.08 27.51 -19.16
C HIS E 449 -10.05 27.43 -17.63
N GLY E 450 -9.67 28.54 -17.00
CA GLY E 450 -9.57 28.62 -15.55
C GLY E 450 -8.25 28.19 -14.91
N ASP E 451 -7.34 27.55 -15.65
CA ASP E 451 -6.12 27.04 -15.02
C ASP E 451 -5.21 28.11 -14.38
N GLU E 452 -5.17 29.32 -14.95
CA GLU E 452 -4.36 30.43 -14.37
C GLU E 452 -4.84 30.89 -12.99
N ILE E 453 -6.11 30.67 -12.69
CA ILE E 453 -6.67 31.10 -11.41
C ILE E 453 -5.94 30.47 -10.22
N PHE E 454 -5.50 29.23 -10.37
CA PHE E 454 -4.78 28.56 -9.29
C PHE E 454 -3.42 29.22 -8.98
N SER E 455 -2.77 29.74 -10.02
CA SER E 455 -1.53 30.51 -9.85
C SER E 455 -1.80 31.93 -9.30
N VAL E 456 -2.76 32.64 -9.90
CA VAL E 456 -3.09 34.01 -9.51
C VAL E 456 -3.51 34.13 -8.03
N PHE E 457 -4.29 33.16 -7.57
CA PHE E 457 -4.78 33.19 -6.19
C PHE E 457 -4.01 32.29 -5.23
N GLY E 458 -2.83 31.82 -5.63
CA GLY E 458 -1.96 31.13 -4.68
C GLY E 458 -2.47 29.80 -4.12
N ALA E 459 -3.18 29.04 -4.95
CA ALA E 459 -3.68 27.71 -4.58
C ALA E 459 -2.61 26.81 -3.96
N PRO E 460 -1.37 26.80 -4.53
CA PRO E 460 -0.30 26.03 -3.88
C PRO E 460 -0.03 26.31 -2.39
N PHE E 461 -0.41 27.48 -1.87
CA PHE E 461 -0.22 27.83 -0.45
C PHE E 461 -1.44 27.57 0.41
N LEU E 462 -2.54 27.18 -0.21
CA LEU E 462 -3.78 26.94 0.50
C LEU E 462 -4.30 25.51 0.45
N ARG E 463 -3.89 24.72 -0.54
CA ARG E 463 -4.46 23.38 -0.73
C ARG E 463 -3.51 22.45 -1.45
N GLY E 464 -3.84 21.15 -1.41
CA GLY E 464 -3.12 20.12 -2.18
C GLY E 464 -1.68 19.95 -1.76
N ASP E 465 -0.91 19.32 -2.65
CA ASP E 465 0.49 19.02 -2.38
C ASP E 465 1.24 19.38 -3.66
N ALA E 466 1.33 20.68 -3.91
CA ALA E 466 1.84 21.20 -5.17
C ALA E 466 3.35 21.01 -5.22
N PRO E 467 3.91 20.51 -6.35
CA PRO E 467 5.38 20.44 -6.48
C PRO E 467 6.02 21.83 -6.63
N GLU E 468 7.34 21.89 -6.45
CA GLU E 468 8.09 23.16 -6.41
C GLU E 468 7.91 24.02 -7.68
N GLU E 469 7.89 23.38 -8.84
CA GLU E 469 7.60 24.03 -10.13
C GLU E 469 6.27 24.83 -10.09
N GLU E 470 5.24 24.23 -9.47
CA GLU E 470 3.91 24.86 -9.37
C GLU E 470 3.84 25.94 -8.29
N VAL E 471 4.52 25.71 -7.16
CA VAL E 471 4.65 26.69 -6.08
C VAL E 471 5.33 27.97 -6.62
N SER E 472 6.34 27.74 -7.45
CA SER E 472 7.17 28.80 -8.02
C SER E 472 6.44 29.60 -9.10
N LEU E 473 5.71 28.91 -9.97
CA LEU E 473 4.86 29.57 -10.95
C LEU E 473 3.80 30.50 -10.28
N SER E 474 3.19 30.02 -9.18
CA SER E 474 2.25 30.86 -8.45
C SER E 474 2.90 32.14 -7.90
N LYS E 475 4.08 32.03 -7.29
CA LYS E 475 4.81 33.22 -6.82
C LYS E 475 5.15 34.20 -7.97
N THR E 476 5.58 33.67 -9.11
CA THR E 476 5.83 34.47 -10.30
C THR E 476 4.59 35.24 -10.76
N VAL E 477 3.48 34.52 -10.95
CA VAL E 477 2.22 35.11 -11.45
C VAL E 477 1.65 36.14 -10.48
N MET E 478 1.61 35.79 -9.20
CA MET E 478 1.14 36.73 -8.17
C MET E 478 1.99 38.00 -8.14
N LYS E 479 3.30 37.86 -8.28
CA LYS E 479 4.18 39.01 -8.24
C LYS E 479 4.00 39.90 -9.46
N PHE E 480 3.88 39.31 -10.65
CA PHE E 480 3.55 40.08 -11.85
C PHE E 480 2.24 40.85 -11.66
N TRP E 481 1.21 40.13 -11.21
CA TRP E 481 -0.11 40.71 -11.03
C TRP E 481 -0.08 41.87 -10.02
N ALA E 482 0.61 41.67 -8.88
CA ALA E 482 0.68 42.70 -7.85
C ALA E 482 1.63 43.86 -8.21
N ASN E 483 2.70 43.59 -8.96
CA ASN E 483 3.55 44.68 -9.49
C ASN E 483 2.74 45.58 -10.40
N PHE E 484 1.85 44.95 -11.17
CA PHE E 484 0.99 45.68 -12.07
C PHE E 484 -0.01 46.52 -11.30
N ALA E 485 -0.58 45.95 -10.24
CA ALA E 485 -1.45 46.73 -9.34
C ALA E 485 -0.72 47.94 -8.73
N ARG E 486 0.53 47.73 -8.34
CA ARG E 486 1.35 48.81 -7.80
C ARG E 486 1.63 49.91 -8.84
N SER E 487 2.09 49.54 -10.03
CA SER E 487 2.73 50.52 -10.96
C SER E 487 2.14 50.64 -12.38
N GLY E 488 1.21 49.76 -12.74
CA GLY E 488 0.75 49.69 -14.11
C GLY E 488 1.70 48.97 -15.04
N ASN E 489 2.67 48.27 -14.47
CA ASN E 489 3.71 47.55 -15.23
C ASN E 489 4.03 46.30 -14.43
N PRO E 490 3.92 45.10 -15.05
CA PRO E 490 4.11 43.88 -14.25
C PRO E 490 5.57 43.56 -13.89
N ASN E 491 6.52 44.22 -14.55
CA ASN E 491 7.94 43.91 -14.37
C ASN E 491 8.52 44.30 -13.02
N GLY E 492 9.55 43.56 -12.61
CA GLY E 492 10.26 43.84 -11.38
C GLY E 492 11.40 42.88 -11.18
N GLU E 493 12.14 43.11 -10.11
CA GLU E 493 13.35 42.35 -9.81
C GLU E 493 13.11 40.84 -9.77
N GLY E 494 13.99 40.10 -10.46
CA GLY E 494 13.96 38.63 -10.48
C GLY E 494 12.77 37.96 -11.18
N LEU E 495 12.09 38.68 -12.08
CA LEU E 495 11.00 38.11 -12.88
C LEU E 495 11.41 38.16 -14.32
N PRO E 496 11.00 37.16 -15.13
CA PRO E 496 11.28 37.25 -16.57
C PRO E 496 10.77 38.57 -17.17
N HIS E 497 11.42 39.07 -18.23
CA HIS E 497 10.99 40.30 -18.89
C HIS E 497 9.64 40.10 -19.59
N TRP E 498 8.67 40.96 -19.26
CA TRP E 498 7.37 40.97 -19.92
C TRP E 498 7.29 42.23 -20.78
N PRO E 499 7.42 42.10 -22.12
CA PRO E 499 7.39 43.28 -22.97
C PRO E 499 6.01 43.87 -23.08
N MET E 500 5.97 45.16 -23.38
CA MET E 500 4.72 45.85 -23.63
C MET E 500 4.12 45.32 -24.93
N TYR E 501 2.78 45.25 -25.00
CA TYR E 501 2.06 44.90 -26.23
C TYR E 501 1.94 46.17 -27.06
N ASP E 502 2.95 46.40 -27.91
CA ASP E 502 3.05 47.60 -28.73
C ASP E 502 2.86 47.17 -30.20
N GLN E 503 3.43 47.89 -31.18
CA GLN E 503 3.23 47.54 -32.61
C GLN E 503 3.85 46.20 -33.01
N GLU E 504 4.88 45.78 -32.28
CA GLU E 504 5.47 44.45 -32.45
C GLU E 504 4.74 43.32 -31.72
N GLU E 505 3.75 43.66 -30.88
CA GLU E 505 2.83 42.70 -30.28
C GLU E 505 3.54 41.63 -29.44
N GLY E 506 4.56 42.07 -28.71
CA GLY E 506 5.20 41.25 -27.71
C GLY E 506 4.22 40.83 -26.63
N TYR E 507 4.34 39.58 -26.19
CA TYR E 507 3.53 39.03 -25.12
C TYR E 507 4.35 38.03 -24.34
N LEU E 508 3.86 37.67 -23.16
CA LEU E 508 4.53 36.72 -22.28
C LEU E 508 3.86 35.35 -22.31
N GLN E 509 4.61 34.34 -22.72
CA GLN E 509 4.19 32.94 -22.55
C GLN E 509 4.47 32.53 -21.12
N ILE E 510 3.43 32.35 -20.34
CA ILE E 510 3.59 31.99 -18.94
C ILE E 510 3.44 30.48 -18.83
N GLY E 511 4.35 29.85 -18.09
CA GLY E 511 4.32 28.42 -17.85
C GLY E 511 5.57 27.94 -17.13
N VAL E 512 5.86 26.65 -17.27
CA VAL E 512 7.08 26.10 -16.68
C VAL E 512 8.30 26.89 -17.20
N ASN E 513 8.29 27.21 -18.50
CA ASN E 513 9.30 28.07 -19.12
C ASN E 513 8.67 29.39 -19.52
N THR E 514 8.76 30.36 -18.62
CA THR E 514 8.17 31.67 -18.82
C THR E 514 9.12 32.56 -19.63
N GLN E 515 8.67 33.01 -20.80
CA GLN E 515 9.47 33.86 -21.66
C GLN E 515 8.65 34.60 -22.72
N ALA E 516 9.23 35.71 -23.18
CA ALA E 516 8.60 36.57 -24.18
C ALA E 516 8.51 35.90 -25.56
N ALA E 517 7.48 36.27 -26.31
CA ALA E 517 7.32 35.86 -27.71
C ALA E 517 6.63 37.01 -28.43
N LYS E 518 6.32 36.85 -29.71
CA LYS E 518 5.73 37.93 -30.49
C LYS E 518 4.51 37.49 -31.26
N ARG E 519 3.56 38.40 -31.37
CA ARG E 519 2.50 38.30 -32.36
C ARG E 519 1.52 37.14 -32.03
N LEU E 520 0.94 37.23 -30.83
CA LEU E 520 -0.03 36.23 -30.32
C LEU E 520 -1.27 36.13 -31.21
N LYS E 521 -1.54 34.92 -31.69
CA LYS E 521 -2.66 34.60 -32.57
C LYS E 521 -2.76 35.49 -33.82
N GLY E 522 -1.61 35.94 -34.33
CA GLY E 522 -1.59 36.90 -35.43
C GLY E 522 -2.28 36.39 -36.69
N GLU E 523 -1.93 35.16 -37.08
CA GLU E 523 -2.49 34.51 -38.28
C GLU E 523 -3.95 34.08 -38.09
N GLU E 524 -4.29 33.64 -36.88
CA GLU E 524 -5.66 33.22 -36.57
C GLU E 524 -6.62 34.41 -36.61
N VAL E 525 -6.21 35.55 -36.07
CA VAL E 525 -6.98 36.78 -36.20
C VAL E 525 -7.14 37.16 -37.68
N ALA E 526 -6.06 37.13 -38.44
CA ALA E 526 -6.12 37.42 -39.88
C ALA E 526 -7.17 36.55 -40.58
N PHE E 527 -7.18 35.25 -40.28
CA PHE E 527 -8.11 34.33 -40.94
C PHE E 527 -9.57 34.61 -40.56
N TRP E 528 -9.82 34.69 -39.25
CA TRP E 528 -11.18 34.87 -38.74
C TRP E 528 -11.83 36.20 -39.13
N ASN E 529 -11.06 37.29 -39.20
CA ASN E 529 -11.59 38.56 -39.71
C ASN E 529 -11.93 38.50 -41.19
N ASP E 530 -11.05 37.86 -41.98
CA ASP E 530 -11.28 37.67 -43.41
C ASP E 530 -12.48 36.77 -43.72
N LEU E 531 -12.73 35.77 -42.87
CA LEU E 531 -13.86 34.85 -43.04
C LEU E 531 -15.19 35.55 -42.79
N LEU E 532 -15.23 36.40 -41.76
CA LEU E 532 -16.41 37.20 -41.40
C LEU E 532 -16.39 38.60 -42.02
N SER E 533 -15.65 38.76 -43.10
CA SER E 533 -15.42 40.05 -43.75
C SER E 533 -16.70 40.62 -44.35
N LYS E 534 -17.31 39.87 -45.28
CA LYS E 534 -18.47 40.30 -46.07
C LYS E 534 -18.08 41.44 -47.05
N SER F 5 54.71 11.33 14.36
CA SER F 5 55.53 11.69 15.57
C SER F 5 54.58 12.17 16.71
N PRO F 6 53.91 11.23 17.42
CA PRO F 6 52.79 11.58 18.30
C PRO F 6 53.10 12.65 19.39
N PRO F 7 52.14 13.56 19.65
CA PRO F 7 52.34 14.65 20.57
C PRO F 7 52.17 14.31 22.06
N VAL F 8 53.15 14.75 22.85
CA VAL F 8 53.22 14.48 24.26
C VAL F 8 53.20 15.84 24.97
N VAL F 9 52.27 16.01 25.91
CA VAL F 9 52.02 17.28 26.55
C VAL F 9 52.02 17.08 28.04
N ASP F 10 52.63 18.04 28.74
CA ASP F 10 52.71 18.01 30.18
C ASP F 10 51.42 18.56 30.81
N THR F 11 50.94 17.93 31.88
CA THR F 11 49.82 18.47 32.66
C THR F 11 50.29 18.42 34.09
N ALA F 12 49.54 19.08 34.97
CA ALA F 12 49.93 19.17 36.37
C ALA F 12 50.04 17.79 37.08
N GLN F 13 49.24 16.84 36.62
CA GLN F 13 49.23 15.49 37.18
C GLN F 13 50.12 14.48 36.40
N GLY F 14 50.72 14.89 35.27
CA GLY F 14 51.61 14.03 34.48
C GLY F 14 51.41 14.17 32.98
N ARG F 15 52.24 13.47 32.22
CA ARG F 15 52.27 13.61 30.77
C ARG F 15 51.18 12.79 30.09
N VAL F 16 50.69 13.31 28.94
CA VAL F 16 49.68 12.66 28.13
C VAL F 16 50.09 12.59 26.67
N LEU F 17 49.72 11.48 26.02
CA LEU F 17 50.07 11.15 24.65
C LEU F 17 48.78 11.15 23.85
N GLY F 18 48.75 11.95 22.80
CA GLY F 18 47.60 12.06 21.92
C GLY F 18 47.95 11.51 20.56
N LYS F 19 47.14 11.89 19.57
CA LYS F 19 47.33 11.42 18.17
C LYS F 19 47.08 12.64 17.25
N TYR F 20 47.85 12.76 16.17
CA TYR F 20 47.60 13.76 15.13
C TYR F 20 46.55 13.23 14.16
N VAL F 21 45.56 14.04 13.86
CA VAL F 21 44.46 13.67 12.94
C VAL F 21 44.32 14.79 11.91
N SER F 22 44.22 14.43 10.64
CA SER F 22 44.01 15.39 9.56
C SER F 22 42.56 15.40 9.08
N LEU F 23 42.11 16.58 8.68
CA LEU F 23 40.77 16.77 8.18
C LEU F 23 40.91 16.92 6.67
N GLU F 24 40.28 16.00 5.93
CA GLU F 24 40.18 16.11 4.47
C GLU F 24 39.67 17.48 4.00
N GLY F 25 40.50 18.18 3.23
CA GLY F 25 40.21 19.53 2.78
C GLY F 25 41.12 20.57 3.38
N LEU F 26 41.66 20.32 4.58
CA LEU F 26 42.54 21.28 5.26
C LEU F 26 43.93 20.71 5.54
N ALA F 27 44.95 21.56 5.37
CA ALA F 27 46.35 21.19 5.61
C ALA F 27 46.63 21.02 7.08
N GLN F 28 45.97 21.86 7.88
CA GLN F 28 46.10 21.92 9.35
C GLN F 28 45.96 20.54 10.09
N PRO F 29 47.05 19.99 10.69
CA PRO F 29 46.89 18.79 11.52
C PRO F 29 46.43 19.19 12.93
N VAL F 30 45.52 18.42 13.48
CA VAL F 30 44.92 18.68 14.81
C VAL F 30 45.38 17.60 15.77
N ALA F 31 45.86 18.01 16.93
CA ALA F 31 46.28 17.07 17.97
C ALA F 31 45.08 16.73 18.84
N VAL F 32 44.82 15.43 18.99
CA VAL F 32 43.61 14.94 19.69
C VAL F 32 44.02 14.16 20.92
N PHE F 33 43.46 14.54 22.05
CA PHE F 33 43.73 13.89 23.30
C PHE F 33 42.38 13.44 23.86
N LEU F 34 42.20 12.11 24.03
CA LEU F 34 40.93 11.55 24.46
C LEU F 34 41.06 10.92 25.78
N GLY F 35 40.17 11.27 26.69
CA GLY F 35 40.13 10.60 28.01
C GLY F 35 41.19 11.16 28.94
N VAL F 36 41.35 12.49 28.97
CA VAL F 36 42.23 13.13 29.92
C VAL F 36 41.49 13.26 31.23
N PRO F 37 42.00 12.63 32.32
CA PRO F 37 41.33 12.79 33.59
C PRO F 37 41.50 14.19 34.13
N PHE F 38 40.43 14.81 34.63
CA PHE F 38 40.48 16.10 35.34
C PHE F 38 40.11 16.02 36.83
N ALA F 39 39.82 14.82 37.33
CA ALA F 39 39.45 14.63 38.72
C ALA F 39 39.63 13.17 39.10
N LYS F 40 39.58 12.92 40.39
CA LYS F 40 39.71 11.58 40.89
C LYS F 40 38.40 10.84 40.61
N PRO F 41 38.46 9.56 40.26
CA PRO F 41 37.19 8.84 40.02
C PRO F 41 36.26 8.85 41.21
N PRO F 42 34.99 9.22 40.99
CA PRO F 42 34.10 9.48 42.10
C PRO F 42 33.38 8.22 42.53
N LEU F 43 34.16 7.34 43.15
CA LEU F 43 33.75 6.00 43.49
C LEU F 43 33.63 5.89 44.98
N GLY F 44 32.79 4.96 45.42
CA GLY F 44 32.67 4.64 46.86
C GLY F 44 32.12 5.82 47.66
N SER F 45 32.92 6.32 48.57
CA SER F 45 32.51 7.43 49.42
C SER F 45 32.63 8.80 48.73
N LEU F 46 33.27 8.83 47.56
CA LEU F 46 33.29 10.04 46.78
C LEU F 46 32.03 10.19 45.94
N ARG F 47 31.12 9.22 45.96
CA ARG F 47 29.82 9.42 45.36
C ARG F 47 29.05 10.47 46.15
N PHE F 48 28.28 11.28 45.45
CA PHE F 48 27.45 12.28 46.08
C PHE F 48 28.35 13.21 46.93
N ALA F 49 29.51 13.57 46.37
CA ALA F 49 30.46 14.45 47.03
C ALA F 49 31.16 15.31 45.98
N PRO F 50 31.72 16.45 46.40
CA PRO F 50 32.47 17.30 45.43
C PRO F 50 33.59 16.51 44.75
N PRO F 51 33.90 16.83 43.48
CA PRO F 51 35.02 16.19 42.83
C PRO F 51 36.37 16.59 43.43
N GLN F 52 37.30 15.66 43.55
CA GLN F 52 38.65 15.88 44.04
C GLN F 52 39.65 15.89 42.87
N PRO F 53 40.84 16.44 43.07
CA PRO F 53 41.77 16.41 41.96
C PRO F 53 42.31 15.01 41.70
N ALA F 54 42.67 14.74 40.45
CA ALA F 54 43.25 13.44 40.07
C ALA F 54 44.57 13.26 40.73
N GLU F 55 44.83 12.04 41.11
CA GLU F 55 46.10 11.66 41.64
C GLU F 55 47.11 11.60 40.50
N PRO F 56 48.37 11.94 40.79
CA PRO F 56 49.34 12.06 39.68
C PRO F 56 49.79 10.69 39.19
N TRP F 57 50.18 10.61 37.92
CA TRP F 57 50.65 9.39 37.30
C TRP F 57 52.07 9.52 36.80
N SER F 58 52.79 8.40 36.88
CA SER F 58 54.16 8.25 36.41
C SER F 58 54.12 7.97 34.92
N PHE F 59 55.21 8.14 34.22
CA PHE F 59 55.19 7.84 32.77
C PHE F 59 54.22 8.70 31.96
N VAL F 60 53.91 8.25 30.75
CA VAL F 60 53.07 8.98 29.82
C VAL F 60 51.74 8.24 29.73
N LYS F 61 50.66 8.88 30.14
CA LYS F 61 49.36 8.30 30.07
C LYS F 61 48.88 8.38 28.61
N ASN F 62 48.48 7.23 28.12
CA ASN F 62 47.97 7.13 26.79
C ASN F 62 46.55 7.73 26.74
N THR F 63 46.36 8.82 26.01
CA THR F 63 45.04 9.42 25.92
C THR F 63 44.59 9.39 24.45
N THR F 64 44.46 8.19 23.91
CA THR F 64 44.12 7.98 22.52
C THR F 64 42.85 7.18 22.31
N SER F 65 42.15 6.81 23.36
CA SER F 65 40.87 6.14 23.18
C SER F 65 39.78 6.83 23.99
N TYR F 66 38.56 6.77 23.46
CA TYR F 66 37.44 7.44 24.07
C TYR F 66 37.19 6.90 25.48
N PRO F 67 36.95 7.81 26.44
CA PRO F 67 36.66 7.37 27.78
C PRO F 67 35.24 6.92 27.93
N PRO F 68 34.92 6.20 29.01
CA PRO F 68 33.53 5.85 29.26
C PRO F 68 32.70 7.11 29.55
N MET F 69 31.42 7.06 29.20
CA MET F 69 30.49 8.08 29.60
C MET F 69 30.01 7.74 31.02
N CYS F 70 29.46 8.73 31.71
CA CYS F 70 28.94 8.52 33.05
C CYS F 70 27.73 7.61 32.99
N CYS F 71 27.47 6.88 34.06
CA CYS F 71 26.39 5.91 34.04
C CYS F 71 25.07 6.56 33.76
N GLN F 72 24.28 5.80 33.02
CA GLN F 72 23.04 6.23 32.46
C GLN F 72 22.38 5.01 31.84
N ASP F 73 21.12 5.15 31.53
CA ASP F 73 20.41 4.18 30.76
C ASP F 73 21.19 3.91 29.44
N PRO F 74 21.72 2.68 29.25
CA PRO F 74 22.59 2.45 28.09
C PRO F 74 21.84 2.44 26.77
N VAL F 75 20.56 2.10 26.80
CA VAL F 75 19.77 2.14 25.59
C VAL F 75 19.59 3.58 25.19
N ALA F 76 19.10 4.39 26.13
CA ALA F 76 18.92 5.83 25.83
C ALA F 76 20.23 6.55 25.54
N GLY F 77 21.31 6.09 26.17
CA GLY F 77 22.63 6.66 25.92
C GLY F 77 23.16 6.42 24.53
N GLN F 78 23.01 5.21 24.05
CA GLN F 78 23.39 4.87 22.69
C GLN F 78 22.55 5.67 21.69
N MET F 79 21.24 5.75 21.92
CA MET F 79 20.37 6.52 21.02
C MET F 79 20.75 8.01 20.99
N THR F 80 21.04 8.60 22.14
CA THR F 80 21.40 10.01 22.20
C THR F 80 22.68 10.23 21.41
N SER F 81 23.67 9.40 21.64
CA SER F 81 24.91 9.52 20.90
C SER F 81 24.69 9.43 19.36
N ASP F 82 23.91 8.46 18.92
CA ASP F 82 23.53 8.29 17.51
C ASP F 82 22.84 9.52 16.91
N LEU F 83 21.93 10.11 17.67
CA LEU F 83 21.17 11.26 17.22
C LEU F 83 21.96 12.56 17.09
N PHE F 84 22.98 12.72 17.94
CA PHE F 84 23.68 13.99 18.07
C PHE F 84 25.11 14.02 17.50
N THR F 85 25.67 12.86 17.15
CA THR F 85 27.09 12.79 16.77
C THR F 85 27.32 13.43 15.42
N ASN F 86 28.48 14.05 15.26
CA ASN F 86 28.78 14.76 14.04
C ASN F 86 29.78 14.06 13.14
N ARG F 87 30.27 12.88 13.52
CA ARG F 87 31.30 12.20 12.73
C ARG F 87 30.71 11.00 12.06
N LYS F 88 31.52 10.38 11.21
CA LYS F 88 31.09 9.23 10.39
C LYS F 88 31.08 7.92 11.15
N GLU F 89 32.22 7.63 11.77
CA GLU F 89 32.43 6.45 12.55
C GLU F 89 31.47 6.51 13.78
N ARG F 90 30.54 5.55 13.83
CA ARG F 90 29.54 5.49 14.90
C ARG F 90 30.17 5.06 16.25
N LEU F 91 29.97 5.88 17.28
CA LEU F 91 30.51 5.59 18.58
C LEU F 91 29.60 4.61 19.37
N ILE F 92 30.20 3.56 19.94
CA ILE F 92 29.53 2.61 20.82
C ILE F 92 30.06 2.88 22.22
N PRO F 93 29.40 3.76 22.97
CA PRO F 93 30.03 4.16 24.22
C PRO F 93 29.96 3.09 25.28
N GLU F 94 31.00 3.04 26.11
CA GLU F 94 30.98 2.31 27.41
C GLU F 94 30.47 3.26 28.50
N PHE F 95 30.08 2.72 29.63
CA PHE F 95 29.51 3.48 30.74
C PHE F 95 30.16 3.07 32.03
N SER F 96 30.44 4.05 32.90
CA SER F 96 31.09 3.81 34.15
C SER F 96 30.89 4.99 35.09
N GLU F 97 30.97 4.71 36.39
CA GLU F 97 31.01 5.75 37.38
C GLU F 97 32.31 6.52 37.22
N ASP F 98 33.36 5.84 36.76
CA ASP F 98 34.63 6.48 36.51
C ASP F 98 34.52 7.19 35.16
N CYS F 99 34.06 8.44 35.17
CA CYS F 99 33.79 9.14 33.93
C CYS F 99 34.21 10.60 33.88
N LEU F 100 35.01 11.08 34.81
CA LEU F 100 35.38 12.49 34.83
C LEU F 100 36.60 12.66 33.96
N TYR F 101 36.34 12.70 32.65
CA TYR F 101 37.36 12.86 31.62
C TYR F 101 36.97 13.99 30.73
N LEU F 102 37.93 14.54 30.00
CA LEU F 102 37.64 15.47 28.92
C LEU F 102 38.45 15.12 27.69
N ASN F 103 37.97 15.54 26.51
CA ASN F 103 38.66 15.33 25.26
C ASN F 103 39.10 16.69 24.70
N ILE F 104 40.30 16.77 24.12
CA ILE F 104 40.88 18.01 23.64
C ILE F 104 41.24 17.90 22.18
N TYR F 105 40.78 18.89 21.40
CA TYR F 105 41.15 19.04 19.99
C TYR F 105 41.88 20.37 19.82
N THR F 106 43.19 20.33 19.61
CA THR F 106 43.97 21.55 19.46
C THR F 106 44.71 21.61 18.12
N PRO F 107 44.51 22.70 17.36
CA PRO F 107 45.26 22.90 16.11
C PRO F 107 46.54 23.70 16.34
N ALA F 108 46.87 24.04 17.58
CA ALA F 108 48.06 24.83 17.86
C ALA F 108 49.35 24.09 17.52
N ASP F 109 50.37 24.90 17.20
CA ASP F 109 51.76 24.45 17.09
C ASP F 109 52.31 24.20 18.51
N LEU F 110 52.40 22.93 18.90
CA LEU F 110 52.79 22.54 20.26
C LEU F 110 54.27 22.73 20.59
N THR F 111 55.09 23.04 19.59
CA THR F 111 56.49 23.46 19.82
C THR F 111 56.57 24.94 20.26
N LYS F 112 55.55 25.71 19.91
CA LYS F 112 55.38 27.12 20.34
C LYS F 112 54.55 27.17 21.63
N ARG F 113 54.29 28.37 22.11
CA ARG F 113 53.37 28.61 23.24
C ARG F 113 52.18 29.35 22.67
N GLY F 114 51.29 28.58 22.06
CA GLY F 114 50.07 29.11 21.47
C GLY F 114 49.15 29.76 22.49
N ARG F 115 48.32 30.66 21.99
CA ARG F 115 47.28 31.32 22.79
C ARG F 115 45.99 31.39 21.99
N LEU F 116 45.54 30.23 21.53
CA LEU F 116 44.27 30.13 20.81
C LEU F 116 43.08 30.22 21.75
N PRO F 117 41.98 30.78 21.27
CA PRO F 117 40.76 30.73 22.07
C PRO F 117 40.35 29.29 22.36
N VAL F 118 39.76 29.06 23.52
CA VAL F 118 39.41 27.72 24.02
C VAL F 118 37.90 27.65 24.11
N MET F 119 37.30 26.67 23.47
CA MET F 119 35.84 26.53 23.46
C MET F 119 35.49 25.21 24.18
N VAL F 120 34.86 25.31 25.34
CA VAL F 120 34.61 24.19 26.22
C VAL F 120 33.16 23.77 26.06
N TRP F 121 32.93 22.58 25.48
CA TRP F 121 31.59 22.08 25.16
C TRP F 121 31.02 21.28 26.28
N ILE F 122 29.80 21.62 26.67
CA ILE F 122 29.05 20.91 27.72
C ILE F 122 27.86 20.27 27.07
N HIS F 123 27.89 18.96 26.89
CA HIS F 123 26.81 18.26 26.25
C HIS F 123 25.48 18.29 27.01
N GLY F 124 24.39 18.08 26.25
CA GLY F 124 23.05 17.89 26.80
C GLY F 124 22.64 16.46 26.97
N GLY F 125 21.34 16.27 27.20
CA GLY F 125 20.75 14.98 27.60
C GLY F 125 19.98 15.03 28.93
N GLY F 126 19.34 16.16 29.22
CA GLY F 126 18.49 16.32 30.37
C GLY F 126 19.12 16.12 31.73
N LEU F 127 20.44 16.21 31.79
CA LEU F 127 21.20 15.87 32.99
C LEU F 127 21.11 14.39 33.38
N VAL F 128 20.67 13.53 32.46
CA VAL F 128 20.52 12.10 32.74
C VAL F 128 21.23 11.18 31.75
N VAL F 129 21.46 11.63 30.52
CA VAL F 129 22.17 10.87 29.48
C VAL F 129 23.17 11.79 28.79
N GLY F 130 23.99 11.20 27.93
CA GLY F 130 24.97 11.94 27.14
C GLY F 130 26.41 11.68 27.54
N GLY F 131 27.30 12.20 26.72
CA GLY F 131 28.71 12.20 26.99
C GLY F 131 29.49 12.97 25.94
N ALA F 132 30.76 13.17 26.20
CA ALA F 132 31.61 14.07 25.44
C ALA F 132 32.00 13.49 24.10
N SER F 133 32.25 12.19 24.08
CA SER F 133 32.86 11.55 22.92
C SER F 133 31.95 11.47 21.70
N THR F 134 30.65 11.69 21.87
CA THR F 134 29.70 11.91 20.79
C THR F 134 30.09 13.06 19.85
N TYR F 135 30.79 14.08 20.39
CA TYR F 135 31.07 15.36 19.73
C TYR F 135 32.53 15.46 19.32
N ASP F 136 32.76 15.39 18.03
CA ASP F 136 34.09 15.48 17.44
C ASP F 136 34.41 16.94 17.21
N GLY F 137 35.41 17.46 17.92
CA GLY F 137 35.87 18.83 17.76
C GLY F 137 36.79 19.10 16.54
N LEU F 138 37.12 18.07 15.76
CA LEU F 138 38.13 18.20 14.71
C LEU F 138 37.85 19.29 13.69
N ALA F 139 36.62 19.33 13.20
CA ALA F 139 36.30 20.31 12.14
C ALA F 139 36.32 21.75 12.67
N LEU F 140 35.71 21.97 13.84
CA LEU F 140 35.61 23.31 14.41
C LEU F 140 37.01 23.80 14.72
N ALA F 141 37.85 22.93 15.28
CA ALA F 141 39.23 23.33 15.60
C ALA F 141 40.03 23.71 14.37
N ALA F 142 40.00 22.86 13.36
CA ALA F 142 40.79 23.06 12.15
C ALA F 142 40.30 24.25 11.30
N HIS F 143 38.98 24.41 11.16
CA HIS F 143 38.43 25.49 10.34
C HIS F 143 38.59 26.84 11.03
N GLU F 144 38.50 26.91 12.36
CA GLU F 144 38.45 28.22 13.04
C GLU F 144 39.63 28.56 13.95
N ASN F 145 40.58 27.64 14.03
CA ASN F 145 41.79 27.83 14.79
C ASN F 145 41.50 28.13 16.27
N VAL F 146 40.73 27.22 16.87
CA VAL F 146 40.35 27.24 18.28
C VAL F 146 40.66 25.89 18.89
N VAL F 147 40.95 25.88 20.19
CA VAL F 147 41.07 24.65 20.96
C VAL F 147 39.66 24.27 21.38
N VAL F 148 39.22 23.06 21.03
CA VAL F 148 37.90 22.57 21.46
C VAL F 148 38.06 21.52 22.54
N VAL F 149 37.36 21.70 23.64
CA VAL F 149 37.46 20.80 24.81
C VAL F 149 36.05 20.32 25.11
N ALA F 150 35.83 19.01 25.03
CA ALA F 150 34.53 18.43 25.37
C ALA F 150 34.63 17.73 26.73
N ILE F 151 33.80 18.15 27.69
CA ILE F 151 33.90 17.66 29.05
C ILE F 151 32.77 16.70 29.41
N GLN F 152 33.00 15.93 30.47
CA GLN F 152 31.98 15.08 31.06
C GLN F 152 31.73 15.50 32.46
N TYR F 153 30.61 15.04 32.96
CA TYR F 153 30.14 15.42 34.26
C TYR F 153 29.11 14.37 34.71
N ARG F 154 29.02 14.15 35.99
CA ARG F 154 28.14 13.14 36.49
C ARG F 154 26.69 13.45 36.18
N LEU F 155 25.94 12.39 35.90
CA LEU F 155 24.57 12.50 35.45
C LEU F 155 23.62 11.78 36.38
N GLY F 156 22.35 12.17 36.31
CA GLY F 156 21.30 11.43 36.97
C GLY F 156 21.49 11.39 38.47
N ILE F 157 21.25 10.23 39.07
CA ILE F 157 21.39 10.07 40.51
C ILE F 157 22.80 10.45 40.98
N TRP F 158 23.80 9.96 40.25
CA TRP F 158 25.19 10.18 40.60
C TRP F 158 25.52 11.66 40.56
N GLY F 159 24.86 12.37 39.65
CA GLY F 159 25.15 13.79 39.40
C GLY F 159 24.37 14.78 40.23
N PHE F 160 23.18 14.39 40.62
CA PHE F 160 22.21 15.35 41.17
C PHE F 160 21.46 14.91 42.42
N PHE F 161 21.75 13.74 42.96
CA PHE F 161 21.06 13.36 44.17
C PHE F 161 21.29 14.39 45.27
N SER F 162 20.19 14.90 45.84
CA SER F 162 20.25 15.89 46.94
C SER F 162 19.32 15.53 48.10
N THR F 163 19.81 15.60 49.33
CA THR F 163 18.99 15.56 50.56
C THR F 163 18.52 16.96 50.98
N GLY F 164 18.89 17.99 50.23
CA GLY F 164 18.54 19.38 50.56
C GLY F 164 19.30 19.99 51.73
N ASP F 165 20.39 19.35 52.16
CA ASP F 165 21.19 19.82 53.31
C ASP F 165 22.66 19.38 53.14
N GLU F 166 23.50 19.60 54.15
CA GLU F 166 24.97 19.44 54.01
C GLU F 166 25.44 18.02 53.74
N HIS F 167 24.62 17.03 54.09
CA HIS F 167 25.03 15.63 53.89
C HIS F 167 25.00 15.19 52.43
N SER F 168 24.19 15.85 51.59
CA SER F 168 24.26 15.67 50.14
C SER F 168 23.59 16.89 49.51
N ARG F 169 24.37 17.97 49.35
CA ARG F 169 23.85 19.21 48.82
C ARG F 169 23.18 19.10 47.44
N GLY F 170 23.86 18.40 46.54
CA GLY F 170 23.43 18.21 45.17
C GLY F 170 24.40 18.87 44.22
N ASN F 171 24.00 18.97 42.97
CA ASN F 171 24.75 19.64 41.94
C ASN F 171 26.12 19.07 41.60
N TRP F 172 26.31 17.79 41.87
CA TRP F 172 27.63 17.17 41.66
C TRP F 172 28.10 17.37 40.22
N GLY F 173 27.20 17.24 39.28
CA GLY F 173 27.57 17.38 37.88
C GLY F 173 28.03 18.81 37.55
N HIS F 174 27.42 19.80 38.19
CA HIS F 174 27.82 21.17 37.97
C HIS F 174 29.15 21.41 38.66
N LEU F 175 29.35 20.88 39.85
CA LEU F 175 30.69 20.94 40.46
C LEU F 175 31.77 20.28 39.59
N ASP F 176 31.45 19.22 38.87
CA ASP F 176 32.39 18.59 37.97
C ASP F 176 32.71 19.50 36.76
N GLN F 177 31.70 20.19 36.25
CA GLN F 177 31.89 21.17 35.19
C GLN F 177 32.87 22.23 35.68
N VAL F 178 32.66 22.72 36.89
CA VAL F 178 33.54 23.71 37.49
C VAL F 178 34.95 23.16 37.63
N ALA F 179 35.09 21.93 38.13
CA ALA F 179 36.40 21.31 38.25
C ALA F 179 37.11 21.20 36.87
N ALA F 180 36.36 20.91 35.83
CA ALA F 180 36.92 20.85 34.49
C ALA F 180 37.41 22.23 34.01
N LEU F 181 36.67 23.29 34.31
CA LEU F 181 37.08 24.64 34.04
C LEU F 181 38.33 25.07 34.81
N HIS F 182 38.45 24.71 36.08
CA HIS F 182 39.72 24.92 36.82
C HIS F 182 40.84 24.16 36.13
N TRP F 183 40.59 22.93 35.69
CA TRP F 183 41.63 22.16 35.04
C TRP F 183 42.15 22.88 33.80
N VAL F 184 41.22 23.44 33.01
CA VAL F 184 41.54 24.23 31.81
C VAL F 184 42.39 25.46 32.14
N GLN F 185 42.04 26.19 33.20
CA GLN F 185 42.90 27.28 33.65
C GLN F 185 44.33 26.83 33.90
N GLU F 186 44.49 25.79 34.68
CA GLU F 186 45.80 25.32 35.07
C GLU F 186 46.61 24.73 33.91
N ASN F 187 45.95 24.09 32.95
CA ASN F 187 46.65 23.24 32.01
C ASN F 187 46.51 23.55 30.56
N ILE F 188 45.56 24.40 30.15
CA ILE F 188 45.28 24.43 28.71
C ILE F 188 46.39 25.14 27.92
N ALA F 189 47.23 25.93 28.60
CA ALA F 189 48.33 26.63 27.94
C ALA F 189 49.29 25.63 27.35
N ASN F 190 49.42 24.46 27.95
CA ASN F 190 50.31 23.46 27.36
C ASN F 190 49.77 22.85 26.08
N PHE F 191 48.47 23.02 25.84
CA PHE F 191 47.80 22.52 24.62
C PHE F 191 47.59 23.66 23.61
N GLY F 192 48.29 24.78 23.83
CA GLY F 192 48.20 25.94 22.95
C GLY F 192 46.97 26.83 23.13
N GLY F 193 46.28 26.68 24.25
CA GLY F 193 45.10 27.46 24.52
C GLY F 193 45.40 28.61 25.41
N ASP F 194 44.61 29.66 25.27
CA ASP F 194 44.73 30.84 26.09
C ASP F 194 43.76 30.70 27.25
N PRO F 195 44.27 30.53 28.46
CA PRO F 195 43.36 30.46 29.61
C PRO F 195 42.62 31.78 29.93
N GLY F 196 43.14 32.92 29.48
CA GLY F 196 42.41 34.21 29.48
C GLY F 196 41.32 34.37 28.41
N SER F 197 41.00 33.30 27.66
CA SER F 197 39.96 33.36 26.61
C SER F 197 39.27 32.02 26.39
N VAL F 198 38.33 31.77 27.27
CA VAL F 198 37.66 30.49 27.39
C VAL F 198 36.20 30.81 27.17
N THR F 199 35.61 30.18 26.20
CA THR F 199 34.19 30.28 25.96
C THR F 199 33.62 28.95 26.42
N ILE F 200 32.60 28.98 27.25
CA ILE F 200 31.80 27.79 27.51
C ILE F 200 30.57 27.79 26.53
N PHE F 201 30.27 26.62 25.96
CA PHE F 201 29.12 26.48 25.12
C PHE F 201 28.51 25.10 25.29
N GLY F 202 27.20 25.04 25.12
CA GLY F 202 26.48 23.82 25.36
C GLY F 202 25.06 23.88 24.79
N GLU F 203 24.48 22.71 24.64
CA GLU F 203 23.16 22.59 24.09
C GLU F 203 22.21 21.82 25.03
N SER F 204 20.94 22.25 25.09
CA SER F 204 19.90 21.62 25.88
C SER F 204 20.26 21.67 27.37
N ALA F 205 20.38 20.56 28.07
CA ALA F 205 20.87 20.60 29.46
C ALA F 205 22.31 21.17 29.59
N GLY F 206 23.13 21.06 28.55
CA GLY F 206 24.42 21.70 28.52
C GLY F 206 24.32 23.22 28.41
N GLY F 207 23.28 23.71 27.72
CA GLY F 207 22.93 25.11 27.72
C GLY F 207 22.42 25.59 29.06
N GLU F 208 21.57 24.81 29.69
CA GLU F 208 21.16 25.10 31.06
C GLU F 208 22.36 25.20 31.95
N SER F 209 23.30 24.28 31.75
CA SER F 209 24.52 24.26 32.56
C SER F 209 25.38 25.50 32.34
N VAL F 210 25.54 25.93 31.08
CA VAL F 210 26.20 27.19 30.77
C VAL F 210 25.50 28.37 31.47
N SER F 211 24.18 28.42 31.37
CA SER F 211 23.40 29.42 32.09
C SER F 211 23.60 29.38 33.62
N VAL F 212 23.66 28.19 34.21
CA VAL F 212 23.90 28.05 35.66
C VAL F 212 25.31 28.50 36.03
N LEU F 213 26.27 28.21 35.16
CA LEU F 213 27.65 28.65 35.39
C LEU F 213 27.83 30.18 35.24
N VAL F 214 27.08 30.78 34.32
CA VAL F 214 27.00 32.22 34.26
C VAL F 214 26.49 32.84 35.59
N LEU F 215 25.52 32.19 36.24
CA LEU F 215 24.96 32.67 37.52
C LEU F 215 25.78 32.35 38.75
N SER F 216 26.70 31.40 38.65
CA SER F 216 27.33 30.85 39.83
C SER F 216 28.57 31.61 40.29
N PRO F 217 28.64 31.95 41.57
CA PRO F 217 29.90 32.58 42.03
C PRO F 217 31.09 31.62 42.00
N LEU F 218 30.87 30.31 42.04
CA LEU F 218 31.97 29.37 41.90
C LEU F 218 32.69 29.42 40.56
N ALA F 219 32.03 29.90 39.50
CA ALA F 219 32.59 29.90 38.18
C ALA F 219 33.21 31.21 37.76
N LYS F 220 33.28 32.15 38.68
CA LYS F 220 33.90 33.45 38.44
C LYS F 220 35.34 33.36 37.95
N ASN F 221 35.65 34.12 36.90
CA ASN F 221 36.97 34.14 36.22
C ASN F 221 37.42 32.80 35.58
N LEU F 222 36.50 31.85 35.38
CA LEU F 222 36.82 30.57 34.75
C LEU F 222 36.43 30.53 33.28
N PHE F 223 35.69 31.55 32.83
CA PHE F 223 35.38 31.69 31.45
C PHE F 223 35.11 33.16 31.12
N HIS F 224 35.19 33.49 29.83
CA HIS F 224 35.07 34.87 29.37
C HIS F 224 33.98 35.14 28.31
N ARG F 225 33.35 34.08 27.82
CA ARG F 225 32.19 34.17 26.95
C ARG F 225 31.34 32.93 27.23
N ALA F 226 30.05 33.04 26.92
CA ALA F 226 29.08 31.94 27.07
C ALA F 226 28.17 31.80 25.84
N ILE F 227 27.78 30.56 25.52
CA ILE F 227 26.80 30.29 24.48
C ILE F 227 25.86 29.21 24.98
N SER F 228 24.59 29.55 25.11
CA SER F 228 23.55 28.59 25.45
C SER F 228 22.70 28.32 24.20
N GLU F 229 22.84 27.11 23.65
CA GLU F 229 22.04 26.63 22.56
C GLU F 229 20.85 25.83 23.11
N SER F 230 19.65 26.34 22.92
CA SER F 230 18.40 25.59 23.27
C SER F 230 18.35 25.18 24.72
N GLY F 231 18.76 26.07 25.60
CA GLY F 231 18.66 25.79 27.04
C GLY F 231 19.29 26.85 27.91
N VAL F 232 18.55 27.32 28.91
CA VAL F 232 19.02 28.20 29.97
C VAL F 232 18.48 27.73 31.32
N ALA F 233 18.76 28.47 32.40
CA ALA F 233 18.36 28.08 33.76
C ALA F 233 16.87 27.82 33.94
N PHE F 234 16.04 28.57 33.26
CA PHE F 234 14.57 28.37 33.35
C PHE F 234 13.99 27.26 32.49
N THR F 235 14.81 26.64 31.66
CA THR F 235 14.36 25.64 30.67
C THR F 235 13.91 24.36 31.35
N ALA F 236 12.69 23.92 31.04
CA ALA F 236 12.14 22.61 31.48
C ALA F 236 12.11 22.41 33.03
N GLY F 237 12.04 23.51 33.79
CA GLY F 237 12.16 23.41 35.24
C GLY F 237 13.37 22.60 35.70
N LEU F 238 14.48 22.66 34.95
CA LEU F 238 15.72 22.00 35.35
C LEU F 238 16.42 22.60 36.58
N VAL F 239 15.92 23.73 37.11
CA VAL F 239 16.40 24.29 38.37
C VAL F 239 15.24 24.41 39.36
N ARG F 240 15.38 23.82 40.55
CA ARG F 240 14.35 23.86 41.56
C ARG F 240 14.94 24.22 42.90
N LYS F 241 14.07 24.63 43.79
CA LYS F 241 14.45 24.99 45.13
C LYS F 241 14.93 23.76 45.90
N ASP F 242 14.31 22.61 45.65
CA ASP F 242 14.56 21.39 46.41
C ASP F 242 14.17 20.18 45.59
N MET F 243 14.38 19.01 46.17
CA MET F 243 14.16 17.73 45.51
C MET F 243 13.46 16.72 46.48
N LYS F 244 12.71 17.20 47.44
CA LYS F 244 12.16 16.37 48.52
C LYS F 244 11.40 15.13 47.97
N ALA F 245 10.54 15.36 46.98
CA ALA F 245 9.63 14.33 46.55
C ALA F 245 10.37 13.26 45.74
N ALA F 246 11.26 13.69 44.89
CA ALA F 246 12.02 12.76 44.08
C ALA F 246 12.99 11.96 44.94
N ALA F 247 13.59 12.58 45.95
CA ALA F 247 14.42 11.89 46.93
C ALA F 247 13.67 10.78 47.71
N LYS F 248 12.45 11.06 48.16
CA LYS F 248 11.58 10.04 48.77
C LYS F 248 11.38 8.86 47.84
N GLN F 249 11.10 9.12 46.56
CA GLN F 249 10.87 8.03 45.58
C GLN F 249 12.14 7.20 45.45
N ILE F 250 13.28 7.87 45.41
CA ILE F 250 14.57 7.17 45.32
C ILE F 250 14.78 6.25 46.56
N ALA F 251 14.45 6.75 47.74
CA ALA F 251 14.59 5.99 48.96
C ALA F 251 13.75 4.70 48.98
N VAL F 252 12.50 4.81 48.56
CA VAL F 252 11.61 3.68 48.45
C VAL F 252 12.18 2.70 47.43
N LEU F 253 12.53 3.13 46.24
CA LEU F 253 13.08 2.22 45.23
C LEU F 253 14.38 1.55 45.65
N ALA F 254 15.22 2.27 46.39
CA ALA F 254 16.51 1.74 46.85
C ALA F 254 16.47 0.94 48.12
N GLY F 255 15.36 0.95 48.84
CA GLY F 255 15.27 0.32 50.14
C GLY F 255 16.14 0.98 51.21
N CYS F 256 16.25 2.30 51.16
CA CYS F 256 17.03 3.07 52.12
C CYS F 256 16.14 3.73 53.17
N LYS F 257 16.52 3.66 54.43
CA LYS F 257 15.85 4.42 55.46
C LYS F 257 16.15 5.91 55.26
N THR F 258 15.16 6.75 55.49
CA THR F 258 15.31 8.19 55.51
C THR F 258 15.22 8.78 56.92
N THR F 259 15.51 7.99 57.97
CA THR F 259 15.52 8.47 59.39
C THR F 259 16.26 9.81 59.54
N THR F 260 17.43 9.90 58.95
CA THR F 260 18.16 11.17 58.76
C THR F 260 18.79 11.24 57.37
N SER F 261 19.14 12.44 56.92
CA SER F 261 19.85 12.58 55.70
C SER F 261 21.18 11.80 55.67
N ALA F 262 21.96 11.83 56.77
CA ALA F 262 23.27 11.18 56.73
C ALA F 262 23.13 9.65 56.53
N VAL F 263 22.16 9.06 57.22
CA VAL F 263 21.86 7.66 57.08
C VAL F 263 21.37 7.30 55.66
N PHE F 264 20.53 8.14 55.07
CA PHE F 264 20.10 7.96 53.71
C PHE F 264 21.32 7.96 52.78
N VAL F 265 22.14 9.02 52.79
CA VAL F 265 23.22 9.12 51.82
C VAL F 265 24.25 8.01 52.02
N HIS F 266 24.52 7.66 53.26
CA HIS F 266 25.42 6.54 53.59
C HIS F 266 24.90 5.16 53.02
N CYS F 267 23.60 4.92 53.09
CA CYS F 267 22.98 3.75 52.45
C CYS F 267 23.19 3.82 50.92
N LEU F 268 22.92 4.96 50.27
CA LEU F 268 23.16 5.03 48.83
C LEU F 268 24.59 4.82 48.42
N ARG F 269 25.53 5.23 49.26
CA ARG F 269 26.96 5.08 48.98
C ARG F 269 27.44 3.66 49.05
N GLN F 270 26.68 2.80 49.71
CA GLN F 270 27.01 1.38 49.77
C GLN F 270 26.50 0.60 48.57
N LYS F 271 25.59 1.17 47.80
CA LYS F 271 25.00 0.50 46.62
C LYS F 271 26.03 0.30 45.53
N SER F 272 25.90 -0.80 44.82
CA SER F 272 26.82 -1.04 43.68
C SER F 272 26.38 -0.18 42.47
N GLU F 273 27.24 -0.02 41.47
CA GLU F 273 26.88 0.65 40.25
C GLU F 273 25.63 0.02 39.63
N ASP F 274 25.61 -1.31 39.52
CA ASP F 274 24.45 -2.04 38.99
C ASP F 274 23.16 -1.71 39.76
N GLU F 275 23.21 -1.68 41.12
CA GLU F 275 22.02 -1.32 41.88
C GLU F 275 21.56 0.08 41.57
N LEU F 276 22.50 1.02 41.39
CA LEU F 276 22.11 2.40 41.08
C LEU F 276 21.56 2.55 39.65
N LEU F 277 22.12 1.77 38.75
CA LEU F 277 21.62 1.72 37.38
C LEU F 277 20.21 1.18 37.35
N ASP F 278 19.95 0.07 38.06
CA ASP F 278 18.61 -0.47 38.15
C ASP F 278 17.65 0.51 38.77
N LEU F 279 18.06 1.18 39.82
CA LEU F 279 17.28 2.28 40.37
C LEU F 279 17.01 3.39 39.31
N THR F 280 18.03 3.69 38.51
CA THR F 280 17.88 4.66 37.41
C THR F 280 16.78 4.27 36.41
N LEU F 281 16.79 3.03 35.95
CA LEU F 281 15.75 2.56 35.00
C LEU F 281 14.38 2.63 35.61
N LYS F 282 14.25 2.32 36.90
CA LYS F 282 12.96 2.43 37.60
C LYS F 282 12.39 3.83 37.80
N MET F 283 13.26 4.84 37.86
CA MET F 283 12.83 6.26 37.91
C MET F 283 12.25 6.74 36.57
N LYS F 284 12.57 6.07 35.48
CA LYS F 284 12.00 6.39 34.15
C LYS F 284 12.25 7.84 33.78
N PHE F 285 13.51 8.23 33.83
CA PHE F 285 13.91 9.58 33.43
C PHE F 285 13.69 9.85 31.93
N PHE F 286 13.51 11.12 31.59
CA PHE F 286 13.41 11.60 30.21
C PHE F 286 12.18 11.01 29.51
N ALA F 287 11.11 10.80 30.27
CA ALA F 287 9.89 10.14 29.76
C ALA F 287 8.64 10.77 30.35
N LEU F 288 7.64 10.98 29.50
CA LEU F 288 6.37 11.54 29.91
C LEU F 288 5.59 10.46 30.64
N ASP F 289 5.19 10.75 31.87
CA ASP F 289 4.34 9.83 32.64
C ASP F 289 2.89 10.05 32.14
N LEU F 290 2.33 9.04 31.46
CA LEU F 290 0.98 9.12 30.90
C LEU F 290 -0.14 8.74 31.87
N HIS F 291 0.18 8.01 32.94
CA HIS F 291 -0.82 7.38 33.79
C HIS F 291 -0.90 8.00 35.21
N GLY F 292 0.25 8.24 35.83
CA GLY F 292 0.31 8.81 37.18
C GLY F 292 -0.06 10.28 37.29
N ASP F 293 0.02 10.80 38.51
CA ASP F 293 -0.21 12.21 38.81
C ASP F 293 0.97 13.03 38.21
N PRO F 294 0.68 14.01 37.30
CA PRO F 294 1.77 14.84 36.77
C PRO F 294 2.53 15.67 37.80
N ARG F 295 1.88 16.09 38.89
CA ARG F 295 2.57 16.79 40.00
C ARG F 295 3.65 15.92 40.71
N GLU F 296 3.53 14.60 40.62
CA GLU F 296 4.50 13.68 41.23
C GLU F 296 5.48 13.01 40.25
N SER F 297 5.52 13.52 39.02
CA SER F 297 6.43 12.99 38.01
C SER F 297 7.72 13.82 37.99
N HIS F 298 8.84 13.12 37.88
CA HIS F 298 10.19 13.69 38.02
C HIS F 298 11.10 13.11 36.97
N PRO F 299 10.89 13.48 35.71
CA PRO F 299 11.66 12.88 34.62
C PRO F 299 13.12 13.35 34.56
N PHE F 300 13.50 14.36 35.36
CA PHE F 300 14.87 14.78 35.50
C PHE F 300 15.12 14.94 37.00
N LEU F 301 16.33 14.64 37.47
CA LEU F 301 16.78 15.16 38.74
C LEU F 301 17.44 16.50 38.41
N THR F 302 17.12 17.53 39.17
CA THR F 302 17.42 18.86 38.76
C THR F 302 18.66 19.45 39.43
N THR F 303 19.19 20.50 38.80
CA THR F 303 19.98 21.49 39.49
C THR F 303 19.14 21.97 40.71
N VAL F 304 19.77 22.14 41.87
CA VAL F 304 19.11 22.73 43.03
C VAL F 304 19.85 23.96 43.59
N VAL F 305 19.10 24.75 44.35
CA VAL F 305 19.64 25.82 45.14
C VAL F 305 20.29 25.18 46.37
N ASP F 306 21.60 25.08 46.36
CA ASP F 306 22.38 24.39 47.43
C ASP F 306 23.13 25.34 48.35
N GLY F 307 23.20 26.63 48.02
CA GLY F 307 24.00 27.60 48.79
C GLY F 307 25.49 27.66 48.49
N VAL F 308 25.94 26.96 47.45
CA VAL F 308 27.35 26.85 47.08
C VAL F 308 27.50 27.17 45.58
N LEU F 309 27.03 26.28 44.71
CA LEU F 309 26.90 26.58 43.29
C LEU F 309 25.91 27.71 43.00
N LEU F 310 24.76 27.64 43.66
CA LEU F 310 23.73 28.65 43.56
C LEU F 310 23.28 29.10 44.95
N PRO F 311 23.60 30.34 45.35
CA PRO F 311 23.16 30.83 46.66
C PRO F 311 21.65 31.06 46.78
N LYS F 312 20.99 31.28 45.64
CA LYS F 312 19.54 31.49 45.62
C LYS F 312 18.99 31.17 44.23
N MET F 313 17.67 31.27 44.06
CA MET F 313 17.05 30.85 42.81
C MET F 313 17.58 31.74 41.67
N PRO F 314 17.64 31.20 40.43
CA PRO F 314 18.07 32.01 39.28
C PRO F 314 17.37 33.37 39.06
N GLU F 315 16.05 33.43 39.27
CA GLU F 315 15.26 34.70 39.19
C GLU F 315 15.88 35.80 40.04
N GLU F 316 16.25 35.44 41.27
CA GLU F 316 16.82 36.39 42.24
C GLU F 316 18.28 36.75 41.94
N ILE F 317 19.07 35.81 41.40
CA ILE F 317 20.45 36.14 40.99
C ILE F 317 20.43 37.06 39.77
N LEU F 318 19.55 36.75 38.82
CA LEU F 318 19.37 37.57 37.64
C LEU F 318 18.90 39.00 37.99
N ALA F 319 17.87 39.12 38.85
CA ALA F 319 17.33 40.44 39.22
C ALA F 319 18.34 41.31 39.98
N GLU F 320 19.23 40.69 40.76
CA GLU F 320 20.26 41.43 41.55
C GLU F 320 21.54 41.81 40.81
N LYS F 321 21.74 41.27 39.60
CA LYS F 321 22.78 41.72 38.64
C LYS F 321 24.24 41.51 39.00
N ASP F 322 24.49 40.70 40.03
CA ASP F 322 25.83 40.32 40.43
C ASP F 322 26.00 38.85 40.04
N PHE F 323 26.61 38.64 38.88
CA PHE F 323 26.90 37.31 38.36
C PHE F 323 27.92 37.44 37.23
N ASN F 324 28.29 36.37 36.55
CA ASN F 324 29.37 36.44 35.55
C ASN F 324 28.84 37.05 34.24
N THR F 325 28.94 38.39 34.18
CA THR F 325 28.29 39.20 33.19
C THR F 325 29.15 39.24 31.90
N VAL F 326 29.44 38.07 31.35
CA VAL F 326 30.29 37.96 30.18
C VAL F 326 29.41 38.08 28.93
N PRO F 327 30.04 38.36 27.79
CA PRO F 327 29.28 38.23 26.53
C PRO F 327 28.58 36.87 26.39
N TYR F 328 27.33 36.89 25.95
CA TYR F 328 26.47 35.71 25.97
C TYR F 328 25.60 35.63 24.72
N ILE F 329 25.79 34.58 23.92
CA ILE F 329 24.88 34.22 22.87
C ILE F 329 23.86 33.26 23.48
N VAL F 330 22.58 33.57 23.35
CA VAL F 330 21.50 32.69 23.76
C VAL F 330 20.63 32.45 22.54
N GLY F 331 20.44 31.19 22.16
CA GLY F 331 19.61 30.88 21.00
C GLY F 331 18.69 29.72 21.13
N ILE F 332 17.74 29.64 20.19
CA ILE F 332 16.79 28.55 20.09
C ILE F 332 16.66 28.10 18.67
N ASN F 333 16.01 26.95 18.47
CA ASN F 333 15.65 26.50 17.13
C ASN F 333 14.16 26.71 16.85
N LYS F 334 13.84 26.74 15.56
CA LYS F 334 12.52 27.08 15.07
C LYS F 334 11.44 26.20 15.66
N GLN F 335 11.76 24.94 15.85
CA GLN F 335 10.80 23.93 16.27
C GLN F 335 11.45 23.01 17.27
N GLU F 336 11.68 23.54 18.47
CA GLU F 336 12.37 22.79 19.51
C GLU F 336 11.66 21.48 19.87
N PHE F 337 10.32 21.45 19.76
CA PHE F 337 9.53 20.27 20.06
C PHE F 337 9.03 19.57 18.81
N GLY F 338 9.73 19.76 17.70
CA GLY F 338 9.28 19.28 16.41
C GLY F 338 9.15 17.78 16.30
N TRP F 339 10.17 17.04 16.73
CA TRP F 339 10.19 15.60 16.55
C TRP F 339 11.03 14.86 17.61
N LEU F 340 12.30 15.21 17.73
CA LEU F 340 13.24 14.48 18.56
C LEU F 340 12.76 14.29 20.01
N LEU F 341 12.34 15.38 20.65
CA LEU F 341 11.92 15.36 22.03
C LEU F 341 10.59 14.66 22.29
N PRO F 342 9.53 15.03 21.57
CA PRO F 342 8.30 14.24 21.80
C PRO F 342 8.47 12.73 21.54
N THR F 343 9.23 12.35 20.51
CA THR F 343 9.53 10.94 20.24
C THR F 343 10.31 10.31 21.37
N MET F 344 11.44 10.90 21.72
CA MET F 344 12.28 10.39 22.83
C MET F 344 11.55 10.29 24.19
N MET F 345 10.69 11.28 24.49
CA MET F 345 9.93 11.30 25.73
C MET F 345 8.67 10.43 25.72
N GLY F 346 8.35 9.82 24.58
CA GLY F 346 7.16 8.96 24.45
C GLY F 346 5.81 9.70 24.44
N PHE F 347 5.74 10.86 23.81
CA PHE F 347 4.47 11.57 23.65
C PHE F 347 3.63 10.75 22.65
N PRO F 348 2.33 10.52 22.96
CA PRO F 348 1.48 9.71 22.05
C PRO F 348 1.00 10.52 20.82
N LEU F 349 1.95 10.81 19.92
CA LEU F 349 1.79 11.76 18.81
C LEU F 349 2.33 11.19 17.53
N SER F 350 2.25 9.87 17.36
CA SER F 350 2.63 9.26 16.09
C SER F 350 1.51 9.50 15.07
N GLU F 351 0.26 9.56 15.54
CA GLU F 351 -0.95 9.68 14.70
C GLU F 351 -0.92 10.65 13.50
N GLY F 352 -0.13 11.73 13.57
CA GLY F 352 -0.12 12.78 12.53
C GLY F 352 -1.25 13.79 12.70
N LYS F 353 -1.93 13.70 13.84
CA LYS F 353 -3.29 14.21 14.03
C LYS F 353 -3.59 14.37 15.51
N LEU F 354 -4.16 15.50 15.90
CA LEU F 354 -4.41 15.79 17.31
C LEU F 354 -5.61 16.71 17.48
N ASP F 355 -6.52 16.35 18.38
CA ASP F 355 -7.65 17.23 18.73
C ASP F 355 -7.31 18.08 19.97
N GLN F 356 -8.14 19.08 20.24
CA GLN F 356 -7.84 20.05 21.28
C GLN F 356 -8.02 19.54 22.72
N LYS F 357 -8.92 18.57 22.94
CA LYS F 357 -9.07 17.95 24.29
C LYS F 357 -7.80 17.18 24.68
N THR F 358 -7.25 16.44 23.72
CA THR F 358 -6.01 15.69 23.90
C THR F 358 -4.78 16.61 24.06
N ALA F 359 -4.72 17.71 23.32
CA ALA F 359 -3.62 18.68 23.45
C ALA F 359 -3.60 19.26 24.86
N THR F 360 -4.77 19.63 25.37
CA THR F 360 -4.98 20.12 26.73
C THR F 360 -4.53 19.08 27.75
N SER F 361 -4.94 17.83 27.53
CA SER F 361 -4.54 16.70 28.38
C SER F 361 -3.01 16.47 28.38
N LEU F 362 -2.40 16.44 27.19
CA LEU F 362 -0.93 16.31 27.11
C LEU F 362 -0.14 17.47 27.71
N LEU F 363 -0.67 18.69 27.64
CA LEU F 363 -0.01 19.84 28.26
C LEU F 363 -0.02 19.73 29.80
N TRP F 364 -1.15 19.26 30.34
CA TRP F 364 -1.24 19.00 31.76
C TRP F 364 -0.24 17.91 32.19
N LYS F 365 -0.16 16.80 31.44
CA LYS F 365 0.80 15.72 31.77
C LYS F 365 2.26 16.17 31.63
N SER F 366 2.50 17.18 30.78
CA SER F 366 3.83 17.79 30.67
C SER F 366 4.19 18.75 31.82
N TYR F 367 3.38 18.82 32.88
CA TYR F 367 3.65 19.72 34.03
C TYR F 367 5.11 19.78 34.51
N PRO F 368 5.77 18.61 34.62
CA PRO F 368 7.17 18.68 35.09
C PRO F 368 8.10 19.56 34.24
N ILE F 369 7.85 19.64 32.92
CA ILE F 369 8.65 20.50 32.01
C ILE F 369 8.02 21.80 31.62
N ALA F 370 6.69 21.85 31.66
CA ALA F 370 5.94 23.03 31.20
C ALA F 370 5.50 23.94 32.33
N ASN F 371 5.24 23.36 33.49
CA ASN F 371 4.85 24.09 34.70
C ASN F 371 3.57 24.92 34.59
N ILE F 372 2.57 24.38 33.87
CA ILE F 372 1.29 25.05 33.71
C ILE F 372 0.23 24.31 34.51
N PRO F 373 -0.39 24.99 35.51
CA PRO F 373 -1.43 24.34 36.34
C PRO F 373 -2.64 23.84 35.53
N GLU F 374 -3.31 22.82 36.04
CA GLU F 374 -4.36 22.13 35.31
C GLU F 374 -5.44 23.08 34.73
N GLU F 375 -5.87 24.06 35.52
CA GLU F 375 -7.02 24.94 35.16
C GLU F 375 -6.65 25.96 34.08
N LEU F 376 -5.37 26.34 33.98
CA LEU F 376 -4.90 27.26 32.93
C LEU F 376 -4.47 26.54 31.64
N THR F 377 -4.58 25.23 31.63
CA THR F 377 -4.10 24.41 30.52
C THR F 377 -4.99 24.49 29.25
N PRO F 378 -6.34 24.54 29.40
CA PRO F 378 -7.18 24.83 28.21
C PRO F 378 -7.04 26.25 27.63
N VAL F 379 -6.65 27.22 28.45
CA VAL F 379 -6.46 28.61 28.01
C VAL F 379 -5.23 28.68 27.09
N ALA F 380 -4.16 27.96 27.46
CA ALA F 380 -2.97 27.84 26.63
C ALA F 380 -3.20 27.18 25.27
N THR F 381 -3.88 26.04 25.27
CA THR F 381 -4.17 25.32 24.01
C THR F 381 -5.18 26.07 23.15
N ASP F 382 -6.16 26.74 23.77
CA ASP F 382 -7.09 27.58 23.01
C ASP F 382 -6.32 28.70 22.32
N LYS F 383 -5.42 29.36 23.04
CA LYS F 383 -4.61 30.43 22.45
C LYS F 383 -3.83 29.97 21.21
N TYR F 384 -3.27 28.77 21.23
CA TYR F 384 -2.40 28.28 20.15
C TYR F 384 -3.14 27.50 19.07
N LEU F 385 -4.14 26.71 19.47
CA LEU F 385 -4.88 25.79 18.58
C LEU F 385 -6.30 26.24 18.20
N GLY F 386 -6.87 27.21 18.93
CA GLY F 386 -8.28 27.60 18.78
C GLY F 386 -8.65 28.35 17.50
N GLY F 387 -7.64 28.89 16.80
CA GLY F 387 -7.82 29.52 15.50
C GLY F 387 -7.86 28.61 14.27
N THR F 388 -7.92 27.29 14.46
CA THR F 388 -8.10 26.34 13.31
C THR F 388 -8.86 25.04 13.72
N ASP F 389 -9.61 24.49 12.76
CA ASP F 389 -10.35 23.21 12.91
C ASP F 389 -9.52 21.99 12.48
N ASP F 390 -8.50 22.26 11.67
CA ASP F 390 -7.67 21.24 11.03
C ASP F 390 -6.80 20.51 12.08
N PRO F 391 -7.05 19.21 12.32
CA PRO F 391 -6.27 18.49 13.35
C PRO F 391 -4.77 18.26 13.01
N VAL F 392 -4.41 18.18 11.73
CA VAL F 392 -3.00 18.12 11.29
C VAL F 392 -2.27 19.42 11.70
N LYS F 393 -2.93 20.56 11.48
CA LYS F 393 -2.40 21.86 11.94
C LYS F 393 -2.42 22.02 13.47
N LYS F 394 -3.43 21.48 14.15
CA LYS F 394 -3.47 21.49 15.63
C LYS F 394 -2.28 20.76 16.28
N LYS F 395 -1.86 19.64 15.68
CA LYS F 395 -0.68 18.91 16.13
C LYS F 395 0.59 19.77 15.99
N ASP F 396 0.84 20.27 14.77
CA ASP F 396 1.97 21.17 14.52
C ASP F 396 1.98 22.40 15.46
N LEU F 397 0.82 22.99 15.71
CA LEU F 397 0.70 24.12 16.65
C LEU F 397 0.89 23.74 18.12
N PHE F 398 0.50 22.53 18.52
CA PHE F 398 0.76 22.06 19.87
C PHE F 398 2.27 21.90 20.11
N LEU F 399 2.99 21.43 19.11
CA LEU F 399 4.44 21.29 19.18
C LEU F 399 5.15 22.67 19.22
N ASP F 400 4.62 23.67 18.48
CA ASP F 400 5.02 25.08 18.66
C ASP F 400 4.78 25.53 20.11
N LEU F 401 3.60 25.21 20.67
CA LEU F 401 3.28 25.53 22.07
C LEU F 401 4.32 24.97 23.04
N MET F 402 4.60 23.68 22.92
CA MET F 402 5.56 23.03 23.80
C MET F 402 6.96 23.62 23.68
N GLY F 403 7.38 23.90 22.45
CA GLY F 403 8.65 24.57 22.18
C GLY F 403 8.78 25.93 22.81
N ASP F 404 7.72 26.73 22.73
CA ASP F 404 7.71 28.03 23.33
C ASP F 404 7.77 27.99 24.86
N VAL F 405 6.94 27.16 25.49
CA VAL F 405 6.88 27.15 26.97
C VAL F 405 8.12 26.53 27.66
N VAL F 406 8.66 25.48 27.04
CA VAL F 406 9.84 24.77 27.53
C VAL F 406 11.18 25.44 27.16
N PHE F 407 11.32 25.98 25.93
CA PHE F 407 12.60 26.54 25.45
C PHE F 407 12.58 28.05 25.12
N GLY F 408 11.67 28.47 24.25
CA GLY F 408 11.66 29.84 23.71
C GLY F 408 11.48 30.95 24.73
N VAL F 409 10.44 30.83 25.53
CA VAL F 409 10.15 31.82 26.57
C VAL F 409 11.26 31.88 27.61
N PRO F 410 11.68 30.72 28.14
CA PRO F 410 12.81 30.75 29.06
C PRO F 410 14.06 31.42 28.47
N SER F 411 14.38 31.12 27.22
CA SER F 411 15.61 31.64 26.60
C SER F 411 15.58 33.15 26.49
N VAL F 412 14.47 33.67 25.95
CA VAL F 412 14.27 35.12 25.84
C VAL F 412 14.26 35.82 27.20
N THR F 413 13.55 35.24 28.19
CA THR F 413 13.51 35.78 29.54
C THR F 413 14.93 35.96 30.11
N VAL F 414 15.80 34.96 29.92
CA VAL F 414 17.19 34.99 30.41
C VAL F 414 18.06 35.98 29.64
N ALA F 415 17.97 35.97 28.31
CA ALA F 415 18.69 36.94 27.49
C ALA F 415 18.37 38.39 27.93
N ARG F 416 17.09 38.69 28.12
CA ARG F 416 16.64 40.02 28.56
C ARG F 416 17.24 40.44 29.88
N GLN F 417 17.25 39.54 30.86
CA GLN F 417 17.84 39.88 32.18
C GLN F 417 19.36 39.98 32.14
N HIS F 418 20.00 39.20 31.26
CA HIS F 418 21.45 39.29 31.02
C HIS F 418 21.82 40.64 30.39
N ARG F 419 21.08 41.01 29.33
CA ARG F 419 21.21 42.33 28.71
C ARG F 419 21.03 43.44 29.75
N ASP F 420 19.99 43.30 30.58
CA ASP F 420 19.66 44.33 31.60
C ASP F 420 20.63 44.37 32.78
N ALA F 421 21.48 43.37 32.93
CA ALA F 421 22.62 43.46 33.85
C ALA F 421 23.81 44.22 33.26
N GLY F 422 23.70 44.61 31.99
CA GLY F 422 24.73 45.41 31.31
C GLY F 422 25.71 44.63 30.45
N ALA F 423 25.45 43.33 30.23
CA ALA F 423 26.41 42.49 29.51
C ALA F 423 26.05 42.43 28.03
N PRO F 424 27.07 42.39 27.14
CA PRO F 424 26.75 42.14 25.72
C PRO F 424 26.03 40.79 25.48
N THR F 425 24.92 40.85 24.76
CA THR F 425 24.02 39.76 24.63
C THR F 425 23.65 39.62 23.16
N TYR F 426 23.59 38.39 22.65
CA TYR F 426 23.15 38.13 21.29
C TYR F 426 22.15 37.00 21.32
N MET F 427 21.15 37.05 20.43
CA MET F 427 20.18 35.96 20.31
C MET F 427 20.10 35.46 18.88
N TYR F 428 19.78 34.19 18.71
CA TYR F 428 19.53 33.63 17.38
C TYR F 428 18.33 32.68 17.41
N GLU F 429 17.73 32.49 16.24
CA GLU F 429 16.72 31.45 15.98
C GLU F 429 17.18 30.66 14.75
N PHE F 430 17.48 29.39 14.94
CA PHE F 430 18.13 28.56 13.94
C PHE F 430 17.04 27.77 13.22
N GLN F 431 17.03 27.88 11.91
CA GLN F 431 15.96 27.29 11.10
C GLN F 431 16.60 26.55 9.90
N TYR F 432 16.88 25.27 10.08
CA TYR F 432 17.45 24.43 9.03
C TYR F 432 17.20 22.98 9.38
N ARG F 433 16.95 22.19 8.35
CA ARG F 433 16.82 20.75 8.47
C ARG F 433 18.11 20.10 7.96
N PRO F 434 18.94 19.57 8.87
CA PRO F 434 20.16 18.87 8.40
C PRO F 434 19.89 17.57 7.59
N SER F 435 20.75 17.30 6.61
CA SER F 435 20.75 16.03 5.87
C SER F 435 21.08 14.84 6.78
N PHE F 436 21.71 15.11 7.92
CA PHE F 436 22.07 14.07 8.89
C PHE F 436 20.92 13.62 9.79
N SER F 437 19.75 14.22 9.63
CA SER F 437 18.55 13.87 10.39
C SER F 437 18.21 12.36 10.27
N SER F 438 17.54 11.85 11.29
CA SER F 438 17.08 10.47 11.31
C SER F 438 16.04 10.20 10.18
N ASP F 439 16.05 8.99 9.64
CA ASP F 439 15.03 8.52 8.67
C ASP F 439 13.59 8.68 9.17
N LYS F 440 13.40 8.46 10.48
CA LYS F 440 12.08 8.50 11.16
C LYS F 440 11.46 9.91 11.21
N LYS F 441 12.30 10.95 11.07
CA LYS F 441 11.88 12.35 11.25
C LYS F 441 11.22 12.89 10.00
N PRO F 442 10.03 13.52 10.12
CA PRO F 442 9.34 13.88 8.87
C PRO F 442 10.10 15.00 8.17
N LYS F 443 9.95 15.05 6.85
CA LYS F 443 10.66 16.04 6.00
C LYS F 443 10.25 17.46 6.32
N THR F 444 9.05 17.64 6.91
CA THR F 444 8.45 18.97 7.21
C THR F 444 8.97 19.63 8.49
N VAL F 445 9.71 18.88 9.32
CA VAL F 445 10.27 19.38 10.57
C VAL F 445 11.60 20.03 10.24
N ILE F 446 11.66 21.33 10.51
CA ILE F 446 12.80 22.19 10.16
C ILE F 446 13.23 22.93 11.47
N GLY F 447 14.51 22.82 11.84
CA GLY F 447 15.00 23.43 13.08
C GLY F 447 14.50 22.73 14.33
N ASP F 448 14.61 21.41 14.30
CA ASP F 448 14.27 20.56 15.40
C ASP F 448 15.35 20.75 16.51
N HIS F 449 15.02 20.33 17.73
CA HIS F 449 15.97 20.28 18.84
C HIS F 449 17.22 19.55 18.40
N GLY F 450 18.37 20.19 18.64
CA GLY F 450 19.66 19.63 18.23
C GLY F 450 20.15 19.94 16.79
N ASP F 451 19.30 20.45 15.91
CA ASP F 451 19.73 20.60 14.50
C ASP F 451 20.94 21.53 14.28
N GLU F 452 21.09 22.57 15.12
CA GLU F 452 22.24 23.51 15.02
C GLU F 452 23.58 22.85 15.29
N ILE F 453 23.57 21.78 16.05
CA ILE F 453 24.81 21.08 16.43
C ILE F 453 25.59 20.63 15.20
N PHE F 454 24.89 20.21 14.17
CA PHE F 454 25.56 19.73 12.96
C PHE F 454 26.33 20.85 12.27
N SER F 455 25.81 22.08 12.37
CA SER F 455 26.47 23.23 11.80
C SER F 455 27.63 23.70 12.66
N VAL F 456 27.36 23.79 13.96
CA VAL F 456 28.34 24.27 14.95
C VAL F 456 29.60 23.39 14.97
N PHE F 457 29.43 22.09 14.89
CA PHE F 457 30.55 21.16 14.95
C PHE F 457 31.01 20.63 13.56
N GLY F 458 30.59 21.28 12.49
CA GLY F 458 31.14 20.96 11.19
C GLY F 458 30.88 19.54 10.65
N ALA F 459 29.69 19.01 10.92
CA ALA F 459 29.28 17.70 10.43
C ALA F 459 29.50 17.54 8.93
N PRO F 460 29.19 18.60 8.12
CA PRO F 460 29.41 18.46 6.68
C PRO F 460 30.84 18.11 6.26
N PHE F 461 31.84 18.40 7.11
CA PHE F 461 33.25 18.08 6.82
C PHE F 461 33.72 16.76 7.38
N LEU F 462 32.86 16.12 8.16
CA LEU F 462 33.18 14.83 8.79
C LEU F 462 32.32 13.62 8.35
N ARG F 463 31.11 13.84 7.83
CA ARG F 463 30.18 12.74 7.53
C ARG F 463 29.20 13.10 6.45
N GLY F 464 28.52 12.06 5.94
CA GLY F 464 27.43 12.19 4.97
C GLY F 464 27.86 12.81 3.65
N ASP F 465 26.87 13.34 2.94
CA ASP F 465 27.02 13.86 1.61
C ASP F 465 26.25 15.18 1.59
N ALA F 466 26.78 16.17 2.32
CA ALA F 466 26.08 17.41 2.53
C ALA F 466 26.13 18.25 1.27
N PRO F 467 24.98 18.82 0.86
CA PRO F 467 25.02 19.75 -0.28
C PRO F 467 25.70 21.07 0.05
N GLU F 468 26.05 21.82 -0.96
CA GLU F 468 26.78 23.08 -0.80
C GLU F 468 26.12 24.08 0.19
N GLU F 469 24.80 24.23 0.13
CA GLU F 469 24.02 25.07 1.01
C GLU F 469 24.30 24.72 2.50
N GLU F 470 24.42 23.43 2.78
CA GLU F 470 24.64 22.93 4.13
C GLU F 470 26.10 23.06 4.56
N VAL F 471 27.01 22.82 3.62
CA VAL F 471 28.46 23.01 3.84
C VAL F 471 28.74 24.47 4.17
N SER F 472 28.05 25.34 3.46
CA SER F 472 28.20 26.81 3.61
C SER F 472 27.61 27.34 4.93
N LEU F 473 26.44 26.84 5.32
CA LEU F 473 25.81 27.19 6.58
C LEU F 473 26.74 26.81 7.76
N SER F 474 27.37 25.64 7.67
CA SER F 474 28.29 25.21 8.72
C SER F 474 29.47 26.17 8.83
N LYS F 475 30.07 26.56 7.71
CA LYS F 475 31.16 27.57 7.72
C LYS F 475 30.74 28.89 8.34
N THR F 476 29.53 29.36 7.98
CA THR F 476 28.96 30.57 8.59
C THR F 476 28.82 30.47 10.12
N VAL F 477 28.17 29.40 10.60
CA VAL F 477 27.89 29.23 12.02
C VAL F 477 29.17 29.03 12.84
N MET F 478 30.07 28.17 12.36
CA MET F 478 31.36 28.01 12.98
C MET F 478 32.13 29.34 13.08
N LYS F 479 32.09 30.17 12.05
CA LYS F 479 32.85 31.40 12.05
C LYS F 479 32.25 32.41 13.01
N PHE F 480 30.93 32.52 13.04
CA PHE F 480 30.27 33.35 14.04
C PHE F 480 30.69 32.91 15.46
N TRP F 481 30.58 31.60 15.70
CA TRP F 481 30.84 31.04 17.02
C TRP F 481 32.31 31.30 17.43
N ALA F 482 33.23 31.09 16.50
CA ALA F 482 34.65 31.29 16.80
C ALA F 482 35.05 32.77 16.84
N ASN F 483 34.40 33.62 16.06
CA ASN F 483 34.60 35.07 16.20
C ASN F 483 34.21 35.53 17.59
N PHE F 484 33.13 34.94 18.09
CA PHE F 484 32.61 35.27 19.40
C PHE F 484 33.54 34.79 20.51
N ALA F 485 34.08 33.58 20.34
CA ALA F 485 35.16 33.12 21.21
C ALA F 485 36.38 34.07 21.23
N ARG F 486 36.76 34.58 20.07
CA ARG F 486 37.89 35.49 19.94
C ARG F 486 37.59 36.80 20.65
N SER F 487 36.45 37.42 20.37
CA SER F 487 36.25 38.83 20.70
C SER F 487 35.07 39.18 21.58
N GLY F 488 34.19 38.24 21.83
CA GLY F 488 32.92 38.54 22.47
C GLY F 488 31.87 39.14 21.54
N ASN F 489 32.10 39.04 20.24
CA ASN F 489 31.21 39.62 19.22
C ASN F 489 31.29 38.68 18.03
N PRO F 490 30.15 38.19 17.54
CA PRO F 490 30.24 37.16 16.46
C PRO F 490 30.54 37.72 15.06
N ASN F 491 30.44 39.03 14.89
CA ASN F 491 30.59 39.66 13.57
C ASN F 491 32.00 39.64 13.02
N GLY F 492 32.08 39.63 11.70
CA GLY F 492 33.36 39.68 11.01
C GLY F 492 33.21 39.72 9.51
N GLU F 493 34.34 39.82 8.82
CA GLU F 493 34.36 39.94 7.35
C GLU F 493 33.56 38.83 6.64
N GLY F 494 32.72 39.25 5.69
CA GLY F 494 31.93 38.33 4.86
C GLY F 494 30.83 37.53 5.53
N LEU F 495 30.35 37.98 6.69
CA LEU F 495 29.26 37.30 7.41
C LEU F 495 28.11 38.29 7.45
N PRO F 496 26.85 37.80 7.35
CA PRO F 496 25.72 38.67 7.62
C PRO F 496 25.81 39.42 8.97
N HIS F 497 25.24 40.62 9.05
CA HIS F 497 25.29 41.43 10.25
C HIS F 497 24.43 40.80 11.35
N TRP F 498 25.02 40.56 12.49
CA TRP F 498 24.30 40.05 13.67
C TRP F 498 24.21 41.16 14.71
N PRO F 499 23.02 41.77 14.88
CA PRO F 499 22.91 42.90 15.79
C PRO F 499 22.96 42.44 17.23
N MET F 500 23.36 43.34 18.11
CA MET F 500 23.33 43.11 19.53
C MET F 500 21.87 43.02 20.00
N TYR F 501 21.60 42.15 20.98
CA TYR F 501 20.29 42.03 21.61
C TYR F 501 20.21 43.12 22.68
N ASP F 502 19.73 44.29 22.26
CA ASP F 502 19.65 45.49 23.13
C ASP F 502 18.17 45.78 23.39
N GLN F 503 17.77 47.03 23.62
CA GLN F 503 16.36 47.32 23.93
C GLN F 503 15.42 47.07 22.76
N GLU F 504 15.95 47.14 21.55
CA GLU F 504 15.21 46.78 20.33
C GLU F 504 15.16 45.27 20.02
N GLU F 505 15.91 44.48 20.78
CA GLU F 505 15.83 43.02 20.76
C GLU F 505 16.10 42.41 19.36
N GLY F 506 17.08 42.98 18.66
CA GLY F 506 17.57 42.43 17.43
C GLY F 506 18.13 41.04 17.67
N TYR F 507 17.87 40.14 16.73
CA TYR F 507 18.41 38.80 16.75
C TYR F 507 18.67 38.32 15.33
N LEU F 508 19.42 37.25 15.20
CA LEU F 508 19.78 36.69 13.89
C LEU F 508 19.00 35.41 13.58
N GLN F 509 18.21 35.45 12.51
CA GLN F 509 17.59 34.26 11.98
C GLN F 509 18.65 33.52 11.16
N ILE F 510 19.09 32.36 11.65
CA ILE F 510 20.13 31.58 10.97
C ILE F 510 19.47 30.47 10.19
N GLY F 511 19.87 30.33 8.93
CA GLY F 511 19.31 29.35 8.03
C GLY F 511 19.84 29.51 6.62
N VAL F 512 19.09 28.96 5.67
CA VAL F 512 19.46 29.10 4.28
C VAL F 512 19.58 30.60 3.95
N ASN F 513 18.63 31.39 4.46
CA ASN F 513 18.65 32.85 4.34
C ASN F 513 18.89 33.46 5.72
N THR F 514 20.17 33.71 5.99
CA THR F 514 20.61 34.26 7.27
C THR F 514 20.50 35.78 7.26
N GLN F 515 19.67 36.31 8.16
CA GLN F 515 19.46 37.75 8.26
C GLN F 515 18.83 38.20 9.59
N ALA F 516 19.06 39.47 9.93
CA ALA F 516 18.58 40.08 11.17
C ALA F 516 17.07 40.26 11.19
N ALA F 517 16.50 40.19 12.38
CA ALA F 517 15.09 40.48 12.59
C ALA F 517 14.97 41.11 13.96
N LYS F 518 13.76 41.40 14.42
CA LYS F 518 13.58 42.01 15.73
C LYS F 518 12.57 41.28 16.60
N ARG F 519 12.83 41.27 17.90
CA ARG F 519 11.79 41.00 18.88
C ARG F 519 11.36 39.53 18.83
N LEU F 520 12.35 38.66 18.99
CA LEU F 520 12.15 37.21 19.07
C LEU F 520 11.19 36.75 20.19
N LYS F 521 10.13 36.05 19.79
CA LYS F 521 9.09 35.54 20.68
C LYS F 521 8.44 36.62 21.59
N GLY F 522 8.37 37.87 21.11
CA GLY F 522 7.93 38.99 21.95
C GLY F 522 6.52 38.83 22.48
N GLU F 523 5.61 38.46 21.58
CA GLU F 523 4.20 38.25 21.91
C GLU F 523 3.94 36.96 22.72
N GLU F 524 4.71 35.91 22.43
CA GLU F 524 4.60 34.64 23.15
C GLU F 524 5.04 34.81 24.61
N VAL F 525 6.13 35.54 24.82
CA VAL F 525 6.55 35.86 26.17
C VAL F 525 5.47 36.66 26.89
N ALA F 526 4.93 37.67 26.21
CA ALA F 526 3.86 38.48 26.80
C ALA F 526 2.69 37.62 27.26
N PHE F 527 2.29 36.66 26.43
CA PHE F 527 1.14 35.79 26.75
C PHE F 527 1.43 34.87 27.94
N TRP F 528 2.55 34.16 27.85
CA TRP F 528 2.91 33.18 28.87
C TRP F 528 3.17 33.78 30.26
N ASN F 529 3.76 34.97 30.34
CA ASN F 529 3.92 35.67 31.63
C ASN F 529 2.59 36.10 32.21
N ASP F 530 1.71 36.63 31.35
CA ASP F 530 0.37 37.03 31.76
C ASP F 530 -0.50 35.85 32.22
N LEU F 531 -0.33 34.68 31.60
CA LEU F 531 -1.07 33.47 31.97
C LEU F 531 -0.67 32.95 33.36
N LEU F 532 0.64 32.98 33.63
CA LEU F 532 1.21 32.56 34.91
C LEU F 532 1.41 33.75 35.88
N SER F 533 0.66 34.83 35.66
CA SER F 533 0.78 36.08 36.42
C SER F 533 0.37 35.92 37.90
N LYS F 534 -0.88 35.50 38.13
CA LYS F 534 -1.44 35.26 39.48
C LYS F 534 -1.38 36.49 40.39
#